data_9OOQ
#
_entry.id   9OOQ
#
_cell.length_a   1.00
_cell.length_b   1.00
_cell.length_c   1.00
_cell.angle_alpha   90.00
_cell.angle_beta   90.00
_cell.angle_gamma   90.00
#
_symmetry.space_group_name_H-M   'P 1'
#
loop_
_entity.id
_entity.type
_entity.pdbx_description
1 polymer 'Glutamate receptor ionotropic, NMDA 1'
2 polymer 'Glutamate receptor ionotropic, NMDA 2B'
3 non-polymer GLYCINE
4 non-polymer '(2S)-3-(hexadecanoyloxy)-2-[(9Z)-octadec-9-enoyloxy]propyl 2-(trimethylammonio)ethyl phosphate'
5 non-polymer 'GLUTAMIC ACID'
6 non-polymer 24S-hydroxycholesterol
7 water water
#
loop_
_entity_poly.entity_id
_entity_poly.type
_entity_poly.pdbx_seq_one_letter_code
_entity_poly.pdbx_strand_id
1 'polypeptide(L)'
;ARAASDPKIVNIGAVLSTRKHEQMFREAVNQANKRHGSWKIQLNATSVTHKPNAIQMALSVCEDLISSQVYAILVSHPPT
PNDHFTPTPVSYTAGFYRIPVLGLTTRMSIYSDKSIHLSFLRTVPPYSHQSSVWFEMMRVYSWNHIILLVSDDHEGRAAQ
KRLETLLEERESKAEKVLQFDPGTKNVTALLMEAKELEARVIILSASEDDAATVYRAAAMLNMTGSGYVWLVGEREISGN
ALRYAPDGILGLQLINGKNESAHISDAVGVVAQAVHELLEKENITDPPRGCVGNTNIWKTGPLFKRVLMSSKYADGVTGR
VEFNEDGDRKFANYSIMNLQNRKLVQVGIYNGTHVIPNDRKIIWPGGETEKPRGYQMSTRLKIVTIHQEPFVYVKPTLSD
GTCKEEFTVNGDPVKKVICTGPNDTSPGSPRHTVPQCCYGFCIDLLIKLARTMNFTYEVHLVADGKFGTQERVNNSNKKE
WNGMMGELLSGQADMIVAPLTINNERAQYIEFSKPFKYQGLTILVKKEIPRSTLDSFMQPFQSTLWLLVGLSVHVVAVML
YLLDRFSPFGRFKVNSEEEEEDALTLSSAMWFSWGVLLNSGIGEGAPRSFSARILGMVWAGFAMIIVASYTANLAAFLVL
DRPEERITGINDPRLRNPSDKFIYATVKQSSVDIYFRRQVELSTMYRHMEKHNYESAAEAIQAVRDNKLHAFIWDSAVLE
FEASQKCDLVTTGELFFRSGFGIGMRKDSPWKQNVSLSILKSHENGFMEDLDKTWVRYQECDSRSNAPATLTFENMAGVF
MLVAGGIVAGIFLIFIEIAYKRHKDANGAQ
;
A,C
2 'polypeptide(L)'
;WSHPQFEKGGGSGGGSGGSAWSHPQFEKGALVPRGRSQKSPPSIGIAVILVGTSDEVAIKDAHEKDDFHHLSVVPRVELV
AMNETDPKSIITRICDLMSDRKIQGVVFADDTDQEAIAQILDFISAQTLTPILGIHGGSSMIMADKDESSMFFQFGPSIE
QQASVMLNIMEEYDWYIFSIVTTYFPGYQDFVNKIRSTIENSFVGWELEEVLLLDMSLDDGDSKIQNQLKKLQSPIILLY
CTKEEATYIFEVANSVGLTGYGYTWIVPSLVAGDTDTVPAEFPTGLISVSYDEWDYGLPARVRDGIAIITTAASDMLSEH
SFIPEPKSSCYNTHEKRIYQSNMLNRYLINVTFEGRNLSFSEDGYQMHPKLVIILLNKERKWERVGKWKDKSLQMKYYVW
PRMCPETEEQEDDHLSIVTLEEAPFVIVESVDPLSGTCMRNTVPCQKRIVTENKTDEEPGYIKKCCKGFCIDILKKISKS
VKFTYDLYLVTNGKHGKKINGTWNGMIGEVVMKRAYMAVGSLTINEERSEVVDFSVPFIETGISVMVSRSNGTVSPSAFL
EPFSADVWVMMFVMLLIVSAVAVFVFEYFSPVGYNRSLADGREPGGPSFTIGKAIWLLWGLVFNNSVPVQNPKGTTSKIM
VSVWAFFAVIFLASYTANLAAFMIQEEYVDQVSGLSDKKFQRPNDFSPPFRFGTVPNGSTERNIRNNYAEMHAYMGKFNQ
RGVDDALLSLKTGKLDAFIYDAAVLNYMAGRDEGCKLVTIGSGKVFASTGYGIAIQKDSGWKRQVDLAILQLFGDGEMEE
LEALWLTGICHNEKNEVMSSQLDIDNMAGVFYMLGAAMALSLITFISEHLFYWQFRHSFMG
;
B,D
#
loop_
_chem_comp.id
_chem_comp.type
_chem_comp.name
_chem_comp.formula
A1CE1 non-polymer 24S-hydroxycholesterol 'C27 H46 O2'
POV non-polymer '(2S)-3-(hexadecanoyloxy)-2-[(9Z)-octadec-9-enoyloxy]propyl 2-(trimethylammonio)ethyl phosphate' 'C42 H82 N O8 P'
#
# COMPACT_ATOMS: atom_id res chain seq x y z
N LYS A 8 10.60 10.65 71.88
CA LYS A 8 11.68 10.50 70.92
C LYS A 8 12.38 11.82 70.67
N ILE A 9 13.66 11.76 70.32
CA ILE A 9 14.48 12.94 70.06
C ILE A 9 14.96 12.87 68.62
N VAL A 10 14.66 13.91 67.84
CA VAL A 10 15.06 14.00 66.45
C VAL A 10 16.11 15.10 66.32
N ASN A 11 17.22 14.79 65.65
CA ASN A 11 18.33 15.72 65.52
C ASN A 11 18.34 16.30 64.11
N ILE A 12 18.45 17.62 64.01
CA ILE A 12 18.47 18.30 62.72
C ILE A 12 19.67 19.24 62.64
N GLY A 13 20.76 18.87 63.30
CA GLY A 13 21.89 19.77 63.44
C GLY A 13 22.46 20.20 62.10
N ALA A 14 23.09 21.38 62.10
CA ALA A 14 23.58 22.02 60.89
C ALA A 14 25.10 22.00 60.84
N VAL A 15 25.64 22.42 59.70
CA VAL A 15 27.07 22.51 59.46
C VAL A 15 27.36 23.93 58.98
N LEU A 16 27.76 24.81 59.89
CA LEU A 16 27.96 26.21 59.55
C LEU A 16 28.96 26.84 60.51
N SER A 17 29.83 27.68 59.96
CA SER A 17 30.83 28.39 60.74
C SER A 17 30.18 29.58 61.45
N THR A 18 31.00 30.45 62.05
CA THR A 18 30.53 31.65 62.74
C THR A 18 29.51 31.29 63.82
N ARG A 19 30.03 30.61 64.85
CA ARG A 19 29.25 30.06 65.95
C ARG A 19 28.15 31.00 66.45
N LYS A 20 28.41 32.31 66.41
CA LYS A 20 27.38 33.26 66.79
C LYS A 20 26.13 33.11 65.91
N HIS A 21 26.33 32.80 64.63
CA HIS A 21 25.20 32.53 63.75
C HIS A 21 24.46 31.27 64.18
N GLU A 22 25.20 30.24 64.57
CA GLU A 22 24.59 28.97 64.95
C GLU A 22 23.93 29.01 66.32
N GLN A 23 24.10 30.10 67.07
CA GLN A 23 23.44 30.21 68.37
C GLN A 23 21.91 30.19 68.22
N MET A 24 21.39 30.90 67.23
CA MET A 24 19.95 30.94 67.02
C MET A 24 19.38 29.62 66.53
N PHE A 25 20.24 28.69 66.06
CA PHE A 25 19.73 27.44 65.50
C PHE A 25 18.98 26.63 66.54
N ARG A 26 19.56 26.49 67.73
CA ARG A 26 18.83 25.83 68.82
C ARG A 26 17.59 26.64 69.20
N GLU A 27 17.72 27.97 69.23
CA GLU A 27 16.57 28.83 69.47
C GLU A 27 15.52 28.66 68.38
N ALA A 28 15.95 28.59 67.12
CA ALA A 28 15.02 28.30 66.03
C ALA A 28 14.43 26.91 66.19
N VAL A 29 15.25 25.95 66.62
CA VAL A 29 14.73 24.60 66.89
C VAL A 29 13.74 24.65 68.05
N ASN A 30 14.10 25.34 69.13
CA ASN A 30 13.19 25.43 70.28
C ASN A 30 11.92 26.18 69.91
N GLN A 31 12.03 27.21 69.06
CA GLN A 31 10.85 27.94 68.63
C GLN A 31 9.88 27.05 67.86
N ALA A 32 10.42 26.17 67.02
CA ALA A 32 9.57 25.24 66.28
C ALA A 32 8.89 24.24 67.22
N ASN A 33 9.57 23.87 68.32
CA ASN A 33 8.97 22.93 69.27
C ASN A 33 7.74 23.55 69.94
N LYS A 34 7.77 24.85 70.20
CA LYS A 34 6.66 25.51 70.88
C LYS A 34 5.40 25.60 70.02
N ARG A 35 5.49 25.29 68.72
CA ARG A 35 4.34 25.33 67.84
C ARG A 35 3.57 24.01 67.88
N ILE A 41 7.81 13.92 68.27
CA ILE A 41 7.10 15.07 68.83
C ILE A 41 8.09 16.07 69.41
N GLN A 42 9.39 15.78 69.23
CA GLN A 42 10.43 16.64 69.77
C GLN A 42 11.54 16.79 68.73
N LEU A 43 12.29 17.88 68.85
CA LEU A 43 13.41 18.18 67.96
C LEU A 43 14.62 18.59 68.80
N ASN A 44 15.80 18.28 68.27
CA ASN A 44 17.05 18.65 68.92
C ASN A 44 18.04 19.14 67.86
N ALA A 45 19.01 19.93 68.30
CA ALA A 45 20.01 20.52 67.42
C ALA A 45 21.39 19.97 67.76
N THR A 46 22.15 19.65 66.71
CA THR A 46 23.51 19.13 66.82
C THR A 46 24.43 19.85 65.83
N SER A 47 24.36 21.18 65.83
CA SER A 47 25.10 21.97 64.87
C SER A 47 26.61 21.82 65.08
N VAL A 48 27.36 21.79 63.97
CA VAL A 48 28.81 21.61 63.98
C VAL A 48 29.44 22.69 63.12
N THR A 49 30.45 23.35 63.66
CA THR A 49 31.13 24.42 62.93
C THR A 49 31.95 23.85 61.77
N HIS A 50 32.23 24.71 60.79
CA HIS A 50 32.99 24.31 59.63
C HIS A 50 34.46 24.12 59.97
N LYS A 51 35.18 23.51 59.03
CA LYS A 51 36.61 23.30 59.12
C LYS A 51 37.31 24.03 57.98
N PRO A 52 38.54 24.52 58.22
CA PRO A 52 39.25 25.25 57.16
C PRO A 52 39.51 24.40 55.92
N ASN A 53 39.62 23.09 56.06
CA ASN A 53 39.89 22.19 54.94
C ASN A 53 38.69 21.28 54.71
N ALA A 54 38.46 20.94 53.45
CA ALA A 54 37.29 20.15 53.06
C ALA A 54 37.56 18.65 53.04
N ILE A 55 38.80 18.21 53.22
CA ILE A 55 39.08 16.78 53.23
C ILE A 55 38.51 16.13 54.47
N GLN A 56 38.46 16.85 55.59
CA GLN A 56 37.80 16.37 56.80
C GLN A 56 36.34 16.79 56.85
N MET A 57 35.89 17.64 55.94
CA MET A 57 34.48 18.00 55.88
C MET A 57 33.62 16.78 55.57
N ALA A 58 34.11 15.91 54.68
CA ALA A 58 33.41 14.65 54.43
C ALA A 58 33.37 13.80 55.69
N LEU A 59 34.45 13.78 56.46
CA LEU A 59 34.48 13.00 57.68
C LEU A 59 33.61 13.62 58.76
N SER A 60 33.73 14.94 58.94
CA SER A 60 33.07 15.61 60.06
C SER A 60 31.55 15.67 59.91
N VAL A 61 31.02 15.53 58.69
CA VAL A 61 29.57 15.57 58.51
C VAL A 61 28.94 14.34 59.15
N CYS A 62 29.50 13.16 58.92
CA CYS A 62 29.00 11.93 59.51
C CYS A 62 29.70 11.58 60.81
N GLU A 63 30.70 12.36 61.22
CA GLU A 63 31.34 12.12 62.52
C GLU A 63 30.35 12.30 63.66
N ASP A 64 29.53 13.36 63.59
CA ASP A 64 28.52 13.59 64.62
C ASP A 64 27.32 12.66 64.47
N LEU A 65 27.15 12.03 63.32
CA LEU A 65 26.03 11.12 63.11
C LEU A 65 26.05 9.94 64.07
N ILE A 66 27.22 9.63 64.65
CA ILE A 66 27.32 8.51 65.58
C ILE A 66 26.47 8.77 66.81
N SER A 67 26.53 9.98 67.36
CA SER A 67 25.81 10.33 68.57
C SER A 67 24.58 11.20 68.31
N SER A 68 24.23 11.44 67.05
CA SER A 68 23.10 12.30 66.74
C SER A 68 22.01 11.62 65.93
N GLN A 69 22.36 10.82 64.92
CA GLN A 69 21.40 10.16 64.06
C GLN A 69 20.40 11.16 63.47
N VAL A 70 20.95 12.16 62.79
CA VAL A 70 20.16 13.26 62.26
C VAL A 70 19.28 12.79 61.11
N TYR A 71 18.31 13.63 60.73
CA TYR A 71 17.43 13.37 59.60
C TYR A 71 17.60 14.36 58.47
N ALA A 72 17.79 15.63 58.77
CA ALA A 72 18.04 16.66 57.77
C ALA A 72 19.30 17.43 58.15
N ILE A 73 20.13 17.72 57.15
CA ILE A 73 21.41 18.38 57.35
C ILE A 73 21.40 19.71 56.61
N LEU A 74 21.96 20.73 57.23
CA LEU A 74 21.99 22.08 56.68
C LEU A 74 23.40 22.44 56.24
N VAL A 75 23.52 22.96 55.02
CA VAL A 75 24.78 23.45 54.50
C VAL A 75 24.64 24.95 54.27
N SER A 76 25.63 25.72 54.70
CA SER A 76 25.53 27.17 54.71
C SER A 76 26.84 27.77 54.24
N HIS A 77 26.98 29.08 54.45
CA HIS A 77 28.09 29.84 53.92
C HIS A 77 29.38 29.36 54.57
N PRO A 78 30.37 28.90 53.81
CA PRO A 78 31.59 28.36 54.40
C PRO A 78 32.67 29.42 54.52
N PRO A 79 33.65 29.22 55.41
CA PRO A 79 34.75 30.20 55.52
C PRO A 79 35.50 30.40 54.22
N THR A 80 35.69 29.33 53.45
CA THR A 80 36.35 29.45 52.15
C THR A 80 35.45 30.19 51.16
N PRO A 81 36.03 30.97 50.25
CA PRO A 81 35.21 31.70 49.27
C PRO A 81 34.84 30.86 48.06
N ASN A 82 34.99 29.54 48.18
CA ASN A 82 34.69 28.66 47.04
C ASN A 82 33.22 28.74 46.65
N ASP A 83 32.32 28.55 47.62
CA ASP A 83 30.89 28.73 47.44
C ASP A 83 30.29 27.80 46.38
N HIS A 84 31.10 26.91 45.82
CA HIS A 84 30.60 26.03 44.75
C HIS A 84 30.97 24.57 45.00
N PHE A 85 32.04 24.34 45.76
CA PHE A 85 32.51 22.99 46.01
C PHE A 85 32.55 22.61 47.48
N THR A 86 32.28 23.55 48.38
CA THR A 86 32.29 23.25 49.81
C THR A 86 31.02 22.51 50.26
N PRO A 87 29.84 22.81 49.70
CA PRO A 87 28.68 21.95 49.98
C PRO A 87 28.81 20.53 49.43
N THR A 88 29.70 20.29 48.46
CA THR A 88 29.76 18.97 47.84
C THR A 88 30.15 17.85 48.80
N PRO A 89 31.16 17.97 49.66
CA PRO A 89 31.44 16.87 50.59
C PRO A 89 30.28 16.56 51.53
N VAL A 90 29.51 17.58 51.92
CA VAL A 90 28.39 17.34 52.83
C VAL A 90 27.32 16.48 52.15
N SER A 91 27.02 16.77 50.89
CA SER A 91 25.96 16.04 50.21
C SER A 91 26.38 14.63 49.83
N TYR A 92 27.67 14.42 49.55
CA TYR A 92 28.15 13.09 49.19
C TYR A 92 28.00 12.12 50.36
N THR A 93 28.52 12.49 51.52
CA THR A 93 28.44 11.60 52.69
C THR A 93 27.00 11.42 53.14
N ALA A 94 26.21 12.50 53.15
CA ALA A 94 24.79 12.37 53.45
C ALA A 94 24.06 11.62 52.36
N GLY A 95 24.63 11.54 51.15
CA GLY A 95 24.07 10.73 50.10
C GLY A 95 24.44 9.27 50.14
N PHE A 96 25.40 8.90 51.01
CA PHE A 96 25.73 7.49 51.18
C PHE A 96 24.54 6.70 51.72
N TYR A 97 23.82 7.28 52.69
CA TYR A 97 22.63 6.68 53.25
C TYR A 97 21.36 7.34 52.76
N ARG A 98 21.46 8.17 51.72
CA ARG A 98 20.31 8.87 51.13
C ARG A 98 19.57 9.70 52.15
N ILE A 99 20.32 10.45 52.96
CA ILE A 99 19.75 11.34 53.97
C ILE A 99 19.55 12.71 53.33
N PRO A 100 18.34 13.25 53.31
CA PRO A 100 18.10 14.52 52.61
C PRO A 100 18.90 15.67 53.20
N VAL A 101 19.26 16.62 52.34
CA VAL A 101 20.07 17.78 52.71
C VAL A 101 19.34 19.03 52.25
N LEU A 102 19.62 20.15 52.92
CA LEU A 102 19.00 21.43 52.61
C LEU A 102 20.08 22.43 52.22
N GLY A 103 19.97 22.97 51.01
CA GLY A 103 20.91 23.95 50.48
C GLY A 103 20.59 25.37 50.85
N LEU A 104 20.94 25.77 52.08
CA LEU A 104 20.61 27.12 52.55
C LEU A 104 21.24 28.19 51.66
N THR A 105 22.55 28.11 51.44
CA THR A 105 23.27 29.11 50.67
C THR A 105 23.98 28.51 49.46
N THR A 106 23.50 27.37 48.96
CA THR A 106 24.07 26.72 47.78
C THR A 106 23.42 27.33 46.55
N ARG A 107 24.10 28.31 45.95
CA ARG A 107 23.53 29.05 44.83
C ARG A 107 23.94 28.49 43.47
N MET A 108 24.90 27.57 43.41
CA MET A 108 25.34 27.03 42.14
C MET A 108 24.32 26.02 41.60
N SER A 109 24.38 25.78 40.30
CA SER A 109 23.41 24.92 39.63
C SER A 109 23.87 23.48 39.51
N ILE A 110 25.04 23.13 40.04
CA ILE A 110 25.49 21.75 40.01
C ILE A 110 24.54 20.85 40.78
N TYR A 111 24.10 21.31 41.96
CA TYR A 111 23.22 20.53 42.81
C TYR A 111 21.79 20.45 42.27
N SER A 112 21.49 21.15 41.18
CA SER A 112 20.14 21.12 40.62
C SER A 112 19.79 19.71 40.13
N ASP A 113 20.75 19.02 39.52
CA ASP A 113 20.48 17.69 39.01
C ASP A 113 20.37 16.69 40.17
N LYS A 114 19.82 15.51 39.85
CA LYS A 114 19.65 14.45 40.82
C LYS A 114 20.58 13.27 40.59
N SER A 115 21.31 13.24 39.48
CA SER A 115 22.17 12.09 39.18
C SER A 115 23.27 11.95 40.22
N ILE A 116 23.92 13.05 40.58
CA ILE A 116 25.01 13.03 41.54
C ILE A 116 24.52 13.41 42.93
N HIS A 117 23.85 14.55 43.05
CA HIS A 117 23.24 14.97 44.31
C HIS A 117 21.82 14.41 44.34
N LEU A 118 21.73 13.12 44.65
CA LEU A 118 20.42 12.45 44.67
C LEU A 118 19.50 13.05 45.73
N SER A 119 20.03 13.31 46.92
CA SER A 119 19.26 13.84 48.03
C SER A 119 19.80 15.22 48.37
N PHE A 120 19.14 16.26 47.84
CA PHE A 120 19.54 17.64 48.13
C PHE A 120 18.36 18.56 47.86
N LEU A 121 17.98 19.34 48.86
CA LEU A 121 16.96 20.35 48.74
C LEU A 121 17.57 21.73 48.93
N ARG A 122 16.86 22.75 48.46
CA ARG A 122 17.40 24.11 48.48
C ARG A 122 16.34 25.09 48.97
N THR A 123 16.78 26.07 49.76
CA THR A 123 15.96 27.22 50.12
C THR A 123 16.34 28.47 49.34
N VAL A 124 17.28 28.36 48.42
CA VAL A 124 17.75 29.49 47.61
C VAL A 124 17.70 29.05 46.15
N PRO A 125 17.36 29.93 45.21
CA PRO A 125 17.32 29.52 43.80
C PRO A 125 18.72 29.51 43.20
N PRO A 126 19.00 28.59 42.29
CA PRO A 126 20.27 28.62 41.58
C PRO A 126 20.32 29.76 40.57
N TYR A 127 21.55 30.14 40.20
CA TYR A 127 21.71 31.19 39.21
C TYR A 127 21.06 30.86 37.88
N SER A 128 20.85 29.57 37.59
CA SER A 128 20.21 29.17 36.35
C SER A 128 18.73 29.51 36.31
N HIS A 129 18.14 29.90 37.44
CA HIS A 129 16.74 30.29 37.46
C HIS A 129 16.54 31.77 37.14
N GLN A 130 17.60 32.54 36.99
CA GLN A 130 17.48 33.95 36.63
C GLN A 130 16.92 34.14 35.22
N SER A 131 16.91 33.11 34.39
CA SER A 131 16.40 33.24 33.03
C SER A 131 14.91 33.55 33.00
N SER A 132 14.18 33.25 34.08
CA SER A 132 12.78 33.65 34.13
C SER A 132 12.64 35.16 34.14
N VAL A 133 13.47 35.85 34.94
CA VAL A 133 13.41 37.30 34.99
C VAL A 133 13.79 37.89 33.64
N TRP A 134 14.84 37.35 33.00
CA TRP A 134 15.25 37.84 31.69
C TRP A 134 14.15 37.62 30.67
N PHE A 135 13.49 36.46 30.71
CA PHE A 135 12.35 36.22 29.83
C PHE A 135 11.22 37.20 30.15
N GLU A 136 10.97 37.43 31.44
CA GLU A 136 9.91 38.34 31.84
C GLU A 136 10.18 39.76 31.33
N MET A 137 11.42 40.23 31.47
CA MET A 137 11.75 41.57 31.00
C MET A 137 11.56 41.68 29.49
N MET A 138 12.02 40.68 28.74
CA MET A 138 11.86 40.71 27.29
C MET A 138 10.39 40.70 26.89
N ARG A 139 9.58 39.90 27.60
CA ARG A 139 8.15 39.84 27.29
C ARG A 139 7.43 41.13 27.61
N VAL A 140 7.96 41.96 28.50
CA VAL A 140 7.31 43.20 28.90
C VAL A 140 8.06 44.44 28.46
N TYR A 141 9.27 44.31 27.93
CA TYR A 141 10.00 45.45 27.38
C TYR A 141 10.18 45.34 25.87
N SER A 142 9.46 44.44 25.21
CA SER A 142 9.47 44.29 23.76
C SER A 142 10.87 43.97 23.24
N TRP A 143 11.39 42.82 23.64
CA TRP A 143 12.68 42.32 23.18
C TRP A 143 12.50 40.89 22.70
N ASN A 144 12.81 40.65 21.43
CA ASN A 144 12.77 39.30 20.87
C ASN A 144 14.07 38.85 20.23
N HIS A 145 14.98 39.77 19.95
CA HIS A 145 16.31 39.44 19.42
C HIS A 145 17.32 39.65 20.53
N ILE A 146 17.87 38.55 21.05
CA ILE A 146 18.78 38.59 22.18
C ILE A 146 20.08 37.87 21.81
N ILE A 147 21.15 38.24 22.49
CA ILE A 147 22.46 37.60 22.32
C ILE A 147 22.86 37.02 23.66
N LEU A 148 23.20 35.73 23.67
CA LEU A 148 23.64 35.05 24.88
C LEU A 148 25.15 34.97 24.90
N LEU A 149 25.72 35.18 26.08
CA LEU A 149 27.16 35.12 26.29
C LEU A 149 27.52 34.15 27.39
N VAL A 150 26.82 33.00 27.44
CA VAL A 150 26.97 32.08 28.56
C VAL A 150 28.39 31.53 28.59
N SER A 151 28.76 31.00 29.76
CA SER A 151 30.05 30.37 29.94
C SER A 151 29.96 28.89 29.62
N ASP A 152 31.09 28.30 29.24
CA ASP A 152 31.12 26.89 28.89
C ASP A 152 30.96 25.97 30.10
N ASP A 153 31.00 26.51 31.31
CA ASP A 153 30.85 25.69 32.52
C ASP A 153 29.43 25.14 32.61
N HIS A 154 29.19 24.36 33.66
CA HIS A 154 27.86 23.81 33.88
C HIS A 154 26.85 24.91 34.16
N GLU A 155 27.26 25.95 34.88
CA GLU A 155 26.34 27.04 35.19
C GLU A 155 25.90 27.75 33.92
N GLY A 156 26.84 28.06 33.03
CA GLY A 156 26.49 28.75 31.80
C GLY A 156 25.59 27.94 30.90
N ARG A 157 25.91 26.65 30.72
CA ARG A 157 25.09 25.80 29.88
C ARG A 157 23.69 25.63 30.46
N ALA A 158 23.59 25.52 31.78
CA ALA A 158 22.29 25.36 32.42
C ALA A 158 21.41 26.57 32.20
N ALA A 159 21.98 27.77 32.33
CA ALA A 159 21.19 28.99 32.11
C ALA A 159 20.72 29.08 30.67
N GLN A 160 21.60 28.77 29.72
CA GLN A 160 21.21 28.79 28.31
C GLN A 160 20.18 27.71 28.00
N LYS A 161 20.34 26.52 28.60
CA LYS A 161 19.48 25.40 28.27
C LYS A 161 18.02 25.75 28.55
N ARG A 162 17.72 26.25 29.75
CA ARG A 162 16.34 26.50 30.10
C ARG A 162 15.80 27.78 29.44
N LEU A 163 16.67 28.77 29.19
CA LEU A 163 16.21 29.96 28.49
C LEU A 163 15.80 29.63 27.07
N GLU A 164 16.54 28.76 26.39
CA GLU A 164 16.18 28.36 25.03
C GLU A 164 14.84 27.64 25.02
N THR A 165 14.60 26.76 26.00
CA THR A 165 13.32 26.06 26.06
C THR A 165 12.17 27.03 26.29
N LEU A 166 12.36 28.00 27.18
CA LEU A 166 11.32 29.01 27.39
C LEU A 166 11.12 29.85 26.13
N LEU A 167 12.21 30.29 25.51
CA LEU A 167 12.10 31.11 24.31
C LEU A 167 11.47 30.32 23.16
N GLU A 168 11.81 29.04 23.03
CA GLU A 168 11.23 28.23 21.96
C GLU A 168 9.73 28.09 22.10
N GLU A 169 9.21 28.22 23.33
CA GLU A 169 7.77 28.08 23.55
C GLU A 169 6.98 29.06 22.71
N ARG A 170 7.50 30.27 22.53
CA ARG A 170 6.87 31.27 21.67
C ARG A 170 7.33 31.17 20.22
N GLU A 171 7.85 30.01 19.82
CA GLU A 171 8.36 29.79 18.46
C GLU A 171 9.42 30.83 18.10
N SER A 172 10.29 31.13 19.06
CA SER A 172 11.33 32.13 18.90
C SER A 172 12.66 31.57 19.39
N LYS A 173 13.75 32.09 18.82
CA LYS A 173 15.09 31.64 19.16
C LYS A 173 15.99 32.84 19.35
N ALA A 174 17.01 32.66 20.20
CA ALA A 174 18.00 33.70 20.42
C ALA A 174 18.82 33.93 19.16
N GLU A 175 19.28 35.17 18.97
CA GLU A 175 20.05 35.51 17.79
C GLU A 175 21.33 34.69 17.72
N LYS A 176 22.12 34.71 18.79
CA LYS A 176 23.31 33.89 18.88
C LYS A 176 23.50 33.47 20.33
N VAL A 177 24.22 32.36 20.50
CA VAL A 177 24.38 31.74 21.82
C VAL A 177 25.87 31.67 22.13
N LEU A 178 26.60 32.70 21.69
CA LEU A 178 28.05 32.77 21.85
C LEU A 178 28.50 32.29 23.22
N GLN A 179 29.33 31.26 23.25
CA GLN A 179 29.86 30.70 24.48
C GLN A 179 31.37 30.94 24.54
N PHE A 180 31.85 31.21 25.74
CA PHE A 180 33.26 31.50 25.95
C PHE A 180 33.82 30.58 27.03
N ASP A 181 35.10 30.25 26.90
CA ASP A 181 35.75 29.41 27.90
C ASP A 181 35.95 30.20 29.19
N PRO A 182 35.64 29.62 30.34
CA PRO A 182 35.82 30.35 31.60
C PRO A 182 37.28 30.73 31.83
N GLY A 183 37.49 31.90 32.44
CA GLY A 183 38.83 32.37 32.70
C GLY A 183 39.64 32.64 31.44
N THR A 184 39.01 33.24 30.44
CA THR A 184 39.69 33.59 29.20
C THR A 184 40.38 34.94 29.33
N LYS A 185 41.49 35.08 28.62
CA LYS A 185 42.25 36.32 28.61
C LYS A 185 42.00 37.17 27.37
N ASN A 186 41.63 36.56 26.26
CA ASN A 186 41.32 37.28 25.02
C ASN A 186 39.89 36.92 24.61
N VAL A 187 38.97 37.84 24.87
CA VAL A 187 37.56 37.62 24.55
C VAL A 187 37.04 38.61 23.52
N THR A 188 37.82 39.61 23.13
CA THR A 188 37.35 40.59 22.15
C THR A 188 37.04 39.93 20.82
N ALA A 189 37.74 38.84 20.48
CA ALA A 189 37.42 38.10 19.26
C ALA A 189 36.00 37.54 19.32
N LEU A 190 35.60 37.04 20.50
CA LEU A 190 34.23 36.56 20.66
C LEU A 190 33.22 37.69 20.51
N LEU A 191 33.57 38.90 20.95
CA LEU A 191 32.67 40.04 20.85
C LEU A 191 32.72 40.71 19.48
N MET A 192 33.60 40.25 18.58
CA MET A 192 33.60 40.76 17.22
C MET A 192 32.31 40.40 16.50
N GLU A 193 31.85 39.15 16.64
CA GLU A 193 30.62 38.73 15.98
C GLU A 193 29.38 39.27 16.67
N ALA A 194 29.48 39.54 17.98
CA ALA A 194 28.33 40.09 18.70
C ALA A 194 27.94 41.46 18.15
N LYS A 195 28.93 42.28 17.83
CA LYS A 195 28.64 43.60 17.27
C LYS A 195 28.03 43.49 15.88
N GLU A 196 28.39 42.45 15.12
CA GLU A 196 27.91 42.31 13.75
C GLU A 196 26.47 41.83 13.67
N LEU A 197 25.93 41.26 14.75
CA LEU A 197 24.57 40.75 14.70
C LEU A 197 23.55 41.89 14.69
N GLU A 198 22.32 41.55 14.31
CA GLU A 198 21.25 42.53 14.32
C GLU A 198 20.73 42.80 15.72
N ALA A 199 20.74 41.81 16.60
CA ALA A 199 20.26 41.98 17.96
C ALA A 199 21.17 42.93 18.72
N ARG A 200 20.55 43.80 19.52
CA ARG A 200 21.29 44.80 20.27
C ARG A 200 21.28 44.57 21.78
N VAL A 201 20.37 43.76 22.29
CA VAL A 201 20.35 43.42 23.71
C VAL A 201 21.22 42.20 23.93
N ILE A 202 21.90 42.17 25.07
CA ILE A 202 22.87 41.13 25.38
C ILE A 202 22.53 40.55 26.75
N ILE A 203 22.45 39.23 26.82
CA ILE A 203 22.21 38.51 28.06
C ILE A 203 23.49 37.79 28.44
N LEU A 204 23.94 37.99 29.66
CA LEU A 204 25.21 37.48 30.14
C LEU A 204 24.99 36.55 31.32
N SER A 205 25.73 35.44 31.34
CA SER A 205 25.56 34.42 32.37
C SER A 205 26.91 33.93 32.86
N ALA A 206 27.83 34.84 33.10
CA ALA A 206 29.17 34.50 33.57
C ALA A 206 29.26 34.70 35.09
N SER A 207 30.47 34.56 35.62
CA SER A 207 30.72 34.66 37.05
C SER A 207 31.26 36.04 37.39
N GLU A 208 31.67 36.22 38.64
CA GLU A 208 32.24 37.50 39.08
C GLU A 208 33.52 37.82 38.32
N ASP A 209 34.42 36.84 38.22
CA ASP A 209 35.69 37.07 37.53
C ASP A 209 35.48 37.35 36.05
N ASP A 210 34.58 36.60 35.41
CA ASP A 210 34.41 36.73 33.97
C ASP A 210 33.66 38.00 33.58
N ALA A 211 32.87 38.57 34.49
CA ALA A 211 32.15 39.81 34.17
C ALA A 211 33.12 40.94 33.88
N ALA A 212 34.16 41.08 34.72
CA ALA A 212 35.14 42.14 34.51
C ALA A 212 35.95 41.92 33.24
N THR A 213 36.14 40.67 32.83
CA THR A 213 36.93 40.39 31.63
C THR A 213 36.22 40.91 30.39
N VAL A 214 34.94 40.56 30.22
CA VAL A 214 34.23 40.97 29.02
C VAL A 214 33.77 42.41 29.10
N TYR A 215 33.59 42.96 30.30
CA TYR A 215 33.24 44.37 30.43
C TYR A 215 34.35 45.27 29.91
N ARG A 216 35.60 44.91 30.19
CA ARG A 216 36.72 45.66 29.65
C ARG A 216 36.75 45.57 28.12
N ALA A 217 36.51 44.38 27.57
CA ALA A 217 36.46 44.24 26.12
C ALA A 217 35.28 45.01 25.53
N ALA A 218 34.12 44.94 26.18
CA ALA A 218 32.96 45.68 25.70
C ALA A 218 33.20 47.17 25.77
N ALA A 219 33.86 47.65 26.82
CA ALA A 219 34.13 49.07 26.96
C ALA A 219 35.02 49.58 25.84
N MET A 220 36.05 48.81 25.48
CA MET A 220 36.94 49.22 24.39
C MET A 220 36.38 48.89 23.02
N LEU A 221 35.29 48.14 22.94
CA LEU A 221 34.63 47.84 21.67
C LEU A 221 33.39 48.70 21.45
N ASN A 222 33.14 49.68 22.33
CA ASN A 222 32.03 50.62 22.17
C ASN A 222 30.69 49.90 22.07
N MET A 223 30.51 48.86 22.89
CA MET A 223 29.26 48.11 22.91
C MET A 223 28.38 48.46 24.11
N THR A 224 28.75 49.47 24.89
CA THR A 224 27.93 49.93 26.00
C THR A 224 27.35 51.32 25.75
N GLY A 225 27.46 51.83 24.52
CA GLY A 225 26.95 53.14 24.18
C GLY A 225 25.46 53.13 23.91
N SER A 226 25.05 53.98 22.98
CA SER A 226 23.63 54.09 22.63
C SER A 226 23.15 52.83 21.94
N GLY A 227 21.91 52.45 22.21
CA GLY A 227 21.27 51.37 21.50
C GLY A 227 21.62 49.98 21.96
N TYR A 228 22.40 49.84 23.03
CA TYR A 228 22.80 48.53 23.55
C TYR A 228 22.16 48.30 24.91
N VAL A 229 21.76 47.06 25.17
CA VAL A 229 21.12 46.68 26.42
C VAL A 229 21.83 45.44 26.95
N TRP A 230 22.13 45.45 28.25
CA TRP A 230 22.72 44.29 28.92
C TRP A 230 21.79 43.83 30.02
N LEU A 231 21.34 42.58 29.93
CA LEU A 231 20.64 41.92 31.02
C LEU A 231 21.61 40.93 31.66
N VAL A 232 21.82 41.09 32.96
CA VAL A 232 22.95 40.45 33.64
C VAL A 232 22.47 39.88 34.96
N GLY A 233 22.95 38.68 35.30
CA GLY A 233 22.59 38.04 36.53
C GLY A 233 23.24 38.68 37.74
N GLU A 234 22.92 38.11 38.91
CA GLU A 234 23.41 38.68 40.16
C GLU A 234 24.93 38.59 40.27
N ARG A 235 25.51 37.50 39.79
CA ARG A 235 26.93 37.27 39.98
C ARG A 235 27.81 38.26 39.25
N GLU A 236 27.28 38.96 38.24
CA GLU A 236 28.08 39.85 37.42
C GLU A 236 27.82 41.32 37.72
N ILE A 237 27.14 41.64 38.83
CA ILE A 237 26.99 43.02 39.27
C ILE A 237 27.40 43.12 40.74
N SER A 238 28.30 42.24 41.18
CA SER A 238 28.72 42.21 42.57
C SER A 238 30.23 42.05 42.63
N GLY A 239 30.80 42.49 43.74
CA GLY A 239 32.23 42.30 43.97
C GLY A 239 33.06 43.03 42.94
N ASN A 240 33.92 42.28 42.26
CA ASN A 240 34.82 42.85 41.26
C ASN A 240 34.09 43.40 40.04
N ALA A 241 32.80 43.11 39.89
CA ALA A 241 32.07 43.51 38.69
C ALA A 241 32.01 45.03 38.57
N LEU A 242 31.56 45.72 39.62
CA LEU A 242 31.35 47.16 39.55
C LEU A 242 32.64 47.93 39.34
N ARG A 243 33.79 47.31 39.61
CA ARG A 243 35.05 48.03 39.43
C ARG A 243 35.26 48.43 37.97
N TYR A 244 34.97 47.52 37.04
CA TYR A 244 35.13 47.78 35.61
C TYR A 244 33.82 47.57 34.85
N ALA A 245 32.69 47.79 35.52
CA ALA A 245 31.39 47.59 34.90
C ALA A 245 30.98 48.80 34.07
N PRO A 246 30.10 48.60 33.08
CA PRO A 246 29.53 49.73 32.35
C PRO A 246 28.49 50.46 33.18
N ASP A 247 27.76 51.38 32.57
CA ASP A 247 26.65 52.06 33.23
C ASP A 247 25.35 51.68 32.54
N GLY A 248 24.34 51.32 33.34
CA GLY A 248 23.04 50.99 32.81
C GLY A 248 22.71 49.53 32.67
N ILE A 249 23.46 48.63 33.32
CA ILE A 249 23.21 47.21 33.21
C ILE A 249 22.01 46.85 34.08
N LEU A 250 21.04 46.14 33.51
CA LEU A 250 19.86 45.72 34.25
C LEU A 250 20.19 44.43 35.03
N GLY A 251 21.05 44.59 36.02
CA GLY A 251 21.43 43.47 36.84
C GLY A 251 20.31 43.01 37.76
N LEU A 252 20.53 41.86 38.38
CA LEU A 252 19.55 41.23 39.25
C LEU A 252 20.09 41.15 40.67
N GLN A 253 19.16 41.16 41.63
CA GLN A 253 19.51 41.07 43.04
C GLN A 253 18.47 40.23 43.76
N LEU A 254 18.93 39.20 44.47
CA LEU A 254 18.05 38.41 45.30
C LEU A 254 17.62 39.22 46.52
N ILE A 255 16.41 38.94 47.00
CA ILE A 255 15.85 39.71 48.10
C ILE A 255 16.68 39.54 49.37
N ASN A 256 16.95 38.29 49.74
CA ASN A 256 17.68 37.99 50.98
C ASN A 256 18.68 36.88 50.74
N GLY A 257 19.44 36.97 49.63
CA GLY A 257 20.44 35.97 49.36
C GLY A 257 21.57 35.98 50.38
N LYS A 258 22.02 37.17 50.77
CA LYS A 258 23.09 37.29 51.75
C LYS A 258 22.60 37.35 53.18
N ASN A 259 21.28 37.43 53.40
CA ASN A 259 20.70 37.37 54.74
C ASN A 259 20.57 35.90 55.12
N GLU A 260 21.71 35.32 55.51
CA GLU A 260 21.76 33.90 55.83
C GLU A 260 20.98 33.57 57.10
N SER A 261 20.89 34.53 58.03
CA SER A 261 20.23 34.28 59.31
C SER A 261 18.77 33.91 59.11
N ALA A 262 18.07 34.60 58.21
CA ALA A 262 16.67 34.30 57.96
C ALA A 262 16.48 32.92 57.33
N HIS A 263 17.51 32.37 56.70
CA HIS A 263 17.38 31.07 56.07
C HIS A 263 17.33 29.93 57.07
N ILE A 264 17.87 30.13 58.28
CA ILE A 264 17.86 29.06 59.28
C ILE A 264 16.44 28.74 59.70
N SER A 265 15.62 29.76 59.95
CA SER A 265 14.26 29.54 60.44
C SER A 265 13.43 28.78 59.42
N ASP A 266 13.57 29.12 58.14
CA ASP A 266 12.81 28.43 57.10
C ASP A 266 13.21 26.97 57.01
N ALA A 267 14.51 26.67 57.16
CA ALA A 267 14.97 25.29 57.09
C ALA A 267 14.38 24.45 58.22
N VAL A 268 14.33 25.01 59.43
CA VAL A 268 13.76 24.28 60.56
C VAL A 268 12.28 24.02 60.34
N GLY A 269 11.55 25.01 59.84
CA GLY A 269 10.12 24.87 59.70
C GLY A 269 9.72 23.81 58.69
N VAL A 270 10.44 23.71 57.59
CA VAL A 270 10.13 22.71 56.57
C VAL A 270 10.34 21.30 57.12
N VAL A 271 11.46 21.08 57.80
CA VAL A 271 11.74 19.76 58.36
C VAL A 271 10.78 19.42 59.48
N ALA A 272 10.45 20.41 60.32
CA ALA A 272 9.58 20.16 61.47
C ALA A 272 8.20 19.70 61.03
N GLN A 273 7.67 20.31 59.97
CA GLN A 273 6.35 19.90 59.48
C GLN A 273 6.36 18.46 58.98
N ALA A 274 7.42 18.08 58.25
CA ALA A 274 7.52 16.71 57.75
C ALA A 274 7.63 15.71 58.90
N VAL A 275 8.42 16.04 59.92
CA VAL A 275 8.57 15.15 61.07
C VAL A 275 7.22 14.97 61.77
N HIS A 276 6.48 16.06 61.96
CA HIS A 276 5.14 15.95 62.52
C HIS A 276 4.23 15.14 61.60
N GLU A 277 4.37 15.32 60.29
CA GLU A 277 3.64 14.51 59.33
C GLU A 277 4.25 13.12 59.15
N LEU A 278 5.43 12.87 59.70
CA LEU A 278 6.05 11.55 59.63
C LEU A 278 5.56 10.62 60.73
N LEU A 279 4.67 11.08 61.61
CA LEU A 279 4.15 10.22 62.67
C LEU A 279 3.35 9.06 62.09
N GLU A 280 2.57 9.31 61.04
CA GLU A 280 1.76 8.29 60.41
C GLU A 280 2.53 7.68 59.24
N LYS A 281 3.02 6.46 59.44
CA LYS A 281 3.73 5.73 58.39
C LYS A 281 3.85 4.28 58.83
N GLU A 282 4.22 3.42 57.88
CA GLU A 282 4.39 2.00 58.11
C GLU A 282 5.86 1.62 57.93
N ASN A 283 6.41 0.94 58.94
CA ASN A 283 7.79 0.46 58.91
C ASN A 283 8.78 1.61 58.70
N ILE A 284 8.82 2.50 59.69
CA ILE A 284 9.78 3.59 59.69
C ILE A 284 11.12 3.07 60.17
N THR A 285 12.16 3.28 59.36
CA THR A 285 13.52 2.86 59.67
C THR A 285 14.36 4.08 59.99
N ASP A 286 14.94 4.10 61.18
CA ASP A 286 15.71 5.24 61.63
C ASP A 286 17.04 5.33 60.89
N PRO A 287 17.66 6.51 60.86
CA PRO A 287 18.98 6.64 60.23
C PRO A 287 20.01 5.79 60.95
N PRO A 288 21.13 5.48 60.30
CA PRO A 288 22.13 4.60 60.92
C PRO A 288 22.66 5.18 62.22
N ARG A 289 22.93 4.28 63.17
CA ARG A 289 23.42 4.71 64.48
C ARG A 289 24.75 5.44 64.36
N GLY A 290 25.66 4.93 63.53
CA GLY A 290 26.93 5.58 63.31
C GLY A 290 27.36 5.48 61.87
N CYS A 291 28.40 6.24 61.52
CA CYS A 291 28.94 6.17 60.17
C CYS A 291 29.52 4.79 59.88
N VAL A 292 30.20 4.19 60.86
CA VAL A 292 30.79 2.87 60.66
C VAL A 292 29.78 1.74 60.83
N GLY A 293 28.68 1.99 61.55
CA GLY A 293 27.77 0.91 61.89
C GLY A 293 27.07 0.29 60.69
N ASN A 294 26.56 1.13 59.79
CA ASN A 294 25.72 0.66 58.70
C ASN A 294 26.23 1.21 57.37
N THR A 295 25.91 0.48 56.30
CA THR A 295 26.28 0.88 54.95
C THR A 295 25.15 0.63 53.94
N ASN A 296 23.92 0.44 54.42
CA ASN A 296 22.80 0.13 53.54
C ASN A 296 22.25 1.42 52.92
N ILE A 297 21.10 1.31 52.26
CA ILE A 297 20.52 2.46 51.56
C ILE A 297 19.52 3.23 52.41
N TRP A 298 18.95 2.61 53.44
CA TRP A 298 18.00 3.26 54.35
C TRP A 298 16.81 3.82 53.58
N LYS A 299 16.03 2.89 53.04
CA LYS A 299 14.87 3.16 52.18
C LYS A 299 14.02 4.34 52.65
N THR A 300 13.86 4.48 53.98
CA THR A 300 13.08 5.60 54.51
C THR A 300 13.76 6.94 54.26
N GLY A 301 15.05 6.95 53.95
CA GLY A 301 15.76 8.15 53.62
C GLY A 301 15.13 8.89 52.45
N PRO A 302 15.11 8.26 51.28
CA PRO A 302 14.38 8.86 50.15
C PRO A 302 12.89 9.06 50.44
N LEU A 303 12.28 8.19 51.25
CA LEU A 303 10.91 8.42 51.67
C LEU A 303 10.79 9.70 52.48
N PHE A 304 11.76 9.95 53.36
CA PHE A 304 11.80 11.23 54.07
C PHE A 304 11.98 12.38 53.09
N LYS A 305 12.84 12.19 52.09
CA LYS A 305 13.01 13.22 51.07
C LYS A 305 11.72 13.44 50.29
N ARG A 306 10.94 12.38 50.07
CA ARG A 306 9.69 12.51 49.33
C ARG A 306 8.69 13.38 50.08
N VAL A 307 8.61 13.22 51.40
CA VAL A 307 7.65 14.01 52.17
C VAL A 307 8.09 15.46 52.31
N LEU A 308 9.39 15.74 52.18
CA LEU A 308 9.84 17.13 52.24
C LEU A 308 9.38 17.91 51.01
N MET A 309 9.17 17.24 49.88
CA MET A 309 8.66 17.92 48.70
C MET A 309 7.25 18.45 48.94
N SER A 310 6.40 17.66 49.58
CA SER A 310 5.02 18.08 49.86
C SER A 310 4.91 18.94 51.11
N SER A 311 6.00 19.08 51.87
CA SER A 311 5.98 19.88 53.10
C SER A 311 6.33 21.32 52.75
N LYS A 312 5.32 22.17 52.63
CA LYS A 312 5.50 23.57 52.27
C LYS A 312 5.07 24.45 53.42
N TYR A 313 5.96 25.35 53.84
CA TYR A 313 5.60 26.32 54.87
C TYR A 313 4.56 27.30 54.35
N ALA A 314 3.57 27.60 55.17
CA ALA A 314 2.54 28.57 54.79
C ALA A 314 3.14 29.95 54.59
N ASP A 315 4.06 30.36 55.46
CA ASP A 315 4.70 31.66 55.37
C ASP A 315 6.15 31.51 55.81
N GLY A 316 6.81 32.64 56.02
CA GLY A 316 8.20 32.62 56.46
C GLY A 316 8.78 34.01 56.40
N VAL A 317 9.93 34.14 57.07
CA VAL A 317 10.62 35.43 57.10
C VAL A 317 11.05 35.83 55.70
N THR A 318 11.54 34.86 54.91
CA THR A 318 11.93 35.12 53.54
C THR A 318 10.77 35.05 52.56
N GLY A 319 9.59 34.61 53.00
CA GLY A 319 8.45 34.50 52.13
C GLY A 319 7.90 33.08 52.07
N ARG A 320 7.13 32.79 51.03
CA ARG A 320 6.59 31.44 50.84
C ARG A 320 7.72 30.47 50.57
N VAL A 321 7.71 29.33 51.28
CA VAL A 321 8.75 28.32 51.11
C VAL A 321 8.16 27.09 50.44
N GLU A 322 8.30 27.03 49.11
CA GLU A 322 7.84 25.91 48.32
C GLU A 322 9.03 25.32 47.56
N PHE A 323 8.91 24.05 47.22
CA PHE A 323 10.01 23.30 46.61
C PHE A 323 9.67 22.90 45.18
N ASN A 324 10.69 22.90 44.32
CA ASN A 324 10.54 22.47 42.94
C ASN A 324 10.68 20.95 42.87
N GLU A 325 10.72 20.42 41.65
CA GLU A 325 10.89 18.98 41.47
C GLU A 325 12.27 18.52 41.93
N ASP A 326 13.27 19.39 41.86
CA ASP A 326 14.60 19.09 42.34
C ASP A 326 14.82 19.51 43.78
N GLY A 327 13.83 20.13 44.42
CA GLY A 327 13.97 20.55 45.80
C GLY A 327 14.50 21.95 46.01
N ASP A 328 14.51 22.79 44.97
CA ASP A 328 15.04 24.14 45.09
C ASP A 328 13.99 25.04 45.71
N ARG A 329 14.24 26.36 45.68
CA ARG A 329 13.30 27.34 46.18
C ARG A 329 12.35 27.76 45.07
N LYS A 330 11.07 27.83 45.39
CA LYS A 330 10.04 28.22 44.44
C LYS A 330 9.60 29.66 44.68
N PHE A 331 9.25 30.34 43.58
CA PHE A 331 8.70 31.70 43.62
C PHE A 331 9.64 32.66 44.33
N ALA A 332 10.94 32.50 44.11
CA ALA A 332 11.91 33.43 44.66
C ALA A 332 11.73 34.82 44.04
N ASN A 333 11.99 35.84 44.84
CA ASN A 333 11.81 37.22 44.42
C ASN A 333 13.17 37.85 44.14
N TYR A 334 13.33 38.38 42.93
CA TYR A 334 14.54 39.07 42.53
C TYR A 334 14.25 40.55 42.36
N SER A 335 15.10 41.40 42.95
CA SER A 335 14.95 42.85 42.86
C SER A 335 15.72 43.35 41.65
N ILE A 336 15.00 43.75 40.61
CA ILE A 336 15.64 44.26 39.40
C ILE A 336 16.41 45.52 39.74
N MET A 337 17.64 45.62 39.27
CA MET A 337 18.53 46.70 39.63
C MET A 337 19.22 47.22 38.38
N ASN A 338 19.67 48.47 38.46
CA ASN A 338 20.32 49.14 37.33
C ASN A 338 21.43 50.05 37.83
N LEU A 339 22.54 50.09 37.09
CA LEU A 339 23.64 50.99 37.43
C LEU A 339 23.30 52.40 36.94
N GLN A 340 23.20 53.34 37.88
CA GLN A 340 22.97 54.74 37.58
C GLN A 340 24.10 55.56 38.19
N ASN A 341 24.81 56.32 37.36
CA ASN A 341 26.00 57.08 37.74
C ASN A 341 26.89 56.30 38.71
N ARG A 342 27.20 55.06 38.30
CA ARG A 342 28.04 54.15 39.08
C ARG A 342 27.48 53.90 40.47
N LYS A 343 26.15 53.80 40.57
CA LYS A 343 25.49 53.52 41.83
C LYS A 343 24.39 52.49 41.60
N LEU A 344 24.09 51.73 42.66
CA LEU A 344 23.08 50.69 42.60
C LEU A 344 21.71 51.32 42.86
N VAL A 345 20.86 51.34 41.84
CA VAL A 345 19.53 51.91 41.94
C VAL A 345 18.52 50.85 41.53
N GLN A 346 17.61 50.51 42.43
CA GLN A 346 16.59 49.52 42.13
C GLN A 346 15.64 50.04 41.07
N VAL A 347 15.10 49.11 40.28
CA VAL A 347 14.21 49.47 39.18
C VAL A 347 12.89 48.72 39.31
N GLY A 348 12.92 47.55 39.92
CA GLY A 348 11.70 46.77 40.06
C GLY A 348 11.97 45.50 40.85
N ILE A 349 10.91 44.72 41.02
CA ILE A 349 10.96 43.47 41.78
C ILE A 349 10.39 42.35 40.93
N TYR A 350 10.62 41.13 41.37
CA TYR A 350 10.00 39.94 40.80
C TYR A 350 8.99 39.40 41.80
N ASN A 351 7.74 39.23 41.35
CA ASN A 351 6.71 38.64 42.18
C ASN A 351 6.61 37.13 42.01
N GLY A 352 7.49 36.54 41.21
CA GLY A 352 7.48 35.12 40.95
C GLY A 352 6.69 34.70 39.74
N THR A 353 5.94 35.62 39.12
CA THR A 353 5.16 35.28 37.93
C THR A 353 5.42 36.27 36.81
N HIS A 354 5.73 37.52 37.15
CA HIS A 354 5.98 38.55 36.15
C HIS A 354 6.75 39.68 36.80
N VAL A 355 7.28 40.57 35.95
CA VAL A 355 8.10 41.68 36.42
C VAL A 355 7.20 42.80 36.91
N ILE A 356 7.48 43.29 38.11
CA ILE A 356 6.77 44.46 38.66
C ILE A 356 7.77 45.61 38.77
N PRO A 357 7.73 46.56 37.84
CA PRO A 357 8.70 47.65 37.85
C PRO A 357 8.20 48.84 38.67
N ASN A 358 9.13 49.74 38.98
CA ASN A 358 8.84 50.93 39.76
C ASN A 358 8.54 52.09 38.82
N ASP A 359 8.39 53.29 39.39
CA ASP A 359 8.26 54.51 38.61
C ASP A 359 9.59 55.20 38.38
N ARG A 360 10.67 54.67 38.94
CA ARG A 360 11.99 55.27 38.77
C ARG A 360 12.47 55.09 37.33
N LYS A 361 13.08 56.15 36.79
CA LYS A 361 13.60 56.08 35.43
C LYS A 361 14.77 55.12 35.34
N ILE A 362 14.92 54.51 34.17
CA ILE A 362 15.99 53.56 33.90
C ILE A 362 16.94 54.21 32.92
N ILE A 363 18.15 54.52 33.38
CA ILE A 363 19.17 55.12 32.53
C ILE A 363 19.81 53.99 31.73
N TRP A 364 19.45 53.89 30.45
CA TRP A 364 19.92 52.83 29.60
C TRP A 364 21.40 53.04 29.28
N PRO A 365 22.10 51.99 28.83
CA PRO A 365 23.54 52.10 28.60
C PRO A 365 23.87 53.20 27.60
N GLY A 366 24.99 53.86 27.84
CA GLY A 366 25.38 55.01 27.05
C GLY A 366 24.76 56.31 27.49
N GLY A 367 23.98 56.31 28.57
CA GLY A 367 23.33 57.51 29.05
C GLY A 367 22.03 57.87 28.37
N GLU A 368 21.52 57.00 27.50
CA GLU A 368 20.28 57.30 26.79
C GLU A 368 19.09 57.17 27.71
N THR A 369 18.28 58.23 27.77
CA THR A 369 17.09 58.21 28.63
C THR A 369 16.00 57.33 28.03
N GLU A 370 15.77 57.43 26.73
CA GLU A 370 14.71 56.66 26.09
C GLU A 370 15.11 55.20 25.97
N LYS A 371 14.12 54.33 25.89
CA LYS A 371 14.37 52.91 25.75
C LYS A 371 14.86 52.61 24.34
N PRO A 372 16.05 52.04 24.18
CA PRO A 372 16.51 51.68 22.84
C PRO A 372 15.66 50.55 22.25
N ARG A 373 15.55 50.56 20.93
CA ARG A 373 14.71 49.58 20.25
C ARG A 373 15.23 48.16 20.41
N GLY A 374 16.54 48.00 20.57
CA GLY A 374 17.11 46.67 20.69
C GLY A 374 17.21 45.91 19.40
N TYR A 375 17.24 46.59 18.26
CA TYR A 375 17.36 45.94 16.97
C TYR A 375 17.90 46.95 15.98
N GLN A 376 18.46 46.43 14.88
CA GLN A 376 18.93 47.30 13.81
C GLN A 376 19.01 46.48 12.54
N MET A 377 18.16 46.80 11.57
CA MET A 377 18.18 46.13 10.28
C MET A 377 19.55 46.28 9.62
N SER A 378 20.08 45.19 9.09
CA SER A 378 21.36 45.20 8.39
C SER A 378 21.07 45.16 6.89
N THR A 379 21.13 46.32 6.24
CA THR A 379 20.89 46.37 4.81
C THR A 379 21.97 45.60 4.05
N ARG A 380 23.23 45.75 4.45
CA ARG A 380 24.29 44.98 3.83
C ARG A 380 24.08 43.50 4.10
N LEU A 381 24.16 42.69 3.04
CA LEU A 381 23.82 41.28 3.12
C LEU A 381 24.97 40.43 2.61
N LYS A 382 24.98 39.18 3.03
CA LYS A 382 25.94 38.18 2.58
C LYS A 382 25.18 37.06 1.91
N ILE A 383 25.58 36.72 0.70
CA ILE A 383 24.82 35.82 -0.16
C ILE A 383 25.73 34.70 -0.64
N VAL A 384 25.27 33.47 -0.55
CA VAL A 384 26.05 32.30 -0.91
C VAL A 384 25.44 31.67 -2.15
N THR A 385 26.26 31.49 -3.18
CA THR A 385 25.85 30.90 -4.44
C THR A 385 26.77 29.72 -4.74
N ILE A 386 26.27 28.79 -5.55
CA ILE A 386 27.04 27.62 -5.96
C ILE A 386 27.08 27.60 -7.48
N HIS A 387 28.27 27.41 -8.03
CA HIS A 387 28.45 27.37 -9.48
C HIS A 387 27.45 26.42 -10.12
N GLN A 388 26.57 26.98 -10.94
CA GLN A 388 25.58 26.20 -11.69
C GLN A 388 25.49 26.79 -13.08
N GLU A 389 25.39 25.91 -14.08
CA GLU A 389 25.73 26.31 -15.45
C GLU A 389 24.86 27.43 -15.99
N PRO A 390 23.52 27.34 -15.99
CA PRO A 390 22.73 28.44 -16.59
C PRO A 390 22.41 29.55 -15.61
N PHE A 391 22.44 29.26 -14.31
CA PHE A 391 21.90 30.18 -13.31
C PHE A 391 22.97 31.09 -12.73
N VAL A 392 24.13 30.53 -12.37
CA VAL A 392 25.23 31.35 -11.90
C VAL A 392 26.55 30.82 -12.43
N TYR A 393 27.06 31.47 -13.47
CA TYR A 393 28.39 31.14 -13.98
C TYR A 393 29.44 31.69 -13.04
N VAL A 394 30.63 31.11 -13.11
CA VAL A 394 31.78 31.58 -12.34
C VAL A 394 32.98 31.66 -13.27
N LYS A 395 33.55 32.84 -13.40
CA LYS A 395 34.72 33.06 -14.25
C LYS A 395 35.80 33.77 -13.44
N PRO A 396 37.06 33.52 -13.77
CA PRO A 396 38.15 34.24 -13.10
C PRO A 396 38.13 35.72 -13.45
N THR A 397 38.63 36.52 -12.52
CA THR A 397 38.72 37.96 -12.72
C THR A 397 39.80 38.27 -13.75
N LEU A 398 39.80 39.51 -14.23
CA LEU A 398 40.76 39.96 -15.22
C LEU A 398 42.13 40.14 -14.55
N SER A 399 43.09 40.66 -15.32
CA SER A 399 44.44 40.81 -14.83
C SER A 399 44.50 41.77 -13.64
N ASP A 400 43.79 42.88 -13.73
CA ASP A 400 43.80 43.90 -12.68
C ASP A 400 42.79 43.61 -11.59
N GLY A 401 42.33 42.37 -11.47
CA GLY A 401 41.37 42.03 -10.44
C GLY A 401 39.97 42.52 -10.70
N THR A 402 39.65 42.86 -11.94
CA THR A 402 38.33 43.33 -12.32
C THR A 402 37.62 42.25 -13.13
N CYS A 403 36.38 42.54 -13.53
CA CYS A 403 35.53 41.60 -14.24
C CYS A 403 35.50 41.96 -15.72
N LYS A 404 35.72 40.96 -16.56
CA LYS A 404 35.72 41.19 -18.01
C LYS A 404 34.36 41.70 -18.45
N GLU A 405 34.36 42.75 -19.27
CA GLU A 405 33.14 43.35 -19.77
C GLU A 405 32.73 42.64 -21.04
N GLU A 406 31.56 42.00 -21.01
CA GLU A 406 31.04 41.26 -22.16
C GLU A 406 29.62 41.73 -22.45
N PHE A 407 29.08 41.24 -23.57
CA PHE A 407 27.78 41.68 -24.04
C PHE A 407 26.96 40.46 -24.47
N THR A 408 25.64 40.63 -24.44
CA THR A 408 24.72 39.59 -24.87
C THR A 408 24.59 39.60 -26.39
N VAL A 409 23.71 38.74 -26.90
CA VAL A 409 23.43 38.73 -28.33
C VAL A 409 22.77 40.03 -28.76
N ASN A 410 21.85 40.54 -27.93
CA ASN A 410 21.15 41.77 -28.26
C ASN A 410 22.12 42.96 -28.34
N GLY A 411 23.09 43.00 -27.44
CA GLY A 411 24.03 44.10 -27.41
C GLY A 411 23.91 44.91 -26.14
N ASP A 412 23.53 44.25 -25.05
CA ASP A 412 23.34 44.86 -23.74
C ASP A 412 24.45 44.44 -22.79
N PRO A 413 24.76 45.26 -21.80
CA PRO A 413 25.77 44.86 -20.80
C PRO A 413 25.32 43.63 -20.03
N VAL A 414 26.30 42.81 -19.67
CA VAL A 414 26.05 41.62 -18.85
C VAL A 414 26.42 41.98 -17.42
N LYS A 415 25.41 42.12 -16.55
CA LYS A 415 25.63 42.51 -15.17
C LYS A 415 26.39 41.41 -14.44
N LYS A 416 27.60 41.72 -14.01
CA LYS A 416 28.44 40.76 -13.29
C LYS A 416 28.74 41.29 -11.90
N VAL A 417 28.92 40.37 -10.97
CA VAL A 417 29.28 40.70 -9.60
C VAL A 417 30.52 39.91 -9.24
N ILE A 418 31.29 40.43 -8.30
CA ILE A 418 32.57 39.84 -7.92
C ILE A 418 32.33 38.87 -6.77
N CYS A 419 32.44 37.58 -7.07
CA CYS A 419 32.36 36.55 -6.05
C CYS A 419 33.68 36.45 -5.30
N THR A 420 33.66 35.71 -4.21
CA THR A 420 34.82 35.49 -3.36
C THR A 420 34.92 34.03 -3.00
N GLY A 421 34.80 33.17 -4.00
CA GLY A 421 34.80 31.74 -3.77
C GLY A 421 36.20 31.15 -3.76
N PRO A 422 36.28 29.84 -3.58
CA PRO A 422 37.59 29.18 -3.57
C PRO A 422 38.21 29.10 -4.95
N ASN A 423 39.35 28.43 -5.05
CA ASN A 423 40.06 28.30 -6.32
C ASN A 423 39.28 27.39 -7.26
N ASP A 424 39.88 27.09 -8.41
CA ASP A 424 39.19 26.27 -9.41
C ASP A 424 38.87 24.88 -8.86
N THR A 425 39.77 24.31 -8.06
CA THR A 425 39.59 22.93 -7.59
C THR A 425 38.88 22.88 -6.24
N SER A 426 39.48 23.46 -5.22
CA SER A 426 38.97 23.36 -3.85
C SER A 426 39.80 24.27 -2.96
N PRO A 427 39.28 24.66 -1.80
CA PRO A 427 40.06 25.48 -0.86
C PRO A 427 40.80 24.69 0.21
N GLY A 428 40.78 23.36 0.17
CA GLY A 428 41.39 22.57 1.23
C GLY A 428 42.91 22.65 1.24
N SER A 429 43.55 22.05 0.24
CA SER A 429 45.00 22.16 0.13
C SER A 429 45.40 23.50 -0.48
N PRO A 430 44.73 23.99 -1.53
CA PRO A 430 45.02 25.38 -1.93
C PRO A 430 44.24 26.38 -1.08
N ARG A 431 44.77 26.69 0.09
CA ARG A 431 44.10 27.55 1.06
C ARG A 431 44.16 28.99 0.55
N HIS A 432 43.24 29.30 -0.36
CA HIS A 432 43.22 30.61 -1.02
C HIS A 432 41.86 30.77 -1.69
N THR A 433 41.18 31.87 -1.41
CA THR A 433 39.86 32.15 -1.95
C THR A 433 39.97 33.38 -2.84
N VAL A 434 40.32 33.15 -4.11
CA VAL A 434 40.55 34.26 -5.04
C VAL A 434 39.21 34.85 -5.45
N PRO A 435 39.09 36.17 -5.57
CA PRO A 435 37.86 36.74 -6.14
C PRO A 435 37.64 36.28 -7.57
N GLN A 436 36.37 36.09 -7.92
CA GLN A 436 36.01 35.63 -9.25
C GLN A 436 34.93 36.52 -9.85
N CYS A 437 34.38 36.12 -10.98
CA CYS A 437 33.33 36.87 -11.67
C CYS A 437 32.10 35.99 -11.79
N CYS A 438 30.97 36.48 -11.29
CA CYS A 438 29.74 35.72 -11.26
C CYS A 438 28.66 36.45 -12.04
N TYR A 439 27.92 35.71 -12.86
CA TYR A 439 26.80 36.25 -13.60
C TYR A 439 25.88 35.10 -13.94
N GLY A 440 24.63 35.44 -14.22
CA GLY A 440 23.68 34.43 -14.65
C GLY A 440 22.28 34.81 -14.26
N PHE A 441 21.40 33.81 -14.34
CA PHE A 441 19.98 34.01 -14.04
C PHE A 441 19.81 34.52 -12.62
N CYS A 442 20.49 33.90 -11.66
CA CYS A 442 20.27 34.23 -10.25
C CYS A 442 20.92 35.56 -9.89
N ILE A 443 22.12 35.82 -10.41
CA ILE A 443 22.78 37.09 -10.14
C ILE A 443 22.01 38.24 -10.77
N ASP A 444 21.44 38.02 -11.96
CA ASP A 444 20.61 39.06 -12.56
C ASP A 444 19.31 39.23 -11.81
N LEU A 445 18.83 38.18 -11.15
CA LEU A 445 17.65 38.29 -10.30
C LEU A 445 17.99 38.91 -8.94
N LEU A 446 19.18 38.61 -8.42
CA LEU A 446 19.59 39.21 -7.16
C LEU A 446 19.75 40.72 -7.28
N ILE A 447 20.33 41.18 -8.39
CA ILE A 447 20.52 42.61 -8.60
C ILE A 447 19.17 43.32 -8.63
N LYS A 448 18.16 42.67 -9.21
CA LYS A 448 16.81 43.22 -9.18
C LYS A 448 16.29 43.29 -7.74
N LEU A 449 16.55 42.25 -6.95
CA LEU A 449 16.10 42.26 -5.55
C LEU A 449 16.77 43.39 -4.77
N ALA A 450 18.07 43.59 -4.98
CA ALA A 450 18.77 44.65 -4.26
C ALA A 450 18.26 46.02 -4.66
N ARG A 451 18.03 46.23 -5.96
CA ARG A 451 17.51 47.52 -6.42
C ARG A 451 16.10 47.75 -5.92
N THR A 452 15.27 46.71 -5.93
CA THR A 452 13.88 46.85 -5.51
C THR A 452 13.77 47.16 -4.02
N MET A 453 14.45 46.37 -3.18
CA MET A 453 14.30 46.49 -1.73
C MET A 453 15.38 47.32 -1.07
N ASN A 454 16.32 47.87 -1.85
CA ASN A 454 17.33 48.80 -1.35
C ASN A 454 18.17 48.17 -0.24
N PHE A 455 18.91 47.13 -0.60
CA PHE A 455 19.90 46.54 0.28
C PHE A 455 21.16 46.24 -0.50
N THR A 456 22.28 46.21 0.20
CA THR A 456 23.57 45.91 -0.39
C THR A 456 23.95 44.46 -0.10
N TYR A 457 24.80 43.90 -0.96
CA TYR A 457 25.10 42.48 -0.90
C TYR A 457 26.59 42.25 -1.09
N GLU A 458 27.03 41.05 -0.69
CA GLU A 458 28.41 40.60 -0.89
C GLU A 458 28.35 39.13 -1.28
N VAL A 459 28.35 38.86 -2.58
CA VAL A 459 28.20 37.50 -3.08
C VAL A 459 29.49 36.73 -2.89
N HIS A 460 29.39 35.54 -2.30
CA HIS A 460 30.53 34.65 -2.16
C HIS A 460 30.08 33.22 -2.41
N LEU A 461 30.91 32.46 -3.11
CA LEU A 461 30.56 31.08 -3.41
C LEU A 461 30.63 30.23 -2.14
N VAL A 462 30.00 29.06 -2.22
CA VAL A 462 29.96 28.15 -1.08
C VAL A 462 31.32 27.45 -0.97
N ALA A 463 31.87 27.42 0.24
CA ALA A 463 33.16 26.77 0.45
C ALA A 463 33.07 25.27 0.24
N ASP A 464 32.02 24.64 0.76
CA ASP A 464 31.89 23.20 0.66
C ASP A 464 31.76 22.75 -0.78
N GLY A 465 30.99 23.47 -1.59
CA GLY A 465 30.67 23.06 -2.94
C GLY A 465 29.41 22.25 -3.07
N LYS A 466 28.71 22.01 -1.98
CA LYS A 466 27.49 21.21 -1.96
C LYS A 466 26.26 22.11 -1.83
N PHE A 467 25.12 21.59 -2.27
CA PHE A 467 23.87 22.35 -2.19
C PHE A 467 23.35 22.41 -0.77
N GLY A 468 23.41 21.31 -0.04
CA GLY A 468 22.96 21.30 1.33
C GLY A 468 22.20 20.05 1.73
N THR A 469 22.64 19.41 2.80
CA THR A 469 22.00 18.20 3.32
C THR A 469 22.38 18.03 4.77
N GLN A 470 21.64 17.17 5.47
CA GLN A 470 21.84 16.92 6.89
C GLN A 470 22.66 15.65 7.06
N GLU A 471 23.65 15.71 7.95
CA GLU A 471 24.54 14.59 8.20
C GLU A 471 24.70 14.37 9.70
N ARG A 472 24.98 13.13 10.08
CA ARG A 472 25.20 12.82 11.49
C ARG A 472 26.60 13.25 11.94
N VAL A 473 27.60 13.09 11.08
CA VAL A 473 29.00 13.43 11.35
C VAL A 473 29.57 12.50 12.43
N ASN A 474 28.80 12.27 13.49
CA ASN A 474 29.09 11.37 14.61
C ASN A 474 30.20 11.88 15.52
N ASN A 475 30.77 13.05 15.25
CA ASN A 475 31.67 13.66 16.21
C ASN A 475 30.92 14.14 17.44
N SER A 476 29.61 14.35 17.33
CA SER A 476 28.79 14.74 18.48
C SER A 476 27.45 14.02 18.50
N ASN A 477 27.22 13.07 17.59
CA ASN A 477 25.96 12.33 17.50
C ASN A 477 24.77 13.28 17.34
N LYS A 478 24.95 14.33 16.53
CA LYS A 478 23.89 15.28 16.26
C LYS A 478 23.91 15.64 14.78
N LYS A 479 22.74 16.03 14.27
CA LYS A 479 22.58 16.36 12.86
C LYS A 479 22.92 17.81 12.60
N GLU A 480 23.65 18.05 11.50
CA GLU A 480 24.01 19.40 11.09
C GLU A 480 24.02 19.46 9.57
N TRP A 481 23.93 20.68 9.04
CA TRP A 481 23.78 20.89 7.61
C TRP A 481 25.14 21.10 6.95
N ASN A 482 25.27 20.61 5.73
CA ASN A 482 26.52 20.68 4.98
C ASN A 482 26.23 21.25 3.59
N GLY A 483 26.65 22.48 3.35
CA GLY A 483 26.43 23.15 2.09
C GLY A 483 26.07 24.59 2.34
N MET A 484 25.37 25.21 1.39
CA MET A 484 24.87 26.55 1.64
C MET A 484 23.73 26.55 2.63
N MET A 485 23.10 25.40 2.88
CA MET A 485 22.16 25.30 3.99
C MET A 485 22.86 25.50 5.31
N GLY A 486 24.04 24.93 5.47
CA GLY A 486 24.81 25.09 6.68
C GLY A 486 25.57 26.39 6.79
N GLU A 487 25.65 27.16 5.70
CA GLU A 487 26.21 28.50 5.76
C GLU A 487 25.17 29.55 6.11
N LEU A 488 23.93 29.35 5.65
CA LEU A 488 22.87 30.29 5.98
C LEU A 488 22.44 30.17 7.43
N LEU A 489 22.36 28.95 7.94
CA LEU A 489 21.94 28.74 9.32
C LEU A 489 23.02 29.09 10.32
N SER A 490 24.29 29.03 9.92
CA SER A 490 25.40 29.35 10.81
C SER A 490 25.80 30.81 10.75
N GLY A 491 25.07 31.65 10.02
CA GLY A 491 25.34 33.06 9.97
C GLY A 491 26.33 33.50 8.93
N GLN A 492 26.95 32.57 8.20
CA GLN A 492 27.92 32.95 7.18
C GLN A 492 27.27 33.61 5.98
N ALA A 493 25.95 33.50 5.83
CA ALA A 493 25.25 34.10 4.71
C ALA A 493 23.85 34.49 5.16
N ASP A 494 23.41 35.67 4.73
CA ASP A 494 22.08 36.15 5.06
C ASP A 494 21.02 35.67 4.07
N MET A 495 21.43 35.07 2.96
CA MET A 495 20.51 34.66 1.91
C MET A 495 21.19 33.57 1.08
N ILE A 496 20.38 32.85 0.32
CA ILE A 496 20.88 31.84 -0.62
C ILE A 496 20.22 32.14 -1.96
N VAL A 497 20.98 32.71 -2.88
CA VAL A 497 20.46 32.96 -4.21
C VAL A 497 21.10 31.96 -5.18
N ALA A 498 20.43 30.84 -5.39
CA ALA A 498 20.98 29.76 -6.17
C ALA A 498 19.85 28.84 -6.58
N PRO A 499 20.09 27.89 -7.49
CA PRO A 499 19.07 26.89 -7.78
C PRO A 499 18.84 25.95 -6.61
N LEU A 500 18.19 26.45 -5.56
CA LEU A 500 17.97 25.69 -4.35
C LEU A 500 16.51 25.26 -4.32
N THR A 501 16.27 23.96 -4.55
CA THR A 501 14.90 23.49 -4.63
C THR A 501 14.21 23.53 -3.28
N ILE A 502 12.90 23.71 -3.31
CA ILE A 502 12.09 23.77 -2.10
C ILE A 502 11.83 22.33 -1.64
N ASN A 503 12.24 22.03 -0.42
CA ASN A 503 12.19 20.69 0.12
C ASN A 503 11.48 20.72 1.47
N ASN A 504 11.05 19.55 1.91
CA ASN A 504 10.42 19.46 3.22
C ASN A 504 11.45 19.64 4.34
N GLU A 505 12.59 18.96 4.23
CA GLU A 505 13.60 19.04 5.28
C GLU A 505 14.17 20.45 5.40
N ARG A 506 14.50 21.08 4.28
CA ARG A 506 15.06 22.41 4.33
C ARG A 506 14.03 23.43 4.81
N ALA A 507 12.75 23.21 4.52
CA ALA A 507 11.72 24.17 4.91
C ALA A 507 11.52 24.23 6.42
N GLN A 508 11.89 23.18 7.15
CA GLN A 508 11.73 23.21 8.60
C GLN A 508 12.68 24.18 9.25
N TYR A 509 13.86 24.38 8.67
CA TYR A 509 14.89 25.22 9.26
C TYR A 509 15.01 26.59 8.60
N ILE A 510 14.73 26.70 7.30
CA ILE A 510 14.79 27.98 6.61
C ILE A 510 13.49 28.18 5.85
N GLU A 511 13.19 29.44 5.56
CA GLU A 511 11.96 29.80 4.86
C GLU A 511 12.31 30.15 3.43
N PHE A 512 11.84 29.33 2.50
CA PHE A 512 12.00 29.62 1.08
C PHE A 512 11.02 30.70 0.65
N SER A 513 11.42 31.46 -0.36
CA SER A 513 10.51 32.38 -1.00
C SER A 513 9.59 31.61 -1.93
N LYS A 514 8.68 32.33 -2.58
CA LYS A 514 7.91 31.72 -3.66
C LYS A 514 8.86 31.36 -4.80
N PRO A 515 8.65 30.23 -5.47
CA PRO A 515 9.61 29.79 -6.48
C PRO A 515 9.79 30.83 -7.57
N PHE A 516 11.04 31.02 -7.98
CA PHE A 516 11.34 31.84 -9.14
C PHE A 516 11.57 31.00 -10.38
N LYS A 517 11.42 29.69 -10.28
CA LYS A 517 11.60 28.79 -11.42
C LYS A 517 10.93 27.48 -11.09
N TYR A 518 9.92 27.11 -11.87
CA TYR A 518 9.24 25.84 -11.69
C TYR A 518 9.85 24.81 -12.61
N GLN A 519 10.26 23.68 -12.04
CA GLN A 519 10.95 22.65 -12.81
C GLN A 519 10.73 21.31 -12.13
N GLY A 520 11.50 20.32 -12.56
CA GLY A 520 11.45 19.00 -11.98
C GLY A 520 12.75 18.28 -12.21
N LEU A 521 12.71 16.96 -11.99
CA LEU A 521 13.88 16.12 -12.16
C LEU A 521 13.78 15.32 -13.45
N THR A 522 14.84 15.36 -14.24
CA THR A 522 14.93 14.60 -15.48
C THR A 522 16.09 13.62 -15.40
N ILE A 523 16.35 12.96 -16.54
CA ILE A 523 17.48 12.05 -16.70
C ILE A 523 18.22 12.48 -17.96
N LEU A 524 19.52 12.66 -17.85
CA LEU A 524 20.35 13.09 -18.98
C LEU A 524 21.11 11.89 -19.54
N VAL A 525 20.95 11.65 -20.84
CA VAL A 525 21.58 10.52 -21.52
C VAL A 525 22.23 11.04 -22.80
N LYS A 526 23.05 10.18 -23.40
CA LYS A 526 23.78 10.57 -24.59
C LYS A 526 22.90 10.47 -25.84
N LYS A 527 23.40 11.02 -26.95
CA LYS A 527 22.63 11.14 -28.18
C LYS A 527 23.49 10.69 -29.35
N GLU A 528 22.83 10.47 -30.49
CA GLU A 528 23.51 10.05 -31.71
C GLU A 528 23.08 10.92 -32.88
N ILE A 529 24.04 11.29 -33.72
CA ILE A 529 23.72 12.03 -34.95
C ILE A 529 23.14 11.07 -35.97
N PRO A 530 22.08 11.43 -36.68
CA PRO A 530 21.50 10.51 -37.67
C PRO A 530 22.49 10.20 -38.79
N ARG A 531 22.42 8.97 -39.29
CA ARG A 531 23.32 8.51 -40.33
C ARG A 531 22.64 7.76 -41.47
N SER A 532 21.41 7.29 -41.28
CA SER A 532 20.60 6.60 -42.28
C SER A 532 21.07 5.18 -42.54
N THR A 533 22.24 4.82 -42.02
CA THR A 533 22.70 3.42 -41.91
C THR A 533 22.41 2.58 -43.14
N LEU A 534 22.41 3.20 -44.32
CA LEU A 534 22.20 2.50 -45.58
C LEU A 534 23.57 2.23 -46.19
N ASP A 535 23.96 0.95 -46.23
CA ASP A 535 25.30 0.59 -46.64
C ASP A 535 25.55 0.96 -48.10
N SER A 536 24.65 0.57 -48.98
CA SER A 536 24.81 0.82 -50.41
C SER A 536 23.46 0.73 -51.07
N PHE A 537 23.44 0.95 -52.39
CA PHE A 537 22.20 0.94 -53.14
C PHE A 537 21.59 -0.45 -53.29
N MET A 538 22.31 -1.50 -52.90
CA MET A 538 21.87 -2.86 -53.13
C MET A 538 21.04 -3.45 -52.00
N GLN A 539 20.85 -2.70 -50.91
CA GLN A 539 20.20 -3.28 -49.74
C GLN A 539 18.78 -3.79 -49.98
N PRO A 540 17.90 -3.09 -50.71
CA PRO A 540 16.54 -3.60 -50.85
C PRO A 540 16.44 -5.00 -51.41
N PHE A 541 17.35 -5.41 -52.29
CA PHE A 541 17.33 -6.73 -52.89
C PHE A 541 18.52 -7.53 -52.41
N GLN A 542 18.28 -8.78 -52.05
CA GLN A 542 19.38 -9.67 -51.72
C GLN A 542 20.25 -9.89 -52.95
N SER A 543 21.49 -10.31 -52.71
CA SER A 543 22.44 -10.47 -53.81
C SER A 543 21.99 -11.52 -54.80
N THR A 544 21.19 -12.50 -54.36
CA THR A 544 20.66 -13.49 -55.29
C THR A 544 19.51 -12.92 -56.12
N LEU A 545 18.72 -12.01 -55.56
CA LEU A 545 17.66 -11.40 -56.35
C LEU A 545 18.24 -10.45 -57.40
N TRP A 546 19.39 -9.87 -57.14
CA TRP A 546 20.08 -9.09 -58.16
C TRP A 546 20.52 -9.97 -59.33
N LEU A 547 21.02 -11.18 -59.02
CA LEU A 547 21.42 -12.11 -60.07
C LEU A 547 20.24 -12.58 -60.89
N LEU A 548 19.19 -13.05 -60.21
CA LEU A 548 18.04 -13.60 -60.91
C LEU A 548 17.40 -12.57 -61.82
N VAL A 549 17.31 -11.32 -61.37
CA VAL A 549 16.80 -10.25 -62.21
C VAL A 549 17.73 -10.03 -63.41
N GLY A 550 19.03 -10.00 -63.16
CA GLY A 550 19.98 -9.83 -64.25
C GLY A 550 20.01 -11.01 -65.20
N LEU A 551 19.93 -12.22 -64.64
CA LEU A 551 19.91 -13.42 -65.47
C LEU A 551 18.61 -13.59 -66.23
N SER A 552 17.52 -12.98 -65.75
CA SER A 552 16.25 -13.06 -66.45
C SER A 552 16.18 -12.13 -67.65
N VAL A 553 17.06 -11.13 -67.74
CA VAL A 553 17.12 -10.29 -68.92
C VAL A 553 17.52 -11.12 -70.13
N HIS A 554 18.56 -11.93 -69.97
CA HIS A 554 19.14 -12.69 -71.06
C HIS A 554 18.31 -13.89 -71.46
N VAL A 555 17.45 -14.37 -70.57
CA VAL A 555 16.51 -15.41 -70.96
C VAL A 555 15.38 -14.81 -71.78
N VAL A 556 14.85 -13.66 -71.36
CA VAL A 556 13.79 -12.99 -72.12
C VAL A 556 14.30 -12.52 -73.47
N ALA A 557 15.54 -12.02 -73.51
CA ALA A 557 16.11 -11.57 -74.78
C ALA A 557 16.16 -12.69 -75.79
N VAL A 558 16.57 -13.87 -75.36
CA VAL A 558 16.74 -15.00 -76.28
C VAL A 558 15.40 -15.43 -76.85
N MET A 559 14.38 -15.57 -76.00
CA MET A 559 13.09 -16.02 -76.50
C MET A 559 12.38 -14.92 -77.28
N LEU A 560 12.64 -13.64 -76.97
CA LEU A 560 12.15 -12.58 -77.84
C LEU A 560 12.74 -12.72 -79.23
N TYR A 561 14.02 -13.08 -79.31
CA TYR A 561 14.65 -13.33 -80.59
C TYR A 561 14.12 -14.61 -81.23
N LEU A 562 14.03 -15.69 -80.45
CA LEU A 562 13.67 -16.98 -81.00
C LEU A 562 12.21 -17.02 -81.47
N LEU A 563 11.30 -16.46 -80.67
CA LEU A 563 9.90 -16.42 -81.08
C LEU A 563 9.73 -15.58 -82.34
N ASP A 564 10.40 -14.42 -82.39
CA ASP A 564 10.29 -13.57 -83.56
C ASP A 564 10.91 -14.21 -84.80
N ARG A 565 12.08 -14.82 -84.64
CA ARG A 565 12.77 -15.40 -85.78
C ARG A 565 11.98 -16.54 -86.39
N PHE A 566 11.38 -17.38 -85.56
CA PHE A 566 10.72 -18.59 -86.03
C PHE A 566 9.20 -18.47 -86.06
N SER A 567 8.67 -17.27 -85.94
CA SER A 567 7.25 -17.11 -86.12
C SER A 567 6.89 -17.15 -87.60
N PRO A 568 5.69 -17.59 -87.96
CA PRO A 568 5.22 -17.56 -89.34
C PRO A 568 4.59 -16.21 -89.72
N ASP A 582 10.16 -5.10 -88.80
CA ASP A 582 11.38 -5.89 -88.94
C ASP A 582 11.53 -6.87 -87.79
N ALA A 583 12.01 -8.06 -88.09
CA ALA A 583 12.18 -9.09 -87.07
C ALA A 583 13.31 -8.72 -86.11
N LEU A 584 13.16 -9.12 -84.86
CA LEU A 584 14.11 -8.75 -83.81
C LEU A 584 15.38 -9.58 -83.96
N THR A 585 16.50 -8.91 -84.23
CA THR A 585 17.78 -9.58 -84.21
C THR A 585 18.17 -9.90 -82.77
N LEU A 586 19.22 -10.71 -82.62
CA LEU A 586 19.63 -11.12 -81.28
C LEU A 586 20.08 -9.94 -80.45
N SER A 587 20.87 -9.03 -81.02
CA SER A 587 21.33 -7.88 -80.28
C SER A 587 20.19 -6.93 -79.98
N SER A 588 19.29 -6.70 -80.94
CA SER A 588 18.18 -5.80 -80.71
C SER A 588 17.24 -6.33 -79.64
N ALA A 589 17.13 -7.65 -79.51
CA ALA A 589 16.34 -8.22 -78.42
C ALA A 589 17.01 -7.95 -77.08
N MET A 590 18.34 -7.96 -77.03
CA MET A 590 19.04 -7.64 -75.80
C MET A 590 18.83 -6.18 -75.39
N TRP A 591 18.90 -5.27 -76.36
CA TRP A 591 18.67 -3.87 -76.05
C TRP A 591 17.25 -3.64 -75.58
N PHE A 592 16.31 -4.43 -76.07
CA PHE A 592 14.93 -4.32 -75.60
C PHE A 592 14.82 -4.71 -74.14
N SER A 593 15.37 -5.88 -73.78
CA SER A 593 15.25 -6.38 -72.41
C SER A 593 15.97 -5.47 -71.43
N TRP A 594 17.16 -5.00 -71.78
CA TRP A 594 17.88 -4.12 -70.89
C TRP A 594 17.27 -2.73 -70.86
N GLY A 595 16.87 -2.21 -72.03
CA GLY A 595 16.31 -0.87 -72.07
C GLY A 595 14.98 -0.77 -71.35
N VAL A 596 14.18 -1.83 -71.41
CA VAL A 596 12.92 -1.85 -70.68
C VAL A 596 13.19 -1.91 -69.18
N LEU A 597 14.22 -2.65 -68.78
CA LEU A 597 14.54 -2.76 -67.36
C LEU A 597 15.15 -1.47 -66.83
N LEU A 598 16.10 -0.89 -67.55
CA LEU A 598 16.81 0.30 -67.12
C LEU A 598 16.07 1.59 -67.43
N ASN A 599 14.95 1.52 -68.14
CA ASN A 599 14.18 2.69 -68.54
C ASN A 599 15.01 3.65 -69.39
N SER A 600 15.99 3.14 -70.12
CA SER A 600 16.67 3.95 -71.11
C SER A 600 15.93 3.85 -72.43
N GLY A 601 16.15 4.83 -73.29
CA GLY A 601 15.55 4.77 -74.61
C GLY A 601 16.32 3.95 -75.61
N ILE A 602 17.41 3.30 -75.19
CA ILE A 602 18.26 2.59 -76.12
C ILE A 602 17.54 1.36 -76.64
N GLY A 603 17.50 1.21 -77.95
CA GLY A 603 16.80 0.11 -78.58
C GLY A 603 15.41 0.51 -78.99
N GLU A 604 15.20 0.75 -80.28
CA GLU A 604 13.90 1.14 -80.81
C GLU A 604 13.13 -0.02 -81.41
N GLY A 605 13.63 -1.24 -81.27
CA GLY A 605 13.00 -2.38 -81.90
C GLY A 605 12.07 -3.15 -80.99
N ALA A 606 10.77 -2.93 -81.17
CA ALA A 606 9.77 -3.72 -80.47
C ALA A 606 9.65 -5.10 -81.10
N PRO A 607 9.14 -6.08 -80.36
CA PRO A 607 8.92 -7.40 -80.96
C PRO A 607 7.88 -7.34 -82.06
N ARG A 608 8.05 -8.22 -83.05
CA ARG A 608 7.14 -8.27 -84.19
C ARG A 608 6.03 -9.30 -84.02
N SER A 609 6.39 -10.54 -83.68
CA SER A 609 5.43 -11.61 -83.62
C SER A 609 4.41 -11.41 -82.50
N PHE A 610 3.24 -11.99 -82.69
CA PHE A 610 2.19 -11.91 -81.67
C PHE A 610 2.65 -12.55 -80.37
N SER A 611 3.42 -13.62 -80.44
CA SER A 611 3.89 -14.29 -79.25
C SER A 611 4.93 -13.45 -78.51
N ALA A 612 5.90 -12.90 -79.24
CA ALA A 612 6.94 -12.09 -78.63
C ALA A 612 6.45 -10.75 -78.13
N ARG A 613 5.24 -10.34 -78.51
CA ARG A 613 4.67 -9.12 -77.96
C ARG A 613 3.97 -9.34 -76.63
N ILE A 614 3.81 -10.59 -76.20
CA ILE A 614 3.28 -10.87 -74.87
C ILE A 614 4.39 -11.03 -73.87
N LEU A 615 5.40 -11.85 -74.20
CA LEU A 615 6.58 -11.96 -73.35
C LEU A 615 7.31 -10.64 -73.26
N GLY A 616 7.38 -9.90 -74.36
CA GLY A 616 8.00 -8.59 -74.32
C GLY A 616 7.18 -7.54 -73.61
N MET A 617 5.93 -7.84 -73.31
CA MET A 617 5.03 -6.93 -72.61
C MET A 617 4.79 -7.29 -71.16
N VAL A 618 4.87 -8.57 -70.81
CA VAL A 618 4.94 -8.96 -69.41
C VAL A 618 6.27 -8.54 -68.82
N TRP A 619 7.34 -8.65 -69.60
CA TRP A 619 8.65 -8.20 -69.16
C TRP A 619 8.63 -6.73 -68.73
N ALA A 620 7.87 -5.91 -69.45
CA ALA A 620 7.70 -4.52 -69.03
C ALA A 620 6.95 -4.42 -67.72
N GLY A 621 5.94 -5.27 -67.52
CA GLY A 621 5.24 -5.30 -66.25
C GLY A 621 6.09 -5.84 -65.13
N PHE A 622 6.90 -6.86 -65.42
CA PHE A 622 7.85 -7.39 -64.45
C PHE A 622 8.84 -6.32 -64.03
N ALA A 623 9.34 -5.55 -64.99
CA ALA A 623 10.33 -4.53 -64.70
C ALA A 623 9.75 -3.37 -63.90
N MET A 624 8.44 -3.11 -63.98
CA MET A 624 7.86 -2.07 -63.14
C MET A 624 7.75 -2.52 -61.69
N ILE A 625 7.31 -3.76 -61.48
CA ILE A 625 7.19 -4.29 -60.13
C ILE A 625 8.54 -4.41 -59.47
N ILE A 626 9.60 -4.62 -60.25
CA ILE A 626 10.94 -4.66 -59.69
C ILE A 626 11.34 -3.28 -59.18
N VAL A 627 11.14 -2.25 -59.99
CA VAL A 627 11.50 -0.90 -59.58
C VAL A 627 10.57 -0.38 -58.50
N ALA A 628 9.28 -0.70 -58.60
CA ALA A 628 8.32 -0.26 -57.59
C ALA A 628 8.61 -0.86 -56.23
N SER A 629 9.02 -2.13 -56.21
CA SER A 629 9.36 -2.78 -54.94
C SER A 629 10.69 -2.29 -54.41
N TYR A 630 11.64 -1.97 -55.27
CA TYR A 630 12.88 -1.36 -54.81
C TYR A 630 12.62 -0.03 -54.13
N THR A 631 11.76 0.80 -54.73
CA THR A 631 11.39 2.06 -54.10
C THR A 631 10.64 1.82 -52.80
N ALA A 632 9.71 0.87 -52.81
CA ALA A 632 8.89 0.61 -51.65
C ALA A 632 9.69 0.01 -50.51
N ASN A 633 10.59 -0.92 -50.82
CA ASN A 633 11.44 -1.50 -49.77
C ASN A 633 12.53 -0.56 -49.33
N LEU A 634 12.84 0.48 -50.12
CA LEU A 634 13.73 1.52 -49.64
C LEU A 634 13.01 2.43 -48.64
N ALA A 635 11.76 2.79 -48.94
CA ALA A 635 11.00 3.63 -48.03
C ALA A 635 10.72 2.91 -46.72
N ALA A 636 10.44 1.61 -46.79
CA ALA A 636 10.26 0.84 -45.56
C ALA A 636 11.52 0.86 -44.72
N PHE A 637 12.68 0.68 -45.36
CA PHE A 637 13.94 0.76 -44.64
C PHE A 637 14.13 2.14 -44.04
N LEU A 638 13.95 3.18 -44.85
CA LEU A 638 14.23 4.53 -44.38
C LEU A 638 13.25 4.97 -43.31
N VAL A 639 11.98 4.58 -43.42
CA VAL A 639 10.99 4.94 -42.42
C VAL A 639 11.24 4.17 -41.13
N LEU A 640 11.50 2.87 -41.24
CA LEU A 640 11.64 2.00 -40.08
C LEU A 640 13.07 1.92 -39.56
N ASP A 641 14.00 2.68 -40.12
CA ASP A 641 15.39 2.69 -39.65
C ASP A 641 15.46 3.57 -38.42
N ARG A 642 14.98 3.03 -37.30
CA ARG A 642 14.93 3.79 -36.08
C ARG A 642 16.03 3.34 -35.12
N PRO A 643 16.59 4.27 -34.34
CA PRO A 643 17.68 3.91 -33.43
C PRO A 643 17.13 3.34 -32.13
N GLU A 644 18.05 3.06 -31.21
CA GLU A 644 17.68 2.46 -29.94
C GLU A 644 16.88 3.44 -29.08
N GLU A 645 15.83 2.92 -28.46
CA GLU A 645 15.00 3.74 -27.57
C GLU A 645 15.70 3.93 -26.23
N ARG A 646 15.56 5.12 -25.67
CA ARG A 646 16.26 5.51 -24.45
C ARG A 646 15.42 5.20 -23.22
N ILE A 647 15.87 5.68 -22.07
CA ILE A 647 15.15 5.44 -20.81
C ILE A 647 13.80 6.14 -20.84
N THR A 648 12.88 5.63 -20.01
CA THR A 648 11.52 6.17 -19.95
C THR A 648 11.21 6.92 -18.67
N GLY A 649 12.10 6.88 -17.68
CA GLY A 649 11.89 7.59 -16.43
C GLY A 649 12.37 6.76 -15.27
N ILE A 650 11.90 7.13 -14.07
CA ILE A 650 12.24 6.36 -12.88
C ILE A 650 11.61 4.98 -12.94
N ASN A 651 10.40 4.89 -13.50
CA ASN A 651 9.68 3.63 -13.57
C ASN A 651 10.32 2.64 -14.54
N ASP A 652 11.31 3.06 -15.31
CA ASP A 652 11.96 2.16 -16.25
C ASP A 652 12.58 0.99 -15.50
N PRO A 653 12.29 -0.25 -15.88
CA PRO A 653 12.87 -1.39 -15.17
C PRO A 653 14.38 -1.48 -15.28
N ARG A 654 14.98 -0.79 -16.25
CA ARG A 654 16.43 -0.86 -16.40
C ARG A 654 17.16 -0.31 -15.19
N LEU A 655 16.69 0.81 -14.65
CA LEU A 655 17.33 1.41 -13.48
C LEU A 655 16.62 1.10 -12.17
N ARG A 656 15.33 0.75 -12.22
CA ARG A 656 14.64 0.34 -11.00
C ARG A 656 15.24 -0.94 -10.44
N ASN A 657 15.60 -1.87 -11.31
CA ASN A 657 16.34 -3.08 -10.95
C ASN A 657 17.63 -3.05 -11.74
N PRO A 658 18.69 -2.44 -11.20
CA PRO A 658 19.84 -2.06 -12.02
C PRO A 658 20.78 -3.21 -12.30
N SER A 659 21.73 -2.95 -13.19
CA SER A 659 22.81 -3.86 -13.51
C SER A 659 24.11 -3.08 -13.57
N ASP A 660 25.22 -3.76 -13.31
CA ASP A 660 26.52 -3.10 -13.24
C ASP A 660 26.96 -2.50 -14.58
N LYS A 661 26.41 -2.97 -15.69
CA LYS A 661 26.76 -2.43 -17.00
C LYS A 661 26.05 -1.12 -17.30
N PHE A 662 25.07 -0.73 -16.49
CA PHE A 662 24.30 0.50 -16.69
C PHE A 662 24.33 1.28 -15.38
N ILE A 663 25.18 2.31 -15.32
CA ILE A 663 25.42 3.07 -14.10
C ILE A 663 24.76 4.44 -14.22
N TYR A 664 24.05 4.84 -13.17
CA TYR A 664 23.41 6.15 -13.10
C TYR A 664 23.69 6.75 -11.73
N ALA A 665 23.81 8.08 -11.70
CA ALA A 665 24.16 8.76 -10.46
C ALA A 665 23.69 10.20 -10.50
N THR A 666 23.69 10.83 -9.33
CA THR A 666 23.37 12.25 -9.20
C THR A 666 24.50 12.97 -8.47
N VAL A 667 24.25 14.22 -8.07
CA VAL A 667 25.24 15.02 -7.36
C VAL A 667 25.12 14.74 -5.87
N LYS A 668 26.25 14.55 -5.22
CA LYS A 668 26.27 14.26 -3.79
C LYS A 668 25.75 15.45 -2.99
N GLN A 669 25.02 15.14 -1.92
CA GLN A 669 24.52 16.15 -0.99
C GLN A 669 23.66 17.20 -1.70
N SER A 670 22.55 16.73 -2.26
CA SER A 670 21.64 17.57 -3.01
C SER A 670 20.22 17.23 -2.61
N SER A 671 19.25 17.84 -3.30
CA SER A 671 17.86 17.51 -3.05
C SER A 671 17.49 16.15 -3.61
N VAL A 672 18.17 15.72 -4.67
CA VAL A 672 17.91 14.41 -5.24
C VAL A 672 18.24 13.31 -4.23
N ASP A 673 19.30 13.51 -3.45
CA ASP A 673 19.69 12.51 -2.46
C ASP A 673 18.59 12.31 -1.43
N ILE A 674 18.12 13.40 -0.81
CA ILE A 674 17.07 13.28 0.18
C ILE A 674 15.73 12.92 -0.43
N TYR A 675 15.58 13.04 -1.75
CA TYR A 675 14.41 12.46 -2.40
C TYR A 675 14.49 10.95 -2.41
N PHE A 676 15.63 10.40 -2.82
CA PHE A 676 15.80 8.95 -2.88
C PHE A 676 16.01 8.34 -1.51
N ARG A 677 16.59 9.09 -0.57
CA ARG A 677 16.79 8.59 0.78
C ARG A 677 15.45 8.39 1.49
N ARG A 678 14.60 9.41 1.48
CA ARG A 678 13.34 9.34 2.20
C ARG A 678 12.32 8.40 1.55
N GLN A 679 12.60 7.92 0.34
CA GLN A 679 11.71 7.01 -0.36
C GLN A 679 12.18 5.59 -0.15
N VAL A 680 11.39 4.80 0.61
CA VAL A 680 11.75 3.42 0.86
C VAL A 680 11.65 2.60 -0.42
N GLU A 681 10.65 2.90 -1.27
CA GLU A 681 10.47 2.14 -2.49
C GLU A 681 11.67 2.25 -3.41
N LEU A 682 12.25 3.45 -3.53
CA LEU A 682 13.43 3.67 -4.37
C LEU A 682 14.70 3.38 -3.61
N SER A 683 14.79 2.22 -2.97
CA SER A 683 15.95 1.88 -2.16
C SER A 683 17.07 1.26 -3.00
N THR A 684 16.73 0.33 -3.89
CA THR A 684 17.75 -0.28 -4.73
C THR A 684 18.39 0.74 -5.65
N MET A 685 17.65 1.78 -6.03
CA MET A 685 18.23 2.84 -6.86
C MET A 685 19.27 3.64 -6.10
N TYR A 686 19.08 3.81 -4.79
CA TYR A 686 19.96 4.67 -4.02
C TYR A 686 21.38 4.13 -3.96
N ARG A 687 21.53 2.85 -3.62
CA ARG A 687 22.87 2.27 -3.49
C ARG A 687 23.59 2.26 -4.82
N HIS A 688 22.90 1.89 -5.89
CA HIS A 688 23.51 1.95 -7.21
C HIS A 688 23.91 3.35 -7.59
N MET A 689 23.33 4.36 -6.94
CA MET A 689 23.72 5.75 -7.12
C MET A 689 24.77 6.20 -6.11
N GLU A 690 24.78 5.59 -4.93
CA GLU A 690 25.66 6.02 -3.86
C GLU A 690 27.13 5.85 -4.24
N LYS A 691 27.47 4.69 -4.82
CA LYS A 691 28.87 4.45 -5.13
C LYS A 691 29.35 5.28 -6.32
N HIS A 692 28.44 5.69 -7.19
CA HIS A 692 28.78 6.49 -8.36
C HIS A 692 28.41 7.95 -8.23
N ASN A 693 27.86 8.37 -7.09
CA ASN A 693 27.42 9.75 -6.92
C ASN A 693 28.58 10.71 -7.15
N TYR A 694 28.34 11.74 -7.94
CA TYR A 694 29.37 12.70 -8.28
C TYR A 694 29.39 13.85 -7.29
N GLU A 695 30.46 14.62 -7.33
CA GLU A 695 30.63 15.76 -6.45
C GLU A 695 30.12 17.07 -7.05
N SER A 696 29.73 17.07 -8.32
CA SER A 696 29.24 18.28 -8.96
C SER A 696 28.40 17.90 -10.17
N ALA A 697 27.57 18.83 -10.62
CA ALA A 697 26.75 18.62 -11.80
C ALA A 697 27.56 18.76 -13.09
N ALA A 698 28.56 19.63 -13.11
CA ALA A 698 29.39 19.78 -14.29
C ALA A 698 30.24 18.54 -14.54
N GLU A 699 30.73 17.92 -13.47
CA GLU A 699 31.50 16.69 -13.62
C GLU A 699 30.64 15.56 -14.17
N ALA A 700 29.42 15.42 -13.64
CA ALA A 700 28.57 14.29 -14.04
C ALA A 700 28.11 14.42 -15.48
N ILE A 701 27.86 15.65 -15.94
CA ILE A 701 27.47 15.85 -17.33
C ILE A 701 28.62 15.48 -18.25
N GLN A 702 29.84 15.88 -17.88
CA GLN A 702 31.00 15.50 -18.68
C GLN A 702 31.18 13.99 -18.73
N ALA A 703 30.80 13.29 -17.65
CA ALA A 703 30.90 11.83 -17.65
C ALA A 703 30.00 11.23 -18.72
N VAL A 704 28.79 11.77 -18.88
CA VAL A 704 27.90 11.28 -19.92
C VAL A 704 28.49 11.56 -21.30
N ARG A 705 29.12 12.73 -21.46
CA ARG A 705 29.83 13.02 -22.70
C ARG A 705 31.01 12.09 -22.90
N ASP A 706 31.61 11.62 -21.80
CA ASP A 706 32.76 10.73 -21.85
C ASP A 706 32.37 9.26 -21.83
N ASN A 707 31.08 8.96 -21.86
CA ASN A 707 30.54 7.60 -21.83
C ASN A 707 30.83 6.88 -20.52
N LYS A 708 31.37 7.58 -19.52
CA LYS A 708 31.58 6.98 -18.21
C LYS A 708 30.32 6.95 -17.37
N LEU A 709 29.28 7.67 -17.77
CA LEU A 709 28.00 7.64 -17.09
C LEU A 709 26.90 7.55 -18.13
N HIS A 710 25.88 6.74 -17.85
CA HIS A 710 24.80 6.53 -18.79
C HIS A 710 23.53 7.27 -18.44
N ALA A 711 23.40 7.78 -17.22
CA ALA A 711 22.24 8.55 -16.82
C ALA A 711 22.62 9.50 -15.71
N PHE A 712 21.93 10.64 -15.67
CA PHE A 712 22.19 11.67 -14.67
C PHE A 712 20.85 12.25 -14.24
N ILE A 713 20.47 12.01 -12.99
CA ILE A 713 19.22 12.51 -12.45
C ILE A 713 19.47 13.87 -11.82
N TRP A 714 18.86 14.91 -12.35
CA TRP A 714 19.14 16.27 -11.92
C TRP A 714 17.97 17.17 -12.31
N ASP A 715 18.10 18.45 -11.97
CA ASP A 715 17.03 19.41 -12.24
C ASP A 715 16.83 19.59 -13.73
N SER A 716 15.57 19.63 -14.15
CA SER A 716 15.26 19.81 -15.56
C SER A 716 15.73 21.16 -16.07
N ALA A 717 15.56 22.21 -15.26
CA ALA A 717 15.93 23.56 -15.67
C ALA A 717 17.41 23.67 -16.03
N VAL A 718 18.25 22.79 -15.50
CA VAL A 718 19.67 22.79 -15.81
C VAL A 718 20.01 21.78 -16.90
N LEU A 719 19.45 20.57 -16.81
CA LEU A 719 19.72 19.55 -17.81
C LEU A 719 19.20 19.96 -19.17
N GLU A 720 17.99 20.54 -19.23
CA GLU A 720 17.44 20.98 -20.49
C GLU A 720 18.25 22.10 -21.12
N PHE A 721 19.07 22.80 -20.33
CA PHE A 721 19.99 23.77 -20.91
C PHE A 721 21.16 23.07 -21.58
N GLU A 722 21.71 22.03 -20.93
CA GLU A 722 22.81 21.29 -21.54
C GLU A 722 22.37 20.58 -22.80
N ALA A 723 21.17 19.99 -22.79
CA ALA A 723 20.68 19.32 -23.98
C ALA A 723 20.49 20.31 -25.13
N SER A 724 20.00 21.50 -24.82
CA SER A 724 19.81 22.51 -25.86
C SER A 724 21.15 22.95 -26.45
N GLN A 725 22.16 23.18 -25.61
CA GLN A 725 23.45 23.64 -26.10
C GLN A 725 24.23 22.50 -26.75
N LYS A 726 24.55 21.48 -25.98
CA LYS A 726 25.34 20.35 -26.48
C LYS A 726 24.44 19.39 -27.25
N CYS A 727 24.83 19.08 -28.48
CA CYS A 727 24.01 18.28 -29.37
C CYS A 727 24.30 16.79 -29.28
N ASP A 728 24.98 16.34 -28.22
CA ASP A 728 25.21 14.92 -27.97
C ASP A 728 24.55 14.44 -26.69
N LEU A 729 23.73 15.27 -26.05
CA LEU A 729 23.02 14.89 -24.83
C LEU A 729 21.54 15.17 -25.01
N VAL A 730 20.71 14.28 -24.47
CA VAL A 730 19.25 14.44 -24.55
C VAL A 730 18.64 14.02 -23.22
N THR A 731 17.65 14.79 -22.77
CA THR A 731 16.91 14.45 -21.56
C THR A 731 15.73 13.56 -21.92
N THR A 732 15.63 12.43 -21.25
CA THR A 732 14.60 11.44 -21.52
C THR A 732 13.81 11.16 -20.25
N GLY A 733 12.50 11.04 -20.39
CA GLY A 733 11.62 10.73 -19.29
C GLY A 733 10.68 11.88 -18.98
N GLU A 734 9.80 11.62 -18.02
CA GLU A 734 8.84 12.61 -17.56
C GLU A 734 9.34 13.25 -16.27
N LEU A 735 8.91 14.48 -16.03
CA LEU A 735 9.31 15.19 -14.83
C LEU A 735 8.78 14.49 -13.60
N PHE A 736 9.62 14.36 -12.58
CA PHE A 736 9.21 13.91 -11.27
C PHE A 736 9.83 14.79 -10.21
N PHE A 737 9.18 14.86 -9.06
CA PHE A 737 9.57 15.75 -7.96
C PHE A 737 9.60 17.21 -8.44
N ARG A 738 8.42 17.70 -8.80
CA ARG A 738 8.25 19.06 -9.29
C ARG A 738 8.30 20.02 -8.10
N SER A 739 9.51 20.44 -7.74
CA SER A 739 9.70 21.46 -6.72
C SER A 739 10.56 22.56 -7.30
N GLY A 740 10.12 23.80 -7.13
CA GLY A 740 10.76 24.93 -7.76
C GLY A 740 12.04 25.35 -7.05
N PHE A 741 12.64 26.40 -7.58
CA PHE A 741 13.83 27.00 -7.00
C PHE A 741 13.42 28.17 -6.13
N GLY A 742 13.92 28.20 -4.89
CA GLY A 742 13.56 29.25 -3.96
C GLY A 742 14.79 29.95 -3.41
N ILE A 743 14.55 31.14 -2.88
CA ILE A 743 15.59 31.97 -2.28
C ILE A 743 15.53 31.73 -0.78
N GLY A 744 16.45 30.92 -0.26
CA GLY A 744 16.41 30.56 1.13
C GLY A 744 16.85 31.70 2.02
N MET A 745 16.14 31.86 3.14
CA MET A 745 16.50 32.83 4.18
C MET A 745 16.18 32.21 5.53
N ARG A 746 16.76 32.78 6.57
CA ARG A 746 16.48 32.30 7.92
C ARG A 746 15.06 32.68 8.33
N LYS A 747 14.49 31.88 9.23
CA LYS A 747 13.09 32.04 9.59
C LYS A 747 12.80 33.40 10.24
N ASP A 748 13.80 34.03 10.82
CA ASP A 748 13.61 35.32 11.48
C ASP A 748 13.85 36.50 10.54
N SER A 749 14.12 36.24 9.27
CA SER A 749 14.48 37.31 8.35
C SER A 749 13.30 38.27 8.17
N PRO A 750 13.57 39.58 8.12
CA PRO A 750 12.50 40.54 7.81
C PRO A 750 12.22 40.69 6.32
N TRP A 751 13.06 40.12 5.46
CA TRP A 751 12.89 40.28 4.02
C TRP A 751 12.01 39.21 3.39
N LYS A 752 11.59 38.20 4.14
CA LYS A 752 10.88 37.08 3.52
C LYS A 752 9.60 37.54 2.85
N GLN A 753 8.84 38.43 3.51
CA GLN A 753 7.61 38.92 2.91
C GLN A 753 7.90 39.71 1.63
N ASN A 754 8.89 40.60 1.68
CA ASN A 754 9.17 41.46 0.54
C ASN A 754 9.89 40.72 -0.57
N VAL A 755 10.64 39.67 -0.26
CA VAL A 755 11.35 38.92 -1.28
C VAL A 755 10.36 38.13 -2.14
N SER A 756 9.40 37.46 -1.50
CA SER A 756 8.40 36.70 -2.24
C SER A 756 7.55 37.63 -3.11
N LEU A 757 7.16 38.78 -2.58
CA LEU A 757 6.37 39.73 -3.35
C LEU A 757 7.16 40.28 -4.52
N SER A 758 8.46 40.49 -4.33
CA SER A 758 9.32 40.95 -5.42
C SER A 758 9.64 39.85 -6.41
N ILE A 759 9.29 38.61 -6.12
CA ILE A 759 9.41 37.52 -7.08
C ILE A 759 8.11 37.31 -7.84
N LEU A 760 6.97 37.38 -7.13
CA LEU A 760 5.68 37.29 -7.79
C LEU A 760 5.48 38.45 -8.75
N LYS A 761 5.90 39.66 -8.36
CA LYS A 761 5.81 40.80 -9.25
C LYS A 761 6.64 40.59 -10.51
N SER A 762 7.84 40.05 -10.35
CA SER A 762 8.70 39.82 -11.51
C SER A 762 8.14 38.73 -12.41
N HIS A 763 7.35 37.82 -11.86
CA HIS A 763 6.71 36.79 -12.68
C HIS A 763 5.61 37.41 -13.54
N GLU A 764 4.80 38.28 -12.94
CA GLU A 764 3.68 38.88 -13.67
C GLU A 764 4.17 39.95 -14.65
N ASN A 765 5.21 40.69 -14.28
CA ASN A 765 5.75 41.74 -15.15
C ASN A 765 6.48 41.19 -16.36
N GLY A 766 6.71 39.89 -16.42
CA GLY A 766 7.49 39.33 -17.50
C GLY A 766 8.98 39.45 -17.33
N PHE A 767 9.45 39.91 -16.17
CA PHE A 767 10.88 40.02 -15.94
C PHE A 767 11.55 38.65 -15.92
N MET A 768 10.93 37.67 -15.26
CA MET A 768 11.51 36.35 -15.18
C MET A 768 11.41 35.59 -16.49
N GLU A 769 10.63 36.08 -17.45
CA GLU A 769 10.67 35.52 -18.80
C GLU A 769 11.79 36.12 -19.62
N ASP A 770 12.23 37.33 -19.28
CA ASP A 770 13.44 37.88 -19.88
C ASP A 770 14.67 37.10 -19.43
N LEU A 771 14.78 36.83 -18.12
CA LEU A 771 15.90 36.05 -17.63
C LEU A 771 15.88 34.64 -18.20
N ASP A 772 14.71 34.13 -18.55
CA ASP A 772 14.65 32.88 -19.29
C ASP A 772 15.22 33.04 -20.70
N LYS A 773 14.89 34.14 -21.36
CA LYS A 773 15.31 34.34 -22.74
C LYS A 773 16.82 34.48 -22.85
N THR A 774 17.41 35.37 -22.05
CA THR A 774 18.82 35.66 -22.20
C THR A 774 19.72 34.56 -21.67
N TRP A 775 19.22 33.70 -20.79
CA TRP A 775 20.06 32.71 -20.12
C TRP A 775 19.66 31.27 -20.41
N VAL A 776 18.37 30.97 -20.51
CA VAL A 776 17.90 29.60 -20.62
C VAL A 776 17.52 29.24 -22.04
N ARG A 777 16.81 30.13 -22.74
CA ARG A 777 16.26 29.81 -24.06
C ARG A 777 17.30 30.16 -25.13
N TYR A 778 18.09 29.16 -25.51
CA TYR A 778 19.04 29.28 -26.62
C TYR A 778 18.74 28.29 -27.74
N GLN A 779 18.60 27.00 -27.40
CA GLN A 779 18.21 25.92 -28.29
C GLN A 779 19.33 25.54 -29.27
N GLU A 780 20.37 26.37 -29.34
CA GLU A 780 21.54 26.13 -30.17
C GLU A 780 21.25 25.39 -31.47
N CYS A 781 21.57 24.10 -31.50
CA CYS A 781 21.47 23.29 -32.71
C CYS A 781 20.03 22.83 -32.93
N ASP A 782 19.84 21.89 -33.84
CA ASP A 782 18.51 21.41 -34.16
C ASP A 782 17.91 20.61 -33.01
N SER A 783 16.58 20.58 -32.96
CA SER A 783 15.88 19.84 -31.92
C SER A 783 16.06 18.34 -32.13
N ARG A 784 15.90 17.59 -31.04
CA ARG A 784 16.08 16.15 -31.04
C ARG A 784 14.71 15.47 -31.15
N SER A 785 14.56 14.61 -32.15
CA SER A 785 13.32 13.88 -32.38
C SER A 785 13.65 12.64 -33.20
N ASN A 786 12.61 12.05 -33.80
CA ASN A 786 12.77 10.91 -34.70
C ASN A 786 12.94 11.34 -36.15
N ALA A 787 13.50 12.53 -36.38
CA ALA A 787 13.56 13.10 -37.71
C ALA A 787 14.35 12.21 -38.66
N PRO A 788 14.00 12.19 -39.94
CA PRO A 788 14.70 11.32 -40.89
C PRO A 788 16.07 11.87 -41.25
N ALA A 789 16.90 10.98 -41.76
CA ALA A 789 18.27 11.32 -42.11
C ALA A 789 18.39 11.49 -43.62
N THR A 790 18.87 12.64 -44.03
CA THR A 790 19.17 12.90 -45.42
C THR A 790 20.21 11.92 -45.93
N LEU A 791 19.99 11.39 -47.14
CA LEU A 791 20.93 10.44 -47.73
C LEU A 791 22.21 11.16 -48.12
N THR A 792 23.33 10.65 -47.65
CA THR A 792 24.61 11.31 -47.82
C THR A 792 25.54 10.44 -48.66
N PHE A 793 26.76 10.94 -48.87
CA PHE A 793 27.70 10.28 -49.78
C PHE A 793 28.06 8.89 -49.32
N GLU A 794 28.25 8.70 -48.01
CA GLU A 794 28.63 7.39 -47.50
C GLU A 794 27.57 6.35 -47.82
N ASN A 795 26.30 6.72 -47.74
CA ASN A 795 25.22 5.82 -48.14
C ASN A 795 25.31 5.50 -49.62
N MET A 796 25.17 6.51 -50.46
CA MET A 796 25.18 6.30 -51.92
C MET A 796 26.56 6.62 -52.49
N ALA A 797 27.49 5.71 -52.24
CA ALA A 797 28.79 5.75 -52.88
C ALA A 797 29.01 4.60 -53.84
N GLY A 798 28.31 3.47 -53.64
CA GLY A 798 28.47 2.35 -54.54
C GLY A 798 27.93 2.65 -55.93
N VAL A 799 26.84 3.42 -56.01
CA VAL A 799 26.30 3.77 -57.32
C VAL A 799 27.13 4.84 -58.00
N PHE A 800 27.94 5.59 -57.26
CA PHE A 800 28.88 6.52 -57.89
C PHE A 800 30.06 5.77 -58.49
N MET A 801 30.60 4.78 -57.77
CA MET A 801 31.72 4.03 -58.33
C MET A 801 31.26 3.06 -59.41
N LEU A 802 30.01 2.63 -59.37
CA LEU A 802 29.48 1.82 -60.47
C LEU A 802 29.48 2.60 -61.78
N VAL A 803 29.07 3.86 -61.73
CA VAL A 803 29.15 4.70 -62.92
C VAL A 803 30.59 4.97 -63.30
N ALA A 804 31.45 5.19 -62.30
CA ALA A 804 32.88 5.33 -62.58
C ALA A 804 33.45 4.04 -63.13
N GLY A 805 33.04 2.90 -62.57
CA GLY A 805 33.48 1.63 -63.11
C GLY A 805 32.98 1.36 -64.51
N GLY A 806 31.78 1.85 -64.84
CA GLY A 806 31.26 1.73 -66.19
C GLY A 806 31.94 2.64 -67.19
N ILE A 807 32.55 3.73 -66.73
CA ILE A 807 33.38 4.55 -67.61
C ILE A 807 34.67 3.82 -67.96
N VAL A 808 35.28 3.17 -66.97
CA VAL A 808 36.53 2.46 -67.21
C VAL A 808 36.28 1.22 -68.06
N ALA A 809 35.20 0.49 -67.79
CA ALA A 809 34.90 -0.69 -68.59
C ALA A 809 34.67 -0.33 -70.04
N GLY A 810 34.00 0.80 -70.29
CA GLY A 810 33.84 1.26 -71.66
C GLY A 810 35.15 1.57 -72.33
N ILE A 811 36.11 2.10 -71.57
CA ILE A 811 37.44 2.36 -72.12
C ILE A 811 38.12 1.05 -72.51
N PHE A 812 37.91 0.01 -71.72
CA PHE A 812 38.39 -1.31 -72.08
C PHE A 812 37.44 -2.06 -72.98
N LEU A 813 36.33 -1.44 -73.38
CA LEU A 813 35.37 -2.02 -74.30
C LEU A 813 35.33 -1.33 -75.66
N ILE A 814 35.79 -0.08 -75.74
CA ILE A 814 35.89 0.58 -77.03
C ILE A 814 36.94 -0.11 -77.89
N PHE A 815 38.01 -0.60 -77.27
CA PHE A 815 39.04 -1.32 -78.02
C PHE A 815 38.49 -2.61 -78.60
N ILE A 816 37.63 -3.31 -77.84
CA ILE A 816 37.00 -4.52 -78.35
C ILE A 816 36.12 -4.19 -79.55
N GLU A 817 35.36 -3.10 -79.47
CA GLU A 817 34.49 -2.72 -80.57
C GLU A 817 35.30 -2.39 -81.83
N ILE A 818 36.40 -1.66 -81.67
CA ILE A 818 37.23 -1.32 -82.82
C ILE A 818 37.87 -2.56 -83.40
N ALA A 819 38.40 -3.43 -82.55
CA ALA A 819 39.05 -4.65 -83.04
C ALA A 819 38.04 -5.58 -83.72
N TYR A 820 36.82 -5.64 -83.19
CA TYR A 820 35.80 -6.50 -83.77
C TYR A 820 35.53 -6.13 -85.23
N LYS A 821 35.42 -4.83 -85.51
CA LYS A 821 35.16 -4.39 -86.87
C LYS A 821 36.29 -4.82 -87.80
N ARG A 822 37.54 -4.69 -87.36
CA ARG A 822 38.67 -5.12 -88.17
C ARG A 822 38.62 -6.62 -88.42
N HIS A 823 38.32 -7.40 -87.38
CA HIS A 823 38.21 -8.85 -87.55
C HIS A 823 37.05 -9.22 -88.47
N LYS A 824 35.92 -8.55 -88.32
CA LYS A 824 34.75 -8.83 -89.15
C LYS A 824 34.71 -7.90 -90.36
N SER B 43 60.74 6.10 41.58
CA SER B 43 59.86 4.93 41.48
C SER B 43 58.40 5.35 41.45
N ILE B 44 57.52 4.39 41.24
CA ILE B 44 56.08 4.62 41.19
C ILE B 44 55.40 3.68 42.17
N GLY B 45 54.55 4.22 43.03
CA GLY B 45 53.79 3.45 43.99
C GLY B 45 52.36 3.26 43.55
N ILE B 46 51.82 2.07 43.79
CA ILE B 46 50.45 1.73 43.47
C ILE B 46 49.82 1.04 44.67
N ALA B 47 48.63 1.51 45.06
CA ALA B 47 47.90 0.96 46.20
C ALA B 47 46.72 0.15 45.70
N VAL B 48 46.53 -1.03 46.27
CA VAL B 48 45.40 -1.89 45.96
C VAL B 48 44.57 -2.05 47.22
N ILE B 49 43.28 -1.74 47.11
CA ILE B 49 42.33 -1.90 48.22
C ILE B 49 41.26 -2.87 47.79
N LEU B 50 41.02 -3.89 48.61
CA LEU B 50 40.03 -4.91 48.33
C LEU B 50 39.13 -5.07 49.54
N VAL B 51 37.85 -5.30 49.29
CA VAL B 51 36.86 -5.50 50.34
C VAL B 51 36.19 -6.85 50.11
N GLY B 52 36.18 -7.69 51.14
CA GLY B 52 35.52 -8.99 51.06
C GLY B 52 36.45 -10.12 50.66
N THR B 53 35.93 -11.08 49.91
CA THR B 53 36.72 -12.22 49.48
C THR B 53 37.86 -11.75 48.58
N SER B 54 39.07 -12.24 48.87
CA SER B 54 40.26 -11.80 48.14
C SER B 54 41.16 -12.99 47.88
N ASP B 55 41.60 -13.13 46.63
CA ASP B 55 42.62 -14.11 46.25
C ASP B 55 43.98 -13.44 46.17
N GLU B 56 44.45 -12.94 47.32
CA GLU B 56 45.67 -12.16 47.37
C GLU B 56 46.90 -12.96 46.98
N VAL B 57 46.85 -14.29 47.09
CA VAL B 57 48.00 -15.11 46.72
C VAL B 57 48.30 -14.96 45.23
N ALA B 58 47.27 -15.01 44.40
CA ALA B 58 47.47 -14.80 42.97
C ALA B 58 47.72 -13.33 42.65
N ILE B 59 47.13 -12.42 43.44
CA ILE B 59 47.34 -10.99 43.21
C ILE B 59 48.80 -10.60 43.46
N LYS B 60 49.39 -11.14 44.53
CA LYS B 60 50.79 -10.84 44.81
C LYS B 60 51.70 -11.32 43.69
N ASP B 61 51.45 -12.53 43.18
CA ASP B 61 52.25 -13.06 42.08
C ASP B 61 52.04 -12.29 40.79
N ALA B 62 50.90 -11.60 40.65
CA ALA B 62 50.66 -10.80 39.45
C ALA B 62 51.68 -9.66 39.33
N HIS B 63 51.95 -8.99 40.45
CA HIS B 63 52.93 -7.90 40.41
C HIS B 63 54.35 -8.42 40.28
N GLU B 64 54.65 -9.56 40.92
CA GLU B 64 55.99 -10.13 40.84
C GLU B 64 56.33 -10.54 39.41
N LYS B 65 55.39 -11.16 38.72
CA LYS B 65 55.60 -11.56 37.33
C LYS B 65 55.43 -10.41 36.35
N ASP B 66 54.87 -9.29 36.79
CA ASP B 66 54.65 -8.15 35.90
C ASP B 66 55.99 -7.55 35.47
N ASP B 67 56.11 -7.23 34.19
CA ASP B 67 57.30 -6.64 33.62
C ASP B 67 56.98 -5.26 33.09
N PHE B 68 57.69 -4.24 33.58
CA PHE B 68 57.52 -2.87 33.12
C PHE B 68 58.86 -2.19 32.86
N HIS B 69 59.92 -2.98 32.66
CA HIS B 69 61.23 -2.41 32.36
C HIS B 69 61.22 -1.65 31.04
N HIS B 70 60.39 -2.10 30.09
CA HIS B 70 60.30 -1.41 28.80
C HIS B 70 59.75 0.00 28.98
N LEU B 71 58.77 0.17 29.87
CA LEU B 71 58.20 1.48 30.12
C LEU B 71 59.13 2.37 30.94
N SER B 72 60.09 1.78 31.66
CA SER B 72 61.05 2.52 32.48
C SER B 72 60.33 3.37 33.52
N VAL B 73 59.63 2.69 34.42
CA VAL B 73 58.84 3.36 35.44
C VAL B 73 59.24 2.98 36.86
N VAL B 74 59.87 1.82 37.06
CA VAL B 74 60.21 1.31 38.39
C VAL B 74 58.96 1.31 39.26
N PRO B 75 57.99 0.43 39.00
CA PRO B 75 56.76 0.43 39.79
C PRO B 75 56.91 -0.35 41.08
N ARG B 76 56.20 0.11 42.10
CA ARG B 76 56.13 -0.55 43.40
C ARG B 76 54.67 -0.70 43.78
N VAL B 77 54.29 -1.92 44.18
CA VAL B 77 52.90 -2.25 44.45
C VAL B 77 52.75 -2.58 45.93
N GLU B 78 51.75 -1.97 46.57
CA GLU B 78 51.41 -2.24 47.96
C GLU B 78 49.97 -2.72 48.05
N LEU B 79 49.75 -3.77 48.84
CA LEU B 79 48.44 -4.43 48.93
C LEU B 79 47.79 -4.12 50.26
N VAL B 80 46.55 -3.67 50.22
CA VAL B 80 45.79 -3.30 51.42
C VAL B 80 44.40 -3.93 51.31
N ALA B 81 43.96 -4.57 52.39
CA ALA B 81 42.63 -5.15 52.45
C ALA B 81 41.99 -4.81 53.78
N MET B 82 40.68 -4.52 53.74
CA MET B 82 39.93 -4.24 54.96
C MET B 82 38.50 -4.75 54.78
N ASN B 83 37.68 -4.50 55.78
CA ASN B 83 36.31 -5.01 55.81
C ASN B 83 35.42 -4.13 54.94
N GLU B 84 34.09 -4.29 55.09
CA GLU B 84 33.16 -3.51 54.29
C GLU B 84 33.33 -2.01 54.51
N THR B 85 33.87 -1.62 55.66
CA THR B 85 34.21 -0.23 55.98
C THR B 85 33.05 0.73 55.76
N ASP B 86 33.36 2.01 55.58
CA ASP B 86 32.35 3.06 55.52
C ASP B 86 33.05 4.35 55.07
N PRO B 87 32.29 5.32 54.55
CA PRO B 87 32.93 6.54 54.03
C PRO B 87 33.77 7.28 55.05
N LYS B 88 33.47 7.13 56.35
CA LYS B 88 34.31 7.75 57.37
C LYS B 88 35.65 7.06 57.53
N SER B 89 35.86 5.91 56.88
CA SER B 89 37.12 5.18 56.97
C SER B 89 37.86 5.11 55.64
N ILE B 90 37.14 4.93 54.53
CA ILE B 90 37.80 4.87 53.22
C ILE B 90 38.53 6.17 52.93
N ILE B 91 37.89 7.30 53.21
CA ILE B 91 38.53 8.60 52.98
C ILE B 91 39.75 8.74 53.86
N THR B 92 39.66 8.33 55.12
CA THR B 92 40.84 8.31 55.97
C THR B 92 41.84 7.25 55.54
N ARG B 93 41.35 6.12 55.00
CA ARG B 93 42.25 5.05 54.61
C ARG B 93 43.23 5.50 53.54
N ILE B 94 42.75 6.28 52.57
CA ILE B 94 43.67 6.86 51.58
C ILE B 94 44.60 7.86 52.24
N CYS B 95 44.07 8.67 53.17
CA CYS B 95 44.87 9.71 53.80
C CYS B 95 46.05 9.12 54.56
N ASP B 96 45.82 8.03 55.30
CA ASP B 96 46.93 7.37 55.98
C ASP B 96 47.91 6.79 54.98
N LEU B 97 47.40 6.17 53.91
CA LEU B 97 48.29 5.55 52.93
C LEU B 97 49.13 6.59 52.19
N MET B 98 48.52 7.70 51.79
CA MET B 98 49.26 8.69 51.02
C MET B 98 50.32 9.38 51.88
N SER B 99 50.11 9.46 53.20
CA SER B 99 51.10 10.05 54.08
C SER B 99 52.29 9.14 54.33
N ASP B 100 52.13 7.83 54.11
CA ASP B 100 53.22 6.89 54.39
C ASP B 100 54.30 6.97 53.32
N ARG B 101 53.92 7.08 52.05
CA ARG B 101 54.88 6.99 50.97
C ARG B 101 54.65 7.98 49.84
N LYS B 102 53.68 8.88 49.95
CA LYS B 102 53.29 9.78 48.86
C LYS B 102 53.05 8.98 47.58
N ILE B 103 52.05 8.10 47.65
CA ILE B 103 51.79 7.15 46.58
C ILE B 103 51.28 7.88 45.34
N GLN B 104 51.63 7.36 44.17
CA GLN B 104 51.24 8.01 42.92
C GLN B 104 49.82 7.63 42.52
N GLY B 105 49.50 6.33 42.53
CA GLY B 105 48.19 5.88 42.14
C GLY B 105 47.60 4.91 43.14
N VAL B 106 46.29 4.79 43.10
CA VAL B 106 45.54 3.90 43.97
C VAL B 106 44.56 3.11 43.13
N VAL B 107 44.38 1.83 43.46
CA VAL B 107 43.43 0.96 42.80
C VAL B 107 42.46 0.43 43.86
N PHE B 108 41.17 0.61 43.62
CA PHE B 108 40.14 0.26 44.59
C PHE B 108 39.31 -0.90 44.06
N ALA B 109 39.06 -1.88 44.93
CA ALA B 109 38.20 -3.01 44.62
C ALA B 109 37.32 -3.31 45.82
N ASP B 110 36.20 -3.95 45.55
CA ASP B 110 35.27 -4.36 46.60
C ASP B 110 34.32 -5.39 46.00
N ASP B 111 33.34 -5.83 46.79
CA ASP B 111 32.29 -6.71 46.33
C ASP B 111 30.89 -6.18 46.65
N THR B 112 30.79 -5.03 47.28
CA THR B 112 29.51 -4.45 47.62
C THR B 112 28.84 -3.86 46.38
N ASP B 113 27.53 -3.68 46.46
CA ASP B 113 26.72 -3.15 45.36
C ASP B 113 26.26 -1.72 45.61
N GLN B 114 26.93 -0.99 46.48
CA GLN B 114 26.53 0.39 46.78
C GLN B 114 27.06 1.35 45.73
N GLU B 115 26.18 2.19 45.20
CA GLU B 115 26.59 3.21 44.25
C GLU B 115 27.56 4.21 44.88
N ALA B 116 27.35 4.54 46.15
CA ALA B 116 28.09 5.62 46.79
C ALA B 116 29.57 5.31 46.96
N ILE B 117 29.98 4.06 46.74
CA ILE B 117 31.41 3.73 46.82
C ILE B 117 32.19 4.53 45.79
N ALA B 118 31.67 4.60 44.56
CA ALA B 118 32.33 5.39 43.51
C ALA B 118 32.09 6.87 43.70
N GLN B 119 30.90 7.26 44.17
CA GLN B 119 30.60 8.67 44.36
C GLN B 119 31.50 9.29 45.42
N ILE B 120 31.63 8.61 46.57
CA ILE B 120 32.50 9.12 47.62
C ILE B 120 33.95 9.09 47.17
N LEU B 121 34.36 7.99 46.54
CA LEU B 121 35.76 7.83 46.17
C LEU B 121 36.19 8.81 45.08
N ASP B 122 35.27 9.20 44.19
CA ASP B 122 35.61 10.20 43.18
C ASP B 122 35.97 11.53 43.81
N PHE B 123 35.45 11.81 45.00
CA PHE B 123 35.77 13.05 45.68
C PHE B 123 37.25 13.12 46.05
N ILE B 124 37.84 11.99 46.47
CA ILE B 124 39.25 11.98 46.81
C ILE B 124 40.10 12.32 45.59
N SER B 125 39.79 11.75 44.44
CA SER B 125 40.54 12.05 43.22
C SER B 125 40.37 13.50 42.78
N ALA B 126 39.35 14.20 43.27
CA ALA B 126 39.12 15.57 42.85
C ALA B 126 40.25 16.50 43.30
N GLN B 127 40.76 16.28 44.52
CA GLN B 127 41.80 17.15 45.07
C GLN B 127 43.14 16.45 45.24
N THR B 128 43.16 15.18 45.66
CA THR B 128 44.41 14.49 45.90
C THR B 128 45.19 14.24 44.62
N LEU B 129 44.54 14.34 43.46
CA LEU B 129 45.20 14.17 42.15
C LEU B 129 45.82 12.79 42.02
N THR B 130 45.29 11.81 42.75
CA THR B 130 45.76 10.43 42.65
C THR B 130 44.73 9.62 41.87
N PRO B 131 45.05 9.15 40.67
CA PRO B 131 44.07 8.38 39.89
C PRO B 131 43.66 7.12 40.63
N ILE B 132 42.36 6.82 40.59
CA ILE B 132 41.80 5.62 41.20
C ILE B 132 41.00 4.88 40.15
N LEU B 133 41.17 3.56 40.10
CA LEU B 133 40.48 2.71 39.14
C LEU B 133 39.55 1.77 39.91
N GLY B 134 38.26 1.84 39.60
CA GLY B 134 37.28 0.97 40.23
C GLY B 134 37.17 -0.38 39.55
N ILE B 135 38.14 -1.25 39.79
CA ILE B 135 38.26 -2.48 38.99
C ILE B 135 37.02 -3.35 39.14
N HIS B 136 36.56 -3.53 40.38
CA HIS B 136 35.43 -4.43 40.62
C HIS B 136 34.73 -4.03 41.91
N GLY B 137 33.41 -4.14 41.93
CA GLY B 137 32.62 -3.90 43.11
C GLY B 137 31.68 -2.72 42.93
N GLY B 138 31.49 -1.96 44.01
CA GLY B 138 30.65 -0.79 43.95
C GLY B 138 31.22 0.35 43.16
N SER B 139 32.51 0.31 42.83
CA SER B 139 33.12 1.34 42.01
C SER B 139 33.09 1.00 40.53
N SER B 140 32.86 -0.27 40.17
CA SER B 140 32.72 -0.62 38.77
C SER B 140 31.42 -0.06 38.18
N MET B 141 30.41 0.14 39.02
CA MET B 141 29.15 0.70 38.56
C MET B 141 29.35 2.13 38.07
N ILE B 142 28.82 2.42 36.87
CA ILE B 142 29.19 3.65 36.18
C ILE B 142 28.53 4.85 36.85
N MET B 143 29.27 5.94 36.94
CA MET B 143 28.75 7.20 37.46
C MET B 143 28.29 8.06 36.29
N ALA B 144 27.16 8.74 36.48
CA ALA B 144 26.56 9.51 35.40
C ALA B 144 27.48 10.63 34.93
N ASP B 145 28.11 11.33 35.87
CA ASP B 145 29.02 12.41 35.53
C ASP B 145 29.97 12.64 36.70
N LYS B 146 31.23 12.89 36.39
CA LYS B 146 32.26 13.09 37.40
C LYS B 146 32.78 14.52 37.33
N ASP B 147 33.72 14.83 38.22
CA ASP B 147 34.30 16.16 38.27
C ASP B 147 35.18 16.42 37.06
N GLU B 148 35.24 17.68 36.63
CA GLU B 148 36.12 18.06 35.53
C GLU B 148 37.58 17.87 35.92
N SER B 149 37.92 18.16 37.17
CA SER B 149 39.29 18.00 37.67
C SER B 149 39.56 16.64 38.27
N SER B 150 38.59 15.72 38.22
CA SER B 150 38.77 14.40 38.81
C SER B 150 39.71 13.55 37.95
N MET B 151 40.20 12.47 38.55
CA MET B 151 41.04 11.49 37.87
C MET B 151 40.61 10.07 38.21
N PHE B 152 39.33 9.87 38.50
CA PHE B 152 38.80 8.58 38.88
C PHE B 152 38.16 7.91 37.66
N PHE B 153 38.70 6.78 37.26
CA PHE B 153 38.23 6.04 36.10
C PHE B 153 37.68 4.70 36.53
N GLN B 154 36.79 4.14 35.71
CA GLN B 154 36.06 2.94 36.08
C GLN B 154 36.16 1.89 34.99
N PHE B 155 36.09 0.62 35.40
CA PHE B 155 36.08 -0.51 34.48
C PHE B 155 34.64 -0.89 34.18
N GLY B 156 33.95 0.01 33.48
CA GLY B 156 32.56 -0.18 33.17
C GLY B 156 32.16 0.41 31.84
N PRO B 157 31.03 -0.05 31.31
CA PRO B 157 30.55 0.46 30.02
C PRO B 157 29.60 1.62 30.18
N SER B 158 29.65 2.52 29.20
CA SER B 158 28.81 3.70 29.23
C SER B 158 27.35 3.31 29.06
N ILE B 159 26.46 4.21 29.46
CA ILE B 159 25.03 3.95 29.37
C ILE B 159 24.63 3.76 27.90
N GLU B 160 25.15 4.61 27.02
CA GLU B 160 24.91 4.46 25.60
C GLU B 160 25.82 3.40 24.95
N GLN B 161 26.83 2.92 25.67
CA GLN B 161 27.69 1.88 25.12
C GLN B 161 26.97 0.53 25.11
N GLN B 162 26.17 0.26 26.14
CA GLN B 162 25.37 -0.96 26.14
C GLN B 162 24.24 -0.87 25.12
N ALA B 163 23.68 0.32 24.91
CA ALA B 163 22.56 0.45 23.98
C ALA B 163 22.96 0.06 22.57
N SER B 164 24.16 0.45 22.14
CA SER B 164 24.63 0.02 20.83
C SER B 164 24.82 -1.49 20.77
N VAL B 165 25.17 -2.11 21.89
CA VAL B 165 25.28 -3.56 21.92
C VAL B 165 23.91 -4.20 21.77
N MET B 166 22.89 -3.62 22.40
CA MET B 166 21.54 -4.15 22.28
C MET B 166 21.10 -4.21 20.84
N LEU B 167 21.33 -3.13 20.08
CA LEU B 167 21.02 -3.14 18.66
C LEU B 167 21.83 -4.17 17.91
N ASN B 168 23.04 -4.45 18.38
CA ASN B 168 23.86 -5.46 17.71
C ASN B 168 23.31 -6.86 17.91
N ILE B 169 22.70 -7.14 19.06
CA ILE B 169 22.09 -8.45 19.27
C ILE B 169 20.95 -8.68 18.30
N MET B 170 20.11 -7.67 18.11
CA MET B 170 18.96 -7.80 17.21
C MET B 170 19.35 -7.70 15.75
N GLU B 171 20.54 -7.20 15.44
CA GLU B 171 21.04 -7.29 14.07
C GLU B 171 21.43 -8.73 13.73
N GLU B 172 22.11 -9.41 14.65
CA GLU B 172 22.57 -10.76 14.38
C GLU B 172 21.40 -11.73 14.26
N TYR B 173 20.38 -11.55 15.08
CA TYR B 173 19.21 -12.43 15.10
C TYR B 173 18.05 -11.89 14.29
N ASP B 174 18.27 -10.85 13.48
CA ASP B 174 17.28 -10.35 12.54
C ASP B 174 16.00 -9.93 13.25
N TRP B 175 16.15 -9.06 14.24
CA TRP B 175 15.03 -8.50 14.97
C TRP B 175 14.96 -7.01 14.69
N TYR B 176 13.79 -6.54 14.26
CA TYR B 176 13.68 -5.14 13.86
C TYR B 176 12.46 -4.48 14.48
N ILE B 177 11.42 -5.27 14.79
CA ILE B 177 10.28 -4.73 15.51
C ILE B 177 10.74 -4.31 16.90
N PHE B 178 10.36 -3.11 17.32
CA PHE B 178 11.05 -2.46 18.40
C PHE B 178 10.08 -1.83 19.38
N SER B 179 10.49 -1.73 20.64
CA SER B 179 9.74 -1.05 21.68
C SER B 179 10.67 -0.77 22.84
N ILE B 180 10.46 0.36 23.51
CA ILE B 180 11.31 0.78 24.62
C ILE B 180 10.42 1.22 25.77
N VAL B 181 10.70 0.71 26.96
CA VAL B 181 10.05 1.16 28.20
C VAL B 181 11.14 1.64 29.15
N THR B 182 10.93 2.80 29.75
CA THR B 182 11.93 3.36 30.65
C THR B 182 11.24 4.13 31.76
N THR B 183 11.83 4.07 32.95
CA THR B 183 11.34 4.81 34.10
C THR B 183 12.01 6.19 34.12
N TYR B 184 11.89 6.89 35.25
CA TYR B 184 12.47 8.22 35.40
C TYR B 184 13.88 8.19 35.98
N PHE B 185 14.63 7.13 35.74
CA PHE B 185 16.01 7.08 36.19
C PHE B 185 16.80 8.20 35.52
N PRO B 186 17.78 8.80 36.21
CA PRO B 186 18.45 9.99 35.65
C PRO B 186 19.17 9.74 34.33
N GLY B 187 19.49 8.50 33.98
CA GLY B 187 20.16 8.23 32.74
C GLY B 187 19.24 7.86 31.60
N TYR B 188 17.94 8.15 31.76
CA TYR B 188 16.96 7.71 30.77
C TYR B 188 17.18 8.38 29.42
N GLN B 189 17.55 9.67 29.41
CA GLN B 189 17.66 10.40 28.16
C GLN B 189 18.79 9.87 27.29
N ASP B 190 19.89 9.44 27.91
CA ASP B 190 21.01 8.93 27.13
C ASP B 190 20.68 7.62 26.43
N PHE B 191 19.83 6.80 27.05
CA PHE B 191 19.50 5.50 26.48
C PHE B 191 18.69 5.65 25.20
N VAL B 192 17.63 6.46 25.24
CA VAL B 192 16.72 6.58 24.10
C VAL B 192 17.40 7.31 22.95
N ASN B 193 18.12 8.40 23.25
CA ASN B 193 18.70 9.21 22.19
C ASN B 193 19.73 8.42 21.38
N LYS B 194 20.59 7.65 22.07
CA LYS B 194 21.55 6.83 21.36
C LYS B 194 20.86 5.74 20.55
N ILE B 195 19.77 5.18 21.08
CA ILE B 195 19.02 4.16 20.36
C ILE B 195 18.47 4.72 19.07
N ARG B 196 17.86 5.91 19.13
CA ARG B 196 17.26 6.52 17.95
C ARG B 196 18.30 6.89 16.91
N SER B 197 19.51 7.24 17.34
CA SER B 197 20.53 7.71 16.40
C SER B 197 20.86 6.64 15.36
N THR B 198 21.08 5.41 15.82
CA THR B 198 21.46 4.33 14.91
C THR B 198 20.29 3.83 14.07
N ILE B 199 19.05 4.00 14.55
CA ILE B 199 17.90 3.48 13.82
C ILE B 199 17.74 4.20 12.49
N GLU B 200 17.78 5.53 12.51
CA GLU B 200 17.56 6.30 11.30
C GLU B 200 18.77 6.30 10.37
N ASN B 201 19.97 6.14 10.91
CA ASN B 201 21.20 6.25 10.13
C ASN B 201 21.66 4.87 9.66
N SER B 202 20.79 4.19 8.91
CA SER B 202 21.12 2.88 8.37
C SER B 202 20.15 2.53 7.25
N PHE B 203 20.59 1.61 6.40
CA PHE B 203 19.73 1.04 5.36
C PHE B 203 18.96 -0.18 5.86
N VAL B 204 19.27 -0.66 7.06
CA VAL B 204 18.57 -1.80 7.62
C VAL B 204 17.14 -1.41 7.96
N GLY B 205 16.23 -2.38 7.88
CA GLY B 205 14.83 -2.13 8.12
C GLY B 205 14.49 -1.90 9.58
N TRP B 206 15.10 -0.89 10.19
CA TRP B 206 14.79 -0.55 11.58
C TRP B 206 13.50 0.24 11.66
N GLU B 207 12.67 -0.09 12.66
CA GLU B 207 11.46 0.68 12.92
C GLU B 207 11.17 0.63 14.41
N LEU B 208 10.89 1.79 14.99
CA LEU B 208 10.56 1.90 16.41
C LEU B 208 9.08 2.21 16.54
N GLU B 209 8.43 1.54 17.50
CA GLU B 209 6.99 1.68 17.69
C GLU B 209 6.64 2.69 18.77
N GLU B 210 7.16 2.51 19.99
CA GLU B 210 6.87 3.42 21.08
C GLU B 210 8.11 3.58 21.96
N VAL B 211 8.17 4.72 22.66
CA VAL B 211 9.26 5.03 23.57
C VAL B 211 8.68 5.17 24.97
N LEU B 212 7.67 4.37 25.27
CA LEU B 212 6.87 4.44 26.49
C LEU B 212 7.72 4.75 27.72
N LEU B 213 7.37 5.83 28.42
CA LEU B 213 8.04 6.24 29.64
C LEU B 213 7.05 6.10 30.79
N LEU B 214 7.44 5.36 31.83
CA LEU B 214 6.57 5.04 32.94
C LEU B 214 6.92 5.90 34.15
N ASP B 215 5.96 6.01 35.06
CA ASP B 215 6.10 6.81 36.28
C ASP B 215 6.00 5.88 37.48
N MET B 216 7.04 5.89 38.32
CA MET B 216 7.07 5.08 39.53
C MET B 216 6.84 5.88 40.80
N SER B 217 7.19 7.16 40.81
CA SER B 217 7.06 7.99 42.00
C SER B 217 5.60 8.25 42.38
N LEU B 218 4.65 7.97 41.49
CA LEU B 218 3.25 8.19 41.80
C LEU B 218 2.77 7.27 42.90
N ASP B 219 1.80 7.74 43.68
CA ASP B 219 1.22 6.99 44.77
C ASP B 219 -0.11 6.39 44.32
N ASP B 220 -0.24 5.07 44.46
CA ASP B 220 -1.44 4.34 44.03
C ASP B 220 -1.72 4.52 42.55
N GLY B 221 -0.68 4.76 41.76
CA GLY B 221 -0.83 4.92 40.33
C GLY B 221 -0.65 3.63 39.57
N ASP B 222 -0.76 2.50 40.28
CA ASP B 222 -0.57 1.20 39.66
C ASP B 222 -1.59 0.97 38.55
N SER B 223 -2.85 1.36 38.78
CA SER B 223 -3.88 1.21 37.75
C SER B 223 -3.52 2.02 36.52
N LYS B 224 -2.98 3.23 36.71
CA LYS B 224 -2.58 4.05 35.59
C LYS B 224 -1.41 3.45 34.83
N ILE B 225 -0.49 2.78 35.54
CA ILE B 225 0.69 2.20 34.89
C ILE B 225 0.31 1.04 33.99
N GLN B 226 -0.68 0.25 34.40
CA GLN B 226 -1.11 -0.89 33.60
C GLN B 226 -1.87 -0.49 32.34
N ASN B 227 -2.27 0.77 32.22
CA ASN B 227 -3.12 1.18 31.10
C ASN B 227 -2.32 1.33 29.81
N GLN B 228 -1.28 2.17 29.84
CA GLN B 228 -0.55 2.48 28.62
C GLN B 228 0.54 1.47 28.30
N LEU B 229 0.72 0.43 29.13
CA LEU B 229 1.63 -0.65 28.79
C LEU B 229 0.95 -1.72 27.93
N LYS B 230 -0.38 -1.70 27.84
CA LYS B 230 -1.07 -2.67 27.00
C LYS B 230 -0.78 -2.47 25.53
N LYS B 231 -0.54 -1.22 25.10
CA LYS B 231 -0.29 -0.96 23.69
C LYS B 231 1.01 -1.56 23.19
N LEU B 232 1.87 -2.04 24.09
CA LEU B 232 3.07 -2.75 23.68
C LEU B 232 2.69 -4.00 22.90
N GLN B 233 3.19 -4.11 21.67
CA GLN B 233 2.95 -5.28 20.85
C GLN B 233 4.20 -5.79 20.14
N SER B 234 5.34 -5.14 20.32
CA SER B 234 6.56 -5.57 19.66
C SER B 234 7.10 -6.84 20.30
N PRO B 235 7.72 -7.72 19.52
CA PRO B 235 8.36 -8.90 20.11
C PRO B 235 9.50 -8.57 21.07
N ILE B 236 10.07 -7.37 21.00
CA ILE B 236 11.14 -6.98 21.90
C ILE B 236 10.81 -5.64 22.53
N ILE B 237 10.97 -5.55 23.85
CA ILE B 237 10.78 -4.32 24.59
C ILE B 237 12.05 -4.09 25.40
N LEU B 238 12.75 -3.01 25.12
CA LEU B 238 13.99 -2.67 25.82
C LEU B 238 13.66 -1.91 27.09
N LEU B 239 13.96 -2.50 28.23
CA LEU B 239 13.60 -1.94 29.53
C LEU B 239 14.85 -1.35 30.17
N TYR B 240 14.78 -0.05 30.50
CA TYR B 240 15.85 0.64 31.21
C TYR B 240 15.29 1.14 32.53
N CYS B 241 15.61 0.45 33.61
CA CYS B 241 15.12 0.80 34.93
C CYS B 241 15.99 0.12 35.97
N THR B 242 15.73 0.44 37.25
CA THR B 242 16.47 -0.19 38.32
C THR B 242 16.09 -1.65 38.47
N LYS B 243 16.95 -2.41 39.15
CA LYS B 243 16.66 -3.82 39.39
C LYS B 243 15.41 -3.99 40.23
N GLU B 244 15.25 -3.17 41.27
CA GLU B 244 14.08 -3.27 42.12
C GLU B 244 12.81 -2.85 41.39
N GLU B 245 12.89 -1.79 40.58
CA GLU B 245 11.72 -1.36 39.83
C GLU B 245 11.35 -2.36 38.75
N ALA B 246 12.31 -3.14 38.25
CA ALA B 246 12.02 -4.14 37.24
C ALA B 246 11.14 -5.26 37.79
N THR B 247 11.28 -5.56 39.08
CA THR B 247 10.40 -6.54 39.70
C THR B 247 8.95 -6.05 39.70
N TYR B 248 8.74 -4.77 39.99
CA TYR B 248 7.40 -4.21 39.91
C TYR B 248 6.90 -4.17 38.48
N ILE B 249 7.75 -3.76 37.54
CA ILE B 249 7.32 -3.63 36.15
C ILE B 249 7.01 -4.99 35.54
N PHE B 250 7.87 -5.99 35.79
CA PHE B 250 7.68 -7.29 35.18
C PHE B 250 6.41 -7.98 35.70
N GLU B 251 6.15 -7.88 37.00
CA GLU B 251 4.94 -8.50 37.54
C GLU B 251 3.69 -7.80 37.00
N VAL B 252 3.78 -6.52 36.66
CA VAL B 252 2.67 -5.84 36.01
C VAL B 252 2.51 -6.34 34.59
N ALA B 253 3.62 -6.49 33.86
CA ALA B 253 3.55 -6.99 32.50
C ALA B 253 3.05 -8.43 32.45
N ASN B 254 3.47 -9.25 33.43
CA ASN B 254 2.95 -10.62 33.50
C ASN B 254 1.45 -10.61 33.70
N SER B 255 0.93 -9.64 34.46
CA SER B 255 -0.51 -9.51 34.61
C SER B 255 -1.18 -9.20 33.27
N VAL B 256 -0.53 -8.37 32.44
CA VAL B 256 -1.03 -8.11 31.10
C VAL B 256 -0.66 -9.24 30.14
N GLY B 257 0.36 -10.03 30.46
CA GLY B 257 0.66 -11.24 29.72
C GLY B 257 1.81 -11.14 28.73
N LEU B 258 2.47 -9.99 28.63
CA LEU B 258 3.59 -9.87 27.70
C LEU B 258 4.94 -10.14 28.38
N THR B 259 5.05 -11.27 29.08
CA THR B 259 6.37 -11.69 29.59
C THR B 259 7.01 -12.65 28.60
N GLY B 260 6.41 -13.83 28.41
CA GLY B 260 6.78 -14.64 27.27
C GLY B 260 5.62 -15.34 26.59
N TYR B 261 5.31 -14.92 25.38
CA TYR B 261 4.62 -15.75 24.39
C TYR B 261 5.31 -15.70 23.04
N GLY B 262 5.75 -14.51 22.62
CA GLY B 262 6.63 -14.29 21.50
C GLY B 262 7.50 -13.10 21.83
N TYR B 263 7.38 -12.64 23.07
CA TYR B 263 8.05 -11.42 23.52
C TYR B 263 9.44 -11.73 24.07
N THR B 264 10.34 -10.78 23.87
CA THR B 264 11.71 -10.87 24.37
C THR B 264 12.07 -9.55 25.05
N TRP B 265 12.67 -9.63 26.22
CA TRP B 265 13.07 -8.45 26.97
C TRP B 265 14.59 -8.38 27.04
N ILE B 266 15.14 -7.21 26.73
CA ILE B 266 16.57 -6.95 26.84
C ILE B 266 16.77 -5.82 27.83
N VAL B 267 17.67 -6.03 28.78
CA VAL B 267 17.88 -5.08 29.87
C VAL B 267 19.37 -4.81 30.03
N PRO B 268 19.76 -3.65 30.57
CA PRO B 268 21.18 -3.40 30.82
C PRO B 268 21.71 -4.24 31.99
N SER B 269 22.99 -4.05 32.33
CA SER B 269 23.52 -4.74 33.50
C SER B 269 22.92 -4.21 34.79
N LEU B 270 22.30 -3.03 34.76
CA LEU B 270 21.71 -2.47 35.97
C LEU B 270 20.51 -3.29 36.44
N VAL B 271 19.67 -3.76 35.51
CA VAL B 271 18.56 -4.62 35.89
C VAL B 271 19.07 -5.96 36.40
N ALA B 272 20.03 -6.55 35.70
CA ALA B 272 20.58 -7.83 36.13
C ALA B 272 21.23 -7.72 37.49
N GLY B 273 22.03 -6.67 37.69
CA GLY B 273 22.73 -6.50 38.96
C GLY B 273 23.59 -7.70 39.25
N ASP B 274 23.44 -8.25 40.46
CA ASP B 274 24.08 -9.50 40.81
C ASP B 274 23.35 -10.63 40.11
N THR B 275 24.07 -11.40 39.28
CA THR B 275 23.43 -12.49 38.54
C THR B 275 23.05 -13.64 39.44
N ASP B 276 23.60 -13.72 40.66
CA ASP B 276 23.29 -14.84 41.54
C ASP B 276 21.83 -14.81 41.98
N THR B 277 21.30 -13.63 42.27
CA THR B 277 19.94 -13.49 42.77
C THR B 277 19.01 -12.99 41.67
N VAL B 278 17.88 -13.64 41.52
CA VAL B 278 16.82 -13.18 40.62
C VAL B 278 15.55 -13.01 41.44
N PRO B 279 14.79 -11.93 41.22
CA PRO B 279 13.61 -11.66 42.04
C PRO B 279 12.41 -12.53 41.72
N ALA B 280 12.55 -13.53 40.86
CA ALA B 280 11.50 -14.47 40.46
C ALA B 280 10.40 -13.81 39.64
N GLU B 281 10.41 -12.49 39.50
CA GLU B 281 9.53 -11.80 38.57
C GLU B 281 10.17 -11.57 37.21
N PHE B 282 11.46 -11.86 37.09
CA PHE B 282 12.15 -11.75 35.82
C PHE B 282 11.65 -12.82 34.88
N PRO B 283 11.17 -12.47 33.69
CA PRO B 283 10.78 -13.51 32.73
C PRO B 283 11.96 -14.38 32.35
N THR B 284 11.71 -15.67 32.19
CA THR B 284 12.73 -16.59 31.73
C THR B 284 13.01 -16.31 30.26
N GLY B 285 14.27 -16.02 29.95
CA GLY B 285 14.64 -15.53 28.63
C GLY B 285 15.09 -14.09 28.58
N LEU B 286 15.34 -13.48 29.73
CA LEU B 286 15.86 -12.12 29.76
C LEU B 286 17.26 -12.09 29.15
N ILE B 287 17.56 -11.02 28.42
CA ILE B 287 18.87 -10.80 27.83
C ILE B 287 19.46 -9.56 28.48
N SER B 288 20.65 -9.71 29.07
CA SER B 288 21.31 -8.61 29.74
C SER B 288 22.74 -8.49 29.23
N VAL B 289 23.23 -7.26 29.19
CA VAL B 289 24.59 -6.95 28.74
C VAL B 289 25.39 -6.56 29.98
N SER B 290 26.38 -7.37 30.32
CA SER B 290 27.14 -7.15 31.53
C SER B 290 28.59 -7.57 31.31
N TYR B 291 29.46 -7.10 32.21
CA TYR B 291 30.88 -7.39 32.12
C TYR B 291 31.13 -8.89 32.27
N ASP B 292 32.38 -9.28 31.99
CA ASP B 292 32.85 -10.65 32.19
C ASP B 292 33.22 -10.83 33.66
N GLU B 293 32.20 -10.94 34.49
CA GLU B 293 32.42 -11.14 35.92
C GLU B 293 33.15 -12.47 36.17
N TRP B 294 32.80 -13.50 35.41
CA TRP B 294 33.37 -14.83 35.60
C TRP B 294 34.58 -15.10 34.72
N ASP B 295 34.92 -14.18 33.82
CA ASP B 295 36.10 -14.34 32.97
C ASP B 295 37.14 -13.24 33.20
N TYR B 296 36.72 -11.99 33.23
CA TYR B 296 37.60 -10.88 33.61
C TYR B 296 37.70 -10.87 35.14
N GLY B 297 38.37 -11.88 35.67
CA GLY B 297 38.39 -12.11 37.09
C GLY B 297 39.13 -11.02 37.85
N LEU B 298 38.95 -11.08 39.17
CA LEU B 298 39.57 -10.07 40.04
C LEU B 298 41.09 -10.01 39.92
N PRO B 299 41.85 -11.11 40.02
CA PRO B 299 43.31 -10.99 39.88
C PRO B 299 43.76 -10.57 38.49
N ALA B 300 42.92 -10.76 37.47
CA ALA B 300 43.27 -10.28 36.14
C ALA B 300 43.12 -8.77 36.03
N ARG B 301 42.06 -8.23 36.66
CA ARG B 301 41.84 -6.79 36.61
C ARG B 301 42.95 -6.02 37.32
N VAL B 302 43.40 -6.53 38.47
CA VAL B 302 44.45 -5.84 39.22
C VAL B 302 45.72 -5.73 38.40
N ARG B 303 46.10 -6.82 37.71
CA ARG B 303 47.25 -6.75 36.82
C ARG B 303 47.03 -5.74 35.71
N ASP B 304 45.83 -5.71 35.14
CA ASP B 304 45.49 -4.70 34.14
C ASP B 304 45.49 -3.31 34.76
N GLY B 305 44.94 -3.19 35.98
CA GLY B 305 44.87 -1.89 36.61
C GLY B 305 46.24 -1.32 36.96
N ILE B 306 47.14 -2.18 37.46
CA ILE B 306 48.48 -1.73 37.80
C ILE B 306 49.20 -1.18 36.57
N ALA B 307 49.00 -1.82 35.42
CA ALA B 307 49.70 -1.41 34.22
C ALA B 307 49.26 -0.03 33.73
N ILE B 308 48.00 0.34 33.99
CA ILE B 308 47.49 1.62 33.49
C ILE B 308 48.25 2.78 34.10
N ILE B 309 48.47 2.74 35.42
CA ILE B 309 49.19 3.82 36.09
C ILE B 309 50.63 3.90 35.59
N THR B 310 51.29 2.75 35.48
CA THR B 310 52.68 2.74 35.06
C THR B 310 52.84 3.23 33.62
N THR B 311 51.96 2.79 32.72
CA THR B 311 52.06 3.19 31.33
C THR B 311 51.74 4.67 31.15
N ALA B 312 50.81 5.20 31.96
CA ALA B 312 50.45 6.61 31.84
C ALA B 312 51.63 7.51 32.19
N ALA B 313 52.41 7.15 33.21
CA ALA B 313 53.57 7.92 33.59
C ALA B 313 54.82 7.57 32.81
N SER B 314 54.79 6.50 32.02
CA SER B 314 55.97 6.11 31.26
C SER B 314 56.32 7.14 30.21
N ASP B 315 55.34 7.54 29.40
CA ASP B 315 55.57 8.60 28.42
C ASP B 315 55.60 9.97 29.08
N MET B 316 54.89 10.14 30.19
CA MET B 316 54.96 11.40 30.93
C MET B 316 56.35 11.65 31.46
N LEU B 317 57.00 10.61 32.00
CA LEU B 317 58.38 10.74 32.45
C LEU B 317 59.36 10.86 31.30
N SER B 318 58.92 10.64 30.07
CA SER B 318 59.78 10.78 28.91
C SER B 318 59.73 12.19 28.32
N GLU B 319 58.53 12.73 28.12
CA GLU B 319 58.38 14.07 27.55
C GLU B 319 58.37 15.14 28.65
N HIS B 320 57.40 15.08 29.55
CA HIS B 320 57.33 16.05 30.63
C HIS B 320 58.42 15.81 31.68
N SER B 321 58.59 14.55 32.07
CA SER B 321 59.58 14.16 33.08
C SER B 321 59.42 14.98 34.37
N PHE B 322 58.17 15.20 34.77
CA PHE B 322 57.84 15.95 35.97
C PHE B 322 56.98 15.05 36.86
N ILE B 323 57.62 14.36 37.80
CA ILE B 323 56.91 13.44 38.68
C ILE B 323 56.00 14.24 39.62
N PRO B 324 54.69 14.00 39.59
CA PRO B 324 53.77 14.74 40.47
C PRO B 324 53.71 14.10 41.84
N GLU B 325 54.18 14.83 42.85
CA GLU B 325 54.17 14.36 44.25
C GLU B 325 53.49 15.42 45.10
N PRO B 326 52.18 15.31 45.30
CA PRO B 326 51.46 16.32 46.08
C PRO B 326 51.83 16.24 47.54
N LYS B 327 51.68 17.37 48.24
CA LYS B 327 52.04 17.45 49.65
C LYS B 327 51.22 16.47 50.47
N SER B 328 51.90 15.74 51.37
CA SER B 328 51.23 14.72 52.16
C SER B 328 50.34 15.31 53.24
N SER B 329 50.48 16.59 53.56
CA SER B 329 49.65 17.21 54.57
C SER B 329 48.21 17.31 54.10
N CYS B 330 47.28 16.98 55.00
CA CYS B 330 45.85 17.01 54.71
C CYS B 330 45.18 18.29 55.18
N TYR B 331 45.96 19.31 55.55
CA TYR B 331 45.43 20.56 56.07
C TYR B 331 45.51 21.65 55.01
N ASN B 332 44.39 22.34 54.80
CA ASN B 332 44.29 23.43 53.83
C ASN B 332 44.64 22.95 52.41
N THR B 333 43.84 22.00 51.93
CA THR B 333 44.03 21.49 50.57
C THR B 333 43.62 22.52 49.52
N HIS B 334 42.86 23.55 49.90
CA HIS B 334 42.51 24.59 48.95
C HIS B 334 43.75 25.35 48.49
N GLU B 335 44.68 25.61 49.41
CA GLU B 335 45.92 26.30 49.05
C GLU B 335 46.84 25.44 48.17
N LYS B 336 46.60 24.14 48.11
CA LYS B 336 47.41 23.24 47.29
C LYS B 336 46.86 23.10 45.87
N ARG B 337 45.80 23.82 45.53
CA ARG B 337 45.24 23.76 44.18
C ARG B 337 46.14 24.39 43.12
N ILE B 338 47.17 25.12 43.53
CA ILE B 338 48.09 25.72 42.56
C ILE B 338 48.80 24.64 41.77
N TYR B 339 49.28 23.60 42.46
CA TYR B 339 49.94 22.50 41.77
C TYR B 339 48.94 21.72 40.94
N GLN B 340 49.31 21.47 39.69
CA GLN B 340 48.43 20.80 38.73
C GLN B 340 49.12 19.57 38.17
N SER B 341 48.44 18.43 38.22
CA SER B 341 48.93 17.17 37.70
C SER B 341 48.04 16.66 36.57
N ASN B 342 47.66 17.57 35.67
CA ASN B 342 46.77 17.23 34.57
C ASN B 342 47.48 16.49 33.44
N MET B 343 48.81 16.56 33.36
CA MET B 343 49.51 15.85 32.30
C MET B 343 49.43 14.34 32.48
N LEU B 344 49.36 13.87 33.73
CA LEU B 344 49.14 12.45 33.96
C LEU B 344 47.74 12.03 33.52
N ASN B 345 46.77 12.93 33.66
CA ASN B 345 45.40 12.63 33.23
C ASN B 345 45.34 12.39 31.74
N ARG B 346 46.06 13.19 30.95
CA ARG B 346 46.05 13.04 29.50
C ARG B 346 46.56 11.66 29.10
N TYR B 347 47.66 11.21 29.70
CA TYR B 347 48.24 9.92 29.33
C TYR B 347 47.55 8.75 30.01
N LEU B 348 46.68 9.00 31.00
CA LEU B 348 45.83 7.94 31.53
C LEU B 348 44.69 7.61 30.58
N ILE B 349 44.28 8.57 29.76
CA ILE B 349 43.17 8.36 28.83
C ILE B 349 43.53 7.27 27.82
N ASN B 350 44.72 7.35 27.23
CA ASN B 350 45.13 6.47 26.15
C ASN B 350 46.23 5.55 26.66
N VAL B 351 45.92 4.26 26.79
CA VAL B 351 46.89 3.24 27.14
C VAL B 351 46.72 2.08 26.18
N THR B 352 47.77 1.76 25.44
CA THR B 352 47.81 0.61 24.54
C THR B 352 48.82 -0.36 25.11
N PHE B 353 48.35 -1.23 26.01
CA PHE B 353 49.22 -2.09 26.80
C PHE B 353 48.95 -3.55 26.47
N GLU B 354 50.01 -4.31 26.24
CA GLU B 354 49.94 -5.76 26.00
C GLU B 354 48.98 -6.09 24.87
N GLY B 355 49.02 -5.30 23.80
CA GLY B 355 48.15 -5.51 22.66
C GLY B 355 46.68 -5.29 22.94
N ARG B 356 46.33 -4.67 24.06
CA ARG B 356 44.95 -4.40 24.42
C ARG B 356 44.76 -2.91 24.67
N ASN B 357 43.66 -2.37 24.15
CA ASN B 357 43.36 -0.94 24.32
C ASN B 357 42.64 -0.76 25.66
N LEU B 358 43.42 -0.83 26.73
CA LEU B 358 42.90 -0.61 28.07
C LEU B 358 42.80 0.89 28.33
N SER B 359 42.14 1.61 27.43
CA SER B 359 42.12 3.07 27.44
C SER B 359 40.76 3.54 27.91
N PHE B 360 40.75 4.50 28.83
CA PHE B 360 39.52 5.05 29.36
C PHE B 360 39.06 6.22 28.52
N SER B 361 37.74 6.40 28.46
CA SER B 361 37.15 7.46 27.65
C SER B 361 37.24 8.79 28.39
N GLU B 362 36.55 9.80 27.87
CA GLU B 362 36.59 11.12 28.49
C GLU B 362 35.95 11.13 29.87
N ASP B 363 34.84 10.40 30.02
CA ASP B 363 34.07 10.41 31.25
C ASP B 363 34.34 9.20 32.15
N GLY B 364 35.39 8.44 31.87
CA GLY B 364 35.76 7.32 32.70
C GLY B 364 35.34 5.96 32.18
N TYR B 365 34.49 5.91 31.16
CA TYR B 365 34.11 4.63 30.57
C TYR B 365 35.33 3.98 29.92
N GLN B 366 35.34 2.65 29.95
CA GLN B 366 36.33 1.91 29.18
C GLN B 366 36.00 2.02 27.70
N MET B 367 37.02 2.31 26.89
CA MET B 367 36.79 2.46 25.45
C MET B 367 36.41 1.14 24.81
N HIS B 368 37.05 0.04 25.23
CA HIS B 368 36.80 -1.29 24.67
C HIS B 368 36.52 -2.25 25.81
N PRO B 369 35.33 -2.19 26.40
CA PRO B 369 34.99 -3.10 27.48
C PRO B 369 34.69 -4.51 26.98
N LYS B 370 34.81 -5.46 27.90
CA LYS B 370 34.56 -6.87 27.58
C LYS B 370 33.13 -7.24 27.98
N LEU B 371 32.18 -6.66 27.26
CA LEU B 371 30.78 -6.95 27.50
C LEU B 371 30.44 -8.38 27.11
N VAL B 372 29.49 -8.96 27.82
CA VAL B 372 29.05 -10.33 27.57
C VAL B 372 27.54 -10.39 27.77
N ILE B 373 26.86 -11.10 26.88
CA ILE B 373 25.41 -11.23 26.92
C ILE B 373 25.05 -12.47 27.73
N ILE B 374 24.12 -12.31 28.67
CA ILE B 374 23.69 -13.41 29.53
C ILE B 374 22.21 -13.65 29.32
N LEU B 375 21.80 -14.91 29.48
CA LEU B 375 20.43 -15.33 29.26
C LEU B 375 19.96 -16.19 30.43
N LEU B 376 18.67 -16.10 30.74
CA LEU B 376 18.05 -16.89 31.79
C LEU B 376 17.57 -18.21 31.20
N ASN B 377 18.17 -19.31 31.62
CA ASN B 377 17.79 -20.63 31.12
C ASN B 377 16.62 -21.17 31.94
N LYS B 378 16.32 -22.46 31.78
CA LYS B 378 15.17 -23.06 32.45
C LYS B 378 15.24 -22.85 33.95
N GLU B 379 16.36 -23.21 34.57
CA GLU B 379 16.60 -22.81 35.95
C GLU B 379 16.94 -21.32 35.99
N ARG B 380 16.55 -20.67 37.07
CA ARG B 380 16.70 -19.22 37.19
C ARG B 380 18.17 -18.89 37.43
N LYS B 381 18.95 -18.96 36.34
CA LYS B 381 20.37 -18.67 36.38
C LYS B 381 20.77 -17.97 35.09
N TRP B 382 21.74 -17.06 35.19
CA TRP B 382 22.22 -16.32 34.04
C TRP B 382 23.38 -17.08 33.41
N GLU B 383 23.22 -17.49 32.15
CA GLU B 383 24.25 -18.21 31.42
C GLU B 383 24.71 -17.39 30.23
N ARG B 384 26.02 -17.41 29.97
CA ARG B 384 26.59 -16.62 28.89
C ARG B 384 26.10 -17.13 27.54
N VAL B 385 25.88 -16.20 26.61
CA VAL B 385 25.42 -16.54 25.27
C VAL B 385 26.36 -15.93 24.25
N GLY B 386 26.61 -14.63 24.37
CA GLY B 386 27.42 -13.94 23.39
C GLY B 386 28.67 -13.31 23.96
N LYS B 387 29.27 -12.39 23.19
CA LYS B 387 30.49 -11.71 23.61
C LYS B 387 30.76 -10.52 22.70
N TRP B 388 31.07 -9.37 23.28
CA TRP B 388 31.33 -8.15 22.54
C TRP B 388 32.80 -7.78 22.67
N LYS B 389 33.46 -7.61 21.52
CA LYS B 389 34.89 -7.33 21.52
C LYS B 389 35.27 -6.66 20.22
N ASP B 390 36.06 -5.59 20.32
CA ASP B 390 36.58 -4.87 19.15
C ASP B 390 35.46 -4.45 18.21
N LYS B 391 34.36 -3.98 18.80
CA LYS B 391 33.15 -3.57 18.07
C LYS B 391 32.59 -4.72 17.22
N SER B 392 32.99 -5.94 17.51
CA SER B 392 32.45 -7.14 16.87
C SER B 392 31.79 -7.99 17.95
N LEU B 393 30.69 -8.64 17.59
CA LEU B 393 29.84 -9.32 18.56
C LEU B 393 29.66 -10.77 18.14
N GLN B 394 29.85 -11.69 19.08
CA GLN B 394 29.93 -13.13 18.77
C GLN B 394 28.98 -13.92 19.67
N MET B 395 27.79 -14.23 19.16
CA MET B 395 26.97 -15.26 19.78
C MET B 395 27.65 -16.62 19.73
N LYS B 396 27.41 -17.42 20.77
CA LYS B 396 27.66 -18.84 20.70
C LYS B 396 26.48 -19.59 20.09
N TYR B 397 25.31 -18.95 20.02
CA TYR B 397 24.12 -19.54 19.43
C TYR B 397 23.91 -18.93 18.05
N TYR B 398 23.94 -19.77 17.01
CA TYR B 398 23.74 -19.25 15.66
C TYR B 398 22.31 -18.78 15.47
N VAL B 399 21.34 -19.50 16.02
CA VAL B 399 19.93 -19.14 15.93
C VAL B 399 19.34 -19.12 17.33
N TRP B 400 18.43 -18.18 17.56
CA TRP B 400 17.83 -18.03 18.88
C TRP B 400 16.86 -19.17 19.14
N PRO B 401 16.99 -19.88 20.28
CA PRO B 401 16.07 -20.98 20.60
C PRO B 401 14.73 -20.48 21.10
N ASP B 412 3.35 -22.76 16.68
CA ASP B 412 2.58 -23.12 15.49
C ASP B 412 2.57 -21.98 14.48
N ASP B 413 2.54 -20.74 14.98
CA ASP B 413 2.56 -19.58 14.11
C ASP B 413 3.93 -19.33 13.49
N HIS B 414 4.95 -20.05 13.93
CA HIS B 414 6.29 -19.94 13.38
C HIS B 414 6.63 -21.23 12.66
N LEU B 415 6.80 -21.15 11.34
CA LEU B 415 7.06 -22.32 10.52
C LEU B 415 8.21 -22.03 9.57
N SER B 416 8.91 -23.09 9.18
CA SER B 416 10.05 -22.96 8.28
C SER B 416 9.59 -23.01 6.83
N ILE B 417 10.25 -22.22 5.98
CA ILE B 417 9.86 -22.04 4.60
C ILE B 417 11.07 -22.21 3.72
N VAL B 418 11.03 -23.19 2.81
CA VAL B 418 12.09 -23.37 1.84
C VAL B 418 11.96 -22.32 0.74
N THR B 419 13.05 -22.08 0.03
CA THR B 419 13.03 -21.19 -1.12
C THR B 419 14.11 -21.67 -2.09
N LEU B 420 14.15 -21.03 -3.26
CA LEU B 420 15.17 -21.32 -4.24
C LEU B 420 15.28 -20.12 -5.17
N GLU B 421 16.51 -19.80 -5.58
CA GLU B 421 16.73 -18.61 -6.38
C GLU B 421 16.26 -18.82 -7.81
N GLU B 422 15.26 -18.04 -8.21
CA GLU B 422 14.83 -17.93 -9.59
C GLU B 422 14.76 -16.45 -9.93
N ALA B 423 15.10 -16.12 -11.17
CA ALA B 423 15.54 -14.76 -11.49
C ALA B 423 14.53 -13.68 -11.11
N PRO B 424 13.25 -13.76 -11.47
CA PRO B 424 12.34 -12.66 -11.11
C PRO B 424 11.55 -12.91 -9.84
N PHE B 425 11.62 -14.12 -9.30
CA PHE B 425 10.75 -14.54 -8.20
C PHE B 425 11.46 -14.56 -6.86
N VAL B 426 12.68 -15.09 -6.81
CA VAL B 426 13.47 -15.09 -5.58
C VAL B 426 14.89 -14.69 -5.96
N ILE B 427 15.31 -13.50 -5.54
CA ILE B 427 16.62 -12.97 -5.87
C ILE B 427 17.40 -12.90 -4.56
N VAL B 428 18.29 -13.85 -4.33
CA VAL B 428 19.10 -13.82 -3.12
C VAL B 428 20.30 -12.91 -3.33
N GLU B 429 20.64 -12.16 -2.30
CA GLU B 429 21.76 -11.24 -2.35
C GLU B 429 22.63 -11.43 -1.12
N SER B 430 23.91 -11.17 -1.27
CA SER B 430 24.80 -11.19 -0.13
C SER B 430 24.44 -10.07 0.84
N VAL B 431 24.78 -10.28 2.11
CA VAL B 431 24.44 -9.30 3.12
C VAL B 431 25.23 -8.02 2.92
N ASP B 432 24.69 -6.92 3.42
CA ASP B 432 25.36 -5.63 3.33
C ASP B 432 26.65 -5.66 4.15
N PRO B 433 27.81 -5.39 3.56
CA PRO B 433 29.06 -5.49 4.33
C PRO B 433 29.16 -4.50 5.48
N LEU B 434 28.48 -3.36 5.39
CA LEU B 434 28.61 -2.35 6.44
C LEU B 434 27.90 -2.79 7.71
N SER B 435 26.59 -2.96 7.65
CA SER B 435 25.82 -3.34 8.84
C SER B 435 25.97 -4.81 9.19
N GLY B 436 26.13 -5.67 8.18
CA GLY B 436 26.25 -7.09 8.41
C GLY B 436 24.95 -7.85 8.52
N THR B 437 23.81 -7.15 8.48
CA THR B 437 22.50 -7.76 8.52
C THR B 437 21.70 -7.34 7.29
N CYS B 438 20.53 -7.95 7.12
CA CYS B 438 19.78 -7.80 5.88
C CYS B 438 19.14 -6.42 5.75
N MET B 439 18.70 -6.14 4.52
CA MET B 439 18.29 -4.84 4.03
C MET B 439 16.82 -4.60 4.34
N ARG B 440 16.40 -3.34 4.25
CA ARG B 440 14.97 -3.04 4.18
C ARG B 440 14.36 -3.69 2.95
N ASN B 441 13.15 -4.20 3.09
CA ASN B 441 12.34 -4.85 2.05
C ASN B 441 13.01 -6.08 1.45
N THR B 442 14.04 -6.62 2.11
CA THR B 442 14.76 -7.79 1.62
C THR B 442 14.93 -8.72 2.81
N VAL B 443 13.97 -9.63 2.99
CA VAL B 443 13.91 -10.49 4.17
C VAL B 443 15.08 -11.47 4.17
N PRO B 444 15.59 -11.86 5.32
CA PRO B 444 16.75 -12.75 5.36
C PRO B 444 16.39 -14.18 4.98
N CYS B 445 17.41 -14.92 4.57
CA CYS B 445 17.27 -16.33 4.23
C CYS B 445 18.61 -17.00 4.43
N GLN B 446 18.64 -18.05 5.25
CA GLN B 446 19.87 -18.77 5.52
C GLN B 446 20.31 -19.54 4.28
N LYS B 447 21.43 -20.25 4.42
CA LYS B 447 21.97 -21.08 3.36
C LYS B 447 23.01 -21.99 3.96
N ARG B 448 22.94 -23.28 3.63
CA ARG B 448 23.81 -24.28 4.22
C ARG B 448 24.91 -24.65 3.22
N ILE B 449 26.15 -24.29 3.55
CA ILE B 449 27.30 -24.71 2.76
C ILE B 449 28.36 -25.27 3.69
N GLY B 460 26.83 -25.61 9.58
CA GLY B 460 27.22 -24.24 9.30
C GLY B 460 26.30 -23.58 8.29
N TYR B 461 25.84 -22.37 8.61
CA TYR B 461 24.89 -21.63 7.79
C TYR B 461 25.46 -20.25 7.50
N ILE B 462 25.17 -19.75 6.30
CA ILE B 462 25.57 -18.40 5.90
C ILE B 462 24.32 -17.61 5.59
N LYS B 463 24.13 -16.49 6.29
CA LYS B 463 22.93 -15.70 6.12
C LYS B 463 22.97 -14.95 4.79
N LYS B 464 21.80 -14.81 4.18
CA LYS B 464 21.65 -14.10 2.92
C LYS B 464 20.33 -13.33 2.97
N CYS B 465 20.14 -12.46 1.98
CA CYS B 465 18.95 -11.63 1.91
C CYS B 465 18.18 -11.95 0.64
N CYS B 466 16.89 -12.25 0.79
CA CYS B 466 16.04 -12.68 -0.30
C CYS B 466 15.01 -11.59 -0.61
N LYS B 467 14.74 -11.41 -1.90
CA LYS B 467 13.66 -10.53 -2.34
C LYS B 467 13.20 -10.99 -3.71
N GLY B 468 11.95 -10.66 -4.03
CA GLY B 468 11.42 -11.02 -5.32
C GLY B 468 9.90 -11.04 -5.33
N PHE B 469 9.36 -11.50 -6.46
CA PHE B 469 7.92 -11.54 -6.65
C PHE B 469 7.26 -12.46 -5.64
N CYS B 470 7.85 -13.64 -5.41
CA CYS B 470 7.25 -14.59 -4.48
C CYS B 470 7.43 -14.17 -3.03
N ILE B 471 8.57 -13.54 -2.72
CA ILE B 471 8.80 -13.07 -1.35
C ILE B 471 7.80 -11.97 -0.99
N ASP B 472 7.53 -11.07 -1.92
CA ASP B 472 6.54 -10.02 -1.68
C ASP B 472 5.17 -10.61 -1.39
N ILE B 473 4.82 -11.68 -2.10
CA ILE B 473 3.59 -12.41 -1.80
C ILE B 473 3.65 -13.01 -0.41
N LEU B 474 4.82 -13.54 -0.04
CA LEU B 474 4.98 -14.14 1.28
C LEU B 474 4.79 -13.12 2.39
N LYS B 475 5.29 -11.91 2.19
CA LYS B 475 5.11 -10.86 3.20
C LYS B 475 3.64 -10.48 3.33
N LYS B 476 2.94 -10.32 2.20
CA LYS B 476 1.54 -9.93 2.26
C LYS B 476 0.66 -11.05 2.78
N ILE B 477 1.00 -12.30 2.46
CA ILE B 477 0.23 -13.42 2.99
C ILE B 477 0.38 -13.49 4.50
N SER B 478 1.62 -13.45 5.00
CA SER B 478 1.85 -13.61 6.42
C SER B 478 1.34 -12.43 7.24
N LYS B 479 1.14 -11.27 6.62
CA LYS B 479 0.55 -10.15 7.34
C LYS B 479 -0.93 -10.36 7.58
N SER B 480 -1.63 -11.02 6.65
CA SER B 480 -3.05 -11.29 6.79
C SER B 480 -3.33 -12.62 7.46
N VAL B 481 -2.62 -13.68 7.05
CA VAL B 481 -2.76 -14.96 7.73
C VAL B 481 -2.18 -14.90 9.14
N LYS B 482 -1.32 -13.91 9.43
CA LYS B 482 -0.76 -13.68 10.76
C LYS B 482 0.03 -14.89 11.25
N PHE B 483 1.13 -15.15 10.55
CA PHE B 483 2.10 -16.14 10.98
C PHE B 483 3.51 -15.62 10.68
N THR B 484 4.49 -16.19 11.37
CA THR B 484 5.89 -15.86 11.18
C THR B 484 6.60 -17.03 10.51
N TYR B 485 7.78 -16.74 9.95
CA TYR B 485 8.48 -17.70 9.12
C TYR B 485 9.98 -17.51 9.25
N ASP B 486 10.74 -18.48 8.73
CA ASP B 486 12.18 -18.36 8.67
C ASP B 486 12.64 -19.04 7.38
N LEU B 487 12.93 -18.24 6.36
CA LEU B 487 13.31 -18.76 5.07
C LEU B 487 14.65 -19.50 5.15
N TYR B 488 14.85 -20.41 4.22
CA TYR B 488 16.16 -21.01 4.03
C TYR B 488 16.22 -21.63 2.65
N LEU B 489 17.23 -21.25 1.88
CA LEU B 489 17.38 -21.75 0.52
C LEU B 489 17.70 -23.25 0.55
N VAL B 490 17.09 -23.98 -0.38
CA VAL B 490 17.29 -25.42 -0.40
C VAL B 490 18.70 -25.74 -0.88
N THR B 491 19.19 -26.91 -0.49
CA THR B 491 20.52 -27.37 -0.87
C THR B 491 20.55 -28.80 -1.36
N ASN B 492 19.54 -29.62 -1.05
CA ASN B 492 19.49 -31.00 -1.51
C ASN B 492 19.35 -31.10 -3.02
N GLY B 493 18.92 -30.03 -3.68
CA GLY B 493 18.66 -30.08 -5.11
C GLY B 493 17.98 -28.83 -5.60
N LYS B 494 16.87 -28.98 -6.30
CA LYS B 494 16.13 -27.87 -6.86
C LYS B 494 14.65 -28.13 -6.61
N HIS B 495 13.79 -27.42 -7.33
CA HIS B 495 12.35 -27.36 -7.08
C HIS B 495 11.74 -28.70 -6.67
N GLY B 496 12.18 -29.79 -7.29
CA GLY B 496 11.74 -31.11 -6.85
C GLY B 496 11.87 -32.16 -7.92
N LYS B 497 12.34 -33.35 -7.54
CA LYS B 497 12.47 -34.45 -8.49
C LYS B 497 12.37 -35.77 -7.72
N LYS B 498 11.77 -36.76 -8.35
CA LYS B 498 11.57 -38.07 -7.74
C LYS B 498 12.71 -38.97 -8.18
N ILE B 499 13.71 -39.11 -7.33
CA ILE B 499 14.87 -39.96 -7.59
C ILE B 499 14.80 -41.15 -6.66
N ASN B 500 14.72 -42.35 -7.24
CA ASN B 500 14.63 -43.60 -6.48
C ASN B 500 13.43 -43.60 -5.53
N GLY B 501 12.34 -42.95 -5.93
CA GLY B 501 11.14 -42.92 -5.13
C GLY B 501 11.15 -41.94 -3.98
N THR B 502 12.21 -41.15 -3.82
CA THR B 502 12.29 -40.15 -2.77
C THR B 502 12.54 -38.79 -3.41
N TRP B 503 11.77 -37.79 -2.98
CA TRP B 503 11.89 -36.46 -3.53
C TRP B 503 13.15 -35.76 -3.01
N ASN B 504 13.55 -34.70 -3.71
CA ASN B 504 14.69 -33.91 -3.30
C ASN B 504 14.45 -32.45 -3.65
N GLY B 505 14.85 -31.56 -2.75
CA GLY B 505 14.75 -30.14 -3.01
C GLY B 505 13.57 -29.48 -2.34
N MET B 506 13.03 -28.43 -2.99
CA MET B 506 11.95 -27.65 -2.40
C MET B 506 10.73 -28.50 -2.10
N ILE B 507 10.59 -29.65 -2.75
CA ILE B 507 9.51 -30.57 -2.45
C ILE B 507 9.93 -31.60 -1.42
N GLY B 508 11.13 -32.16 -1.58
CA GLY B 508 11.65 -33.14 -0.64
C GLY B 508 11.90 -32.59 0.74
N GLU B 509 11.84 -31.28 0.92
CA GLU B 509 11.91 -30.72 2.27
C GLU B 509 10.54 -30.72 2.94
N VAL B 510 9.50 -30.35 2.21
CA VAL B 510 8.15 -30.42 2.76
C VAL B 510 7.74 -31.86 2.99
N VAL B 511 8.15 -32.76 2.09
CA VAL B 511 7.83 -34.18 2.25
C VAL B 511 8.52 -34.73 3.49
N MET B 512 9.79 -34.40 3.69
CA MET B 512 10.53 -34.84 4.87
C MET B 512 10.22 -34.00 6.10
N LYS B 513 9.21 -33.14 6.04
CA LYS B 513 8.74 -32.34 7.16
C LYS B 513 9.81 -31.41 7.70
N ARG B 514 10.88 -31.18 6.94
CA ARG B 514 11.86 -30.17 7.32
C ARG B 514 11.34 -28.76 7.11
N ALA B 515 10.18 -28.60 6.48
CA ALA B 515 9.58 -27.29 6.29
C ALA B 515 8.07 -27.45 6.19
N TYR B 516 7.38 -26.33 6.37
CA TYR B 516 5.93 -26.30 6.23
C TYR B 516 5.47 -25.73 4.90
N MET B 517 6.29 -24.90 4.27
CA MET B 517 5.93 -24.27 3.02
C MET B 517 7.15 -24.25 2.11
N ALA B 518 6.90 -24.11 0.82
CA ALA B 518 7.94 -24.10 -0.20
C ALA B 518 7.70 -22.98 -1.18
N VAL B 519 7.51 -21.77 -0.66
CA VAL B 519 7.28 -20.62 -1.53
C VAL B 519 8.43 -20.48 -2.52
N GLY B 520 8.12 -19.90 -3.67
CA GLY B 520 9.08 -19.79 -4.74
C GLY B 520 8.42 -20.03 -6.10
N SER B 521 9.19 -20.57 -7.05
CA SER B 521 8.71 -20.82 -8.39
C SER B 521 8.27 -22.27 -8.58
N LEU B 522 7.67 -22.87 -7.56
CA LEU B 522 7.18 -24.23 -7.67
C LEU B 522 6.03 -24.31 -8.65
N THR B 523 6.02 -25.36 -9.46
CA THR B 523 4.98 -25.57 -10.46
C THR B 523 4.03 -26.65 -9.98
N ILE B 524 2.73 -26.37 -10.04
CA ILE B 524 1.71 -27.34 -9.67
C ILE B 524 1.66 -28.42 -10.73
N ASN B 525 1.85 -29.67 -10.32
CA ASN B 525 1.62 -30.76 -11.25
C ASN B 525 1.12 -31.97 -10.46
N GLU B 526 0.75 -33.01 -11.20
CA GLU B 526 0.03 -34.14 -10.61
C GLU B 526 0.91 -34.90 -9.64
N GLU B 527 2.19 -35.12 -9.96
CA GLU B 527 3.01 -35.97 -9.12
C GLU B 527 3.42 -35.27 -7.83
N ARG B 528 3.59 -33.95 -7.86
CA ARG B 528 3.92 -33.23 -6.63
C ARG B 528 2.70 -33.11 -5.73
N SER B 529 1.53 -32.85 -6.31
CA SER B 529 0.33 -32.67 -5.51
C SER B 529 -0.15 -33.96 -4.86
N GLU B 530 0.43 -35.10 -5.22
CA GLU B 530 0.13 -36.36 -4.57
C GLU B 530 0.98 -36.60 -3.34
N VAL B 531 1.94 -35.73 -3.06
CA VAL B 531 2.78 -35.86 -1.86
C VAL B 531 2.80 -34.60 -1.01
N VAL B 532 2.51 -33.43 -1.56
CA VAL B 532 2.21 -32.22 -0.80
C VAL B 532 0.94 -31.63 -1.39
N ASP B 533 0.37 -30.65 -0.71
CA ASP B 533 -0.85 -30.00 -1.18
C ASP B 533 -0.55 -28.54 -1.46
N PHE B 534 -0.82 -28.12 -2.68
CA PHE B 534 -0.49 -26.80 -3.14
C PHE B 534 -1.60 -25.82 -2.81
N SER B 535 -1.25 -24.54 -2.81
CA SER B 535 -2.24 -23.50 -2.69
C SER B 535 -2.86 -23.22 -4.06
N VAL B 536 -3.72 -22.22 -4.11
CA VAL B 536 -4.23 -21.77 -5.40
C VAL B 536 -3.09 -21.10 -6.17
N PRO B 537 -3.01 -21.26 -7.49
CA PRO B 537 -1.92 -20.61 -8.23
C PRO B 537 -1.96 -19.11 -8.05
N PHE B 538 -0.78 -18.51 -7.89
CA PHE B 538 -0.69 -17.06 -7.84
C PHE B 538 -0.09 -16.46 -9.09
N ILE B 539 0.28 -17.28 -10.08
CA ILE B 539 0.68 -16.78 -11.39
C ILE B 539 0.60 -17.95 -12.36
N GLU B 540 0.10 -17.69 -13.56
CA GLU B 540 0.02 -18.73 -14.57
C GLU B 540 1.39 -19.02 -15.15
N THR B 541 1.66 -20.29 -15.40
CA THR B 541 2.93 -20.73 -15.95
C THR B 541 2.62 -21.84 -16.96
N GLY B 542 3.66 -22.58 -17.34
CA GLY B 542 3.48 -23.66 -18.27
C GLY B 542 4.76 -23.96 -19.01
N ILE B 543 4.66 -24.34 -20.27
CA ILE B 543 5.81 -24.68 -21.09
C ILE B 543 5.75 -23.82 -22.34
N SER B 544 6.84 -23.11 -22.63
CA SER B 544 6.90 -22.23 -23.78
C SER B 544 8.27 -22.35 -24.41
N VAL B 545 8.34 -22.02 -25.70
CA VAL B 545 9.53 -22.18 -26.51
C VAL B 545 10.13 -20.81 -26.79
N MET B 546 11.41 -20.65 -26.44
CA MET B 546 12.13 -19.42 -26.71
C MET B 546 13.05 -19.61 -27.89
N VAL B 547 12.91 -18.74 -28.90
CA VAL B 547 13.72 -18.80 -30.11
C VAL B 547 14.23 -17.40 -30.42
N SER B 548 15.30 -17.34 -31.20
CA SER B 548 15.80 -16.07 -31.68
C SER B 548 14.87 -15.53 -32.76
N ARG B 549 14.66 -14.21 -32.73
CA ARG B 549 13.79 -13.59 -33.73
C ARG B 549 14.35 -13.79 -35.12
N SER B 550 13.46 -14.00 -36.09
CA SER B 550 13.88 -14.25 -37.45
C SER B 550 14.55 -13.02 -38.05
N ASN B 551 15.33 -13.24 -39.10
CA ASN B 551 16.00 -12.13 -39.78
C ASN B 551 14.97 -11.18 -40.39
N GLY B 552 13.87 -11.72 -40.90
CA GLY B 552 12.77 -10.90 -41.35
C GLY B 552 12.32 -11.15 -42.77
N THR B 553 11.04 -11.48 -42.92
CA THR B 553 10.40 -11.60 -44.22
C THR B 553 9.45 -10.41 -44.39
N VAL B 554 9.53 -9.75 -45.55
CA VAL B 554 8.63 -8.63 -45.83
C VAL B 554 7.20 -9.14 -45.89
N SER B 555 6.91 -10.00 -46.88
CA SER B 555 5.63 -10.68 -47.03
C SER B 555 5.77 -11.65 -48.20
N PRO B 556 5.13 -12.82 -48.15
CA PRO B 556 5.13 -13.68 -49.33
C PRO B 556 4.50 -12.97 -50.52
N SER B 557 5.31 -12.69 -51.54
CA SER B 557 4.88 -11.91 -52.70
C SER B 557 4.31 -10.56 -52.27
N ALA B 558 2.99 -10.47 -52.19
CA ALA B 558 2.27 -9.28 -51.73
C ALA B 558 2.54 -8.06 -52.60
N PHE B 559 2.92 -8.28 -53.86
CA PHE B 559 2.95 -7.19 -54.83
C PHE B 559 1.60 -6.95 -55.46
N LEU B 560 0.65 -7.86 -55.29
CA LEU B 560 -0.69 -7.78 -55.87
C LEU B 560 -1.66 -7.05 -54.95
N GLU B 561 -1.26 -6.73 -53.73
CA GLU B 561 -2.09 -6.15 -52.68
C GLU B 561 -2.49 -4.69 -52.84
N PRO B 562 -1.68 -3.82 -53.47
CA PRO B 562 -2.07 -2.40 -53.53
C PRO B 562 -3.46 -2.13 -54.07
N PHE B 563 -3.93 -2.92 -55.03
CA PHE B 563 -5.20 -2.68 -55.69
C PHE B 563 -6.11 -3.89 -55.56
N SER B 564 -7.40 -3.63 -55.44
CA SER B 564 -8.39 -4.69 -55.43
C SER B 564 -8.47 -5.33 -56.82
N ALA B 565 -8.82 -6.61 -56.85
CA ALA B 565 -8.82 -7.34 -58.10
C ALA B 565 -9.84 -6.79 -59.09
N ASP B 566 -10.96 -6.25 -58.58
CA ASP B 566 -11.91 -5.58 -59.46
C ASP B 566 -11.28 -4.34 -60.08
N VAL B 567 -10.51 -3.59 -59.29
CA VAL B 567 -9.81 -2.42 -59.80
C VAL B 567 -8.75 -2.83 -60.81
N TRP B 568 -8.00 -3.90 -60.52
CA TRP B 568 -7.02 -4.39 -61.47
C TRP B 568 -7.66 -4.76 -62.80
N VAL B 569 -8.86 -5.35 -62.75
CA VAL B 569 -9.48 -5.86 -63.97
C VAL B 569 -9.95 -4.72 -64.85
N MET B 570 -10.80 -3.84 -64.30
CA MET B 570 -11.44 -2.87 -65.18
C MET B 570 -10.48 -1.79 -65.66
N MET B 571 -9.32 -1.62 -65.01
CA MET B 571 -8.29 -0.75 -65.57
C MET B 571 -7.78 -1.32 -66.87
N PHE B 572 -7.57 -2.62 -66.93
CA PHE B 572 -6.86 -3.23 -68.03
C PHE B 572 -7.70 -4.20 -68.85
N VAL B 573 -8.93 -4.48 -68.45
CA VAL B 573 -9.87 -5.21 -69.28
C VAL B 573 -10.95 -4.30 -69.83
N MET B 574 -11.49 -3.41 -69.00
CA MET B 574 -12.54 -2.51 -69.46
C MET B 574 -11.96 -1.20 -69.98
N LEU B 575 -11.21 -0.49 -69.13
CA LEU B 575 -10.80 0.87 -69.47
C LEU B 575 -9.87 0.90 -70.68
N LEU B 576 -8.93 -0.03 -70.75
CA LEU B 576 -7.90 0.06 -71.78
C LEU B 576 -8.43 -0.38 -73.13
N ILE B 577 -9.25 -1.43 -73.17
CA ILE B 577 -9.85 -1.84 -74.44
C ILE B 577 -10.78 -0.76 -74.96
N VAL B 578 -11.59 -0.17 -74.10
CA VAL B 578 -12.47 0.92 -74.52
C VAL B 578 -11.64 2.12 -74.94
N SER B 579 -10.50 2.36 -74.29
CA SER B 579 -9.61 3.43 -74.71
C SER B 579 -8.93 3.10 -76.04
N ALA B 580 -8.45 1.86 -76.19
CA ALA B 580 -7.73 1.49 -77.41
C ALA B 580 -8.64 1.57 -78.63
N VAL B 581 -9.88 1.10 -78.51
CA VAL B 581 -10.80 1.18 -79.63
C VAL B 581 -11.18 2.62 -79.91
N ALA B 582 -11.32 3.44 -78.86
CA ALA B 582 -11.62 4.85 -79.07
C ALA B 582 -10.44 5.58 -79.73
N VAL B 583 -9.22 5.31 -79.26
CA VAL B 583 -8.03 5.90 -79.88
C VAL B 583 -7.92 5.43 -81.33
N PHE B 584 -8.18 4.15 -81.56
CA PHE B 584 -8.11 3.61 -82.92
C PHE B 584 -9.13 4.30 -83.83
N VAL B 585 -10.35 4.57 -83.34
CA VAL B 585 -11.34 5.24 -84.16
C VAL B 585 -11.32 6.76 -84.05
N PHE B 586 -10.60 7.31 -83.08
CA PHE B 586 -10.24 8.72 -83.16
C PHE B 586 -9.21 8.95 -84.24
N GLU B 587 -8.31 7.99 -84.44
CA GLU B 587 -7.29 8.12 -85.47
C GLU B 587 -7.88 7.91 -86.85
N TYR B 588 -8.81 6.95 -86.98
CA TYR B 588 -9.41 6.66 -88.27
C TYR B 588 -10.09 7.89 -88.86
N PHE B 589 -10.87 8.58 -88.05
CA PHE B 589 -11.62 9.73 -88.56
C PHE B 589 -10.78 10.98 -88.64
N SER B 590 -9.52 10.94 -88.22
CA SER B 590 -8.66 12.11 -88.29
C SER B 590 -8.21 12.35 -89.72
N PRO B 591 -8.31 13.57 -90.23
CA PRO B 591 -7.82 13.83 -91.59
C PRO B 591 -6.35 13.54 -91.78
N VAL B 592 -5.53 13.82 -90.76
CA VAL B 592 -4.09 13.61 -90.90
C VAL B 592 -3.75 12.11 -90.91
N GLY B 593 -4.35 11.34 -90.02
CA GLY B 593 -4.05 9.93 -89.96
C GLY B 593 -4.66 9.16 -91.11
N TYR B 594 -4.18 7.94 -91.31
CA TYR B 594 -4.65 7.08 -92.40
C TYR B 594 -6.05 6.54 -92.11
N GLY B 606 4.37 7.17 -92.19
CA GLY B 606 4.60 5.94 -91.44
C GLY B 606 3.59 4.85 -91.76
N PRO B 607 3.59 3.79 -90.96
CA PRO B 607 2.65 2.70 -91.16
C PRO B 607 1.27 3.06 -90.61
N SER B 608 0.37 2.09 -90.66
CA SER B 608 -0.96 2.29 -90.12
C SER B 608 -0.92 2.23 -88.60
N PHE B 609 -2.06 2.51 -87.98
CA PHE B 609 -2.23 2.52 -86.54
C PHE B 609 -3.36 1.55 -86.21
N THR B 610 -3.02 0.28 -86.04
CA THR B 610 -4.03 -0.75 -85.82
C THR B 610 -4.38 -0.84 -84.33
N ILE B 611 -5.25 -1.79 -83.99
CA ILE B 611 -5.63 -2.01 -82.60
C ILE B 611 -4.55 -2.75 -81.83
N GLY B 612 -3.58 -3.36 -82.51
CA GLY B 612 -2.45 -3.92 -81.83
C GLY B 612 -1.33 -2.95 -81.54
N LYS B 613 -1.42 -1.74 -82.10
CA LYS B 613 -0.50 -0.66 -81.77
C LYS B 613 -1.02 0.17 -80.61
N ALA B 614 -2.33 0.40 -80.58
CA ALA B 614 -2.92 1.10 -79.45
C ALA B 614 -2.74 0.32 -78.16
N ILE B 615 -2.95 -1.00 -78.22
CA ILE B 615 -2.81 -1.83 -77.04
C ILE B 615 -1.38 -1.83 -76.54
N TRP B 616 -0.42 -1.99 -77.46
CA TRP B 616 0.98 -1.93 -77.10
C TRP B 616 1.35 -0.55 -76.56
N LEU B 617 0.79 0.50 -77.14
CA LEU B 617 1.07 1.85 -76.67
C LEU B 617 0.46 2.10 -75.29
N LEU B 618 -0.81 1.71 -75.10
CA LEU B 618 -1.47 1.98 -73.83
C LEU B 618 -0.96 1.07 -72.71
N TRP B 619 -0.45 -0.10 -73.05
CA TRP B 619 0.15 -0.95 -72.03
C TRP B 619 1.49 -0.37 -71.56
N GLY B 620 2.32 0.06 -72.51
CA GLY B 620 3.61 0.61 -72.15
C GLY B 620 3.51 1.86 -71.31
N LEU B 621 2.52 2.69 -71.59
CA LEU B 621 2.33 3.91 -70.80
C LEU B 621 2.03 3.57 -69.35
N VAL B 622 1.23 2.53 -69.11
CA VAL B 622 0.90 2.11 -67.76
C VAL B 622 2.14 1.66 -67.02
N PHE B 623 3.13 1.15 -67.74
CA PHE B 623 4.31 0.53 -67.18
C PHE B 623 5.54 1.41 -67.33
N ASN B 624 5.36 2.70 -67.10
CA ASN B 624 6.45 3.68 -67.05
C ASN B 624 7.10 3.88 -68.41
N ASN B 625 6.34 3.65 -69.49
CA ASN B 625 6.70 4.09 -70.83
C ASN B 625 8.06 3.57 -71.30
N SER B 626 8.62 2.56 -70.61
CA SER B 626 9.98 2.13 -70.89
C SER B 626 10.12 1.44 -72.23
N VAL B 627 9.02 0.98 -72.82
CA VAL B 627 9.02 0.14 -74.02
C VAL B 627 8.93 1.02 -75.25
N PRO B 628 9.46 0.59 -76.41
CA PRO B 628 9.17 1.31 -77.65
C PRO B 628 7.69 1.27 -77.99
N VAL B 629 7.20 2.35 -78.58
CA VAL B 629 5.80 2.52 -78.92
C VAL B 629 5.69 3.13 -80.31
N GLN B 630 4.47 3.42 -80.73
CA GLN B 630 4.19 4.08 -82.00
C GLN B 630 3.01 5.01 -81.78
N ASN B 631 3.31 6.28 -81.51
CA ASN B 631 2.25 7.23 -81.18
C ASN B 631 1.41 7.54 -82.41
N PRO B 632 0.16 7.93 -82.22
CA PRO B 632 -0.71 8.27 -83.35
C PRO B 632 -0.34 9.64 -83.92
N LYS B 633 -1.04 10.01 -84.98
CA LYS B 633 -0.81 11.30 -85.63
C LYS B 633 -1.99 12.25 -85.54
N GLY B 634 -3.19 11.76 -85.24
CA GLY B 634 -4.33 12.64 -85.11
C GLY B 634 -4.27 13.47 -83.86
N THR B 635 -4.77 14.70 -83.96
CA THR B 635 -4.76 15.60 -82.82
C THR B 635 -5.68 15.10 -81.70
N THR B 636 -6.88 14.67 -82.07
CA THR B 636 -7.80 14.14 -81.06
C THR B 636 -7.41 12.74 -80.60
N SER B 637 -6.52 12.07 -81.33
CA SER B 637 -6.00 10.78 -80.91
C SER B 637 -4.77 10.90 -80.03
N LYS B 638 -4.24 12.10 -79.87
CA LYS B 638 -3.18 12.36 -78.91
C LYS B 638 -3.69 12.93 -77.60
N ILE B 639 -4.87 13.56 -77.61
CA ILE B 639 -5.50 13.97 -76.37
C ILE B 639 -5.88 12.76 -75.54
N MET B 640 -6.42 11.72 -76.19
CA MET B 640 -6.78 10.51 -75.47
C MET B 640 -5.56 9.80 -74.91
N VAL B 641 -4.47 9.74 -75.68
CA VAL B 641 -3.24 9.12 -75.19
C VAL B 641 -2.67 9.93 -74.04
N SER B 642 -2.80 11.26 -74.10
CA SER B 642 -2.38 12.09 -72.99
C SER B 642 -3.29 11.92 -71.78
N VAL B 643 -4.59 11.76 -72.01
CA VAL B 643 -5.52 11.50 -70.91
C VAL B 643 -5.21 10.16 -70.25
N TRP B 644 -4.92 9.14 -71.06
CA TRP B 644 -4.54 7.85 -70.51
C TRP B 644 -3.18 7.92 -69.83
N ALA B 645 -2.24 8.65 -70.40
CA ALA B 645 -0.93 8.80 -69.79
C ALA B 645 -0.98 9.57 -68.48
N PHE B 646 -2.05 10.30 -68.23
CA PHE B 646 -2.28 10.86 -66.91
C PHE B 646 -2.80 9.81 -65.94
N PHE B 647 -3.65 8.91 -66.43
CA PHE B 647 -4.08 7.78 -65.62
C PHE B 647 -2.90 6.89 -65.24
N ALA B 648 -1.98 6.68 -66.18
CA ALA B 648 -0.82 5.83 -65.92
C ALA B 648 0.11 6.45 -64.89
N VAL B 649 0.14 7.78 -64.80
CA VAL B 649 0.92 8.44 -63.76
C VAL B 649 0.28 8.22 -62.40
N ILE B 650 -1.06 8.30 -62.34
CA ILE B 650 -1.77 8.13 -61.08
C ILE B 650 -1.72 6.68 -60.63
N PHE B 651 -1.85 5.73 -61.55
CA PHE B 651 -1.83 4.31 -61.19
C PHE B 651 -0.49 3.91 -60.60
N LEU B 652 0.60 4.31 -61.26
CA LEU B 652 1.92 3.90 -60.80
C LEU B 652 2.29 4.58 -59.49
N ALA B 653 1.90 5.83 -59.32
CA ALA B 653 2.09 6.49 -58.04
C ALA B 653 1.26 5.82 -56.94
N SER B 654 0.04 5.40 -57.28
CA SER B 654 -0.81 4.73 -56.31
C SER B 654 -0.36 3.30 -56.04
N TYR B 655 0.26 2.65 -57.02
CA TYR B 655 0.77 1.31 -56.78
C TYR B 655 1.98 1.34 -55.86
N THR B 656 2.94 2.21 -56.13
CA THR B 656 4.15 2.30 -55.32
C THR B 656 3.85 2.78 -53.92
N ALA B 657 2.96 3.76 -53.77
CA ALA B 657 2.64 4.31 -52.46
C ALA B 657 2.02 3.26 -51.56
N ASN B 658 1.01 2.54 -52.06
CA ASN B 658 0.39 1.50 -51.24
C ASN B 658 1.33 0.32 -51.03
N LEU B 659 2.18 0.02 -52.02
CA LEU B 659 3.18 -1.01 -51.85
C LEU B 659 4.13 -0.67 -50.72
N ALA B 660 4.54 0.59 -50.62
CA ALA B 660 5.35 1.05 -49.50
C ALA B 660 4.58 0.95 -48.20
N ALA B 661 3.30 1.33 -48.22
CA ALA B 661 2.47 1.20 -47.02
C ALA B 661 2.33 -0.26 -46.60
N PHE B 662 2.16 -1.17 -47.55
CA PHE B 662 2.07 -2.59 -47.23
C PHE B 662 3.37 -3.14 -46.70
N MET B 663 4.48 -2.46 -46.95
CA MET B 663 5.80 -2.90 -46.50
C MET B 663 6.21 -2.27 -45.20
N ILE B 664 5.75 -1.05 -44.94
CA ILE B 664 6.03 -0.39 -43.67
C ILE B 664 5.27 -1.07 -42.55
N GLN B 665 3.99 -1.35 -42.77
CA GLN B 665 3.13 -2.00 -41.77
C GLN B 665 3.04 -3.50 -42.01
N GLU B 666 4.19 -4.17 -41.91
CA GLU B 666 4.27 -5.61 -42.10
C GLU B 666 4.11 -6.30 -40.74
N GLU B 667 4.43 -7.60 -40.70
CA GLU B 667 4.35 -8.34 -39.45
C GLU B 667 5.42 -9.41 -39.40
N TYR B 668 5.71 -9.86 -38.19
CA TYR B 668 6.81 -10.79 -37.93
C TYR B 668 6.58 -12.15 -38.60
N VAL B 669 5.32 -12.53 -38.79
CA VAL B 669 4.97 -13.92 -39.15
C VAL B 669 5.50 -14.81 -38.05
N ASP B 670 6.29 -15.82 -38.40
CA ASP B 670 6.75 -16.80 -37.42
C ASP B 670 7.81 -17.69 -38.07
N GLN B 671 8.35 -18.60 -37.26
CA GLN B 671 9.21 -19.66 -37.77
C GLN B 671 8.93 -21.02 -37.16
N VAL B 672 8.18 -21.11 -36.06
CA VAL B 672 7.85 -22.39 -35.43
C VAL B 672 6.38 -22.36 -35.03
N SER B 673 5.69 -23.48 -35.28
CA SER B 673 4.28 -23.57 -34.91
C SER B 673 4.08 -23.81 -33.41
N GLY B 674 4.97 -24.59 -32.80
CA GLY B 674 4.83 -24.91 -31.39
C GLY B 674 5.55 -26.20 -31.07
N LEU B 675 5.12 -26.83 -29.98
CA LEU B 675 5.72 -28.08 -29.55
C LEU B 675 5.30 -29.28 -30.39
N SER B 676 4.22 -29.14 -31.17
CA SER B 676 3.76 -30.19 -32.06
C SER B 676 4.35 -30.08 -33.46
N ASP B 677 5.34 -29.20 -33.64
CA ASP B 677 5.92 -28.96 -34.96
C ASP B 677 6.70 -30.17 -35.43
N LYS B 678 6.94 -30.23 -36.74
CA LYS B 678 7.72 -31.32 -37.30
C LYS B 678 9.16 -31.27 -36.85
N LYS B 679 9.69 -30.07 -36.59
CA LYS B 679 11.06 -29.94 -36.11
C LYS B 679 11.24 -30.63 -34.75
N PHE B 680 10.29 -30.42 -33.85
CA PHE B 680 10.41 -31.01 -32.51
C PHE B 680 10.12 -32.50 -32.55
N GLN B 681 9.11 -32.92 -33.30
CA GLN B 681 8.73 -34.33 -33.31
C GLN B 681 9.72 -35.16 -34.11
N ARG B 682 10.15 -34.65 -35.26
CA ARG B 682 11.07 -35.37 -36.15
C ARG B 682 12.25 -34.45 -36.44
N PRO B 683 13.23 -34.38 -35.53
CA PRO B 683 14.31 -33.40 -35.69
C PRO B 683 15.40 -33.85 -36.66
N ASN B 684 15.68 -35.15 -36.70
CA ASN B 684 16.78 -35.64 -37.53
C ASN B 684 16.43 -35.57 -39.02
N ASP B 685 15.33 -36.21 -39.41
CA ASP B 685 14.93 -36.20 -40.82
C ASP B 685 14.36 -34.84 -41.20
N PHE B 686 15.23 -33.85 -41.29
CA PHE B 686 14.85 -32.47 -41.56
C PHE B 686 16.09 -31.71 -42.02
N SER B 687 16.00 -30.38 -42.04
CA SER B 687 17.11 -29.47 -42.23
C SER B 687 18.20 -29.80 -41.21
N PRO B 688 19.43 -29.27 -41.34
CA PRO B 688 20.49 -29.58 -40.36
C PRO B 688 19.96 -29.54 -38.95
N PRO B 689 20.14 -30.64 -38.19
CA PRO B 689 19.27 -30.95 -37.04
C PRO B 689 18.89 -29.78 -36.15
N PHE B 690 17.60 -29.66 -35.87
CA PHE B 690 17.12 -28.66 -34.92
C PHE B 690 17.78 -28.90 -33.57
N ARG B 691 18.28 -27.82 -32.97
CA ARG B 691 18.98 -27.88 -31.70
C ARG B 691 18.08 -27.23 -30.65
N PHE B 692 17.41 -28.06 -29.86
CA PHE B 692 16.55 -27.58 -28.78
C PHE B 692 16.80 -28.44 -27.55
N GLY B 693 16.60 -27.84 -26.38
CA GLY B 693 16.86 -28.54 -25.14
C GLY B 693 16.33 -27.75 -23.97
N THR B 694 16.36 -28.40 -22.81
CA THR B 694 15.79 -27.83 -21.60
C THR B 694 16.70 -28.13 -20.42
N VAL B 695 16.50 -27.38 -19.34
CA VAL B 695 17.19 -27.64 -18.08
C VAL B 695 16.56 -28.86 -17.42
N PRO B 696 17.31 -29.90 -17.12
CA PRO B 696 16.71 -31.13 -16.61
C PRO B 696 16.31 -31.02 -15.14
N ASN B 697 15.85 -32.14 -14.57
CA ASN B 697 15.51 -32.24 -13.15
C ASN B 697 14.44 -31.23 -12.77
N GLY B 698 13.39 -31.16 -13.59
CA GLY B 698 12.32 -30.21 -13.34
C GLY B 698 10.95 -30.75 -13.72
N SER B 699 10.03 -29.85 -14.07
CA SER B 699 8.69 -30.24 -14.45
C SER B 699 8.49 -30.27 -15.96
N THR B 700 9.16 -29.40 -16.71
CA THR B 700 9.11 -29.49 -18.17
C THR B 700 9.75 -30.78 -18.66
N GLU B 701 10.87 -31.16 -18.06
CA GLU B 701 11.50 -32.43 -18.41
C GLU B 701 10.58 -33.61 -18.10
N ARG B 702 9.78 -33.50 -17.04
CA ARG B 702 8.87 -34.57 -16.70
C ARG B 702 7.69 -34.64 -17.66
N ASN B 703 7.09 -33.48 -18.00
CA ASN B 703 5.96 -33.49 -18.92
C ASN B 703 6.38 -33.98 -20.29
N ILE B 704 7.54 -33.56 -20.76
CA ILE B 704 8.00 -33.97 -22.09
C ILE B 704 8.35 -35.44 -22.09
N ARG B 705 9.00 -35.93 -21.04
CA ARG B 705 9.38 -37.34 -20.99
C ARG B 705 8.15 -38.24 -21.03
N ASN B 706 7.11 -37.89 -20.29
CA ASN B 706 5.91 -38.71 -20.29
C ASN B 706 5.16 -38.62 -21.62
N ASN B 707 4.97 -37.41 -22.14
CA ASN B 707 4.16 -37.24 -23.34
C ASN B 707 4.97 -37.51 -24.60
N TYR B 708 6.01 -36.72 -24.85
CA TYR B 708 6.82 -36.84 -26.06
C TYR B 708 8.09 -37.60 -25.70
N ALA B 709 7.98 -38.92 -25.66
CA ALA B 709 9.12 -39.75 -25.31
C ALA B 709 10.17 -39.77 -26.42
N GLU B 710 9.79 -39.52 -27.66
CA GLU B 710 10.75 -39.50 -28.75
C GLU B 710 11.60 -38.24 -28.72
N MET B 711 10.99 -37.09 -28.44
CA MET B 711 11.74 -35.84 -28.41
C MET B 711 12.60 -35.71 -27.17
N HIS B 712 12.23 -36.39 -26.08
CA HIS B 712 13.03 -36.30 -24.87
C HIS B 712 14.40 -36.93 -25.05
N ALA B 713 14.45 -38.09 -25.70
CA ALA B 713 15.73 -38.75 -25.94
C ALA B 713 16.62 -37.92 -26.86
N TYR B 714 16.01 -37.15 -27.76
CA TYR B 714 16.78 -36.24 -28.61
C TYR B 714 17.24 -35.00 -27.86
N MET B 715 16.45 -34.54 -26.89
CA MET B 715 16.83 -33.36 -26.11
C MET B 715 17.99 -33.63 -25.16
N GLY B 716 18.33 -34.90 -24.91
CA GLY B 716 19.35 -35.20 -23.93
C GLY B 716 20.70 -34.62 -24.26
N LYS B 717 21.04 -34.56 -25.56
CA LYS B 717 22.32 -34.03 -25.98
C LYS B 717 22.39 -32.51 -25.93
N PHE B 718 21.26 -31.83 -25.76
CA PHE B 718 21.21 -30.37 -25.74
C PHE B 718 20.79 -29.83 -24.39
N ASN B 719 21.09 -30.56 -23.32
CA ASN B 719 20.78 -30.09 -21.98
C ASN B 719 21.57 -28.83 -21.65
N GLN B 720 21.00 -28.02 -20.77
CA GLN B 720 21.66 -26.83 -20.28
C GLN B 720 21.69 -26.85 -18.77
N ARG B 721 22.64 -26.13 -18.19
CA ARG B 721 22.78 -26.07 -16.75
C ARG B 721 21.97 -24.97 -16.10
N GLY B 722 21.33 -24.10 -16.88
CA GLY B 722 20.53 -23.05 -16.29
C GLY B 722 19.83 -22.26 -17.36
N VAL B 723 18.96 -21.34 -16.90
CA VAL B 723 18.29 -20.44 -17.82
C VAL B 723 19.28 -19.47 -18.45
N ASP B 724 20.18 -18.91 -17.64
CA ASP B 724 21.12 -17.92 -18.16
C ASP B 724 22.09 -18.55 -19.15
N ASP B 725 22.56 -19.76 -18.87
CA ASP B 725 23.44 -20.45 -19.82
C ASP B 725 22.71 -20.72 -21.12
N ALA B 726 21.44 -21.14 -21.05
CA ALA B 726 20.71 -21.47 -22.26
C ALA B 726 20.39 -20.23 -23.08
N LEU B 727 20.20 -19.08 -22.44
CA LEU B 727 20.00 -17.84 -23.18
C LEU B 727 21.25 -17.47 -23.96
N LEU B 728 22.43 -17.68 -23.37
CA LEU B 728 23.67 -17.41 -24.08
C LEU B 728 23.81 -18.31 -25.30
N SER B 729 23.56 -19.61 -25.12
CA SER B 729 23.68 -20.55 -26.23
C SER B 729 22.65 -20.28 -27.31
N LEU B 730 21.59 -19.53 -27.01
CA LEU B 730 20.64 -19.16 -28.05
C LEU B 730 21.20 -18.06 -28.94
N LYS B 731 21.85 -17.07 -28.34
CA LYS B 731 22.33 -15.93 -29.13
C LYS B 731 23.57 -16.30 -29.95
N THR B 732 24.50 -17.04 -29.35
CA THR B 732 25.69 -17.45 -30.09
C THR B 732 25.32 -18.40 -31.23
N GLY B 733 24.44 -19.35 -30.98
CA GLY B 733 23.98 -20.23 -32.04
C GLY B 733 24.03 -21.70 -31.69
N LYS B 734 24.44 -22.02 -30.46
CA LYS B 734 24.51 -23.41 -30.03
C LYS B 734 23.13 -24.03 -29.83
N LEU B 735 22.07 -23.23 -29.80
CA LEU B 735 20.71 -23.74 -29.67
C LEU B 735 19.80 -22.99 -30.63
N ASP B 736 18.73 -23.66 -31.03
CA ASP B 736 17.73 -23.05 -31.90
C ASP B 736 16.40 -22.79 -31.20
N ALA B 737 16.13 -23.45 -30.09
CA ALA B 737 14.90 -23.24 -29.33
C ALA B 737 15.11 -23.71 -27.91
N PHE B 738 14.59 -22.94 -26.95
CA PHE B 738 14.68 -23.26 -25.53
C PHE B 738 13.29 -23.51 -25.00
N ILE B 739 13.09 -24.67 -24.37
CA ILE B 739 11.79 -25.10 -23.86
C ILE B 739 11.87 -25.10 -22.34
N TYR B 740 11.06 -24.27 -21.71
CA TYR B 740 11.19 -24.04 -20.26
C TYR B 740 9.90 -23.35 -19.80
N ASP B 741 9.90 -22.87 -18.56
CA ASP B 741 8.71 -22.23 -17.99
C ASP B 741 8.33 -20.99 -18.77
N ALA B 742 7.03 -20.79 -18.94
CA ALA B 742 6.56 -19.58 -19.61
C ALA B 742 6.81 -18.34 -18.76
N ALA B 743 6.57 -18.44 -17.45
CA ALA B 743 6.71 -17.28 -16.58
C ALA B 743 8.15 -16.77 -16.56
N VAL B 744 9.12 -17.69 -16.52
CA VAL B 744 10.52 -17.29 -16.57
C VAL B 744 10.89 -16.78 -17.94
N LEU B 745 10.47 -17.48 -19.00
CA LEU B 745 10.86 -17.09 -20.34
C LEU B 745 10.25 -15.76 -20.75
N ASN B 746 9.03 -15.46 -20.28
CA ASN B 746 8.45 -14.15 -20.56
C ASN B 746 9.28 -13.04 -19.95
N TYR B 747 9.74 -13.23 -18.71
CA TYR B 747 10.60 -12.24 -18.08
C TYR B 747 11.95 -12.15 -18.79
N MET B 748 12.50 -13.29 -19.21
CA MET B 748 13.75 -13.27 -19.96
C MET B 748 13.61 -12.48 -21.25
N ALA B 749 12.50 -12.66 -21.97
CA ALA B 749 12.30 -11.96 -23.23
C ALA B 749 12.22 -10.46 -23.03
N GLY B 750 11.45 -10.01 -22.03
CA GLY B 750 11.35 -8.59 -21.78
C GLY B 750 12.66 -7.99 -21.30
N ARG B 751 13.40 -8.75 -20.49
CA ARG B 751 14.67 -8.27 -19.95
C ARG B 751 15.77 -8.24 -21.01
N ASP B 752 15.57 -8.91 -22.14
CA ASP B 752 16.64 -9.06 -23.12
C ASP B 752 16.92 -7.74 -23.83
N GLU B 753 18.20 -7.51 -24.12
CA GLU B 753 18.60 -6.37 -24.92
C GLU B 753 18.35 -6.63 -26.41
N GLY B 754 17.88 -5.60 -27.11
CA GLY B 754 17.57 -5.71 -28.51
C GLY B 754 16.32 -6.50 -28.85
N CYS B 755 15.69 -7.14 -27.88
CA CYS B 755 14.46 -7.91 -28.09
C CYS B 755 14.63 -8.94 -29.19
N LYS B 756 15.79 -9.61 -29.20
CA LYS B 756 16.07 -10.62 -30.20
C LYS B 756 15.75 -12.03 -29.73
N LEU B 757 15.20 -12.18 -28.52
CA LEU B 757 14.71 -13.45 -28.02
C LEU B 757 13.22 -13.33 -27.81
N VAL B 758 12.45 -14.21 -28.47
CA VAL B 758 11.00 -14.16 -28.42
C VAL B 758 10.50 -15.56 -28.06
N THR B 759 9.26 -15.61 -27.57
CA THR B 759 8.61 -16.85 -27.21
C THR B 759 7.64 -17.25 -28.32
N ILE B 760 7.81 -18.49 -28.83
CA ILE B 760 7.02 -18.94 -29.96
C ILE B 760 5.54 -18.97 -29.57
N GLY B 761 4.70 -18.47 -30.48
CA GLY B 761 3.28 -18.36 -30.24
C GLY B 761 2.84 -17.03 -29.68
N SER B 762 3.76 -16.08 -29.52
CA SER B 762 3.47 -14.77 -28.93
C SER B 762 2.83 -14.92 -27.54
N GLY B 763 3.32 -15.90 -26.78
CA GLY B 763 2.81 -16.18 -25.46
C GLY B 763 2.05 -17.48 -25.32
N LYS B 764 2.11 -18.37 -26.32
CA LYS B 764 1.43 -19.65 -26.21
C LYS B 764 2.08 -20.49 -25.12
N VAL B 765 1.24 -21.15 -24.33
CA VAL B 765 1.66 -21.92 -23.17
C VAL B 765 1.10 -23.31 -23.29
N PHE B 766 1.95 -24.32 -23.10
CA PHE B 766 1.53 -25.71 -23.11
C PHE B 766 1.64 -26.27 -21.69
N ALA B 767 0.84 -27.29 -21.41
CA ALA B 767 0.76 -27.89 -20.08
C ALA B 767 0.47 -26.84 -19.03
N SER B 768 -0.53 -26.02 -19.31
CA SER B 768 -0.83 -24.82 -18.54
C SER B 768 -1.11 -25.12 -17.07
N THR B 769 -0.21 -24.67 -16.19
CA THR B 769 -0.38 -24.78 -14.75
C THR B 769 0.03 -23.45 -14.14
N GLY B 770 0.21 -23.44 -12.82
CA GLY B 770 0.53 -22.21 -12.12
C GLY B 770 1.54 -22.45 -11.03
N TYR B 771 2.04 -21.34 -10.48
CA TYR B 771 2.96 -21.39 -9.36
C TYR B 771 2.17 -21.38 -8.06
N GLY B 772 2.47 -22.33 -7.17
CA GLY B 772 1.75 -22.45 -5.93
C GLY B 772 2.70 -22.58 -4.75
N ILE B 773 2.13 -22.43 -3.56
CA ILE B 773 2.85 -22.61 -2.31
C ILE B 773 2.62 -24.04 -1.84
N ALA B 774 3.69 -24.79 -1.67
CA ALA B 774 3.59 -26.20 -1.28
C ALA B 774 3.52 -26.28 0.23
N ILE B 775 2.31 -26.31 0.75
CA ILE B 775 2.11 -26.51 2.18
C ILE B 775 2.16 -27.99 2.49
N GLN B 776 2.39 -28.32 3.75
CA GLN B 776 2.42 -29.72 4.17
C GLN B 776 1.05 -30.35 4.00
N LYS B 777 1.05 -31.62 3.59
CA LYS B 777 -0.20 -32.30 3.31
C LYS B 777 -1.06 -32.37 4.55
N ASP B 778 -2.37 -32.12 4.38
CA ASP B 778 -3.34 -32.16 5.46
C ASP B 778 -2.98 -31.17 6.57
N SER B 779 -2.98 -29.90 6.21
CA SER B 779 -2.66 -28.82 7.12
C SER B 779 -3.81 -27.82 7.20
N GLY B 780 -3.85 -27.09 8.29
CA GLY B 780 -4.86 -26.07 8.48
C GLY B 780 -4.57 -24.73 7.86
N TRP B 781 -3.40 -24.57 7.26
CA TRP B 781 -3.02 -23.29 6.66
C TRP B 781 -3.38 -23.18 5.20
N LYS B 782 -3.85 -24.26 4.57
CA LYS B 782 -4.15 -24.20 3.14
C LYS B 782 -5.32 -23.26 2.86
N ARG B 783 -6.36 -23.32 3.69
CA ARG B 783 -7.54 -22.49 3.44
C ARG B 783 -7.23 -21.01 3.60
N GLN B 784 -6.46 -20.64 4.61
CA GLN B 784 -6.15 -19.23 4.82
C GLN B 784 -5.16 -18.73 3.78
N VAL B 785 -4.19 -19.56 3.39
CA VAL B 785 -3.24 -19.17 2.36
C VAL B 785 -3.95 -19.00 1.03
N ASP B 786 -4.88 -19.90 0.72
CA ASP B 786 -5.68 -19.77 -0.51
C ASP B 786 -6.49 -18.48 -0.51
N LEU B 787 -7.21 -18.23 0.59
CA LEU B 787 -8.07 -17.05 0.65
C LEU B 787 -7.25 -15.77 0.71
N ALA B 788 -6.02 -15.84 1.20
CA ALA B 788 -5.16 -14.67 1.21
C ALA B 788 -4.60 -14.35 -0.17
N ILE B 789 -4.37 -15.38 -0.98
CA ILE B 789 -3.94 -15.15 -2.36
C ILE B 789 -5.08 -14.57 -3.19
N LEU B 790 -6.28 -15.15 -3.05
CA LEU B 790 -7.43 -14.68 -3.79
C LEU B 790 -7.85 -13.27 -3.36
N GLN B 791 -7.47 -12.86 -2.16
CA GLN B 791 -7.70 -11.47 -1.75
C GLN B 791 -6.82 -10.52 -2.55
N LEU B 792 -5.59 -10.93 -2.86
CA LEU B 792 -4.69 -10.08 -3.62
C LEU B 792 -5.17 -9.89 -5.05
N PHE B 793 -5.74 -10.93 -5.65
CA PHE B 793 -6.33 -10.79 -6.97
C PHE B 793 -7.48 -9.80 -6.97
N GLY B 794 -8.33 -9.86 -5.94
CA GLY B 794 -9.46 -8.95 -5.87
C GLY B 794 -9.04 -7.52 -5.63
N ASP B 795 -8.02 -7.31 -4.79
CA ASP B 795 -7.55 -5.99 -4.46
C ASP B 795 -6.63 -5.39 -5.51
N GLY B 796 -6.29 -6.15 -6.56
CA GLY B 796 -5.39 -5.66 -7.58
C GLY B 796 -3.94 -5.62 -7.18
N GLU B 797 -3.57 -6.25 -6.07
CA GLU B 797 -2.18 -6.24 -5.64
C GLU B 797 -1.29 -7.08 -6.52
N MET B 798 -1.86 -8.06 -7.24
CA MET B 798 -1.05 -8.84 -8.17
C MET B 798 -0.67 -8.05 -9.40
N GLU B 799 -1.53 -7.11 -9.81
CA GLU B 799 -1.19 -6.24 -10.92
C GLU B 799 -0.01 -5.35 -10.57
N GLU B 800 0.03 -4.86 -9.32
CA GLU B 800 1.18 -4.07 -8.87
C GLU B 800 2.46 -4.90 -8.88
N LEU B 801 2.38 -6.14 -8.36
CA LEU B 801 3.55 -7.00 -8.34
C LEU B 801 4.00 -7.37 -9.75
N GLU B 802 3.04 -7.64 -10.64
CA GLU B 802 3.39 -7.96 -12.02
C GLU B 802 4.08 -6.79 -12.70
N ALA B 803 3.60 -5.58 -12.45
CA ALA B 803 4.21 -4.39 -13.06
C ALA B 803 5.53 -4.04 -12.41
N LEU B 804 5.66 -4.27 -11.10
CA LEU B 804 6.88 -3.90 -10.39
C LEU B 804 8.01 -4.89 -10.65
N TRP B 805 7.70 -6.16 -10.89
CA TRP B 805 8.71 -7.21 -10.91
C TRP B 805 8.93 -7.83 -12.28
N LEU B 806 7.86 -8.19 -12.98
CA LEU B 806 7.98 -9.01 -14.18
C LEU B 806 7.97 -8.22 -15.48
N THR B 807 7.47 -6.98 -15.47
CA THR B 807 7.39 -6.22 -16.72
C THR B 807 8.78 -5.83 -17.20
N GLY B 808 8.96 -5.89 -18.53
CA GLY B 808 10.23 -5.58 -19.13
C GLY B 808 10.08 -4.50 -20.20
N ILE B 809 11.22 -4.08 -20.74
CA ILE B 809 11.24 -3.03 -21.74
C ILE B 809 10.65 -3.52 -23.06
N CYS B 810 10.98 -4.75 -23.46
CA CYS B 810 10.56 -5.25 -24.76
C CYS B 810 9.05 -5.43 -24.83
N HIS B 811 8.39 -5.71 -23.71
CA HIS B 811 6.94 -5.86 -23.71
C HIS B 811 6.25 -4.53 -24.02
N ASN B 812 6.75 -3.44 -23.46
CA ASN B 812 6.10 -2.14 -23.65
C ASN B 812 6.17 -1.70 -25.10
N GLU B 813 7.30 -1.94 -25.77
CA GLU B 813 7.43 -1.58 -27.17
C GLU B 813 6.44 -2.36 -28.01
N LYS B 814 5.75 -1.64 -28.91
CA LYS B 814 4.78 -2.26 -29.82
C LYS B 814 5.21 -2.14 -31.27
N ASN B 815 6.48 -1.84 -31.52
CA ASN B 815 7.00 -1.71 -32.88
C ASN B 815 7.46 -3.09 -33.33
N GLU B 816 6.53 -3.85 -33.89
CA GLU B 816 6.81 -5.19 -34.41
C GLU B 816 7.21 -5.18 -35.87
N VAL B 817 7.31 -4.00 -36.48
CA VAL B 817 7.67 -3.87 -37.89
C VAL B 817 9.16 -3.60 -37.99
N MET B 818 9.84 -4.35 -38.85
CA MET B 818 11.27 -4.21 -39.03
C MET B 818 11.61 -4.34 -40.51
N SER B 819 12.74 -3.77 -40.90
CA SER B 819 13.19 -3.84 -42.28
C SER B 819 13.56 -5.27 -42.65
N SER B 820 13.51 -5.55 -43.96
CA SER B 820 13.84 -6.87 -44.46
C SER B 820 14.21 -6.76 -45.93
N GLN B 821 15.31 -7.41 -46.30
CA GLN B 821 15.69 -7.49 -47.71
C GLN B 821 14.64 -8.31 -48.46
N LEU B 822 14.45 -7.98 -49.74
CA LEU B 822 13.29 -8.52 -50.44
C LEU B 822 13.46 -9.96 -50.86
N ASP B 823 14.69 -10.41 -51.17
CA ASP B 823 14.97 -11.83 -51.37
C ASP B 823 14.18 -12.42 -52.54
N ILE B 824 14.37 -13.71 -52.79
CA ILE B 824 13.68 -14.37 -53.90
C ILE B 824 12.34 -14.93 -53.46
N ASP B 825 12.28 -15.52 -52.27
CA ASP B 825 11.05 -16.13 -51.80
C ASP B 825 9.93 -15.10 -51.66
N ASN B 826 10.25 -13.92 -51.13
CA ASN B 826 9.25 -12.86 -51.04
C ASN B 826 8.92 -12.25 -52.39
N MET B 827 9.69 -12.58 -53.43
CA MET B 827 9.48 -12.01 -54.76
C MET B 827 9.36 -13.09 -55.82
N ALA B 828 9.14 -14.34 -55.43
CA ALA B 828 8.96 -15.41 -56.40
C ALA B 828 7.59 -15.35 -57.08
N GLY B 829 6.65 -14.58 -56.53
CA GLY B 829 5.37 -14.41 -57.21
C GLY B 829 5.50 -13.65 -58.50
N VAL B 830 6.39 -12.65 -58.55
CA VAL B 830 6.57 -11.87 -59.76
C VAL B 830 7.30 -12.69 -60.82
N PHE B 831 8.11 -13.67 -60.40
CA PHE B 831 8.81 -14.52 -61.36
C PHE B 831 7.90 -15.59 -61.95
N TYR B 832 6.93 -16.09 -61.17
CA TYR B 832 5.96 -17.03 -61.72
C TYR B 832 5.12 -16.36 -62.80
N MET B 833 4.75 -15.09 -62.58
CA MET B 833 4.03 -14.35 -63.62
C MET B 833 4.87 -14.20 -64.87
N LEU B 834 6.16 -13.91 -64.72
CA LEU B 834 7.06 -13.89 -65.86
C LEU B 834 7.25 -15.29 -66.43
N GLY B 835 7.35 -16.30 -65.56
CA GLY B 835 7.46 -17.67 -66.02
C GLY B 835 6.19 -18.21 -66.65
N ALA B 836 5.04 -17.62 -66.32
CA ALA B 836 3.79 -17.99 -67.00
C ALA B 836 3.71 -17.35 -68.38
N ALA B 837 4.20 -16.12 -68.52
CA ALA B 837 4.26 -15.49 -69.83
C ALA B 837 5.19 -16.25 -70.77
N MET B 838 6.29 -16.77 -70.23
CA MET B 838 7.16 -17.64 -71.00
C MET B 838 6.44 -18.89 -71.49
N ALA B 839 5.38 -19.30 -70.80
CA ALA B 839 4.56 -20.43 -71.21
C ALA B 839 3.42 -20.02 -72.11
N LEU B 840 2.71 -18.94 -71.77
CA LEU B 840 1.62 -18.46 -72.61
C LEU B 840 2.13 -18.08 -74.00
N SER B 841 3.31 -17.46 -74.07
CA SER B 841 3.90 -17.15 -75.37
C SER B 841 4.14 -18.41 -76.18
N LEU B 842 4.63 -19.48 -75.53
CA LEU B 842 4.83 -20.74 -76.22
C LEU B 842 3.51 -21.38 -76.65
N ILE B 843 2.45 -21.19 -75.87
CA ILE B 843 1.13 -21.67 -76.29
C ILE B 843 0.68 -20.94 -77.54
N THR B 844 0.81 -19.61 -77.54
CA THR B 844 0.47 -18.83 -78.72
C THR B 844 1.40 -19.16 -79.89
N PHE B 845 2.69 -19.35 -79.60
CA PHE B 845 3.66 -19.64 -80.65
C PHE B 845 3.31 -20.93 -81.38
N ILE B 846 2.93 -21.97 -80.63
CA ILE B 846 2.45 -23.20 -81.27
C ILE B 846 1.11 -22.96 -81.94
N SER B 847 0.23 -22.18 -81.30
CA SER B 847 -1.10 -21.96 -81.85
C SER B 847 -1.06 -21.19 -83.15
N GLU B 848 -0.06 -20.32 -83.33
CA GLU B 848 0.07 -19.61 -84.60
C GLU B 848 0.32 -20.58 -85.74
N HIS B 849 1.18 -21.57 -85.52
CA HIS B 849 1.39 -22.61 -86.52
C HIS B 849 0.11 -23.36 -86.84
N LEU B 850 -0.80 -23.45 -85.88
CA LEU B 850 -2.08 -24.13 -86.12
C LEU B 850 -2.96 -23.35 -87.08
N PHE B 851 -2.72 -22.05 -87.23
CA PHE B 851 -3.43 -21.25 -88.22
C PHE B 851 -2.68 -21.16 -89.54
N TYR B 852 -1.51 -21.79 -89.64
CA TYR B 852 -0.72 -21.83 -90.88
C TYR B 852 -0.30 -23.26 -91.18
N TRP B 853 -1.21 -24.21 -91.01
CA TRP B 853 -0.93 -25.62 -91.27
C TRP B 853 -2.21 -26.40 -91.50
N LYS C 8 -28.40 -31.91 68.56
CA LYS C 8 -29.26 -31.33 67.52
C LYS C 8 -29.93 -32.44 66.71
N ILE C 9 -30.97 -32.07 65.97
CA ILE C 9 -31.72 -33.00 65.12
C ILE C 9 -31.66 -32.51 63.69
N VAL C 10 -31.25 -33.40 62.78
CA VAL C 10 -31.19 -33.11 61.35
C VAL C 10 -32.24 -33.99 60.66
N ASN C 11 -33.10 -33.36 59.88
CA ASN C 11 -34.19 -34.05 59.20
C ASN C 11 -33.82 -34.28 57.75
N ILE C 12 -33.92 -35.54 57.32
CA ILE C 12 -33.59 -35.94 55.95
C ILE C 12 -34.79 -36.61 55.30
N GLY C 13 -35.99 -36.19 55.68
CA GLY C 13 -37.19 -36.80 55.13
C GLY C 13 -37.30 -36.61 53.63
N ALA C 14 -38.06 -37.51 53.01
CA ALA C 14 -38.17 -37.56 51.56
C ALA C 14 -39.63 -37.72 51.15
N VAL C 15 -39.95 -37.17 49.97
CA VAL C 15 -41.26 -37.41 49.36
C VAL C 15 -41.09 -38.67 48.52
N LEU C 16 -41.22 -39.82 49.18
CA LEU C 16 -40.90 -41.11 48.60
C LEU C 16 -42.19 -41.91 48.41
N SER C 17 -42.53 -42.18 47.15
CA SER C 17 -43.65 -43.06 46.87
C SER C 17 -43.23 -44.51 47.15
N THR C 18 -44.14 -45.45 46.88
CA THR C 18 -43.93 -46.87 47.14
C THR C 18 -43.56 -47.10 48.61
N ARG C 19 -44.55 -46.83 49.46
CA ARG C 19 -44.40 -46.85 50.92
C ARG C 19 -43.64 -48.07 51.43
N LYS C 20 -43.69 -49.19 50.69
CA LYS C 20 -42.90 -50.35 51.07
C LYS C 20 -41.41 -50.06 51.04
N HIS C 21 -40.98 -49.12 50.18
CA HIS C 21 -39.57 -48.71 50.18
C HIS C 21 -39.21 -47.95 51.44
N GLU C 22 -40.18 -47.23 52.03
CA GLU C 22 -39.91 -46.50 53.26
C GLU C 22 -39.57 -47.41 54.43
N GLN C 23 -39.94 -48.69 54.36
CA GLN C 23 -39.56 -49.63 55.41
C GLN C 23 -38.06 -49.78 55.50
N MET C 24 -37.38 -49.91 54.37
CA MET C 24 -35.93 -50.02 54.33
C MET C 24 -35.24 -48.66 54.27
N PHE C 25 -35.97 -47.60 53.96
CA PHE C 25 -35.38 -46.26 53.97
C PHE C 25 -34.96 -45.86 55.38
N ARG C 26 -35.79 -46.17 56.38
CA ARG C 26 -35.46 -45.82 57.75
C ARG C 26 -34.22 -46.59 58.22
N GLU C 27 -34.10 -47.85 57.81
CA GLU C 27 -32.93 -48.65 58.19
C GLU C 27 -31.64 -48.02 57.68
N ALA C 28 -31.69 -47.40 56.49
CA ALA C 28 -30.53 -46.67 56.00
C ALA C 28 -30.20 -45.50 56.91
N VAL C 29 -31.23 -44.79 57.37
CA VAL C 29 -31.02 -43.68 58.30
C VAL C 29 -30.48 -44.18 59.63
N ASN C 30 -30.93 -45.36 60.06
CA ASN C 30 -30.50 -45.89 61.35
C ASN C 30 -28.99 -46.11 61.39
N GLN C 31 -28.44 -46.70 60.33
CA GLN C 31 -26.99 -46.86 60.24
C GLN C 31 -26.28 -45.60 59.77
N ALA C 32 -27.00 -44.63 59.21
CA ALA C 32 -26.38 -43.40 58.74
C ALA C 32 -25.82 -42.58 59.89
N ASN C 33 -26.46 -42.62 61.06
CA ASN C 33 -25.95 -41.88 62.21
C ASN C 33 -24.60 -42.40 62.65
N LYS C 34 -24.43 -43.73 62.68
CA LYS C 34 -23.16 -44.33 63.05
C LYS C 34 -22.15 -44.36 61.91
N ARG C 35 -22.59 -44.13 60.68
CA ARG C 35 -21.68 -44.14 59.54
C ARG C 35 -21.46 -42.73 59.02
N ILE C 41 -26.79 -33.38 66.45
CA ILE C 41 -25.92 -34.25 65.68
C ILE C 41 -26.58 -35.59 65.44
N GLN C 42 -27.89 -35.56 65.18
CA GLN C 42 -28.67 -36.77 64.92
C GLN C 42 -29.50 -36.58 63.66
N LEU C 43 -29.66 -37.67 62.91
CA LEU C 43 -30.38 -37.66 61.64
C LEU C 43 -31.75 -38.30 61.84
N ASN C 44 -32.79 -37.58 61.48
CA ASN C 44 -34.17 -38.06 61.62
C ASN C 44 -34.82 -38.18 60.26
N ALA C 45 -35.54 -39.27 60.06
CA ALA C 45 -36.21 -39.56 58.79
C ALA C 45 -37.70 -39.26 58.92
N THR C 46 -38.21 -38.39 58.06
CA THR C 46 -39.61 -37.99 58.06
C THR C 46 -40.20 -38.19 56.66
N SER C 47 -39.96 -39.37 56.10
CA SER C 47 -40.43 -39.68 54.76
C SER C 47 -41.95 -39.67 54.70
N VAL C 48 -42.48 -39.04 53.63
CA VAL C 48 -43.91 -38.96 53.39
C VAL C 48 -44.17 -39.55 52.01
N THR C 49 -45.18 -40.41 51.92
CA THR C 49 -45.55 -41.00 50.64
C THR C 49 -46.02 -39.92 49.67
N HIS C 50 -45.75 -40.12 48.39
CA HIS C 50 -46.02 -39.12 47.36
C HIS C 50 -47.39 -39.45 46.77
N LYS C 51 -48.39 -38.62 47.10
CA LYS C 51 -49.75 -38.88 46.69
C LYS C 51 -49.94 -38.57 45.21
N PRO C 52 -50.96 -39.17 44.57
CA PRO C 52 -51.12 -38.99 43.11
C PRO C 52 -51.29 -37.54 42.69
N ASN C 53 -51.90 -36.69 43.50
CA ASN C 53 -52.10 -35.30 43.13
C ASN C 53 -50.75 -34.57 43.05
N ALA C 54 -50.76 -33.43 42.38
CA ALA C 54 -49.58 -32.60 42.21
C ALA C 54 -49.65 -31.29 42.98
N ILE C 55 -50.81 -30.64 42.97
CA ILE C 55 -50.97 -29.38 43.71
C ILE C 55 -50.77 -29.62 45.20
N GLN C 56 -51.30 -30.74 45.71
CA GLN C 56 -51.16 -31.04 47.13
C GLN C 56 -49.69 -31.14 47.54
N MET C 57 -48.83 -31.63 46.64
CA MET C 57 -47.41 -31.77 46.98
C MET C 57 -46.78 -30.42 47.27
N ALA C 58 -47.15 -29.39 46.50
CA ALA C 58 -46.68 -28.04 46.80
C ALA C 58 -47.16 -27.61 48.18
N LEU C 59 -48.40 -27.97 48.55
CA LEU C 59 -48.88 -27.71 49.88
C LEU C 59 -48.34 -28.70 50.90
N SER C 60 -48.11 -29.95 50.50
CA SER C 60 -47.63 -30.96 51.44
C SER C 60 -46.15 -30.74 51.78
N VAL C 61 -45.37 -30.19 50.85
CA VAL C 61 -43.95 -29.96 51.12
C VAL C 61 -43.79 -28.99 52.28
N CYS C 62 -44.57 -27.90 52.28
CA CYS C 62 -44.52 -26.97 53.40
C CYS C 62 -44.94 -27.65 54.69
N GLU C 63 -45.97 -28.50 54.64
CA GLU C 63 -46.41 -29.22 55.83
C GLU C 63 -45.31 -30.11 56.38
N ASP C 64 -44.60 -30.82 55.50
CA ASP C 64 -43.46 -31.61 55.93
C ASP C 64 -42.37 -30.72 56.51
N LEU C 65 -42.09 -29.60 55.85
CA LEU C 65 -41.12 -28.65 56.38
C LEU C 65 -41.59 -28.01 57.67
N ILE C 66 -42.91 -27.90 57.86
CA ILE C 66 -43.44 -27.30 59.08
C ILE C 66 -43.10 -28.17 60.28
N SER C 67 -43.30 -29.48 60.17
CA SER C 67 -43.11 -30.40 61.28
C SER C 67 -41.72 -31.03 61.32
N SER C 68 -40.91 -30.84 60.29
CA SER C 68 -39.61 -31.49 60.26
C SER C 68 -38.46 -30.52 60.01
N GLN C 69 -38.68 -29.48 59.20
CA GLN C 69 -37.63 -28.55 58.79
C GLN C 69 -36.47 -29.32 58.14
N VAL C 70 -36.80 -29.97 57.03
CA VAL C 70 -35.85 -30.87 56.40
C VAL C 70 -34.65 -30.09 55.87
N TYR C 71 -33.50 -30.76 55.83
CA TYR C 71 -32.28 -30.18 55.28
C TYR C 71 -32.12 -30.53 53.80
N ALA C 72 -32.27 -31.80 53.45
CA ALA C 72 -32.24 -32.25 52.07
C ALA C 72 -33.46 -33.13 51.83
N ILE C 73 -34.19 -32.84 50.75
CA ILE C 73 -35.39 -33.58 50.40
C ILE C 73 -35.09 -34.49 49.21
N LEU C 74 -35.77 -35.63 49.16
CA LEU C 74 -35.58 -36.61 48.11
C LEU C 74 -36.94 -37.02 47.56
N VAL C 75 -36.96 -37.34 46.26
CA VAL C 75 -38.18 -37.71 45.57
C VAL C 75 -37.89 -38.90 44.67
N SER C 76 -38.83 -39.85 44.62
CA SER C 76 -38.66 -41.09 43.85
C SER C 76 -39.79 -41.22 42.83
N HIS C 77 -39.82 -42.37 42.16
CA HIS C 77 -40.77 -42.62 41.08
C HIS C 77 -42.15 -42.93 41.65
N PRO C 78 -43.19 -42.23 41.21
CA PRO C 78 -44.55 -42.54 41.65
C PRO C 78 -45.12 -43.71 40.88
N PRO C 79 -46.26 -44.25 41.31
CA PRO C 79 -46.92 -45.29 40.51
C PRO C 79 -47.30 -44.81 39.11
N THR C 80 -47.61 -43.52 38.95
CA THR C 80 -47.91 -42.98 37.64
C THR C 80 -46.66 -43.01 36.77
N PRO C 81 -46.78 -43.36 35.49
CA PRO C 81 -45.60 -43.50 34.62
C PRO C 81 -45.21 -42.24 33.85
N ASN C 82 -45.84 -41.09 34.14
CA ASN C 82 -45.47 -39.87 33.44
C ASN C 82 -44.04 -39.46 33.73
N ASP C 83 -43.70 -39.36 35.02
CA ASP C 83 -42.33 -39.06 35.47
C ASP C 83 -41.79 -37.79 34.81
N HIS C 84 -42.65 -36.81 34.62
CA HIS C 84 -42.25 -35.53 34.08
C HIS C 84 -42.69 -34.35 34.94
N PHE C 85 -43.87 -34.44 35.55
CA PHE C 85 -44.38 -33.38 36.41
C PHE C 85 -44.44 -33.77 37.88
N THR C 86 -44.37 -35.06 38.20
CA THR C 86 -44.43 -35.49 39.59
C THR C 86 -43.27 -34.96 40.44
N PRO C 87 -42.01 -34.94 39.99
CA PRO C 87 -40.93 -34.47 40.87
C PRO C 87 -40.72 -32.96 40.87
N THR C 88 -41.33 -32.22 39.94
CA THR C 88 -41.13 -30.77 39.91
C THR C 88 -41.59 -30.06 41.17
N PRO C 89 -42.77 -30.34 41.76
CA PRO C 89 -43.18 -29.55 42.93
C PRO C 89 -42.21 -29.64 44.08
N VAL C 90 -41.57 -30.79 44.28
CA VAL C 90 -40.56 -30.90 45.32
C VAL C 90 -39.39 -29.97 45.02
N SER C 91 -38.98 -29.92 43.75
CA SER C 91 -37.90 -29.01 43.36
C SER C 91 -38.35 -27.56 43.42
N TYR C 92 -39.57 -27.28 42.93
CA TYR C 92 -40.05 -25.90 42.88
C TYR C 92 -40.25 -25.33 44.28
N THR C 93 -40.83 -26.12 45.19
CA THR C 93 -41.10 -25.62 46.54
C THR C 93 -39.82 -25.50 47.36
N ALA C 94 -38.96 -26.51 47.31
CA ALA C 94 -37.71 -26.45 48.07
C ALA C 94 -36.78 -25.38 47.52
N GLY C 95 -36.88 -25.08 46.23
CA GLY C 95 -36.08 -24.00 45.66
C GLY C 95 -36.43 -22.63 46.19
N PHE C 96 -37.62 -22.48 46.79
CA PHE C 96 -37.95 -21.23 47.46
C PHE C 96 -36.98 -20.94 48.59
N TYR C 97 -36.66 -21.95 49.39
CA TYR C 97 -35.68 -21.85 50.45
C TYR C 97 -34.34 -22.44 50.06
N ARG C 98 -34.15 -22.74 48.77
CA ARG C 98 -32.89 -23.28 48.24
C ARG C 98 -32.54 -24.63 48.89
N ILE C 99 -33.54 -25.34 49.38
CA ILE C 99 -33.30 -26.67 49.96
C ILE C 99 -33.00 -27.65 48.84
N PRO C 100 -31.90 -28.39 48.90
CA PRO C 100 -31.56 -29.32 47.81
C PRO C 100 -32.60 -30.42 47.67
N VAL C 101 -32.80 -30.85 46.42
CA VAL C 101 -33.72 -31.92 46.08
C VAL C 101 -32.94 -33.02 45.36
N LEU C 102 -33.25 -34.27 45.69
CA LEU C 102 -32.51 -35.42 45.18
C LEU C 102 -33.37 -36.16 44.16
N GLY C 103 -32.86 -36.26 42.93
CA GLY C 103 -33.54 -36.95 41.85
C GLY C 103 -33.28 -38.45 41.81
N LEU C 104 -33.96 -39.20 42.68
CA LEU C 104 -33.73 -40.64 42.75
C LEU C 104 -34.03 -41.33 41.43
N THR C 105 -35.14 -40.97 40.78
CA THR C 105 -35.58 -41.65 39.58
C THR C 105 -35.75 -40.74 38.38
N THR C 106 -35.70 -39.42 38.56
CA THR C 106 -35.93 -38.51 37.45
C THR C 106 -34.75 -38.56 36.47
N ARG C 107 -35.07 -38.70 35.19
CA ARG C 107 -34.05 -38.82 34.14
C ARG C 107 -34.27 -37.79 33.04
N MET C 108 -34.86 -36.65 33.39
CA MET C 108 -35.19 -35.62 32.41
C MET C 108 -34.16 -34.50 32.46
N SER C 109 -33.79 -34.01 31.27
CA SER C 109 -32.78 -32.95 31.18
C SER C 109 -33.30 -31.60 31.63
N ILE C 110 -34.61 -31.46 31.85
CA ILE C 110 -35.14 -30.19 32.33
C ILE C 110 -34.58 -29.88 33.72
N TYR C 111 -34.36 -30.91 34.53
CA TYR C 111 -33.80 -30.72 35.86
C TYR C 111 -32.31 -30.38 35.83
N SER C 112 -31.67 -30.43 34.67
CA SER C 112 -30.23 -30.22 34.57
C SER C 112 -29.83 -28.76 34.53
N ASP C 113 -30.79 -27.83 34.47
CA ASP C 113 -30.46 -26.42 34.43
C ASP C 113 -30.60 -25.81 35.82
N LYS C 114 -29.74 -24.83 36.11
CA LYS C 114 -29.79 -24.13 37.38
C LYS C 114 -30.70 -22.92 37.35
N SER C 115 -31.24 -22.56 36.19
CA SER C 115 -32.16 -21.42 36.11
C SER C 115 -33.50 -21.76 36.74
N ILE C 116 -34.02 -22.95 36.47
CA ILE C 116 -35.33 -23.34 36.99
C ILE C 116 -35.21 -24.08 38.32
N HIS C 117 -34.28 -25.03 38.41
CA HIS C 117 -34.04 -25.80 39.62
C HIS C 117 -32.69 -25.37 40.18
N LEU C 118 -32.71 -24.30 40.99
CA LEU C 118 -31.47 -23.75 41.50
C LEU C 118 -30.75 -24.72 42.42
N SER C 119 -31.49 -25.37 43.32
CA SER C 119 -30.92 -26.31 44.28
C SER C 119 -31.49 -27.69 44.00
N PHE C 120 -30.84 -28.42 43.09
CA PHE C 120 -31.31 -29.73 42.69
C PHE C 120 -30.13 -30.67 42.47
N LEU C 121 -30.27 -31.89 42.99
CA LEU C 121 -29.26 -32.93 42.85
C LEU C 121 -29.94 -34.18 42.30
N ARG C 122 -29.14 -35.08 41.73
CA ARG C 122 -29.69 -36.31 41.16
C ARG C 122 -28.72 -37.46 41.36
N THR C 123 -29.28 -38.67 41.38
CA THR C 123 -28.52 -39.90 41.49
C THR C 123 -28.58 -40.75 40.23
N VAL C 124 -29.24 -40.28 39.17
CA VAL C 124 -29.26 -40.97 37.88
C VAL C 124 -29.07 -39.94 36.77
N PRO C 125 -28.21 -40.21 35.78
CA PRO C 125 -28.04 -39.27 34.69
C PRO C 125 -29.34 -39.10 33.92
N PRO C 126 -29.55 -37.94 33.32
CA PRO C 126 -30.72 -37.76 32.46
C PRO C 126 -30.61 -38.52 31.15
N TYR C 127 -31.69 -38.51 30.36
CA TYR C 127 -31.65 -39.14 29.05
C TYR C 127 -30.69 -38.46 28.10
N SER C 128 -30.28 -37.22 28.42
CA SER C 128 -29.38 -36.48 27.54
C SER C 128 -27.92 -36.86 27.73
N HIS C 129 -27.57 -37.55 28.82
CA HIS C 129 -26.19 -38.00 28.97
C HIS C 129 -25.88 -39.23 28.12
N GLN C 130 -26.89 -39.85 27.50
CA GLN C 130 -26.62 -40.93 26.56
C GLN C 130 -25.86 -40.41 25.34
N SER C 131 -25.90 -39.10 25.09
CA SER C 131 -25.19 -38.54 23.96
C SER C 131 -23.68 -38.75 24.09
N SER C 132 -23.14 -38.58 25.30
CA SER C 132 -21.71 -38.80 25.49
C SER C 132 -21.33 -40.25 25.27
N VAL C 133 -22.26 -41.18 25.50
CA VAL C 133 -21.99 -42.59 25.19
C VAL C 133 -21.94 -42.78 23.68
N TRP C 134 -22.83 -42.13 22.95
CA TRP C 134 -22.90 -42.32 21.50
C TRP C 134 -21.61 -41.92 20.82
N PHE C 135 -21.02 -40.79 21.22
CA PHE C 135 -19.76 -40.37 20.62
C PHE C 135 -18.66 -41.39 20.88
N GLU C 136 -18.56 -41.86 22.11
CA GLU C 136 -17.58 -42.91 22.41
C GLU C 136 -17.89 -44.18 21.66
N MET C 137 -19.16 -44.57 21.60
CA MET C 137 -19.52 -45.80 20.90
C MET C 137 -19.34 -45.68 19.40
N MET C 138 -19.71 -44.53 18.83
CA MET C 138 -19.52 -44.33 17.39
C MET C 138 -18.06 -44.11 17.03
N ARG C 139 -17.22 -43.67 17.97
CA ARG C 139 -15.80 -43.56 17.69
C ARG C 139 -15.13 -44.93 17.70
N VAL C 140 -15.60 -45.84 18.55
CA VAL C 140 -15.05 -47.19 18.60
C VAL C 140 -15.33 -47.92 17.29
N TYR C 141 -16.55 -47.79 16.77
CA TYR C 141 -16.97 -48.49 15.56
C TYR C 141 -16.67 -47.71 14.30
N SER C 142 -16.00 -46.56 14.42
CA SER C 142 -15.55 -45.78 13.26
C SER C 142 -16.72 -45.31 12.40
N TRP C 143 -17.60 -44.53 13.02
CA TRP C 143 -18.71 -43.87 12.34
C TRP C 143 -18.48 -42.37 12.38
N ASN C 144 -18.48 -41.74 11.21
CA ASN C 144 -18.19 -40.32 11.12
C ASN C 144 -19.35 -39.47 10.64
N HIS C 145 -20.29 -40.05 9.90
CA HIS C 145 -21.46 -39.34 9.39
C HIS C 145 -22.70 -39.98 10.00
N ILE C 146 -23.48 -39.19 10.73
CA ILE C 146 -24.62 -39.68 11.48
C ILE C 146 -25.85 -38.85 11.15
N ILE C 147 -27.00 -39.49 11.21
CA ILE C 147 -28.29 -38.84 11.03
C ILE C 147 -28.96 -38.75 12.39
N LEU C 148 -29.37 -37.55 12.78
CA LEU C 148 -30.07 -37.34 14.04
C LEU C 148 -31.57 -37.25 13.78
N LEU C 149 -32.34 -37.98 14.58
CA LEU C 149 -33.79 -38.00 14.46
C LEU C 149 -34.41 -37.48 15.75
N VAL C 150 -33.89 -36.35 16.24
CA VAL C 150 -34.30 -35.80 17.52
C VAL C 150 -35.73 -35.29 17.45
N SER C 151 -36.37 -35.18 18.62
CA SER C 151 -37.69 -34.59 18.74
C SER C 151 -37.58 -33.12 19.11
N ASP C 152 -38.71 -32.44 19.12
CA ASP C 152 -38.75 -30.99 19.33
C ASP C 152 -38.89 -30.59 20.80
N ASP C 153 -39.18 -31.53 21.69
CA ASP C 153 -39.36 -31.19 23.09
C ASP C 153 -38.02 -30.86 23.74
N HIS C 154 -38.09 -30.38 24.98
CA HIS C 154 -36.87 -29.95 25.66
C HIS C 154 -35.92 -31.12 25.89
N GLU C 155 -36.46 -32.31 26.16
CA GLU C 155 -35.61 -33.49 26.31
C GLU C 155 -34.81 -33.75 25.05
N GLY C 156 -35.45 -33.65 23.89
CA GLY C 156 -34.73 -33.84 22.65
C GLY C 156 -33.71 -32.74 22.40
N ARG C 157 -34.10 -31.48 22.63
CA ARG C 157 -33.21 -30.36 22.34
C ARG C 157 -31.92 -30.44 23.14
N ALA C 158 -31.98 -31.00 24.35
CA ALA C 158 -30.77 -31.18 25.13
C ALA C 158 -29.91 -32.32 24.59
N ALA C 159 -30.56 -33.40 24.14
CA ALA C 159 -29.82 -34.53 23.57
C ALA C 159 -29.12 -34.11 22.28
N GLN C 160 -29.81 -33.37 21.42
CA GLN C 160 -29.20 -32.89 20.19
C GLN C 160 -28.11 -31.87 20.48
N LYS C 161 -28.30 -31.04 21.51
CA LYS C 161 -27.29 -30.05 21.86
C LYS C 161 -25.98 -30.71 22.26
N ARG C 162 -26.05 -31.75 23.09
CA ARG C 162 -24.82 -32.35 23.60
C ARG C 162 -24.01 -33.02 22.49
N LEU C 163 -24.67 -33.75 21.60
CA LEU C 163 -23.95 -34.41 20.52
C LEU C 163 -23.27 -33.40 19.60
N GLU C 164 -23.97 -32.32 19.27
CA GLU C 164 -23.41 -31.33 18.36
C GLU C 164 -22.17 -30.67 18.97
N THR C 165 -22.23 -30.29 20.25
CA THR C 165 -21.08 -29.67 20.87
C THR C 165 -19.98 -30.66 21.19
N LEU C 166 -20.31 -31.96 21.28
CA LEU C 166 -19.30 -32.97 21.52
C LEU C 166 -18.51 -33.28 20.25
N LEU C 167 -19.13 -33.17 19.09
CA LEU C 167 -18.43 -33.40 17.82
C LEU C 167 -17.49 -32.25 17.46
N GLU C 168 -17.60 -31.10 18.12
CA GLU C 168 -16.67 -30.01 17.86
C GLU C 168 -15.26 -30.34 18.30
N GLU C 169 -15.09 -31.29 19.22
CA GLU C 169 -13.75 -31.72 19.61
C GLU C 169 -13.01 -32.31 18.44
N ARG C 170 -13.69 -33.12 17.63
CA ARG C 170 -13.12 -33.65 16.40
C ARG C 170 -13.22 -32.67 15.23
N GLU C 171 -13.81 -31.50 15.45
CA GLU C 171 -13.96 -30.46 14.43
C GLU C 171 -14.81 -30.97 13.25
N SER C 172 -16.01 -31.42 13.59
CA SER C 172 -16.96 -31.90 12.61
C SER C 172 -18.37 -31.71 13.17
N LYS C 173 -19.36 -32.21 12.44
CA LYS C 173 -20.76 -32.07 12.86
C LYS C 173 -21.58 -33.15 12.19
N ALA C 174 -22.78 -33.35 12.71
CA ALA C 174 -23.72 -34.28 12.08
C ALA C 174 -24.05 -33.82 10.67
N GLU C 175 -24.20 -34.79 9.76
CA GLU C 175 -24.43 -34.44 8.36
C GLU C 175 -25.74 -33.69 8.18
N LYS C 176 -26.78 -34.08 8.93
CA LYS C 176 -28.03 -33.35 8.92
C LYS C 176 -28.86 -33.78 10.11
N VAL C 177 -29.47 -32.82 10.80
CA VAL C 177 -30.25 -33.05 12.01
C VAL C 177 -31.72 -32.84 11.68
N LEU C 178 -32.57 -33.79 12.11
CA LEU C 178 -33.99 -33.75 11.82
C LEU C 178 -34.77 -33.68 13.13
N GLN C 179 -35.70 -32.73 13.21
CA GLN C 179 -36.57 -32.57 14.38
C GLN C 179 -38.01 -32.75 13.95
N PHE C 180 -38.69 -33.71 14.55
CA PHE C 180 -40.11 -33.92 14.36
C PHE C 180 -40.87 -33.32 15.55
N ASP C 181 -42.17 -33.54 15.59
CA ASP C 181 -42.99 -33.05 16.69
C ASP C 181 -43.39 -34.19 17.60
N PRO C 182 -43.25 -34.04 18.91
CA PRO C 182 -43.71 -35.09 19.82
C PRO C 182 -45.17 -35.44 19.59
N GLY C 183 -45.48 -36.72 19.71
CA GLY C 183 -46.85 -37.19 19.49
C GLY C 183 -47.32 -37.05 18.06
N THR C 184 -46.44 -37.30 17.09
CA THR C 184 -46.82 -37.22 15.69
C THR C 184 -47.25 -38.60 15.18
N LYS C 185 -47.98 -38.60 14.07
CA LYS C 185 -48.50 -39.81 13.46
C LYS C 185 -47.91 -40.09 12.09
N ASN C 186 -48.01 -39.14 11.16
CA ASN C 186 -47.49 -39.31 9.81
C ASN C 186 -46.11 -38.67 9.74
N VAL C 187 -45.11 -39.43 10.18
CA VAL C 187 -43.74 -38.94 10.22
C VAL C 187 -42.95 -39.29 8.97
N THR C 188 -43.51 -40.10 8.07
CA THR C 188 -42.76 -40.53 6.89
C THR C 188 -42.42 -39.38 5.95
N ALA C 189 -43.19 -38.28 5.99
CA ALA C 189 -42.91 -37.16 5.11
C ALA C 189 -41.57 -36.53 5.43
N LEU C 190 -41.27 -36.34 6.71
CA LEU C 190 -39.99 -35.76 7.11
C LEU C 190 -38.85 -36.75 6.92
N LEU C 191 -39.10 -38.03 7.20
CA LEU C 191 -38.01 -39.00 7.29
C LEU C 191 -37.53 -39.41 5.90
N MET C 192 -38.40 -39.34 4.90
CA MET C 192 -38.00 -39.58 3.51
C MET C 192 -36.85 -38.69 3.07
N GLU C 193 -36.74 -37.48 3.62
CA GLU C 193 -35.64 -36.61 3.24
C GLU C 193 -34.29 -37.25 3.60
N ALA C 194 -34.27 -38.11 4.61
CA ALA C 194 -33.03 -38.76 5.03
C ALA C 194 -32.70 -40.01 4.23
N LYS C 195 -33.58 -40.48 3.34
CA LYS C 195 -33.27 -41.67 2.54
C LYS C 195 -32.16 -41.38 1.54
N GLU C 196 -32.28 -40.29 0.79
CA GLU C 196 -31.28 -39.96 -0.21
C GLU C 196 -29.97 -39.49 0.40
N LEU C 197 -29.95 -39.23 1.71
CA LEU C 197 -28.75 -38.73 2.37
C LEU C 197 -27.68 -39.82 2.42
N GLU C 198 -26.43 -39.40 2.30
CA GLU C 198 -25.33 -40.36 2.20
C GLU C 198 -25.16 -41.17 3.48
N ALA C 199 -25.31 -40.53 4.63
CA ALA C 199 -25.09 -41.22 5.90
C ALA C 199 -26.12 -42.32 6.11
N ARG C 200 -25.68 -43.43 6.69
CA ARG C 200 -26.55 -44.56 6.99
C ARG C 200 -26.80 -44.74 8.48
N VAL C 201 -26.03 -44.08 9.33
CA VAL C 201 -26.20 -44.22 10.78
C VAL C 201 -27.34 -43.32 11.22
N ILE C 202 -28.34 -43.91 11.87
CA ILE C 202 -29.51 -43.19 12.37
C ILE C 202 -29.46 -43.19 13.89
N ILE C 203 -29.60 -42.02 14.48
CA ILE C 203 -29.60 -41.87 15.93
C ILE C 203 -30.99 -41.37 16.34
N LEU C 204 -31.64 -42.12 17.22
CA LEU C 204 -33.00 -41.82 17.64
C LEU C 204 -32.99 -41.14 19.01
N SER C 205 -33.62 -39.98 19.08
CA SER C 205 -33.81 -39.24 20.33
C SER C 205 -35.28 -39.01 20.60
N ALA C 206 -36.09 -40.03 20.35
CA ALA C 206 -37.54 -39.96 20.52
C ALA C 206 -37.94 -40.55 21.87
N SER C 207 -39.18 -40.25 22.26
CA SER C 207 -39.73 -40.79 23.50
C SER C 207 -40.14 -42.24 23.29
N GLU C 208 -40.75 -42.83 24.33
CA GLU C 208 -41.24 -44.20 24.22
C GLU C 208 -42.32 -44.31 23.16
N ASP C 209 -43.26 -43.36 23.14
CA ASP C 209 -44.32 -43.39 22.14
C ASP C 209 -43.81 -42.97 20.78
N ASP C 210 -42.95 -41.95 20.73
CA ASP C 210 -42.48 -41.42 19.45
C ASP C 210 -41.50 -42.36 18.76
N ALA C 211 -40.83 -43.23 19.52
CA ALA C 211 -39.93 -44.20 18.89
C ALA C 211 -40.70 -45.16 17.99
N ALA C 212 -41.84 -45.67 18.48
CA ALA C 212 -42.63 -46.62 17.71
C ALA C 212 -43.13 -46.01 16.40
N THR C 213 -43.56 -44.75 16.45
CA THR C 213 -44.09 -44.10 15.26
C THR C 213 -43.03 -44.03 14.16
N VAL C 214 -41.79 -43.72 14.53
CA VAL C 214 -40.70 -43.76 13.56
C VAL C 214 -40.41 -45.20 13.15
N TYR C 215 -40.50 -46.13 14.09
CA TYR C 215 -40.17 -47.52 13.79
C TYR C 215 -41.15 -48.12 12.78
N ARG C 216 -42.45 -47.89 12.97
CA ARG C 216 -43.43 -48.43 12.04
C ARG C 216 -43.27 -47.80 10.66
N ALA C 217 -42.98 -46.49 10.61
CA ALA C 217 -42.72 -45.84 9.33
C ALA C 217 -41.49 -46.42 8.67
N ALA C 218 -40.40 -46.57 9.43
CA ALA C 218 -39.15 -47.07 8.84
C ALA C 218 -39.30 -48.48 8.31
N ALA C 219 -40.18 -49.28 8.91
CA ALA C 219 -40.42 -50.64 8.42
C ALA C 219 -40.98 -50.62 7.00
N MET C 220 -41.96 -49.75 6.75
CA MET C 220 -42.56 -49.65 5.43
C MET C 220 -41.70 -48.87 4.45
N LEU C 221 -40.70 -48.14 4.94
CA LEU C 221 -39.81 -47.35 4.10
C LEU C 221 -38.49 -48.05 3.83
N ASN C 222 -38.38 -49.33 4.20
CA ASN C 222 -37.21 -50.16 3.93
C ASN C 222 -35.94 -49.58 4.54
N MET C 223 -36.06 -48.84 5.65
CA MET C 223 -34.89 -48.30 6.31
C MET C 223 -34.37 -49.17 7.44
N THR C 224 -35.06 -50.26 7.76
CA THR C 224 -34.62 -51.18 8.79
C THR C 224 -33.83 -52.36 8.23
N GLY C 225 -33.62 -52.40 6.92
CA GLY C 225 -32.95 -53.51 6.29
C GLY C 225 -31.43 -53.40 6.38
N SER C 226 -30.76 -54.10 5.48
CA SER C 226 -29.32 -54.18 5.51
C SER C 226 -28.68 -52.82 5.23
N GLY C 227 -27.51 -52.60 5.81
CA GLY C 227 -26.76 -51.39 5.60
C GLY C 227 -27.14 -50.21 6.46
N TYR C 228 -28.07 -50.39 7.41
CA TYR C 228 -28.52 -49.31 8.27
C TYR C 228 -28.15 -49.61 9.72
N VAL C 229 -27.74 -48.58 10.44
CA VAL C 229 -27.36 -48.70 11.85
C VAL C 229 -28.27 -47.79 12.66
N TRP C 230 -28.88 -48.32 13.71
CA TRP C 230 -29.78 -47.59 14.58
C TRP C 230 -29.16 -47.48 15.97
N LEU C 231 -29.02 -46.26 16.47
CA LEU C 231 -28.50 -46.00 17.80
C LEU C 231 -29.58 -45.27 18.59
N VAL C 232 -30.05 -45.89 19.68
CA VAL C 232 -31.16 -45.37 20.45
C VAL C 232 -30.78 -45.38 21.93
N GLY C 233 -31.61 -44.75 22.74
CA GLY C 233 -31.45 -44.70 24.17
C GLY C 233 -32.34 -45.71 24.88
N GLU C 234 -32.59 -45.45 26.17
CA GLU C 234 -33.37 -46.38 26.97
C GLU C 234 -34.84 -46.38 26.57
N ARG C 235 -35.39 -45.20 26.26
CA ARG C 235 -36.82 -45.09 25.99
C ARG C 235 -37.22 -45.90 24.75
N GLU C 236 -36.40 -45.85 23.71
CA GLU C 236 -36.77 -46.42 22.43
C GLU C 236 -36.73 -47.94 22.40
N ILE C 237 -36.13 -48.58 23.41
CA ILE C 237 -36.07 -50.03 23.46
C ILE C 237 -36.83 -50.52 24.69
N SER C 238 -37.84 -49.77 25.10
CA SER C 238 -38.64 -50.10 26.25
C SER C 238 -40.11 -49.78 25.97
N GLY C 239 -40.99 -50.44 26.72
CA GLY C 239 -42.41 -50.19 26.55
C GLY C 239 -42.94 -50.65 25.21
N ASN C 240 -43.92 -49.91 24.70
CA ASN C 240 -44.54 -50.26 23.42
C ASN C 240 -43.60 -50.09 22.24
N ALA C 241 -42.53 -49.30 22.41
CA ALA C 241 -41.60 -49.09 21.30
C ALA C 241 -40.89 -50.38 20.91
N LEU C 242 -40.50 -51.19 21.89
CA LEU C 242 -39.78 -52.43 21.59
C LEU C 242 -40.64 -53.40 20.79
N ARG C 243 -41.96 -53.31 20.94
CA ARG C 243 -42.86 -54.23 20.23
C ARG C 243 -42.70 -54.10 18.72
N TYR C 244 -42.55 -52.88 18.22
CA TYR C 244 -42.39 -52.63 16.80
C TYR C 244 -40.98 -52.16 16.44
N ALA C 245 -40.03 -52.27 17.35
CA ALA C 245 -38.66 -51.87 17.05
C ALA C 245 -37.98 -52.94 16.20
N PRO C 246 -37.39 -52.55 15.07
CA PRO C 246 -36.73 -53.55 14.21
C PRO C 246 -35.51 -54.16 14.87
N ASP C 247 -35.21 -55.39 14.48
CA ASP C 247 -34.09 -56.12 15.04
C ASP C 247 -32.76 -55.47 14.64
N GLY C 248 -31.73 -55.73 15.44
CA GLY C 248 -30.43 -55.14 15.22
C GLY C 248 -30.23 -53.78 15.82
N ILE C 249 -31.21 -53.27 16.58
CA ILE C 249 -31.06 -51.97 17.21
C ILE C 249 -30.02 -52.05 18.31
N LEU C 250 -29.08 -51.12 18.30
CA LEU C 250 -27.97 -51.08 19.26
C LEU C 250 -28.25 -49.93 20.22
N GLY C 251 -28.98 -50.21 21.29
CA GLY C 251 -29.47 -49.20 22.19
C GLY C 251 -28.67 -49.10 23.48
N LEU C 252 -29.27 -48.43 24.46
CA LEU C 252 -28.64 -48.19 25.76
C LEU C 252 -29.63 -48.51 26.86
N GLN C 253 -29.09 -48.91 28.02
CA GLN C 253 -29.92 -49.13 29.20
C GLN C 253 -29.05 -48.98 30.43
N LEU C 254 -29.51 -48.16 31.38
CA LEU C 254 -28.80 -48.00 32.64
C LEU C 254 -28.92 -49.25 33.49
N ILE C 255 -27.90 -49.52 34.29
CA ILE C 255 -27.82 -50.78 35.01
C ILE C 255 -28.92 -50.88 36.07
N ASN C 256 -29.07 -49.83 36.88
CA ASN C 256 -30.01 -49.86 38.00
C ASN C 256 -30.74 -48.53 38.11
N GLY C 257 -31.18 -47.99 36.98
CA GLY C 257 -31.89 -46.71 37.01
C GLY C 257 -33.23 -46.79 37.72
N LYS C 258 -33.95 -47.89 37.52
CA LYS C 258 -35.27 -48.07 38.11
C LYS C 258 -35.22 -48.71 39.50
N ASN C 259 -34.04 -49.08 39.98
CA ASN C 259 -33.90 -49.71 41.29
C ASN C 259 -34.00 -48.64 42.36
N GLU C 260 -35.23 -48.41 42.85
CA GLU C 260 -35.43 -47.42 43.90
C GLU C 260 -34.74 -47.84 45.19
N SER C 261 -34.78 -49.14 45.51
CA SER C 261 -34.12 -49.63 46.71
C SER C 261 -32.60 -49.41 46.66
N ALA C 262 -32.00 -49.65 45.50
CA ALA C 262 -30.57 -49.45 45.36
C ALA C 262 -30.19 -47.98 45.49
N HIS C 263 -31.00 -47.09 44.92
CA HIS C 263 -30.68 -45.67 44.92
C HIS C 263 -31.08 -44.95 46.20
N ILE C 264 -31.92 -45.56 47.04
CA ILE C 264 -32.29 -44.90 48.29
C ILE C 264 -31.22 -45.14 49.37
N SER C 265 -30.46 -46.24 49.26
CA SER C 265 -29.46 -46.52 50.27
C SER C 265 -28.29 -45.55 50.19
N ASP C 266 -27.76 -45.32 48.99
CA ASP C 266 -26.60 -44.45 48.83
C ASP C 266 -26.97 -42.97 48.91
N ALA C 267 -28.20 -42.63 48.52
CA ALA C 267 -28.62 -41.22 48.53
C ALA C 267 -28.58 -40.65 49.94
N VAL C 268 -29.04 -41.41 50.92
CA VAL C 268 -29.00 -40.95 52.31
C VAL C 268 -27.56 -40.79 52.77
N GLY C 269 -26.68 -41.67 52.30
CA GLY C 269 -25.29 -41.61 52.74
C GLY C 269 -24.59 -40.33 52.35
N VAL C 270 -24.85 -39.84 51.15
CA VAL C 270 -24.23 -38.59 50.70
C VAL C 270 -24.68 -37.44 51.59
N VAL C 271 -25.97 -37.38 51.89
CA VAL C 271 -26.46 -36.37 52.84
C VAL C 271 -25.92 -36.65 54.24
N ALA C 272 -25.82 -37.93 54.61
CA ALA C 272 -25.26 -38.29 55.91
C ALA C 272 -23.79 -37.87 56.01
N GLN C 273 -23.01 -38.09 54.95
CA GLN C 273 -21.63 -37.65 54.95
C GLN C 273 -21.53 -36.13 55.00
N ALA C 274 -22.41 -35.44 54.29
CA ALA C 274 -22.41 -33.99 54.31
C ALA C 274 -22.78 -33.45 55.70
N VAL C 275 -23.57 -34.22 56.47
CA VAL C 275 -23.96 -33.78 57.81
C VAL C 275 -22.72 -33.60 58.68
N HIS C 276 -21.79 -34.53 58.61
CA HIS C 276 -20.54 -34.39 59.36
C HIS C 276 -19.77 -33.16 58.91
N GLU C 277 -19.75 -32.89 57.60
CA GLU C 277 -19.12 -31.68 57.09
C GLU C 277 -19.93 -30.43 57.38
N LEU C 278 -21.25 -30.58 57.62
CA LEU C 278 -22.07 -29.42 57.96
C LEU C 278 -21.85 -28.95 59.39
N LEU C 279 -21.30 -29.80 60.26
CA LEU C 279 -21.07 -29.39 61.64
C LEU C 279 -20.05 -28.26 61.73
N GLU C 280 -18.99 -28.34 60.94
CA GLU C 280 -17.92 -27.34 60.94
C GLU C 280 -18.18 -26.36 59.79
N LYS C 281 -18.73 -25.20 60.12
CA LYS C 281 -19.01 -24.16 59.13
C LYS C 281 -19.18 -22.84 59.86
N GLU C 282 -19.65 -21.83 59.15
CA GLU C 282 -19.90 -20.51 59.71
C GLU C 282 -21.29 -20.04 59.33
N ASN C 283 -21.98 -19.42 60.29
CA ASN C 283 -23.32 -18.86 60.08
C ASN C 283 -24.31 -19.93 59.59
N ILE C 284 -24.49 -20.94 60.43
CA ILE C 284 -25.39 -22.05 60.12
C ILE C 284 -26.75 -21.78 60.73
N THR C 285 -27.79 -21.86 59.91
CA THR C 285 -29.15 -21.60 60.34
C THR C 285 -30.02 -22.83 60.05
N ASP C 286 -30.90 -23.15 60.99
CA ASP C 286 -31.83 -24.24 60.80
C ASP C 286 -32.82 -23.90 59.70
N PRO C 287 -33.32 -24.89 58.97
CA PRO C 287 -34.37 -24.66 57.97
C PRO C 287 -35.59 -24.01 58.61
N PRO C 288 -36.43 -23.35 57.81
CA PRO C 288 -37.56 -22.61 58.39
C PRO C 288 -38.48 -23.50 59.21
N ARG C 289 -38.84 -23.02 60.40
CA ARG C 289 -39.71 -23.79 61.28
C ARG C 289 -41.07 -24.00 60.66
N GLY C 290 -41.60 -22.97 60.02
CA GLY C 290 -42.89 -23.09 59.33
C GLY C 290 -42.82 -22.42 57.97
N CYS C 291 -43.40 -23.10 56.98
CA CYS C 291 -43.41 -22.55 55.62
C CYS C 291 -44.23 -21.27 55.57
N VAL C 292 -45.35 -21.23 56.27
CA VAL C 292 -46.26 -20.08 56.20
C VAL C 292 -45.57 -18.82 56.72
N GLY C 293 -44.88 -18.92 57.85
CA GLY C 293 -44.30 -17.76 58.50
C GLY C 293 -42.91 -17.36 58.08
N ASN C 294 -42.31 -18.03 57.10
CA ASN C 294 -40.94 -17.76 56.70
C ASN C 294 -40.88 -17.42 55.22
N THR C 295 -40.09 -16.40 54.89
CA THR C 295 -39.91 -15.98 53.50
C THR C 295 -38.46 -15.66 53.16
N ASN C 296 -37.51 -15.94 54.05
CA ASN C 296 -36.11 -15.65 53.79
C ASN C 296 -35.51 -16.71 52.88
N ILE C 297 -34.32 -16.40 52.35
CA ILE C 297 -33.70 -17.26 51.36
C ILE C 297 -32.91 -18.41 51.97
N TRP C 298 -32.57 -18.33 53.27
CA TRP C 298 -31.85 -19.38 53.98
C TRP C 298 -30.53 -19.72 53.29
N LYS C 299 -29.62 -18.73 53.34
CA LYS C 299 -28.34 -18.82 52.66
C LYS C 299 -27.56 -20.08 52.98
N THR C 300 -27.91 -20.80 54.04
CA THR C 300 -27.24 -22.07 54.32
C THR C 300 -27.60 -23.12 53.28
N GLY C 301 -28.76 -23.01 52.64
CA GLY C 301 -29.16 -23.92 51.60
C GLY C 301 -28.21 -23.93 50.42
N PRO C 302 -27.87 -22.74 49.90
CA PRO C 302 -26.80 -22.68 48.88
C PRO C 302 -25.47 -23.24 49.39
N LEU C 303 -25.13 -22.98 50.65
CA LEU C 303 -23.90 -23.53 51.21
C LEU C 303 -23.96 -25.05 51.30
N PHE C 304 -25.09 -25.58 51.76
CA PHE C 304 -25.26 -27.03 51.81
C PHE C 304 -25.22 -27.64 50.41
N LYS C 305 -25.86 -26.99 49.44
CA LYS C 305 -25.82 -27.47 48.06
C LYS C 305 -24.41 -27.39 47.49
N ARG C 306 -23.70 -26.28 47.75
CA ARG C 306 -22.39 -26.07 47.15
C ARG C 306 -21.40 -27.14 47.60
N VAL C 307 -21.39 -27.47 48.89
CA VAL C 307 -20.49 -28.50 49.38
C VAL C 307 -20.95 -29.88 48.94
N LEU C 308 -22.24 -30.04 48.67
CA LEU C 308 -22.76 -31.35 48.26
C LEU C 308 -22.15 -31.77 46.91
N MET C 309 -22.03 -30.83 45.97
CA MET C 309 -21.45 -31.16 44.67
C MET C 309 -19.98 -31.55 44.81
N SER C 310 -19.23 -30.82 45.65
CA SER C 310 -17.81 -31.11 45.81
C SER C 310 -17.55 -32.38 46.61
N SER C 311 -18.56 -32.92 47.29
CA SER C 311 -18.41 -34.14 48.08
C SER C 311 -18.58 -35.34 47.17
N LYS C 312 -17.56 -36.21 47.13
CA LYS C 312 -17.59 -37.41 46.31
C LYS C 312 -17.56 -38.64 47.20
N TYR C 313 -18.49 -39.55 46.99
CA TYR C 313 -18.56 -40.78 47.76
C TYR C 313 -17.46 -41.76 47.32
N ALA C 314 -16.84 -42.40 48.29
CA ALA C 314 -15.77 -43.35 48.00
C ALA C 314 -16.31 -44.68 47.47
N ASP C 315 -17.52 -45.04 47.85
CA ASP C 315 -18.09 -46.34 47.48
C ASP C 315 -19.60 -46.17 47.34
N GLY C 316 -20.31 -47.28 47.37
CA GLY C 316 -21.76 -47.25 47.30
C GLY C 316 -22.29 -48.55 46.73
N VAL C 317 -23.61 -48.70 46.83
CA VAL C 317 -24.27 -49.88 46.27
C VAL C 317 -24.14 -49.88 44.74
N THR C 318 -24.33 -48.72 44.13
CA THR C 318 -24.23 -48.56 42.68
C THR C 318 -22.95 -47.84 42.28
N GLY C 319 -21.86 -48.12 43.00
CA GLY C 319 -20.58 -47.50 42.70
C GLY C 319 -20.41 -46.15 43.35
N ARG C 320 -19.33 -45.47 42.96
CA ARG C 320 -19.03 -44.15 43.51
C ARG C 320 -20.10 -43.14 43.11
N VAL C 321 -20.35 -42.20 44.00
CA VAL C 321 -21.37 -41.17 43.79
C VAL C 321 -20.66 -39.82 43.74
N GLU C 322 -20.57 -39.23 42.55
CA GLU C 322 -20.02 -37.91 42.36
C GLU C 322 -20.95 -37.10 41.47
N PHE C 323 -21.03 -35.80 41.74
CA PHE C 323 -21.96 -34.93 41.04
C PHE C 323 -21.22 -34.04 40.03
N ASN C 324 -21.94 -33.63 39.00
CA ASN C 324 -21.40 -32.77 37.95
C ASN C 324 -21.50 -31.31 38.39
N GLU C 325 -21.13 -30.40 37.48
CA GLU C 325 -21.25 -28.97 37.77
C GLU C 325 -22.71 -28.58 37.97
N ASP C 326 -23.61 -29.15 37.16
CA ASP C 326 -25.03 -28.87 37.30
C ASP C 326 -25.71 -29.74 38.35
N GLY C 327 -24.97 -30.62 39.01
CA GLY C 327 -25.53 -31.49 40.01
C GLY C 327 -25.87 -32.88 39.53
N ASP C 328 -25.82 -33.12 38.23
CA ASP C 328 -26.14 -34.44 37.70
C ASP C 328 -25.02 -35.43 38.01
N ARG C 329 -25.33 -36.71 37.82
CA ARG C 329 -24.37 -37.78 38.03
C ARG C 329 -23.21 -37.68 37.04
N LYS C 330 -22.07 -38.21 37.47
CA LYS C 330 -20.85 -38.23 36.65
C LYS C 330 -20.23 -39.62 36.72
N PHE C 331 -19.53 -39.99 35.65
CA PHE C 331 -18.81 -41.25 35.57
C PHE C 331 -19.74 -42.45 35.71
N ALA C 332 -21.00 -42.30 35.33
CA ALA C 332 -21.93 -43.41 35.35
C ALA C 332 -21.65 -44.36 34.19
N ASN C 333 -22.26 -45.55 34.26
CA ASN C 333 -22.04 -46.58 33.25
C ASN C 333 -23.37 -47.09 32.74
N TYR C 334 -23.40 -47.43 31.45
CA TYR C 334 -24.60 -47.90 30.77
C TYR C 334 -24.37 -49.29 30.23
N SER C 335 -25.47 -50.02 30.06
CA SER C 335 -25.47 -51.35 29.46
C SER C 335 -26.04 -51.27 28.05
N ILE C 336 -25.36 -51.90 27.10
CA ILE C 336 -25.69 -51.77 25.68
C ILE C 336 -26.53 -52.96 25.27
N MET C 337 -27.78 -52.70 24.89
CA MET C 337 -28.69 -53.73 24.42
C MET C 337 -28.46 -54.04 22.94
N ASN C 338 -29.18 -55.04 22.45
CA ASN C 338 -29.15 -55.44 21.04
C ASN C 338 -30.39 -56.28 20.78
N LEU C 339 -31.26 -55.79 19.91
CA LEU C 339 -32.54 -56.46 19.67
C LEU C 339 -32.30 -57.63 18.72
N GLN C 340 -32.23 -58.82 19.27
CA GLN C 340 -32.06 -60.04 18.50
C GLN C 340 -33.23 -60.98 18.78
N ASN C 341 -33.88 -61.44 17.70
CA ASN C 341 -35.01 -62.38 17.79
C ASN C 341 -36.08 -61.85 18.73
N ARG C 342 -36.42 -60.57 18.55
CA ARG C 342 -37.42 -59.90 19.39
C ARG C 342 -37.04 -59.95 20.87
N LYS C 343 -35.74 -59.86 21.14
CA LYS C 343 -35.24 -59.88 22.51
C LYS C 343 -33.97 -59.04 22.58
N LEU C 344 -33.70 -58.49 23.76
CA LEU C 344 -32.55 -57.62 23.98
C LEU C 344 -31.44 -58.40 24.67
N VAL C 345 -30.23 -58.29 24.14
CA VAL C 345 -29.06 -58.97 24.71
C VAL C 345 -27.98 -57.93 24.99
N GLN C 346 -27.12 -58.23 25.96
CA GLN C 346 -26.05 -57.32 26.33
C GLN C 346 -24.85 -57.55 25.42
N VAL C 347 -24.34 -56.47 24.82
CA VAL C 347 -23.27 -56.57 23.84
C VAL C 347 -22.09 -55.68 24.25
N GLY C 348 -22.37 -54.64 25.03
CA GLY C 348 -21.35 -53.68 25.39
C GLY C 348 -21.26 -53.47 26.89
N ILE C 349 -20.11 -52.97 27.31
CA ILE C 349 -19.87 -52.56 28.68
C ILE C 349 -19.33 -51.14 28.67
N TYR C 350 -19.92 -50.26 29.49
CA TYR C 350 -19.47 -48.89 29.61
C TYR C 350 -18.64 -48.73 30.88
N ASN C 351 -17.42 -48.23 30.72
CA ASN C 351 -16.52 -47.98 31.84
C ASN C 351 -16.63 -46.56 32.38
N GLY C 352 -17.52 -45.74 31.81
CA GLY C 352 -17.57 -44.34 32.13
C GLY C 352 -16.64 -43.48 31.32
N THR C 353 -15.66 -44.08 30.65
CA THR C 353 -14.74 -43.41 29.74
C THR C 353 -14.66 -44.10 28.39
N HIS C 354 -14.74 -45.43 28.35
CA HIS C 354 -14.63 -46.19 27.12
C HIS C 354 -15.77 -47.20 27.05
N VAL C 355 -15.86 -47.90 25.93
CA VAL C 355 -16.86 -48.93 25.71
C VAL C 355 -16.14 -50.26 25.50
N ILE C 356 -16.50 -51.26 26.29
CA ILE C 356 -15.92 -52.59 26.22
C ILE C 356 -17.00 -53.52 25.65
N PRO C 357 -16.85 -54.00 24.42
CA PRO C 357 -17.85 -54.92 23.87
C PRO C 357 -17.80 -56.28 24.56
N ASN C 358 -18.97 -56.91 24.63
CA ASN C 358 -19.08 -58.24 25.20
C ASN C 358 -18.59 -59.30 24.21
N ASP C 359 -18.41 -60.51 24.71
CA ASP C 359 -18.04 -61.63 23.84
C ASP C 359 -19.13 -61.99 22.87
N ARG C 360 -20.38 -61.61 23.16
CA ARG C 360 -21.49 -61.92 22.27
C ARG C 360 -21.36 -61.18 20.95
N LYS C 361 -21.79 -61.83 19.88
CA LYS C 361 -21.73 -61.22 18.57
C LYS C 361 -22.80 -60.12 18.44
N ILE C 362 -22.60 -59.25 17.45
CA ILE C 362 -23.49 -58.13 17.19
C ILE C 362 -24.27 -58.45 15.93
N ILE C 363 -25.57 -58.65 16.08
CA ILE C 363 -26.46 -58.94 14.95
C ILE C 363 -26.98 -57.60 14.44
N TRP C 364 -26.38 -57.11 13.36
CA TRP C 364 -26.80 -55.85 12.77
C TRP C 364 -28.13 -56.03 12.04
N PRO C 365 -28.87 -54.93 11.82
CA PRO C 365 -30.14 -55.05 11.10
C PRO C 365 -29.94 -55.68 9.73
N GLY C 366 -30.85 -56.58 9.38
CA GLY C 366 -30.72 -57.38 8.19
C GLY C 366 -29.88 -58.65 8.36
N GLY C 367 -29.44 -58.95 9.58
CA GLY C 367 -28.65 -60.13 9.84
C GLY C 367 -27.19 -60.03 9.48
N GLU C 368 -26.72 -58.86 9.05
CA GLU C 368 -25.33 -58.68 8.62
C GLU C 368 -24.41 -58.83 9.82
N THR C 369 -23.72 -59.97 9.91
CA THR C 369 -22.74 -60.15 10.97
C THR C 369 -21.61 -59.14 10.85
N GLU C 370 -21.15 -58.88 9.63
CA GLU C 370 -20.11 -57.89 9.42
C GLU C 370 -20.65 -56.49 9.69
N LYS C 371 -19.83 -55.68 10.37
CA LYS C 371 -20.24 -54.32 10.69
C LYS C 371 -20.43 -53.50 9.42
N PRO C 372 -21.59 -52.89 9.21
CA PRO C 372 -21.79 -52.09 8.00
C PRO C 372 -20.95 -50.82 8.03
N ARG C 373 -20.66 -50.31 6.84
CA ARG C 373 -19.83 -49.11 6.72
C ARG C 373 -20.53 -47.89 7.32
N GLY C 374 -21.86 -47.85 7.28
CA GLY C 374 -22.59 -46.74 7.84
C GLY C 374 -22.60 -45.48 7.00
N TYR C 375 -22.19 -45.56 5.74
CA TYR C 375 -22.13 -44.39 4.87
C TYR C 375 -22.08 -44.85 3.44
N GLN C 376 -23.11 -44.51 2.66
CA GLN C 376 -23.20 -44.88 1.25
C GLN C 376 -23.07 -43.64 0.40
N MET C 377 -21.92 -43.46 -0.23
CA MET C 377 -21.69 -42.30 -1.08
C MET C 377 -22.52 -42.42 -2.35
N SER C 378 -23.17 -41.32 -2.74
CA SER C 378 -24.01 -41.30 -3.92
C SER C 378 -23.15 -40.96 -5.14
N THR C 379 -23.20 -41.83 -6.14
CA THR C 379 -22.44 -41.63 -7.37
C THR C 379 -23.23 -40.93 -8.45
N ARG C 380 -24.47 -40.53 -8.17
CA ARG C 380 -25.28 -39.75 -9.10
C ARG C 380 -25.21 -38.30 -8.67
N LEU C 381 -24.79 -37.43 -9.60
CA LEU C 381 -24.52 -36.04 -9.29
C LEU C 381 -25.41 -35.12 -10.10
N LYS C 382 -25.94 -34.10 -9.45
CA LYS C 382 -26.67 -33.04 -10.12
C LYS C 382 -25.71 -31.90 -10.40
N ILE C 383 -25.71 -31.41 -11.63
CA ILE C 383 -24.71 -30.48 -12.11
C ILE C 383 -25.41 -29.29 -12.77
N VAL C 384 -25.00 -28.08 -12.38
CA VAL C 384 -25.63 -26.87 -12.85
C VAL C 384 -24.65 -26.14 -13.75
N THR C 385 -25.13 -25.76 -14.94
CA THR C 385 -24.36 -25.04 -15.93
C THR C 385 -25.15 -23.82 -16.38
N ILE C 386 -24.44 -22.84 -16.93
CA ILE C 386 -25.06 -21.62 -17.43
C ILE C 386 -24.65 -21.43 -18.88
N HIS C 387 -25.58 -20.96 -19.70
CA HIS C 387 -25.35 -20.79 -21.13
C HIS C 387 -24.27 -19.74 -21.35
N GLN C 388 -23.07 -20.20 -21.68
CA GLN C 388 -21.96 -19.33 -22.04
C GLN C 388 -21.38 -19.85 -23.35
N GLU C 389 -21.18 -18.96 -24.31
CA GLU C 389 -21.09 -19.33 -25.72
C GLU C 389 -20.03 -20.38 -26.00
N PRO C 390 -18.72 -20.14 -25.80
CA PRO C 390 -17.74 -21.14 -26.23
C PRO C 390 -17.72 -22.37 -25.35
N PHE C 391 -18.09 -22.25 -24.08
CA PHE C 391 -17.89 -23.32 -23.11
C PHE C 391 -19.06 -24.28 -23.02
N VAL C 392 -20.28 -23.77 -23.02
CA VAL C 392 -21.47 -24.62 -23.04
C VAL C 392 -22.54 -23.96 -23.89
N TYR C 393 -22.82 -24.56 -25.04
CA TYR C 393 -23.88 -24.11 -25.92
C TYR C 393 -25.20 -24.73 -25.48
N VAL C 394 -26.30 -24.03 -25.73
CA VAL C 394 -27.63 -24.51 -25.43
C VAL C 394 -28.46 -24.41 -26.69
N LYS C 395 -28.89 -25.56 -27.22
CA LYS C 395 -29.71 -25.59 -28.41
C LYS C 395 -30.96 -26.41 -28.13
N PRO C 396 -32.09 -26.03 -28.71
CA PRO C 396 -33.32 -26.81 -28.47
C PRO C 396 -33.20 -28.21 -29.06
N THR C 397 -33.87 -29.15 -28.41
CA THR C 397 -33.84 -30.54 -28.83
C THR C 397 -34.68 -30.72 -30.09
N LEU C 398 -34.55 -31.90 -30.69
CA LEU C 398 -35.30 -32.23 -31.88
C LEU C 398 -36.74 -32.60 -31.51
N SER C 399 -37.55 -32.90 -32.51
CA SER C 399 -38.94 -33.29 -32.27
C SER C 399 -39.01 -34.59 -31.49
N ASP C 400 -38.15 -35.56 -31.83
CA ASP C 400 -38.18 -36.86 -31.17
C ASP C 400 -37.72 -36.81 -29.72
N GLY C 401 -37.18 -35.67 -29.27
CA GLY C 401 -36.78 -35.51 -27.89
C GLY C 401 -35.30 -35.70 -27.62
N THR C 402 -34.55 -36.24 -28.58
CA THR C 402 -33.12 -36.40 -28.40
C THR C 402 -32.40 -35.17 -28.95
N CYS C 403 -31.07 -35.27 -29.07
CA CYS C 403 -30.24 -34.16 -29.48
C CYS C 403 -29.96 -34.24 -30.97
N LYS C 404 -29.93 -33.08 -31.62
CA LYS C 404 -29.60 -33.04 -33.04
C LYS C 404 -28.18 -33.54 -33.27
N GLU C 405 -28.03 -34.43 -34.24
CA GLU C 405 -26.73 -35.04 -34.51
C GLU C 405 -25.90 -34.13 -35.40
N GLU C 406 -24.67 -33.87 -34.97
CA GLU C 406 -23.73 -33.09 -35.77
C GLU C 406 -22.32 -33.52 -35.42
N PHE C 407 -21.39 -33.18 -36.30
CA PHE C 407 -19.99 -33.57 -36.15
C PHE C 407 -19.10 -32.35 -36.30
N THR C 408 -17.88 -32.47 -35.79
CA THR C 408 -16.88 -31.43 -35.98
C THR C 408 -16.29 -31.53 -37.38
N VAL C 409 -15.29 -30.70 -37.64
CA VAL C 409 -14.62 -30.72 -38.94
C VAL C 409 -13.82 -32.01 -39.10
N ASN C 410 -13.20 -32.48 -38.02
CA ASN C 410 -12.37 -33.68 -38.11
C ASN C 410 -13.20 -34.91 -38.47
N GLY C 411 -14.41 -35.01 -37.91
CA GLY C 411 -15.27 -36.14 -38.19
C GLY C 411 -15.84 -36.78 -36.95
N ASP C 412 -15.17 -36.58 -35.82
CA ASP C 412 -15.67 -37.10 -34.56
C ASP C 412 -16.97 -36.39 -34.19
N PRO C 413 -17.89 -37.09 -33.54
CA PRO C 413 -19.18 -36.48 -33.22
C PRO C 413 -19.09 -35.54 -32.03
N VAL C 414 -19.92 -34.49 -32.08
CA VAL C 414 -20.03 -33.59 -30.94
C VAL C 414 -20.72 -34.32 -29.80
N LYS C 415 -20.10 -34.31 -28.64
CA LYS C 415 -20.67 -34.97 -27.47
C LYS C 415 -21.67 -34.04 -26.80
N LYS C 416 -22.91 -34.48 -26.71
CA LYS C 416 -23.99 -33.66 -26.20
C LYS C 416 -24.66 -34.34 -25.01
N VAL C 417 -25.20 -33.53 -24.12
CA VAL C 417 -25.96 -34.00 -22.97
C VAL C 417 -27.27 -33.22 -22.91
N ILE C 418 -28.25 -33.82 -22.26
CA ILE C 418 -29.59 -33.25 -22.21
C ILE C 418 -29.68 -32.37 -20.97
N CYS C 419 -29.80 -31.07 -21.17
CA CYS C 419 -30.07 -30.14 -20.09
C CYS C 419 -31.56 -30.01 -19.86
N THR C 420 -31.92 -29.47 -18.70
CA THR C 420 -33.31 -29.30 -18.32
C THR C 420 -33.52 -27.91 -17.74
N GLY C 421 -33.00 -26.91 -18.43
CA GLY C 421 -33.10 -25.54 -17.98
C GLY C 421 -34.39 -24.90 -18.46
N PRO C 422 -34.54 -23.62 -18.17
CA PRO C 422 -35.75 -22.90 -18.62
C PRO C 422 -35.83 -22.89 -20.15
N ASN C 423 -36.98 -22.42 -20.64
CA ASN C 423 -37.27 -22.47 -22.05
C ASN C 423 -36.39 -21.48 -22.82
N ASP C 424 -36.60 -21.43 -24.13
CA ASP C 424 -35.86 -20.47 -24.96
C ASP C 424 -36.09 -19.04 -24.51
N THR C 425 -37.27 -18.75 -23.95
CA THR C 425 -37.53 -17.44 -23.39
C THR C 425 -36.80 -17.26 -22.07
N SER C 426 -36.59 -15.99 -21.72
CA SER C 426 -35.87 -15.66 -20.50
C SER C 426 -36.67 -16.11 -19.27
N PRO C 427 -35.99 -16.36 -18.15
CA PRO C 427 -36.70 -16.74 -16.92
C PRO C 427 -37.74 -15.72 -16.44
N GLY C 428 -37.80 -14.53 -17.06
CA GLY C 428 -38.89 -13.61 -16.78
C GLY C 428 -40.24 -14.10 -17.24
N SER C 429 -40.26 -15.03 -18.20
CA SER C 429 -41.48 -15.69 -18.58
C SER C 429 -41.95 -16.63 -17.47
N PRO C 430 -43.21 -17.06 -17.49
CA PRO C 430 -43.68 -17.99 -16.47
C PRO C 430 -42.83 -19.25 -16.43
N ARG C 431 -42.61 -19.76 -15.22
CA ARG C 431 -41.64 -20.84 -15.02
C ARG C 431 -42.01 -22.06 -15.85
N HIS C 432 -41.05 -22.52 -16.65
CA HIS C 432 -41.25 -23.70 -17.49
C HIS C 432 -39.89 -24.23 -17.88
N THR C 433 -39.56 -25.44 -17.44
CA THR C 433 -38.26 -26.05 -17.71
C THR C 433 -38.47 -27.14 -18.76
N VAL C 434 -37.98 -26.90 -19.97
CA VAL C 434 -38.09 -27.86 -21.05
C VAL C 434 -36.71 -28.44 -21.34
N PRO C 435 -36.60 -29.69 -21.76
CA PRO C 435 -35.29 -30.26 -22.06
C PRO C 435 -34.61 -29.54 -23.21
N GLN C 436 -33.29 -29.46 -23.14
CA GLN C 436 -32.49 -28.80 -24.16
C GLN C 436 -31.25 -29.64 -24.41
N CYS C 437 -30.41 -29.16 -25.32
CA CYS C 437 -29.19 -29.87 -25.71
C CYS C 437 -27.99 -29.00 -25.39
N CYS C 438 -27.03 -29.56 -24.66
CA CYS C 438 -25.86 -28.83 -24.21
C CYS C 438 -24.59 -29.51 -24.71
N TYR C 439 -23.65 -28.69 -25.14
CA TYR C 439 -22.34 -29.18 -25.58
C TYR C 439 -21.36 -28.03 -25.51
N GLY C 440 -20.09 -28.37 -25.44
CA GLY C 440 -19.07 -27.36 -25.42
C GLY C 440 -17.86 -27.81 -24.62
N PHE C 441 -17.05 -26.83 -24.25
CA PHE C 441 -15.83 -27.10 -23.50
C PHE C 441 -16.13 -27.79 -22.19
N CYS C 442 -17.08 -27.25 -21.43
CA CYS C 442 -17.29 -27.72 -20.07
C CYS C 442 -17.99 -29.08 -20.04
N ILE C 443 -18.93 -29.31 -20.96
CA ILE C 443 -19.58 -30.62 -21.01
C ILE C 443 -18.58 -31.68 -21.45
N ASP C 444 -17.78 -31.39 -22.47
CA ASP C 444 -16.75 -32.34 -22.90
C ASP C 444 -15.73 -32.58 -21.80
N LEU C 445 -15.50 -31.59 -20.94
CA LEU C 445 -14.65 -31.79 -19.78
C LEU C 445 -15.39 -32.55 -18.69
N LEU C 446 -16.69 -32.31 -18.55
CA LEU C 446 -17.48 -33.04 -17.55
C LEU C 446 -17.55 -34.52 -17.88
N ILE C 447 -17.74 -34.87 -19.15
CA ILE C 447 -17.81 -36.28 -19.54
C ILE C 447 -16.49 -36.97 -19.22
N LYS C 448 -15.37 -36.27 -19.41
CA LYS C 448 -14.08 -36.84 -19.02
C LYS C 448 -14.02 -37.07 -17.51
N LEU C 449 -14.50 -36.12 -16.72
CA LEU C 449 -14.53 -36.31 -15.28
C LEU C 449 -15.43 -37.46 -14.90
N ALA C 450 -16.59 -37.57 -15.54
CA ALA C 450 -17.51 -38.65 -15.24
C ALA C 450 -16.90 -40.00 -15.57
N ARG C 451 -16.20 -40.10 -16.71
CA ARG C 451 -15.60 -41.37 -17.10
C ARG C 451 -14.44 -41.73 -16.17
N THR C 452 -13.59 -40.76 -15.83
CA THR C 452 -12.38 -41.08 -15.07
C THR C 452 -12.70 -41.38 -13.61
N MET C 453 -13.62 -40.63 -13.01
CA MET C 453 -13.94 -40.80 -11.60
C MET C 453 -15.19 -41.63 -11.36
N ASN C 454 -15.83 -42.12 -12.42
CA ASN C 454 -16.91 -43.08 -12.32
C ASN C 454 -18.07 -42.55 -11.47
N PHE C 455 -18.69 -41.48 -11.97
CA PHE C 455 -19.95 -41.01 -11.42
C PHE C 455 -20.89 -40.67 -12.56
N THR C 456 -22.19 -40.77 -12.28
CA THR C 456 -23.22 -40.44 -13.24
C THR C 456 -23.79 -39.07 -12.93
N TYR C 457 -24.20 -38.36 -13.97
CA TYR C 457 -24.54 -36.94 -13.85
C TYR C 457 -25.86 -36.64 -14.54
N GLU C 458 -26.57 -35.67 -13.99
CA GLU C 458 -27.74 -35.07 -14.64
C GLU C 458 -27.55 -33.56 -14.66
N VAL C 459 -27.50 -33.00 -15.84
CA VAL C 459 -27.22 -31.57 -16.03
C VAL C 459 -28.53 -30.80 -16.07
N HIS C 460 -28.52 -29.61 -15.47
CA HIS C 460 -29.65 -28.71 -15.59
C HIS C 460 -29.16 -27.28 -15.54
N LEU C 461 -29.63 -26.46 -16.46
CA LEU C 461 -29.19 -25.08 -16.52
C LEU C 461 -29.72 -24.29 -15.33
N VAL C 462 -29.05 -23.17 -15.04
CA VAL C 462 -29.45 -22.34 -13.93
C VAL C 462 -30.85 -21.79 -14.19
N ALA C 463 -31.75 -21.98 -13.23
CA ALA C 463 -33.07 -21.37 -13.35
C ALA C 463 -32.97 -19.86 -13.30
N ASP C 464 -32.11 -19.33 -12.43
CA ASP C 464 -31.98 -17.88 -12.29
C ASP C 464 -31.40 -17.25 -13.54
N GLY C 465 -30.43 -17.91 -14.17
CA GLY C 465 -29.73 -17.34 -15.30
C GLY C 465 -28.53 -16.51 -14.93
N LYS C 466 -28.14 -16.48 -13.67
CA LYS C 466 -27.02 -15.68 -13.18
C LYS C 466 -25.83 -16.56 -12.87
N PHE C 467 -24.69 -15.93 -12.64
CA PHE C 467 -23.45 -16.64 -12.33
C PHE C 467 -23.27 -16.84 -10.84
N GLY C 468 -23.55 -15.82 -10.03
CA GLY C 468 -23.46 -15.95 -8.60
C GLY C 468 -22.90 -14.74 -7.90
N THR C 469 -23.64 -14.22 -6.94
CA THR C 469 -23.23 -13.06 -6.16
C THR C 469 -24.05 -13.02 -4.88
N GLN C 470 -23.55 -12.28 -3.90
CA GLN C 470 -24.22 -12.14 -2.61
C GLN C 470 -24.96 -10.81 -2.59
N GLU C 471 -26.27 -10.86 -2.35
CA GLU C 471 -27.09 -9.67 -2.47
C GLU C 471 -27.89 -9.39 -1.21
N ARG C 472 -28.82 -8.45 -1.31
CA ARG C 472 -29.63 -8.00 -0.18
C ARG C 472 -30.99 -8.69 -0.22
N VAL C 473 -31.38 -9.27 0.90
CA VAL C 473 -32.73 -9.80 1.06
C VAL C 473 -33.69 -8.62 1.22
N ASN C 474 -35.00 -8.90 1.19
CA ASN C 474 -36.00 -7.84 1.26
C ASN C 474 -36.07 -7.36 2.72
N ASN C 475 -35.18 -6.44 3.05
CA ASN C 475 -35.15 -5.75 4.33
C ASN C 475 -35.11 -6.74 5.50
N SER C 476 -34.02 -7.51 5.57
CA SER C 476 -33.80 -8.39 6.70
C SER C 476 -32.35 -8.43 7.15
N ASN C 477 -31.49 -7.54 6.64
CA ASN C 477 -30.08 -7.46 7.03
C ASN C 477 -29.36 -8.79 6.84
N LYS C 478 -29.76 -9.55 5.83
CA LYS C 478 -29.15 -10.84 5.54
C LYS C 478 -28.70 -10.87 4.08
N LYS C 479 -27.69 -11.69 3.80
CA LYS C 479 -27.13 -11.83 2.47
C LYS C 479 -27.34 -13.25 1.98
N GLU C 480 -27.81 -13.37 0.75
CA GLU C 480 -28.09 -14.67 0.15
C GLU C 480 -27.45 -14.74 -1.23
N TRP C 481 -27.06 -15.94 -1.62
CA TRP C 481 -26.48 -16.16 -2.94
C TRP C 481 -27.57 -16.34 -3.98
N ASN C 482 -27.19 -16.18 -5.24
CA ASN C 482 -28.10 -16.35 -6.36
C ASN C 482 -27.37 -17.06 -7.49
N GLY C 483 -28.14 -17.69 -8.36
CA GLY C 483 -27.56 -18.36 -9.50
C GLY C 483 -26.91 -19.69 -9.16
N MET C 484 -25.81 -20.02 -9.85
CA MET C 484 -25.14 -21.29 -9.61
C MET C 484 -24.63 -21.39 -8.18
N MET C 485 -24.06 -20.31 -7.66
CA MET C 485 -23.55 -20.33 -6.30
C MET C 485 -24.67 -20.55 -5.29
N GLY C 486 -25.83 -19.95 -5.52
CA GLY C 486 -26.97 -20.17 -4.66
C GLY C 486 -27.71 -21.45 -4.90
N GLU C 487 -27.37 -22.18 -5.96
CA GLU C 487 -27.92 -23.50 -6.21
C GLU C 487 -27.04 -24.59 -5.64
N LEU C 488 -25.73 -24.42 -5.76
CA LEU C 488 -24.79 -25.38 -5.18
C LEU C 488 -24.89 -25.41 -3.67
N LEU C 489 -25.00 -24.24 -3.04
CA LEU C 489 -25.09 -24.17 -1.59
C LEU C 489 -26.45 -24.60 -1.07
N SER C 490 -27.49 -24.53 -1.89
CA SER C 490 -28.84 -24.89 -1.49
C SER C 490 -29.15 -26.36 -1.76
N GLY C 491 -28.18 -27.13 -2.20
CA GLY C 491 -28.37 -28.55 -2.41
C GLY C 491 -28.99 -28.93 -3.72
N GLN C 492 -29.39 -27.96 -4.54
CA GLN C 492 -29.99 -28.27 -5.84
C GLN C 492 -28.97 -28.78 -6.84
N ALA C 493 -27.67 -28.72 -6.52
CA ALA C 493 -26.65 -29.19 -7.42
C ALA C 493 -25.41 -29.59 -6.62
N ASP C 494 -24.79 -30.69 -7.00
CA ASP C 494 -23.60 -31.15 -6.33
C ASP C 494 -22.31 -30.65 -6.96
N MET C 495 -22.40 -29.96 -8.10
CA MET C 495 -21.23 -29.50 -8.81
C MET C 495 -21.63 -28.32 -9.69
N ILE C 496 -20.63 -27.55 -10.11
CA ILE C 496 -20.82 -26.43 -11.03
C ILE C 496 -19.76 -26.57 -12.10
N VAL C 497 -20.12 -27.18 -13.23
CA VAL C 497 -19.21 -27.34 -14.35
C VAL C 497 -19.55 -26.23 -15.34
N ALA C 498 -18.90 -25.09 -15.18
CA ALA C 498 -19.21 -23.91 -15.97
C ALA C 498 -18.05 -22.94 -15.86
N PRO C 499 -18.04 -21.89 -16.69
CA PRO C 499 -16.99 -20.86 -16.53
C PRO C 499 -17.15 -20.07 -15.26
N LEU C 500 -16.92 -20.71 -14.12
CA LEU C 500 -17.05 -20.06 -12.81
C LEU C 500 -15.66 -19.65 -12.35
N THR C 501 -15.42 -18.34 -12.29
CA THR C 501 -14.11 -17.86 -11.89
C THR C 501 -13.90 -18.05 -10.39
N ILE C 502 -12.64 -18.07 -9.99
CA ILE C 502 -12.26 -18.29 -8.61
C ILE C 502 -12.15 -16.95 -7.91
N ASN C 503 -12.95 -16.77 -6.86
CA ASN C 503 -13.06 -15.50 -6.16
C ASN C 503 -12.83 -15.72 -4.68
N ASN C 504 -12.45 -14.65 -3.99
CA ASN C 504 -12.37 -14.71 -2.53
C ASN C 504 -13.74 -14.90 -1.92
N GLU C 505 -14.75 -14.22 -2.46
CA GLU C 505 -16.09 -14.30 -1.89
C GLU C 505 -16.67 -15.70 -2.02
N ARG C 506 -16.47 -16.34 -3.18
CA ARG C 506 -16.99 -17.69 -3.38
C ARG C 506 -16.14 -18.73 -2.67
N ALA C 507 -14.82 -18.53 -2.63
CA ALA C 507 -13.95 -19.52 -2.01
C ALA C 507 -14.24 -19.68 -0.52
N GLN C 508 -14.86 -18.69 0.10
CA GLN C 508 -15.22 -18.81 1.51
C GLN C 508 -16.36 -19.79 1.72
N TYR C 509 -17.17 -20.06 0.70
CA TYR C 509 -18.35 -20.90 0.84
C TYR C 509 -18.29 -22.20 0.07
N ILE C 510 -17.56 -22.26 -1.04
CA ILE C 510 -17.46 -23.47 -1.83
C ILE C 510 -16.00 -23.79 -2.08
N GLU C 511 -15.76 -24.97 -2.63
CA GLU C 511 -14.43 -25.55 -2.77
C GLU C 511 -14.10 -25.65 -4.25
N PHE C 512 -13.40 -24.64 -4.76
CA PHE C 512 -13.00 -24.64 -6.16
C PHE C 512 -11.93 -25.69 -6.41
N SER C 513 -11.85 -26.16 -7.64
CA SER C 513 -10.77 -27.05 -8.04
C SER C 513 -9.60 -26.22 -8.55
N LYS C 514 -8.63 -26.88 -9.16
CA LYS C 514 -7.57 -26.16 -9.84
C LYS C 514 -8.14 -25.58 -11.13
N PRO C 515 -7.67 -24.40 -11.55
CA PRO C 515 -8.19 -23.81 -12.79
C PRO C 515 -8.03 -24.75 -13.96
N PHE C 516 -9.13 -25.02 -14.65
CA PHE C 516 -9.05 -25.71 -15.93
C PHE C 516 -8.89 -24.74 -17.09
N LYS C 517 -8.94 -23.44 -16.83
CA LYS C 517 -8.59 -22.43 -17.81
C LYS C 517 -8.12 -21.19 -17.08
N TYR C 518 -7.03 -20.61 -17.55
CA TYR C 518 -6.49 -19.38 -16.99
C TYR C 518 -6.84 -18.23 -17.91
N GLN C 519 -7.46 -17.20 -17.36
CA GLN C 519 -7.99 -16.11 -18.18
C GLN C 519 -7.91 -14.83 -17.36
N GLY C 520 -8.66 -13.82 -17.80
CA GLY C 520 -8.71 -12.54 -17.11
C GLY C 520 -9.73 -11.65 -17.79
N LEU C 521 -10.00 -10.51 -17.16
CA LEU C 521 -10.99 -9.60 -17.70
C LEU C 521 -10.40 -8.75 -18.81
N THR C 522 -11.19 -8.51 -19.85
CA THR C 522 -10.80 -7.65 -20.96
C THR C 522 -11.99 -6.75 -21.30
N ILE C 523 -11.87 -6.03 -22.40
CA ILE C 523 -12.88 -5.10 -22.87
C ILE C 523 -13.15 -5.41 -24.33
N LEU C 524 -14.43 -5.54 -24.70
CA LEU C 524 -14.84 -5.81 -26.07
C LEU C 524 -15.42 -4.55 -26.67
N VAL C 525 -14.88 -4.13 -27.81
CA VAL C 525 -15.31 -2.92 -28.50
C VAL C 525 -15.53 -3.24 -29.98
N LYS C 526 -16.23 -2.34 -30.66
CA LYS C 526 -16.50 -2.49 -32.08
C LYS C 526 -15.26 -2.18 -32.90
N LYS C 527 -15.04 -2.98 -33.95
CA LYS C 527 -13.82 -2.92 -34.74
C LYS C 527 -13.88 -1.94 -35.91
N GLU C 528 -15.07 -1.47 -36.29
CA GLU C 528 -15.26 -0.57 -37.42
C GLU C 528 -14.85 -1.22 -38.74
N ILE C 529 -15.09 -0.53 -39.85
CA ILE C 529 -14.91 -1.08 -41.18
C ILE C 529 -13.47 -0.88 -41.64
N PRO C 530 -12.82 -1.92 -42.18
CA PRO C 530 -11.47 -1.74 -42.75
C PRO C 530 -11.55 -1.14 -44.14
N ARG C 531 -11.10 0.11 -44.26
CA ARG C 531 -11.20 0.84 -45.52
C ARG C 531 -10.14 1.93 -45.54
N SER C 532 -9.90 2.46 -46.74
CA SER C 532 -9.04 3.62 -46.92
C SER C 532 -9.89 4.86 -47.07
N THR C 533 -9.49 5.94 -46.40
CA THR C 533 -10.23 7.19 -46.46
C THR C 533 -9.80 8.07 -47.64
N LEU C 534 -9.17 7.49 -48.64
CA LEU C 534 -8.77 8.23 -49.83
C LEU C 534 -10.01 8.52 -50.67
N ASP C 535 -10.43 9.78 -50.70
CA ASP C 535 -11.65 10.14 -51.40
C ASP C 535 -11.49 10.00 -52.90
N SER C 536 -10.40 10.53 -53.45
CA SER C 536 -10.16 10.48 -54.89
C SER C 536 -8.67 10.63 -55.12
N PHE C 537 -8.28 10.65 -56.40
CA PHE C 537 -6.88 10.73 -56.75
C PHE C 537 -6.28 12.11 -56.51
N MET C 538 -7.09 13.11 -56.20
CA MET C 538 -6.63 14.48 -56.09
C MET C 538 -6.14 14.84 -54.70
N GLN C 539 -6.24 13.92 -53.74
CA GLN C 539 -5.96 14.26 -52.35
C GLN C 539 -4.55 14.76 -52.09
N PRO C 540 -3.48 14.16 -52.62
CA PRO C 540 -2.14 14.62 -52.23
C PRO C 540 -1.90 16.10 -52.43
N PHE C 541 -2.42 16.68 -53.51
CA PHE C 541 -2.37 18.11 -53.71
C PHE C 541 -3.73 18.70 -53.35
N GLN C 542 -3.84 20.00 -53.43
CA GLN C 542 -5.14 20.62 -53.30
C GLN C 542 -5.52 21.25 -54.64
N SER C 543 -6.71 21.85 -54.67
CA SER C 543 -7.26 22.33 -55.94
C SER C 543 -6.38 23.41 -56.54
N THR C 544 -5.87 24.32 -55.72
CA THR C 544 -5.04 25.40 -56.24
C THR C 544 -3.72 24.87 -56.79
N LEU C 545 -3.13 23.88 -56.12
CA LEU C 545 -1.87 23.33 -56.64
C LEU C 545 -2.09 22.51 -57.90
N TRP C 546 -3.28 21.94 -58.08
CA TRP C 546 -3.61 21.32 -59.36
C TRP C 546 -3.71 22.37 -60.47
N LEU C 547 -4.30 23.53 -60.17
CA LEU C 547 -4.43 24.58 -61.16
C LEU C 547 -3.08 25.17 -61.52
N LEU C 548 -2.28 25.51 -60.52
CA LEU C 548 -0.99 26.16 -60.77
C LEU C 548 -0.08 25.26 -61.59
N VAL C 549 -0.07 23.95 -61.29
CA VAL C 549 0.70 23.01 -62.10
C VAL C 549 0.14 22.97 -63.52
N GLY C 550 -1.18 22.93 -63.66
CA GLY C 550 -1.77 22.93 -64.99
C GLY C 550 -1.56 24.24 -65.73
N LEU C 551 -1.65 25.36 -65.02
CA LEU C 551 -1.42 26.66 -65.63
C LEU C 551 0.04 26.90 -65.93
N SER C 552 0.96 26.19 -65.27
CA SER C 552 2.37 26.34 -65.53
C SER C 552 2.81 25.62 -66.80
N VAL C 553 2.02 24.66 -67.28
CA VAL C 553 2.33 24.01 -68.55
C VAL C 553 2.29 25.04 -69.68
N HIS C 554 1.23 25.84 -69.70
CA HIS C 554 0.99 26.76 -70.79
C HIS C 554 1.86 28.00 -70.72
N VAL C 555 2.39 28.33 -69.55
CA VAL C 555 3.38 29.39 -69.48
C VAL C 555 4.71 28.91 -70.02
N VAL C 556 5.11 27.69 -69.67
CA VAL C 556 6.38 27.15 -70.16
C VAL C 556 6.30 26.87 -71.66
N ALA C 557 5.14 26.41 -72.13
CA ALA C 557 4.98 26.13 -73.55
C ALA C 557 5.18 27.39 -74.38
N VAL C 558 4.65 28.52 -73.92
CA VAL C 558 4.73 29.75 -74.68
C VAL C 558 6.16 30.24 -74.79
N MET C 559 6.90 30.24 -73.68
CA MET C 559 8.28 30.72 -73.72
C MET C 559 9.16 29.77 -74.50
N LEU C 560 8.94 28.46 -74.38
CA LEU C 560 9.65 27.51 -75.22
C LEU C 560 9.47 27.86 -76.70
N TYR C 561 8.26 28.28 -77.06
CA TYR C 561 8.01 28.74 -78.42
C TYR C 561 8.71 30.07 -78.70
N LEU C 562 8.63 31.02 -77.76
CA LEU C 562 9.13 32.36 -78.02
C LEU C 562 10.65 32.41 -77.99
N LEU C 563 11.28 31.72 -77.05
CA LEU C 563 12.74 31.68 -77.01
C LEU C 563 13.30 31.00 -78.25
N ASP C 564 12.64 29.93 -78.70
CA ASP C 564 13.11 29.23 -79.90
C ASP C 564 12.86 30.05 -81.15
N ARG C 565 11.68 30.68 -81.25
CA ARG C 565 11.36 31.44 -82.45
C ARG C 565 12.30 32.61 -82.64
N PHE C 566 12.64 33.31 -81.55
CA PHE C 566 13.42 34.54 -81.62
C PHE C 566 14.86 34.35 -81.21
N SER C 567 15.38 33.13 -81.28
CA SER C 567 16.78 32.90 -81.01
C SER C 567 17.63 33.50 -82.15
N PRO C 568 18.83 33.97 -81.84
CA PRO C 568 19.68 34.54 -82.89
C PRO C 568 20.38 33.49 -83.74
N PHE C 569 20.77 32.39 -83.12
CA PHE C 569 21.49 31.34 -83.84
C PHE C 569 20.53 30.41 -84.58
N ASP C 582 14.89 21.66 -86.09
CA ASP C 582 13.76 22.50 -86.47
C ASP C 582 13.25 23.29 -85.28
N ALA C 583 12.85 24.53 -85.53
CA ALA C 583 12.37 25.40 -84.46
C ALA C 583 11.03 24.91 -83.92
N LEU C 584 10.80 25.14 -82.63
CA LEU C 584 9.61 24.66 -81.95
C LEU C 584 8.42 25.52 -82.35
N THR C 585 7.46 24.93 -83.06
CA THR C 585 6.21 25.60 -83.30
C THR C 585 5.40 25.68 -82.01
N LEU C 586 4.33 26.48 -82.05
CA LEU C 586 3.55 26.69 -80.84
C LEU C 586 2.90 25.41 -80.35
N SER C 587 2.31 24.64 -81.27
CA SER C 587 1.67 23.38 -80.87
C SER C 587 2.70 22.38 -80.39
N SER C 588 3.85 22.29 -81.07
CA SER C 588 4.87 21.33 -80.65
C SER C 588 5.44 21.68 -79.28
N ALA C 589 5.50 22.96 -78.94
CA ALA C 589 5.91 23.36 -77.61
C ALA C 589 4.89 22.91 -76.57
N MET C 590 3.61 22.97 -76.89
CA MET C 590 2.58 22.50 -75.98
C MET C 590 2.67 21.00 -75.77
N TRP C 591 2.91 20.24 -76.84
CA TRP C 591 3.08 18.81 -76.71
C TRP C 591 4.29 18.46 -75.88
N PHE C 592 5.33 19.29 -75.94
CA PHE C 592 6.51 19.07 -75.12
C PHE C 592 6.19 19.26 -73.65
N SER C 593 5.51 20.36 -73.31
CA SER C 593 5.22 20.66 -71.91
C SER C 593 4.28 19.63 -71.31
N TRP C 594 3.26 19.22 -72.05
CA TRP C 594 2.32 18.22 -71.53
C TRP C 594 2.94 16.83 -71.54
N GLY C 595 3.66 16.48 -72.59
CA GLY C 595 4.26 15.17 -72.66
C GLY C 595 5.32 14.94 -71.62
N VAL C 596 6.08 15.98 -71.27
CA VAL C 596 7.06 15.86 -70.21
C VAL C 596 6.37 15.71 -68.87
N LEU C 597 5.25 16.40 -68.68
CA LEU C 597 4.52 16.31 -67.42
C LEU C 597 3.81 14.97 -67.28
N LEU C 598 3.13 14.52 -68.33
CA LEU C 598 2.35 13.30 -68.29
C LEU C 598 3.17 12.05 -68.57
N ASN C 599 4.44 12.21 -68.90
CA ASN C 599 5.33 11.09 -69.23
C ASN C 599 4.80 10.27 -70.41
N SER C 600 4.07 10.90 -71.31
CA SER C 600 3.72 10.25 -72.56
C SER C 600 4.82 10.50 -73.59
N GLY C 601 4.85 9.65 -74.60
CA GLY C 601 5.78 9.87 -75.67
C GLY C 601 5.34 10.89 -76.69
N ILE C 602 4.14 11.45 -76.52
CA ILE C 602 3.59 12.37 -77.51
C ILE C 602 4.40 13.65 -77.52
N GLY C 603 4.81 14.07 -78.70
CA GLY C 603 5.65 15.23 -78.84
C GLY C 603 7.10 14.82 -79.02
N GLU C 604 7.56 14.81 -80.26
CA GLU C 604 8.91 14.38 -80.58
C GLU C 604 9.88 15.54 -80.77
N GLY C 605 9.44 16.77 -80.54
CA GLY C 605 10.28 17.92 -80.79
C GLY C 605 10.85 18.57 -79.55
N ALA C 606 12.16 18.42 -79.36
CA ALA C 606 12.86 19.09 -78.28
C ALA C 606 13.13 20.54 -78.65
N PRO C 607 13.39 21.40 -77.66
CA PRO C 607 13.75 22.78 -77.97
C PRO C 607 15.07 22.85 -78.72
N ARG C 608 15.19 23.86 -79.58
CA ARG C 608 16.38 24.02 -80.39
C ARG C 608 17.39 24.97 -79.76
N SER C 609 16.96 26.17 -79.40
CA SER C 609 17.88 27.20 -78.93
C SER C 609 18.47 26.84 -77.58
N PHE C 610 19.64 27.42 -77.31
CA PHE C 610 20.34 27.16 -76.05
C PHE C 610 19.51 27.60 -74.86
N SER C 611 18.80 28.71 -75.00
CA SER C 611 17.99 29.22 -73.89
C SER C 611 16.79 28.32 -73.63
N ALA C 612 16.09 27.90 -74.68
CA ALA C 612 14.90 27.09 -74.52
C ALA C 612 15.21 25.67 -74.08
N ARG C 613 16.48 25.28 -74.06
CA ARG C 613 16.86 24.00 -73.50
C ARG C 613 17.14 24.06 -72.01
N ILE C 614 17.38 25.26 -71.46
CA ILE C 614 17.47 25.40 -70.02
C ILE C 614 16.09 25.32 -69.39
N LEU C 615 15.17 26.18 -69.86
CA LEU C 615 13.81 26.14 -69.35
C LEU C 615 13.11 24.84 -69.75
N GLY C 616 13.44 24.29 -70.91
CA GLY C 616 12.89 23.01 -71.29
C GLY C 616 13.38 21.85 -70.45
N MET C 617 14.48 22.04 -69.73
CA MET C 617 15.02 20.96 -68.92
C MET C 617 14.76 21.13 -67.43
N VAL C 618 14.64 22.36 -66.95
CA VAL C 618 14.12 22.56 -65.60
C VAL C 618 12.69 22.04 -65.51
N TRP C 619 11.89 22.30 -66.53
CA TRP C 619 10.52 21.84 -66.53
C TRP C 619 10.44 20.31 -66.51
N ALA C 620 11.46 19.64 -67.02
CA ALA C 620 11.53 18.19 -66.87
C ALA C 620 11.87 17.80 -65.44
N GLY C 621 12.71 18.62 -64.77
CA GLY C 621 13.00 18.37 -63.37
C GLY C 621 11.91 18.83 -62.43
N PHE C 622 11.18 19.88 -62.81
CA PHE C 622 10.01 20.30 -62.05
C PHE C 622 8.94 19.22 -62.09
N ALA C 623 8.72 18.62 -63.25
CA ALA C 623 7.72 17.57 -63.38
C ALA C 623 8.15 16.28 -62.68
N MET C 624 9.45 16.06 -62.53
CA MET C 624 9.92 14.92 -61.75
C MET C 624 9.55 15.07 -60.28
N ILE C 625 9.72 16.28 -59.74
CA ILE C 625 9.45 16.55 -58.34
C ILE C 625 7.95 16.56 -58.06
N ILE C 626 7.15 16.98 -59.04
CA ILE C 626 5.70 16.97 -58.87
C ILE C 626 5.19 15.53 -58.71
N VAL C 627 5.66 14.63 -59.57
CA VAL C 627 5.23 13.24 -59.47
C VAL C 627 5.82 12.57 -58.25
N ALA C 628 7.09 12.86 -57.92
CA ALA C 628 7.70 12.28 -56.73
C ALA C 628 7.03 12.76 -55.46
N SER C 629 6.48 13.98 -55.47
CA SER C 629 5.74 14.48 -54.31
C SER C 629 4.37 13.83 -54.21
N TYR C 630 3.70 13.64 -55.34
CA TYR C 630 2.42 12.95 -55.33
C TYR C 630 2.55 11.54 -54.79
N THR C 631 3.58 10.82 -55.23
CA THR C 631 3.82 9.48 -54.70
C THR C 631 4.16 9.51 -53.22
N ALA C 632 4.97 10.49 -52.81
CA ALA C 632 5.41 10.56 -51.42
C ALA C 632 4.28 11.00 -50.50
N ASN C 633 3.48 11.97 -50.93
CA ASN C 633 2.34 12.39 -50.12
C ASN C 633 1.19 11.39 -50.16
N LEU C 634 1.17 10.51 -51.14
CA LEU C 634 0.21 9.41 -51.09
C LEU C 634 0.65 8.37 -50.08
N ALA C 635 1.94 8.05 -50.05
CA ALA C 635 2.44 7.06 -49.09
C ALA C 635 2.31 7.58 -47.66
N ALA C 636 2.56 8.87 -47.44
CA ALA C 636 2.36 9.45 -46.12
C ALA C 636 0.90 9.33 -45.70
N PHE C 637 -0.02 9.62 -46.62
CA PHE C 637 -1.43 9.48 -46.31
C PHE C 637 -1.79 8.03 -46.01
N LEU C 638 -1.30 7.10 -46.82
CA LEU C 638 -1.68 5.70 -46.64
C LEU C 638 -1.02 5.09 -45.42
N VAL C 639 0.23 5.47 -45.12
CA VAL C 639 0.89 4.96 -43.93
C VAL C 639 0.29 5.56 -42.68
N LEU C 640 0.06 6.87 -42.68
CA LEU C 640 -0.40 7.58 -41.49
C LEU C 640 -1.91 7.62 -41.37
N ASP C 641 -2.63 6.90 -42.21
CA ASP C 641 -4.08 6.87 -42.11
C ASP C 641 -4.50 6.03 -40.92
N ARG C 642 -4.19 6.50 -39.71
CA ARG C 642 -4.49 5.76 -38.51
C ARG C 642 -6.02 5.69 -38.31
N PRO C 643 -6.50 4.61 -37.70
CA PRO C 643 -7.92 4.58 -37.29
C PRO C 643 -8.14 5.42 -36.05
N GLU C 644 -9.35 5.40 -35.51
CA GLU C 644 -9.67 6.17 -34.32
C GLU C 644 -9.07 5.55 -33.05
N GLU C 645 -8.06 4.70 -33.19
CA GLU C 645 -7.41 4.02 -32.09
C GLU C 645 -8.40 3.12 -31.37
N ARG C 646 -8.00 2.60 -30.21
CA ARG C 646 -8.84 1.74 -29.41
C ARG C 646 -8.65 2.14 -27.95
N ILE C 647 -9.16 1.32 -27.03
CA ILE C 647 -9.16 1.63 -25.61
C ILE C 647 -8.25 0.66 -24.89
N THR C 648 -7.40 1.19 -24.01
CA THR C 648 -6.50 0.36 -23.22
C THR C 648 -7.27 -0.26 -22.05
N GLY C 649 -6.55 -0.80 -21.07
CA GLY C 649 -7.17 -1.44 -19.93
C GLY C 649 -7.96 -0.46 -19.06
N ILE C 650 -8.22 -0.82 -17.81
CA ILE C 650 -9.00 0.12 -17.00
C ILE C 650 -8.03 1.11 -16.38
N ASN C 651 -7.52 2.03 -17.20
CA ASN C 651 -6.73 3.14 -16.73
C ASN C 651 -6.98 4.45 -17.45
N ASP C 652 -7.50 4.41 -18.67
CA ASP C 652 -7.58 5.63 -19.48
C ASP C 652 -8.70 6.53 -18.96
N PRO C 653 -8.53 7.85 -19.07
CA PRO C 653 -9.61 8.75 -18.67
C PRO C 653 -10.89 8.55 -19.45
N ARG C 654 -10.81 7.99 -20.66
CA ARG C 654 -12.02 7.72 -21.43
C ARG C 654 -12.95 6.75 -20.71
N LEU C 655 -12.43 6.01 -19.73
CA LEU C 655 -13.20 4.96 -19.08
C LEU C 655 -13.12 5.10 -17.56
N ARG C 656 -12.01 5.65 -17.07
CA ARG C 656 -11.83 5.80 -15.63
C ARG C 656 -12.86 6.76 -15.04
N ASN C 657 -13.11 7.87 -15.72
CA ASN C 657 -14.21 8.73 -15.31
C ASN C 657 -15.28 8.74 -16.40
N PRO C 658 -16.54 8.49 -16.05
CA PRO C 658 -17.56 8.29 -17.08
C PRO C 658 -17.99 9.59 -17.74
N SER C 659 -18.55 9.43 -18.93
CA SER C 659 -19.22 10.50 -19.65
C SER C 659 -20.54 9.96 -20.20
N ASP C 660 -21.47 10.87 -20.45
CA ASP C 660 -22.82 10.45 -20.87
C ASP C 660 -22.77 9.71 -22.20
N LYS C 661 -21.98 10.20 -23.16
CA LYS C 661 -21.93 9.57 -24.46
C LYS C 661 -21.35 8.16 -24.37
N PHE C 662 -20.32 7.97 -23.54
CA PHE C 662 -19.70 6.67 -23.37
C PHE C 662 -20.56 5.77 -22.50
N ILE C 663 -20.68 4.51 -22.90
CA ILE C 663 -21.46 3.52 -22.17
C ILE C 663 -20.63 2.24 -22.11
N TYR C 664 -20.16 1.89 -20.92
CA TYR C 664 -19.48 0.62 -20.71
C TYR C 664 -20.13 -0.10 -19.53
N ALA C 665 -20.31 -1.41 -19.66
CA ALA C 665 -21.02 -2.18 -18.65
C ALA C 665 -20.59 -3.63 -18.75
N THR C 666 -20.95 -4.40 -17.72
CA THR C 666 -20.66 -5.82 -17.66
C THR C 666 -21.95 -6.60 -17.38
N VAL C 667 -21.83 -7.89 -17.12
CA VAL C 667 -22.99 -8.73 -16.86
C VAL C 667 -23.38 -8.61 -15.39
N LYS C 668 -24.68 -8.46 -15.15
CA LYS C 668 -25.18 -8.31 -13.80
C LYS C 668 -24.94 -9.56 -12.97
N GLN C 669 -24.53 -9.37 -11.72
CA GLN C 669 -24.37 -10.45 -10.74
C GLN C 669 -23.39 -11.51 -11.26
N SER C 670 -22.14 -11.08 -11.38
CA SER C 670 -21.06 -11.93 -11.84
C SER C 670 -19.80 -11.57 -11.09
N SER C 671 -18.68 -12.15 -11.50
CA SER C 671 -17.41 -11.85 -10.83
C SER C 671 -16.94 -10.43 -11.13
N VAL C 672 -17.23 -9.93 -12.34
CA VAL C 672 -16.91 -8.55 -12.66
C VAL C 672 -17.69 -7.60 -11.77
N ASP C 673 -18.94 -7.93 -11.47
CA ASP C 673 -19.76 -7.09 -10.60
C ASP C 673 -19.15 -6.96 -9.22
N ILE C 674 -18.68 -8.06 -8.64
CA ILE C 674 -18.10 -8.06 -7.31
C ILE C 674 -16.59 -7.93 -7.35
N TYR C 675 -16.03 -7.51 -8.49
CA TYR C 675 -14.67 -7.01 -8.55
C TYR C 675 -14.62 -5.50 -8.50
N PHE C 676 -15.50 -4.83 -9.24
CA PHE C 676 -15.59 -3.37 -9.21
C PHE C 676 -16.26 -2.89 -7.94
N ARG C 677 -17.30 -3.59 -7.49
CA ARG C 677 -17.98 -3.19 -6.26
C ARG C 677 -17.07 -3.32 -5.05
N ARG C 678 -16.28 -4.39 -5.00
CA ARG C 678 -15.37 -4.59 -3.88
C ARG C 678 -14.30 -3.52 -3.82
N GLN C 679 -13.74 -3.14 -4.97
CA GLN C 679 -12.69 -2.14 -5.00
C GLN C 679 -13.25 -0.78 -4.60
N VAL C 680 -12.44 0.00 -3.89
CA VAL C 680 -12.88 1.32 -3.45
C VAL C 680 -12.43 2.43 -4.39
N GLU C 681 -11.38 2.22 -5.17
CA GLU C 681 -11.00 3.20 -6.18
C GLU C 681 -11.91 3.16 -7.39
N LEU C 682 -12.41 1.98 -7.74
CA LEU C 682 -13.33 1.84 -8.87
C LEU C 682 -14.78 1.94 -8.43
N SER C 683 -15.11 2.99 -7.69
CA SER C 683 -16.49 3.23 -7.29
C SER C 683 -17.22 4.15 -8.26
N THR C 684 -16.50 5.05 -8.93
CA THR C 684 -17.11 5.83 -9.99
C THR C 684 -17.33 4.98 -11.24
N MET C 685 -16.41 4.04 -11.50
CA MET C 685 -16.60 3.12 -12.62
C MET C 685 -17.79 2.21 -12.36
N TYR C 686 -17.95 1.74 -11.12
CA TYR C 686 -19.07 0.87 -10.78
C TYR C 686 -20.40 1.60 -10.92
N ARG C 687 -20.44 2.86 -10.50
CA ARG C 687 -21.70 3.61 -10.55
C ARG C 687 -22.18 3.78 -11.99
N HIS C 688 -21.26 4.02 -12.92
CA HIS C 688 -21.64 4.10 -14.33
C HIS C 688 -22.12 2.77 -14.86
N MET C 689 -21.50 1.67 -14.42
CA MET C 689 -21.88 0.34 -14.89
C MET C 689 -23.18 -0.15 -14.29
N GLU C 690 -23.55 0.35 -13.11
CA GLU C 690 -24.74 -0.14 -12.43
C GLU C 690 -26.00 0.12 -13.26
N LYS C 691 -26.09 1.29 -13.88
CA LYS C 691 -27.27 1.65 -14.64
C LYS C 691 -27.29 1.03 -16.04
N HIS C 692 -26.20 0.39 -16.47
CA HIS C 692 -26.13 -0.21 -17.79
C HIS C 692 -25.84 -1.71 -17.76
N ASN C 693 -25.74 -2.32 -16.58
CA ASN C 693 -25.36 -3.72 -16.49
C ASN C 693 -26.39 -4.60 -17.20
N TYR C 694 -25.90 -5.63 -17.89
CA TYR C 694 -26.73 -6.46 -18.73
C TYR C 694 -27.07 -7.78 -18.04
N GLU C 695 -28.13 -8.42 -18.54
CA GLU C 695 -28.59 -9.66 -17.96
C GLU C 695 -27.73 -10.85 -18.34
N SER C 696 -27.08 -10.80 -19.50
CA SER C 696 -26.27 -11.92 -19.95
C SER C 696 -25.17 -11.41 -20.87
N ALA C 697 -24.15 -12.26 -21.06
CA ALA C 697 -23.04 -11.91 -21.94
C ALA C 697 -23.49 -11.82 -23.39
N ALA C 698 -24.37 -12.72 -23.82
CA ALA C 698 -24.86 -12.69 -25.19
C ALA C 698 -25.65 -11.42 -25.48
N GLU C 699 -26.44 -10.97 -24.51
CA GLU C 699 -27.18 -9.72 -24.67
C GLU C 699 -26.24 -8.54 -24.78
N ALA C 700 -25.17 -8.53 -23.99
CA ALA C 700 -24.27 -7.38 -23.97
C ALA C 700 -23.37 -7.36 -25.19
N ILE C 701 -22.94 -8.53 -25.69
CA ILE C 701 -22.12 -8.57 -26.88
C ILE C 701 -22.91 -8.08 -28.09
N GLN C 702 -24.17 -8.50 -28.21
CA GLN C 702 -25.02 -8.00 -29.28
C GLN C 702 -25.23 -6.50 -29.18
N ALA C 703 -25.27 -5.96 -27.96
CA ALA C 703 -25.43 -4.53 -27.79
C ALA C 703 -24.22 -3.77 -28.35
N VAL C 704 -23.02 -4.33 -28.19
CA VAL C 704 -21.84 -3.72 -28.78
C VAL C 704 -21.95 -3.71 -30.29
N ARG C 705 -22.43 -4.81 -30.87
CA ARG C 705 -22.60 -4.87 -32.32
C ARG C 705 -23.61 -3.84 -32.81
N ASP C 706 -24.69 -3.64 -32.07
CA ASP C 706 -25.73 -2.68 -32.42
C ASP C 706 -25.43 -1.27 -31.92
N ASN C 707 -24.19 -1.00 -31.55
CA ASN C 707 -23.71 0.32 -31.16
C ASN C 707 -24.42 0.90 -29.95
N LYS C 708 -25.27 0.12 -29.28
CA LYS C 708 -25.90 0.57 -28.06
C LYS C 708 -25.01 0.44 -26.84
N LEU C 709 -23.90 -0.29 -26.96
CA LEU C 709 -22.90 -0.40 -25.91
C LEU C 709 -21.54 -0.17 -26.53
N HIS C 710 -20.67 0.53 -25.81
CA HIS C 710 -19.37 0.89 -26.33
C HIS C 710 -18.26 -0.05 -25.87
N ALA C 711 -18.28 -0.46 -24.60
CA ALA C 711 -17.29 -1.39 -24.07
C ALA C 711 -17.98 -2.43 -23.21
N PHE C 712 -17.52 -3.67 -23.31
CA PHE C 712 -18.07 -4.79 -22.55
C PHE C 712 -16.92 -5.44 -21.79
N ILE C 713 -16.97 -5.37 -20.46
CA ILE C 713 -15.93 -5.93 -19.61
C ILE C 713 -16.36 -7.33 -19.19
N TRP C 714 -15.58 -8.33 -19.56
CA TRP C 714 -15.96 -9.72 -19.36
C TRP C 714 -14.70 -10.58 -19.43
N ASP C 715 -14.88 -11.89 -19.23
CA ASP C 715 -13.76 -12.82 -19.27
C ASP C 715 -13.13 -12.86 -20.64
N SER C 716 -11.80 -12.89 -20.68
CA SER C 716 -11.11 -12.92 -21.96
C SER C 716 -11.36 -14.22 -22.69
N ALA C 717 -11.54 -15.32 -21.97
CA ALA C 717 -11.78 -16.61 -22.62
C ALA C 717 -13.03 -16.58 -23.48
N VAL C 718 -14.01 -15.77 -23.10
CA VAL C 718 -15.25 -15.65 -23.87
C VAL C 718 -15.15 -14.54 -24.90
N LEU C 719 -14.61 -13.39 -24.51
CA LEU C 719 -14.54 -12.25 -25.43
C LEU C 719 -13.62 -12.55 -26.61
N GLU C 720 -12.49 -13.20 -26.35
CA GLU C 720 -11.55 -13.49 -27.43
C GLU C 720 -12.13 -14.49 -28.43
N PHE C 721 -12.99 -15.40 -27.96
CA PHE C 721 -13.69 -16.29 -28.88
C PHE C 721 -14.65 -15.50 -29.76
N GLU C 722 -15.36 -14.53 -29.18
CA GLU C 722 -16.30 -13.73 -29.96
C GLU C 722 -15.57 -12.86 -30.98
N ALA C 723 -14.44 -12.27 -30.57
CA ALA C 723 -13.68 -11.45 -31.49
C ALA C 723 -13.19 -12.25 -32.68
N SER C 724 -12.86 -13.52 -32.48
CA SER C 724 -12.47 -14.37 -33.60
C SER C 724 -13.67 -14.74 -34.46
N GLN C 725 -14.78 -15.12 -33.84
CA GLN C 725 -15.96 -15.49 -34.61
C GLN C 725 -16.56 -14.27 -35.31
N LYS C 726 -16.77 -13.19 -34.57
CA LYS C 726 -17.41 -12.00 -35.10
C LYS C 726 -16.35 -11.06 -35.64
N CYS C 727 -16.50 -10.68 -36.91
CA CYS C 727 -15.46 -9.97 -37.63
C CYS C 727 -15.38 -8.49 -37.26
N ASP C 728 -16.38 -7.96 -36.56
CA ASP C 728 -16.48 -6.54 -36.27
C ASP C 728 -16.27 -6.20 -34.80
N LEU C 729 -15.81 -7.15 -34.01
CA LEU C 729 -15.54 -6.92 -32.59
C LEU C 729 -14.08 -7.24 -32.31
N VAL C 730 -13.46 -6.43 -31.44
CA VAL C 730 -12.08 -6.61 -31.09
C VAL C 730 -11.92 -6.37 -29.59
N THR C 731 -11.13 -7.21 -28.94
CA THR C 731 -10.82 -7.07 -27.52
C THR C 731 -9.54 -6.29 -27.35
N THR C 732 -9.60 -5.21 -26.58
CA THR C 732 -8.49 -4.28 -26.46
C THR C 732 -8.10 -4.10 -25.01
N GLY C 733 -6.81 -4.00 -24.76
CA GLY C 733 -6.27 -3.71 -23.45
C GLY C 733 -5.47 -4.87 -22.89
N GLU C 734 -4.88 -4.62 -21.73
CA GLU C 734 -4.15 -5.63 -20.99
C GLU C 734 -5.12 -6.37 -20.08
N LEU C 735 -4.89 -7.67 -19.92
CA LEU C 735 -5.75 -8.48 -19.07
C LEU C 735 -5.57 -8.08 -17.61
N PHE C 736 -6.68 -8.00 -16.88
CA PHE C 736 -6.65 -7.72 -15.47
C PHE C 736 -7.59 -8.66 -14.74
N PHE C 737 -7.33 -8.85 -13.44
CA PHE C 737 -8.03 -9.83 -12.62
C PHE C 737 -7.88 -11.23 -13.21
N ARG C 738 -6.64 -11.70 -13.23
CA ARG C 738 -6.30 -12.99 -13.83
C ARG C 738 -6.61 -14.10 -12.83
N SER C 739 -7.89 -14.46 -12.76
CA SER C 739 -8.32 -15.63 -12.00
C SER C 739 -9.11 -16.53 -12.94
N GLY C 740 -8.74 -17.80 -12.98
CA GLY C 740 -9.28 -18.73 -13.95
C GLY C 740 -10.57 -19.38 -13.53
N PHE C 741 -10.99 -20.36 -14.33
CA PHE C 741 -12.23 -21.08 -14.10
C PHE C 741 -11.95 -22.36 -13.34
N GLY C 742 -12.72 -22.61 -12.31
CA GLY C 742 -12.59 -23.83 -11.53
C GLY C 742 -13.91 -24.50 -11.29
N ILE C 743 -13.87 -25.83 -11.21
CA ILE C 743 -15.06 -26.61 -10.90
C ILE C 743 -15.48 -26.30 -9.48
N GLY C 744 -16.75 -25.99 -9.28
CA GLY C 744 -17.26 -25.58 -7.99
C GLY C 744 -17.95 -26.73 -7.28
N MET C 745 -17.53 -27.00 -6.05
CA MET C 745 -18.13 -28.03 -5.22
C MET C 745 -18.25 -27.49 -3.81
N ARG C 746 -19.14 -28.11 -3.03
CA ARG C 746 -19.30 -27.72 -1.65
C ARG C 746 -18.11 -28.20 -0.83
N LYS C 747 -17.89 -27.53 0.30
CA LYS C 747 -16.75 -27.87 1.14
C LYS C 747 -16.84 -29.29 1.67
N ASP C 748 -18.06 -29.78 1.90
CA ASP C 748 -18.27 -31.14 2.40
C ASP C 748 -18.51 -32.08 1.23
N SER C 749 -17.45 -32.29 0.46
CA SER C 749 -17.53 -33.13 -0.73
C SER C 749 -16.40 -34.14 -0.75
N PRO C 750 -16.64 -35.33 -1.32
CA PRO C 750 -15.56 -36.30 -1.48
C PRO C 750 -14.82 -36.20 -2.81
N TRP C 751 -15.33 -35.46 -3.78
CA TRP C 751 -14.74 -35.40 -5.11
C TRP C 751 -13.70 -34.32 -5.25
N LYS C 752 -13.48 -33.49 -4.24
CA LYS C 752 -12.60 -32.33 -4.41
C LYS C 752 -11.18 -32.74 -4.75
N GLN C 753 -10.65 -33.76 -4.07
CA GLN C 753 -9.27 -34.17 -4.31
C GLN C 753 -9.11 -34.75 -5.71
N ASN C 754 -10.05 -35.59 -6.13
CA ASN C 754 -9.90 -36.28 -7.40
C ASN C 754 -10.30 -35.44 -8.60
N VAL C 755 -10.96 -34.30 -8.39
CA VAL C 755 -11.31 -33.43 -9.52
C VAL C 755 -10.13 -32.55 -9.89
N SER C 756 -9.44 -31.99 -8.89
CA SER C 756 -8.26 -31.19 -9.17
C SER C 756 -7.17 -32.03 -9.85
N LEU C 757 -6.99 -33.27 -9.38
CA LEU C 757 -5.97 -34.13 -9.98
C LEU C 757 -6.29 -34.43 -11.44
N SER C 758 -7.55 -34.75 -11.74
CA SER C 758 -7.90 -35.04 -13.12
C SER C 758 -7.79 -33.82 -14.01
N ILE C 759 -7.98 -32.63 -13.43
CA ILE C 759 -7.76 -31.39 -14.18
C ILE C 759 -6.28 -31.18 -14.45
N LEU C 760 -5.43 -31.48 -13.46
CA LEU C 760 -3.99 -31.36 -13.65
C LEU C 760 -3.50 -32.35 -14.70
N LYS C 761 -4.02 -33.57 -14.69
CA LYS C 761 -3.61 -34.55 -15.70
C LYS C 761 -4.02 -34.11 -17.10
N SER C 762 -5.25 -33.60 -17.24
CA SER C 762 -5.72 -33.16 -18.55
C SER C 762 -4.87 -32.03 -19.10
N HIS C 763 -4.29 -31.22 -18.22
CA HIS C 763 -3.38 -30.18 -18.65
C HIS C 763 -2.09 -30.77 -19.18
N GLU C 764 -1.58 -31.81 -18.54
CA GLU C 764 -0.34 -32.46 -18.92
C GLU C 764 -0.53 -33.57 -19.94
N ASN C 765 -1.75 -34.04 -20.16
CA ASN C 765 -2.06 -34.99 -21.21
C ASN C 765 -2.32 -34.32 -22.55
N GLY C 766 -2.40 -33.00 -22.58
CA GLY C 766 -2.83 -32.30 -23.78
C GLY C 766 -4.32 -32.35 -24.02
N PHE C 767 -5.10 -32.81 -23.05
CA PHE C 767 -6.54 -32.93 -23.25
C PHE C 767 -7.20 -31.57 -23.39
N MET C 768 -6.78 -30.60 -22.58
CA MET C 768 -7.37 -29.27 -22.69
C MET C 768 -6.99 -28.60 -24.00
N GLU C 769 -5.75 -28.77 -24.44
CA GLU C 769 -5.37 -28.25 -25.75
C GLU C 769 -6.24 -28.81 -26.85
N ASP C 770 -6.68 -30.07 -26.71
CA ASP C 770 -7.67 -30.61 -27.63
C ASP C 770 -9.00 -29.88 -27.50
N LEU C 771 -9.42 -29.57 -26.27
CA LEU C 771 -10.67 -28.85 -26.07
C LEU C 771 -10.59 -27.43 -26.62
N ASP C 772 -9.47 -26.74 -26.40
CA ASP C 772 -9.31 -25.41 -26.97
C ASP C 772 -9.31 -25.46 -28.50
N LYS C 773 -8.61 -26.45 -29.08
CA LYS C 773 -8.57 -26.57 -30.53
C LYS C 773 -9.94 -26.82 -31.12
N THR C 774 -10.74 -27.69 -30.47
CA THR C 774 -12.05 -28.03 -31.00
C THR C 774 -13.08 -26.93 -30.76
N TRP C 775 -12.94 -26.16 -29.67
CA TRP C 775 -14.00 -25.27 -29.23
C TRP C 775 -13.62 -23.81 -29.19
N VAL C 776 -12.36 -23.46 -28.92
CA VAL C 776 -11.98 -22.10 -28.62
C VAL C 776 -11.17 -21.47 -29.75
N ARG C 777 -10.15 -22.18 -30.25
CA ARG C 777 -9.31 -21.69 -31.35
C ARG C 777 -10.00 -21.99 -32.68
N TYR C 778 -10.66 -20.98 -33.23
CA TYR C 778 -11.37 -21.14 -34.50
C TYR C 778 -10.87 -20.19 -35.58
N GLN C 779 -10.74 -18.90 -35.28
CA GLN C 779 -10.18 -17.90 -36.21
C GLN C 779 -10.99 -17.86 -37.51
N GLU C 780 -12.23 -17.41 -37.38
CA GLU C 780 -13.13 -17.35 -38.53
C GLU C 780 -12.62 -16.39 -39.59
N CYS C 781 -12.21 -15.18 -39.19
CA CYS C 781 -11.63 -14.24 -40.11
C CYS C 781 -10.29 -13.73 -39.59
N ASP C 782 -9.41 -13.39 -40.53
CA ASP C 782 -8.06 -12.97 -40.19
C ASP C 782 -8.08 -11.68 -39.40
N SER C 783 -7.32 -11.65 -38.30
CA SER C 783 -7.22 -10.46 -37.48
C SER C 783 -6.54 -9.34 -38.24
N ARG C 784 -7.11 -8.14 -38.18
CA ARG C 784 -6.53 -7.00 -38.89
C ARG C 784 -5.40 -6.36 -38.09
N SER C 785 -5.66 -6.04 -36.83
CA SER C 785 -4.68 -5.41 -35.93
C SER C 785 -4.23 -4.11 -36.60
N ASN C 786 -2.95 -3.94 -36.93
CA ASN C 786 -2.46 -2.78 -37.66
C ASN C 786 -2.07 -3.26 -39.04
N ALA C 787 -3.03 -3.18 -39.97
CA ALA C 787 -2.84 -3.66 -41.34
C ALA C 787 -3.25 -2.57 -42.31
N PRO C 788 -2.63 -2.54 -43.49
CA PRO C 788 -2.99 -1.53 -44.49
C PRO C 788 -4.18 -1.98 -45.35
N ALA C 789 -4.81 -0.99 -45.97
CA ALA C 789 -6.02 -1.20 -46.74
C ALA C 789 -5.72 -1.18 -48.23
N THR C 790 -6.04 -2.27 -48.91
CA THR C 790 -5.96 -2.32 -50.36
C THR C 790 -6.83 -1.24 -50.98
N LEU C 791 -6.29 -0.54 -51.97
CA LEU C 791 -7.04 0.51 -52.65
C LEU C 791 -8.12 -0.12 -53.52
N THR C 792 -9.35 0.32 -53.32
CA THR C 792 -10.50 -0.26 -54.00
C THR C 792 -11.20 0.79 -54.86
N PHE C 793 -12.35 0.42 -55.41
CA PHE C 793 -13.03 1.26 -56.39
C PHE C 793 -13.37 2.63 -55.84
N GLU C 794 -13.91 2.70 -54.63
CA GLU C 794 -14.38 3.97 -54.09
C GLU C 794 -13.25 5.00 -54.02
N ASN C 795 -12.01 4.54 -53.77
CA ASN C 795 -10.87 5.44 -53.81
C ASN C 795 -10.47 5.78 -55.24
N MET C 796 -10.44 4.79 -56.13
CA MET C 796 -9.91 4.92 -57.48
C MET C 796 -11.00 5.06 -58.53
N ALA C 797 -12.08 5.77 -58.22
CA ALA C 797 -13.17 5.97 -59.17
C ALA C 797 -13.09 7.30 -59.90
N GLY C 798 -12.45 8.30 -59.30
CA GLY C 798 -12.32 9.58 -59.97
C GLY C 798 -11.45 9.51 -61.20
N VAL C 799 -10.39 8.69 -61.15
CA VAL C 799 -9.50 8.56 -62.29
C VAL C 799 -10.07 7.66 -63.37
N PHE C 800 -11.07 6.83 -63.05
CA PHE C 800 -11.80 6.13 -64.09
C PHE C 800 -12.80 7.05 -64.78
N MET C 801 -13.43 7.94 -64.01
CA MET C 801 -14.34 8.91 -64.60
C MET C 801 -13.60 9.89 -65.48
N LEU C 802 -12.37 10.26 -65.10
CA LEU C 802 -11.58 11.16 -65.92
C LEU C 802 -11.27 10.54 -67.28
N VAL C 803 -10.86 9.27 -67.29
CA VAL C 803 -10.59 8.60 -68.56
C VAL C 803 -11.87 8.42 -69.36
N ALA C 804 -12.96 8.06 -68.69
CA ALA C 804 -14.24 7.97 -69.38
C ALA C 804 -14.68 9.33 -69.89
N GLY C 805 -14.48 10.39 -69.10
CA GLY C 805 -14.79 11.73 -69.55
C GLY C 805 -13.85 12.25 -70.62
N GLY C 806 -12.64 11.70 -70.70
CA GLY C 806 -11.75 12.03 -71.79
C GLY C 806 -12.06 11.31 -73.09
N ILE C 807 -12.75 10.18 -73.02
CA ILE C 807 -13.26 9.54 -74.22
C ILE C 807 -14.41 10.34 -74.81
N VAL C 808 -15.31 10.82 -73.95
CA VAL C 808 -16.45 11.59 -74.43
C VAL C 808 -16.01 12.94 -74.96
N ALA C 809 -15.07 13.60 -74.28
CA ALA C 809 -14.57 14.88 -74.75
C ALA C 809 -13.92 14.73 -76.11
N GLY C 810 -13.16 13.65 -76.31
CA GLY C 810 -12.59 13.38 -77.61
C GLY C 810 -13.65 13.22 -78.69
N ILE C 811 -14.76 12.55 -78.34
CA ILE C 811 -15.85 12.41 -79.31
C ILE C 811 -16.44 13.76 -79.66
N PHE C 812 -16.60 14.63 -78.66
CA PHE C 812 -17.02 15.99 -78.92
C PHE C 812 -15.89 16.87 -79.42
N LEU C 813 -14.70 16.31 -79.64
CA LEU C 813 -13.56 17.05 -80.16
C LEU C 813 -13.05 16.53 -81.49
N ILE C 814 -13.40 15.31 -81.90
CA ILE C 814 -13.06 14.87 -83.24
C ILE C 814 -13.83 15.69 -84.26
N PHE C 815 -15.04 16.11 -83.94
CA PHE C 815 -15.82 16.95 -84.84
C PHE C 815 -15.15 18.30 -85.03
N ILE C 816 -14.57 18.85 -83.96
CA ILE C 816 -13.85 20.12 -84.08
C ILE C 816 -12.64 19.95 -84.99
N GLU C 817 -11.91 18.84 -84.83
CA GLU C 817 -10.74 18.60 -85.68
C GLU C 817 -11.14 18.48 -87.15
N ILE C 818 -12.21 17.74 -87.43
CA ILE C 818 -12.66 17.58 -88.80
C ILE C 818 -13.12 18.91 -89.38
N ALA C 819 -13.91 19.65 -88.61
CA ALA C 819 -14.41 20.94 -89.08
C ALA C 819 -13.27 21.92 -89.31
N TYR C 820 -12.30 21.94 -88.39
CA TYR C 820 -11.17 22.86 -88.53
C TYR C 820 -10.40 22.60 -89.81
N LYS C 821 -10.15 21.32 -90.12
CA LYS C 821 -9.49 20.99 -91.39
C LYS C 821 -10.37 21.39 -92.56
N ARG C 822 -11.67 21.11 -92.48
CA ARG C 822 -12.58 21.50 -93.56
C ARG C 822 -12.60 23.01 -93.76
N HIS C 823 -12.70 23.76 -92.65
CA HIS C 823 -12.75 25.22 -92.73
C HIS C 823 -11.40 25.84 -93.09
N LYS C 824 -10.33 25.06 -93.12
CA LYS C 824 -9.02 25.58 -93.50
C LYS C 824 -8.43 24.79 -94.65
N SER D 43 -69.04 -13.03 32.26
CA SER D 43 -67.96 -12.10 32.58
C SER D 43 -66.60 -12.79 32.48
N ILE D 44 -65.56 -12.09 32.93
CA ILE D 44 -64.19 -12.62 32.91
C ILE D 44 -63.66 -12.59 34.34
N GLY D 45 -63.17 -13.73 34.81
CA GLY D 45 -62.59 -13.82 36.13
C GLY D 45 -61.14 -13.39 36.16
N ILE D 46 -60.87 -12.24 36.75
CA ILE D 46 -59.52 -11.65 36.77
C ILE D 46 -59.07 -11.57 38.23
N ALA D 47 -57.83 -12.03 38.48
CA ALA D 47 -57.22 -11.96 39.79
C ALA D 47 -55.99 -11.07 39.69
N VAL D 48 -56.05 -9.88 40.30
CA VAL D 48 -54.93 -8.97 40.39
C VAL D 48 -54.36 -9.06 41.79
N ILE D 49 -53.10 -9.46 41.91
CA ILE D 49 -52.46 -9.69 43.20
C ILE D 49 -51.24 -8.79 43.29
N LEU D 50 -51.18 -8.02 44.38
CA LEU D 50 -50.07 -7.11 44.64
C LEU D 50 -49.42 -7.49 45.96
N VAL D 51 -48.10 -7.65 45.94
CA VAL D 51 -47.32 -8.05 47.10
C VAL D 51 -46.32 -6.94 47.41
N GLY D 52 -46.28 -6.53 48.69
CA GLY D 52 -45.35 -5.52 49.12
C GLY D 52 -45.95 -4.14 49.22
N THR D 53 -45.14 -3.10 49.05
CA THR D 53 -45.59 -1.72 49.13
C THR D 53 -45.96 -1.24 47.73
N SER D 54 -47.25 -0.97 47.52
CA SER D 54 -47.73 -0.49 46.23
C SER D 54 -48.97 0.36 46.44
N ASP D 55 -49.26 1.20 45.46
CA ASP D 55 -50.44 2.07 45.49
C ASP D 55 -51.61 1.26 44.94
N GLU D 56 -52.34 0.62 45.86
CA GLU D 56 -53.45 -0.25 45.46
C GLU D 56 -54.61 0.55 44.88
N VAL D 57 -54.80 1.80 45.33
CA VAL D 57 -55.94 2.59 44.89
C VAL D 57 -55.87 2.84 43.39
N ALA D 58 -54.69 3.19 42.88
CA ALA D 58 -54.54 3.46 41.46
C ALA D 58 -54.75 2.22 40.60
N ILE D 59 -54.56 1.03 41.17
CA ILE D 59 -54.78 -0.20 40.42
C ILE D 59 -56.27 -0.38 40.12
N LYS D 60 -57.11 -0.18 41.13
CA LYS D 60 -58.56 -0.28 40.94
C LYS D 60 -59.10 0.78 40.00
N ASP D 61 -58.39 1.91 39.85
CA ASP D 61 -58.86 2.97 38.97
C ASP D 61 -58.87 2.51 37.51
N ALA D 62 -57.84 1.78 37.10
CA ALA D 62 -57.74 1.33 35.71
C ALA D 62 -58.73 0.22 35.38
N HIS D 63 -59.36 -0.40 36.37
CA HIS D 63 -60.33 -1.45 36.09
C HIS D 63 -61.55 -0.89 35.37
N GLU D 64 -62.13 0.19 35.90
CA GLU D 64 -63.27 0.83 35.25
C GLU D 64 -62.84 1.69 34.06
N LYS D 65 -61.64 2.27 34.12
CA LYS D 65 -61.17 3.15 33.06
C LYS D 65 -60.83 2.41 31.78
N ASP D 66 -60.72 1.09 31.82
CA ASP D 66 -60.44 0.30 30.62
C ASP D 66 -61.71 0.13 29.82
N ASP D 67 -61.80 0.84 28.69
CA ASP D 67 -63.02 0.89 27.89
C ASP D 67 -63.10 -0.35 27.01
N PHE D 68 -63.82 -1.37 27.49
CA PHE D 68 -64.07 -2.59 26.73
C PHE D 68 -65.52 -2.69 26.27
N HIS D 69 -66.17 -1.55 26.08
CA HIS D 69 -67.58 -1.55 25.68
C HIS D 69 -67.77 -2.18 24.31
N HIS D 70 -66.91 -1.82 23.34
CA HIS D 70 -67.01 -2.43 22.02
C HIS D 70 -66.70 -3.91 22.06
N LEU D 71 -65.68 -4.31 22.82
CA LEU D 71 -65.33 -5.72 22.94
C LEU D 71 -66.32 -6.47 23.84
N SER D 72 -66.93 -5.77 24.79
CA SER D 72 -67.93 -6.36 25.70
C SER D 72 -67.34 -7.56 26.45
N VAL D 73 -66.13 -7.38 26.97
CA VAL D 73 -65.46 -8.46 27.68
C VAL D 73 -66.09 -8.71 29.05
N VAL D 74 -66.80 -7.73 29.60
CA VAL D 74 -67.38 -7.80 30.94
C VAL D 74 -66.27 -8.19 31.93
N PRO D 75 -65.33 -7.31 32.23
CA PRO D 75 -64.19 -7.68 33.09
C PRO D 75 -64.56 -7.61 34.56
N ARG D 76 -64.63 -8.78 35.20
CA ARG D 76 -64.84 -8.87 36.65
C ARG D 76 -63.49 -9.02 37.32
N VAL D 77 -63.07 -8.00 38.05
CA VAL D 77 -61.76 -7.96 38.69
C VAL D 77 -61.95 -8.16 40.18
N GLU D 78 -61.39 -9.25 40.71
CA GLU D 78 -61.38 -9.52 42.14
C GLU D 78 -59.93 -9.45 42.62
N LEU D 79 -59.68 -8.58 43.59
CA LEU D 79 -58.32 -8.27 44.03
C LEU D 79 -58.11 -8.75 45.46
N VAL D 80 -56.99 -9.43 45.69
CA VAL D 80 -56.57 -9.84 47.02
C VAL D 80 -55.14 -9.37 47.24
N ALA D 81 -54.91 -8.66 48.34
CA ALA D 81 -53.60 -8.09 48.66
C ALA D 81 -53.04 -8.78 49.90
N MET D 82 -51.82 -9.29 49.78
CA MET D 82 -51.18 -10.00 50.88
C MET D 82 -49.68 -9.94 50.68
N ASN D 83 -48.94 -9.97 51.79
CA ASN D 83 -47.50 -9.97 51.72
C ASN D 83 -46.98 -11.29 51.16
N GLU D 84 -45.66 -11.34 50.92
CA GLU D 84 -45.08 -12.52 50.29
C GLU D 84 -45.30 -13.77 51.14
N THR D 85 -44.95 -13.71 52.42
CA THR D 85 -45.20 -14.79 53.37
C THR D 85 -44.68 -16.12 52.87
N ASP D 86 -45.57 -16.93 52.28
CA ASP D 86 -45.23 -18.28 51.87
C ASP D 86 -45.68 -18.55 50.44
N PRO D 87 -45.01 -19.45 49.75
CA PRO D 87 -45.56 -19.96 48.48
C PRO D 87 -46.89 -20.67 48.67
N LYS D 88 -47.09 -21.32 49.82
CA LYS D 88 -48.34 -22.01 50.08
C LYS D 88 -49.51 -21.04 50.13
N SER D 89 -49.27 -19.79 50.54
CA SER D 89 -50.33 -18.79 50.50
C SER D 89 -50.81 -18.54 49.08
N ILE D 90 -49.87 -18.47 48.13
CA ILE D 90 -50.25 -18.29 46.73
C ILE D 90 -51.05 -19.48 46.25
N ILE D 91 -50.62 -20.69 46.59
CA ILE D 91 -51.37 -21.89 46.22
C ILE D 91 -52.73 -21.90 46.91
N THR D 92 -52.76 -21.54 48.19
CA THR D 92 -54.03 -21.47 48.91
C THR D 92 -54.94 -20.40 48.32
N ARG D 93 -54.39 -19.22 48.02
CA ARG D 93 -55.21 -18.15 47.47
C ARG D 93 -55.72 -18.49 46.08
N ILE D 94 -54.85 -19.01 45.22
CA ILE D 94 -55.25 -19.31 43.85
C ILE D 94 -56.30 -20.42 43.82
N CYS D 95 -56.06 -21.50 44.57
CA CYS D 95 -56.99 -22.62 44.56
C CYS D 95 -58.35 -22.21 45.11
N ASP D 96 -58.36 -21.49 46.23
CA ASP D 96 -59.63 -21.06 46.83
C ASP D 96 -60.35 -20.08 45.92
N LEU D 97 -59.63 -19.11 45.36
CA LEU D 97 -60.26 -18.12 44.50
C LEU D 97 -60.78 -18.76 43.22
N MET D 98 -60.00 -19.64 42.61
CA MET D 98 -60.46 -20.35 41.41
C MET D 98 -61.64 -21.26 41.73
N SER D 99 -61.73 -21.72 42.97
CA SER D 99 -62.89 -22.49 43.41
C SER D 99 -64.07 -21.61 43.82
N ASP D 100 -63.86 -20.30 43.94
CA ASP D 100 -64.91 -19.40 44.41
C ASP D 100 -65.70 -18.79 43.25
N ARG D 101 -65.01 -18.08 42.36
CA ARG D 101 -65.66 -17.42 41.23
C ARG D 101 -65.26 -18.03 39.90
N LYS D 102 -64.42 -19.06 39.89
CA LYS D 102 -63.96 -19.72 38.68
C LYS D 102 -63.33 -18.70 37.71
N ILE D 103 -62.27 -18.06 38.19
CA ILE D 103 -61.59 -17.06 37.40
C ILE D 103 -60.91 -17.71 36.19
N GLN D 104 -60.86 -16.97 35.09
CA GLN D 104 -60.25 -17.44 33.86
C GLN D 104 -58.92 -16.76 33.57
N GLY D 105 -58.39 -16.00 34.52
CA GLY D 105 -57.12 -15.33 34.33
C GLY D 105 -56.58 -14.73 35.61
N VAL D 106 -55.26 -14.56 35.69
CA VAL D 106 -54.59 -14.00 36.86
C VAL D 106 -53.52 -13.03 36.39
N VAL D 107 -53.42 -11.89 37.08
CA VAL D 107 -52.34 -10.94 36.88
C VAL D 107 -51.60 -10.79 38.19
N PHE D 108 -50.29 -11.04 38.18
CA PHE D 108 -49.48 -11.08 39.39
C PHE D 108 -48.42 -10.00 39.34
N ALA D 109 -48.36 -9.19 40.39
CA ALA D 109 -47.32 -8.18 40.57
C ALA D 109 -46.67 -8.37 41.93
N ASP D 110 -45.34 -8.27 41.96
CA ASP D 110 -44.59 -8.53 43.18
C ASP D 110 -43.54 -7.46 43.38
N ASP D 111 -43.15 -7.28 44.64
CA ASP D 111 -42.08 -6.35 45.01
C ASP D 111 -40.79 -7.07 45.39
N THR D 112 -40.77 -8.40 45.34
CA THR D 112 -39.58 -9.18 45.65
C THR D 112 -38.94 -9.66 44.35
N ASP D 113 -37.61 -9.66 44.33
CA ASP D 113 -36.85 -10.01 43.14
C ASP D 113 -36.48 -11.49 43.08
N GLN D 114 -36.96 -12.29 44.03
CA GLN D 114 -36.59 -13.71 44.04
C GLN D 114 -37.21 -14.44 42.85
N GLU D 115 -36.42 -15.32 42.25
CA GLU D 115 -36.84 -16.03 41.05
C GLU D 115 -37.79 -17.18 41.36
N ALA D 116 -37.86 -17.61 42.63
CA ALA D 116 -38.70 -18.76 42.97
C ALA D 116 -40.18 -18.48 42.71
N ILE D 117 -40.59 -17.21 42.79
CA ILE D 117 -42.00 -16.88 42.59
C ILE D 117 -42.44 -17.22 41.18
N ALA D 118 -41.59 -16.94 40.20
CA ALA D 118 -41.96 -17.22 38.80
C ALA D 118 -42.20 -18.70 38.57
N GLN D 119 -41.35 -19.55 39.14
CA GLN D 119 -41.48 -20.99 38.91
C GLN D 119 -42.77 -21.54 39.50
N ILE D 120 -43.15 -21.06 40.70
CA ILE D 120 -44.31 -21.62 41.38
C ILE D 120 -45.57 -21.43 40.55
N LEU D 121 -45.80 -20.20 40.09
CA LEU D 121 -47.02 -19.93 39.32
C LEU D 121 -47.01 -20.65 37.98
N ASP D 122 -45.82 -20.87 37.41
CA ASP D 122 -45.73 -21.69 36.20
C ASP D 122 -46.24 -23.10 36.45
N PHE D 123 -45.86 -23.68 37.59
CA PHE D 123 -46.39 -24.99 37.96
C PHE D 123 -47.87 -24.91 38.32
N ILE D 124 -48.31 -23.78 38.88
CA ILE D 124 -49.72 -23.61 39.22
C ILE D 124 -50.57 -23.63 37.96
N SER D 125 -50.15 -22.89 36.93
CA SER D 125 -50.92 -22.83 35.69
C SER D 125 -51.01 -24.18 35.01
N ALA D 126 -49.98 -25.03 35.18
CA ALA D 126 -50.01 -26.34 34.55
C ALA D 126 -51.12 -27.21 35.12
N GLN D 127 -51.37 -27.13 36.43
CA GLN D 127 -52.38 -27.94 37.08
C GLN D 127 -53.71 -27.22 37.22
N THR D 128 -53.68 -25.91 37.49
CA THR D 128 -54.92 -25.15 37.59
C THR D 128 -55.55 -24.87 36.23
N LEU D 129 -54.78 -25.05 35.14
CA LEU D 129 -55.27 -24.84 33.78
C LEU D 129 -55.81 -23.43 33.58
N THR D 130 -55.18 -22.45 34.21
CA THR D 130 -55.57 -21.06 34.10
C THR D 130 -54.36 -20.19 33.83
N PRO D 131 -54.51 -19.13 33.03
CA PRO D 131 -53.37 -18.25 32.75
C PRO D 131 -52.92 -17.49 33.99
N ILE D 132 -51.61 -17.26 34.07
CA ILE D 132 -50.99 -16.45 35.11
C ILE D 132 -50.07 -15.45 34.43
N LEU D 133 -50.13 -14.19 34.86
CA LEU D 133 -49.36 -13.11 34.25
C LEU D 133 -48.48 -12.46 35.30
N GLY D 134 -47.17 -12.69 35.19
CA GLY D 134 -46.20 -12.01 36.04
C GLY D 134 -45.80 -10.66 35.47
N ILE D 135 -46.66 -9.65 35.62
CA ILE D 135 -46.41 -8.36 34.99
C ILE D 135 -45.20 -7.68 35.62
N HIS D 136 -44.99 -7.85 36.92
CA HIS D 136 -43.90 -7.18 37.60
C HIS D 136 -43.49 -7.99 38.82
N GLY D 137 -42.18 -7.99 39.11
CA GLY D 137 -41.66 -8.62 40.31
C GLY D 137 -40.88 -9.88 40.06
N GLY D 138 -40.89 -10.78 41.05
CA GLY D 138 -40.19 -12.05 40.91
C GLY D 138 -40.79 -12.96 39.87
N SER D 139 -42.06 -12.78 39.55
CA SER D 139 -42.69 -13.53 38.46
C SER D 139 -42.46 -12.90 37.11
N SER D 140 -41.98 -11.65 37.06
CA SER D 140 -41.74 -10.99 35.79
C SER D 140 -40.47 -11.50 35.10
N MET D 141 -39.46 -11.86 35.87
CA MET D 141 -38.21 -12.32 35.27
C MET D 141 -38.43 -13.64 34.56
N ILE D 142 -37.75 -13.81 33.43
CA ILE D 142 -38.10 -14.82 32.44
C ILE D 142 -37.28 -16.08 32.69
N MET D 143 -37.94 -17.23 32.68
CA MET D 143 -37.27 -18.51 32.78
C MET D 143 -36.85 -18.99 31.40
N ALA D 144 -35.74 -19.72 31.35
CA ALA D 144 -35.22 -20.21 30.07
C ALA D 144 -36.20 -21.17 29.42
N ASP D 145 -36.80 -22.07 30.20
CA ASP D 145 -37.73 -23.06 29.70
C ASP D 145 -39.06 -22.95 30.43
N LYS D 146 -40.15 -23.05 29.67
CA LYS D 146 -41.49 -23.04 30.22
C LYS D 146 -42.21 -24.32 29.84
N ASP D 147 -43.03 -24.82 30.76
CA ASP D 147 -43.73 -26.09 30.54
C ASP D 147 -44.71 -25.95 29.38
N GLU D 148 -44.83 -27.03 28.59
CA GLU D 148 -45.73 -27.02 27.45
C GLU D 148 -47.19 -26.88 27.89
N SER D 149 -47.55 -27.52 29.00
CA SER D 149 -48.93 -27.50 29.49
C SER D 149 -49.22 -26.28 30.36
N SER D 150 -48.24 -25.41 30.59
CA SER D 150 -48.41 -24.24 31.44
C SER D 150 -48.63 -23.00 30.60
N MET D 151 -49.50 -22.11 31.08
CA MET D 151 -49.82 -20.85 30.41
C MET D 151 -49.40 -19.66 31.25
N PHE D 152 -48.20 -19.73 31.82
CA PHE D 152 -47.60 -18.59 32.51
C PHE D 152 -46.88 -17.73 31.50
N PHE D 153 -47.21 -16.44 31.48
CA PHE D 153 -46.61 -15.49 30.55
C PHE D 153 -45.95 -14.37 31.35
N GLN D 154 -44.92 -13.75 30.77
CA GLN D 154 -44.09 -12.80 31.48
C GLN D 154 -44.03 -11.47 30.74
N PHE D 155 -43.87 -10.41 31.52
CA PHE D 155 -43.69 -9.06 30.98
C PHE D 155 -42.20 -8.69 30.96
N GLY D 156 -41.44 -9.44 30.16
CA GLY D 156 -40.01 -9.22 30.06
C GLY D 156 -39.41 -9.82 28.82
N PRO D 157 -38.17 -9.41 28.51
CA PRO D 157 -37.50 -9.90 27.30
C PRO D 157 -36.66 -11.13 27.54
N SER D 158 -36.63 -12.02 26.55
CA SER D 158 -35.80 -13.21 26.62
C SER D 158 -34.32 -12.83 26.55
N ILE D 159 -33.47 -13.80 26.87
CA ILE D 159 -32.03 -13.57 26.81
C ILE D 159 -31.60 -13.29 25.39
N GLU D 160 -32.11 -14.05 24.43
CA GLU D 160 -31.82 -13.79 23.02
C GLU D 160 -32.34 -12.42 22.59
N GLN D 161 -33.47 -12.00 23.14
CA GLN D 161 -34.02 -10.69 22.80
C GLN D 161 -33.07 -9.58 23.22
N GLN D 162 -32.46 -9.70 24.40
CA GLN D 162 -31.48 -8.73 24.85
C GLN D 162 -30.20 -8.82 24.03
N ALA D 163 -29.84 -10.02 23.56
CA ALA D 163 -28.61 -10.18 22.80
C ALA D 163 -28.65 -9.40 21.50
N SER D 164 -29.80 -9.43 20.81
CA SER D 164 -29.92 -8.68 19.56
C SER D 164 -29.86 -7.18 19.80
N VAL D 165 -30.30 -6.72 20.97
CA VAL D 165 -30.29 -5.29 21.27
C VAL D 165 -28.86 -4.79 21.39
N MET D 166 -27.97 -5.59 21.98
CA MET D 166 -26.57 -5.20 22.07
C MET D 166 -25.95 -5.00 20.70
N LEU D 167 -26.34 -5.83 19.74
CA LEU D 167 -25.87 -5.63 18.37
C LEU D 167 -26.47 -4.36 17.77
N ASN D 168 -27.69 -4.01 18.17
CA ASN D 168 -28.33 -2.81 17.64
C ASN D 168 -27.65 -1.55 18.15
N ILE D 169 -27.40 -1.47 19.46
CA ILE D 169 -26.87 -0.23 20.04
C ILE D 169 -25.48 0.06 19.50
N MET D 170 -24.62 -0.95 19.43
CA MET D 170 -23.24 -0.75 19.03
C MET D 170 -23.05 -0.81 17.53
N GLU D 171 -24.11 -1.09 16.76
CA GLU D 171 -24.01 -0.95 15.31
C GLU D 171 -24.01 0.52 14.90
N GLU D 172 -24.73 1.37 15.64
CA GLU D 172 -24.85 2.77 15.27
C GLU D 172 -23.51 3.47 15.29
N TYR D 173 -22.72 3.23 16.33
CA TYR D 173 -21.46 3.94 16.54
C TYR D 173 -20.30 3.31 15.80
N ASP D 174 -20.58 2.52 14.77
CA ASP D 174 -19.56 1.84 13.97
C ASP D 174 -18.66 0.97 14.84
N TRP D 175 -19.23 0.39 15.88
CA TRP D 175 -18.53 -0.60 16.70
C TRP D 175 -18.82 -1.98 16.13
N TYR D 176 -17.78 -2.66 15.65
CA TYR D 176 -17.95 -3.91 14.95
C TYR D 176 -17.13 -5.06 15.49
N ILE D 177 -16.18 -4.81 16.39
CA ILE D 177 -15.29 -5.83 16.92
C ILE D 177 -15.72 -6.15 18.34
N PHE D 178 -16.02 -7.41 18.60
CA PHE D 178 -16.55 -7.81 19.90
C PHE D 178 -15.58 -8.75 20.61
N SER D 179 -16.02 -9.23 21.76
CA SER D 179 -15.40 -10.38 22.43
C SER D 179 -16.42 -10.89 23.43
N ILE D 180 -16.93 -12.10 23.21
CA ILE D 180 -17.93 -12.68 24.09
C ILE D 180 -17.23 -13.35 25.25
N VAL D 181 -17.61 -12.97 26.47
CA VAL D 181 -17.06 -13.52 27.70
C VAL D 181 -18.22 -14.12 28.48
N THR D 182 -18.25 -15.44 28.57
CA THR D 182 -19.40 -16.15 29.13
C THR D 182 -18.95 -17.14 30.19
N THR D 183 -19.80 -17.31 31.19
CA THR D 183 -19.59 -18.27 32.26
C THR D 183 -20.50 -19.48 32.04
N TYR D 184 -20.56 -20.36 33.03
CA TYR D 184 -21.35 -21.59 32.93
C TYR D 184 -22.82 -21.39 33.27
N PHE D 185 -23.32 -20.16 33.26
CA PHE D 185 -24.74 -19.93 33.49
C PHE D 185 -25.56 -20.53 32.35
N PRO D 186 -26.77 -21.03 32.64
CA PRO D 186 -27.51 -21.78 31.62
C PRO D 186 -27.78 -21.00 30.34
N GLY D 187 -27.91 -19.68 30.42
CA GLY D 187 -28.17 -18.90 29.24
C GLY D 187 -26.97 -18.54 28.40
N TYR D 188 -25.77 -19.03 28.75
CA TYR D 188 -24.57 -18.63 28.03
C TYR D 188 -24.61 -19.12 26.59
N GLN D 189 -25.09 -20.35 26.37
CA GLN D 189 -25.13 -20.89 25.03
C GLN D 189 -26.12 -20.14 24.15
N ASP D 190 -27.30 -19.82 24.68
CA ASP D 190 -28.28 -19.05 23.93
C ASP D 190 -27.76 -17.65 23.61
N PHE D 191 -27.08 -17.03 24.58
CA PHE D 191 -26.57 -15.68 24.35
C PHE D 191 -25.52 -15.67 23.25
N VAL D 192 -24.62 -16.65 23.24
CA VAL D 192 -23.57 -16.67 22.23
C VAL D 192 -24.04 -17.23 20.89
N ASN D 193 -25.08 -18.07 20.89
CA ASN D 193 -25.59 -18.59 19.63
C ASN D 193 -26.34 -17.50 18.87
N LYS D 194 -27.16 -16.71 19.56
CA LYS D 194 -27.88 -15.64 18.91
C LYS D 194 -26.93 -14.59 18.35
N ILE D 195 -25.88 -14.25 19.10
CA ILE D 195 -24.89 -13.30 18.61
C ILE D 195 -24.20 -13.85 17.37
N ARG D 196 -23.80 -15.12 17.42
CA ARG D 196 -23.09 -15.72 16.29
C ARG D 196 -23.99 -15.88 15.08
N SER D 197 -25.28 -16.19 15.30
CA SER D 197 -26.19 -16.41 14.20
C SER D 197 -26.58 -15.13 13.47
N THR D 198 -26.31 -13.97 14.06
CA THR D 198 -26.58 -12.70 13.38
C THR D 198 -25.37 -12.18 12.62
N ILE D 199 -24.16 -12.64 12.96
CA ILE D 199 -22.96 -12.22 12.25
C ILE D 199 -22.76 -12.96 10.93
N GLU D 200 -23.37 -14.14 10.77
CA GLU D 200 -22.94 -15.06 9.72
C GLU D 200 -23.14 -14.49 8.33
N ASN D 201 -24.28 -13.85 8.07
CA ASN D 201 -24.61 -13.37 6.73
C ASN D 201 -25.11 -11.94 6.79
N SER D 202 -24.38 -11.07 7.50
CA SER D 202 -24.76 -9.69 7.66
C SER D 202 -23.94 -8.81 6.72
N PHE D 203 -24.57 -7.75 6.20
CA PHE D 203 -23.86 -6.82 5.33
C PHE D 203 -22.68 -6.18 6.06
N VAL D 204 -22.91 -5.78 7.32
CA VAL D 204 -21.94 -4.99 8.06
C VAL D 204 -20.70 -5.84 8.36
N GLY D 205 -19.56 -5.16 8.45
CA GLY D 205 -18.31 -5.84 8.73
C GLY D 205 -18.20 -6.27 10.17
N TRP D 206 -19.06 -7.19 10.59
CA TRP D 206 -19.07 -7.70 11.95
C TRP D 206 -18.13 -8.89 12.05
N GLU D 207 -17.22 -8.86 13.01
CA GLU D 207 -16.34 -9.99 13.26
C GLU D 207 -16.12 -10.16 14.75
N LEU D 208 -16.09 -11.41 15.20
CA LEU D 208 -15.94 -11.76 16.60
C LEU D 208 -14.56 -12.35 16.81
N GLU D 209 -13.85 -11.85 17.81
CA GLU D 209 -12.44 -12.21 17.97
C GLU D 209 -12.25 -13.44 18.87
N GLU D 210 -12.71 -13.36 20.13
CA GLU D 210 -12.56 -14.46 21.07
C GLU D 210 -13.90 -14.78 21.71
N VAL D 211 -14.15 -16.07 21.91
CA VAL D 211 -15.41 -16.56 22.45
C VAL D 211 -15.12 -17.33 23.73
N LEU D 212 -14.12 -16.89 24.48
CA LEU D 212 -13.67 -17.65 25.64
C LEU D 212 -14.78 -17.85 26.65
N LEU D 213 -14.85 -19.05 27.22
CA LEU D 213 -15.84 -19.43 28.20
C LEU D 213 -15.13 -19.86 29.48
N LEU D 214 -15.51 -19.26 30.60
CA LEU D 214 -14.81 -19.45 31.86
C LEU D 214 -15.50 -20.47 32.73
N ASP D 215 -14.82 -20.88 33.80
CA ASP D 215 -15.35 -21.85 34.75
C ASP D 215 -14.73 -21.54 36.11
N MET D 216 -15.47 -20.80 36.94
CA MET D 216 -15.04 -20.49 38.30
C MET D 216 -15.60 -21.46 39.33
N SER D 217 -16.27 -22.53 38.89
CA SER D 217 -16.73 -23.55 39.83
C SER D 217 -15.54 -24.23 40.51
N LEU D 218 -14.47 -24.47 39.76
CA LEU D 218 -13.30 -25.12 40.32
C LEU D 218 -12.66 -24.25 41.41
N ASP D 219 -12.13 -24.91 42.44
CA ASP D 219 -11.50 -24.19 43.53
C ASP D 219 -10.16 -23.60 43.09
N ASP D 220 -9.84 -22.42 43.63
CA ASP D 220 -8.62 -21.68 43.30
C ASP D 220 -8.54 -21.44 41.79
N GLY D 221 -9.60 -20.87 41.24
CA GLY D 221 -9.67 -20.62 39.80
C GLY D 221 -9.12 -19.26 39.42
N ASP D 222 -8.36 -18.64 40.32
CA ASP D 222 -7.80 -17.32 40.04
C ASP D 222 -6.84 -17.38 38.86
N SER D 223 -5.96 -18.39 38.82
CA SER D 223 -4.97 -18.47 37.76
C SER D 223 -5.62 -18.80 36.42
N LYS D 224 -6.51 -19.79 36.40
CA LYS D 224 -7.13 -20.20 35.15
C LYS D 224 -7.96 -19.08 34.54
N ILE D 225 -8.72 -18.36 35.37
CA ILE D 225 -9.51 -17.24 34.88
C ILE D 225 -8.60 -16.11 34.40
N GLN D 226 -7.52 -15.84 35.14
CA GLN D 226 -6.62 -14.76 34.77
C GLN D 226 -5.98 -15.03 33.41
N ASN D 227 -5.61 -16.27 33.14
CA ASN D 227 -5.00 -16.61 31.86
C ASN D 227 -5.97 -16.37 30.71
N GLN D 228 -7.21 -16.86 30.84
CA GLN D 228 -8.18 -16.72 29.77
C GLN D 228 -8.52 -15.25 29.52
N LEU D 229 -8.72 -14.49 30.59
CA LEU D 229 -9.05 -13.08 30.45
C LEU D 229 -7.89 -12.25 29.94
N LYS D 230 -6.67 -12.81 29.89
CA LYS D 230 -5.50 -12.08 29.46
C LYS D 230 -5.40 -11.93 27.95
N LYS D 231 -6.13 -12.74 27.19
CA LYS D 231 -6.09 -12.70 25.73
C LYS D 231 -7.03 -11.67 25.12
N LEU D 232 -7.82 -10.96 25.93
CA LEU D 232 -8.72 -9.96 25.38
C LEU D 232 -7.94 -8.79 24.80
N GLN D 233 -8.26 -8.44 23.56
CA GLN D 233 -7.60 -7.35 22.84
C GLN D 233 -8.64 -6.43 22.21
N SER D 234 -9.86 -6.93 22.04
CA SER D 234 -10.89 -6.19 21.34
C SER D 234 -11.31 -4.95 22.13
N PRO D 235 -11.63 -3.85 21.45
CA PRO D 235 -12.15 -2.67 22.17
C PRO D 235 -13.44 -2.92 22.93
N ILE D 236 -14.30 -3.81 22.43
CA ILE D 236 -15.61 -4.06 23.02
C ILE D 236 -15.64 -5.50 23.51
N ILE D 237 -16.14 -5.69 24.73
CA ILE D 237 -16.25 -7.01 25.34
C ILE D 237 -17.68 -7.20 25.82
N LEU D 238 -18.30 -8.29 25.42
CA LEU D 238 -19.65 -8.63 25.83
C LEU D 238 -19.58 -9.71 26.90
N LEU D 239 -20.21 -9.44 28.04
CA LEU D 239 -20.08 -10.29 29.23
C LEU D 239 -21.43 -10.91 29.56
N TYR D 240 -21.39 -12.17 30.02
CA TYR D 240 -22.59 -12.87 30.45
C TYR D 240 -22.24 -13.71 31.68
N CYS D 241 -22.75 -13.31 32.84
CA CYS D 241 -22.49 -14.01 34.09
C CYS D 241 -23.62 -13.67 35.06
N THR D 242 -23.41 -13.97 36.34
CA THR D 242 -24.36 -13.59 37.37
C THR D 242 -23.98 -12.21 37.93
N LYS D 243 -24.81 -11.70 38.85
CA LYS D 243 -24.48 -10.45 39.50
C LYS D 243 -23.20 -10.57 40.32
N GLU D 244 -23.06 -11.68 41.05
CA GLU D 244 -21.86 -11.89 41.86
C GLU D 244 -20.66 -12.31 41.02
N GLU D 245 -20.88 -13.04 39.93
CA GLU D 245 -19.76 -13.49 39.11
C GLU D 245 -19.15 -12.34 38.31
N ALA D 246 -19.94 -11.31 38.03
CA ALA D 246 -19.38 -10.12 37.39
C ALA D 246 -18.34 -9.46 38.29
N THR D 247 -18.60 -9.42 39.60
CA THR D 247 -17.61 -8.91 40.54
C THR D 247 -16.34 -9.76 40.49
N TYR D 248 -16.49 -11.08 40.45
CA TYR D 248 -15.33 -11.96 40.36
C TYR D 248 -14.56 -11.74 39.08
N ILE D 249 -15.27 -11.56 37.96
CA ILE D 249 -14.60 -11.33 36.69
C ILE D 249 -13.95 -9.96 36.67
N PHE D 250 -14.66 -8.93 37.15
CA PHE D 250 -14.16 -7.56 37.03
C PHE D 250 -12.96 -7.30 37.92
N GLU D 251 -12.86 -7.97 39.08
CA GLU D 251 -11.71 -7.76 39.94
C GLU D 251 -10.45 -8.34 39.32
N VAL D 252 -10.56 -9.43 38.57
CA VAL D 252 -9.41 -10.00 37.89
C VAL D 252 -9.22 -9.41 36.50
N ALA D 253 -10.26 -8.81 35.92
CA ALA D 253 -10.07 -8.06 34.68
C ALA D 253 -9.35 -6.74 34.93
N ASN D 254 -9.55 -6.14 36.11
CA ASN D 254 -8.80 -4.95 36.46
C ASN D 254 -7.34 -5.27 36.73
N SER D 255 -7.05 -6.47 37.24
CA SER D 255 -5.66 -6.89 37.40
C SER D 255 -4.95 -6.93 36.06
N VAL D 256 -5.62 -7.46 35.04
CA VAL D 256 -5.12 -7.32 33.67
C VAL D 256 -5.22 -5.87 33.22
N GLY D 257 -6.27 -5.18 33.62
CA GLY D 257 -6.47 -3.80 33.28
C GLY D 257 -7.54 -3.51 32.24
N LEU D 258 -8.49 -4.43 32.03
CA LEU D 258 -9.50 -4.28 30.98
C LEU D 258 -10.61 -3.32 31.44
N THR D 259 -10.18 -2.12 31.83
CA THR D 259 -11.12 -1.10 32.30
C THR D 259 -10.77 0.29 31.80
N GLY D 260 -9.94 0.41 30.78
CA GLY D 260 -9.57 1.72 30.26
C GLY D 260 -10.73 2.39 29.54
N TYR D 261 -10.54 3.68 29.26
CA TYR D 261 -11.58 4.44 28.57
C TYR D 261 -11.79 3.92 27.15
N GLY D 262 -10.75 3.36 26.53
CA GLY D 262 -10.89 2.80 25.20
C GLY D 262 -11.56 1.44 25.14
N TYR D 263 -11.83 0.83 26.28
CA TYR D 263 -12.47 -0.48 26.34
C TYR D 263 -13.88 -0.34 26.88
N THR D 264 -14.84 -0.91 26.16
CA THR D 264 -16.25 -0.83 26.53
C THR D 264 -16.78 -2.22 26.82
N TRP D 265 -17.66 -2.32 27.81
CA TRP D 265 -18.27 -3.58 28.21
C TRP D 265 -19.78 -3.50 28.06
N ILE D 266 -20.35 -4.48 27.37
CA ILE D 266 -21.80 -4.57 27.15
C ILE D 266 -22.31 -5.75 27.96
N VAL D 267 -23.24 -5.50 28.86
CA VAL D 267 -23.69 -6.51 29.81
C VAL D 267 -25.22 -6.55 29.81
N PRO D 268 -25.86 -7.72 29.97
CA PRO D 268 -27.32 -7.75 30.01
C PRO D 268 -27.90 -7.31 31.34
N SER D 269 -29.22 -7.42 31.48
CA SER D 269 -29.90 -7.03 32.70
C SER D 269 -29.65 -8.00 33.85
N LEU D 270 -29.31 -9.26 33.55
CA LEU D 270 -29.16 -10.25 34.61
C LEU D 270 -28.02 -9.88 35.55
N VAL D 271 -26.90 -9.42 35.01
CA VAL D 271 -25.77 -9.04 35.84
C VAL D 271 -26.10 -7.80 36.66
N ALA D 272 -26.66 -6.78 36.01
CA ALA D 272 -26.98 -5.54 36.73
C ALA D 272 -28.01 -5.80 37.82
N GLY D 273 -29.06 -6.55 37.50
CA GLY D 273 -30.11 -6.79 38.48
C GLY D 273 -30.72 -5.49 38.93
N ASP D 274 -30.68 -5.25 40.24
CA ASP D 274 -31.04 -3.95 40.77
C ASP D 274 -29.95 -2.93 40.45
N THR D 275 -30.34 -1.79 39.89
CA THR D 275 -29.38 -0.77 39.52
C THR D 275 -28.81 -0.02 40.72
N ASP D 276 -29.41 -0.18 41.90
CA ASP D 276 -28.95 0.57 43.07
C ASP D 276 -27.61 0.04 43.58
N THR D 277 -27.48 -1.28 43.69
CA THR D 277 -26.29 -1.88 44.28
C THR D 277 -25.17 -1.97 43.25
N VAL D 278 -24.03 -1.37 43.56
CA VAL D 278 -22.84 -1.40 42.71
C VAL D 278 -21.72 -2.00 43.53
N PRO D 279 -21.06 -3.06 43.06
CA PRO D 279 -20.01 -3.71 43.85
C PRO D 279 -18.67 -2.98 43.85
N ALA D 280 -18.63 -1.73 43.40
CA ALA D 280 -17.42 -0.91 43.33
C ALA D 280 -16.36 -1.51 42.40
N GLU D 281 -16.72 -2.53 41.63
CA GLU D 281 -15.82 -3.11 40.63
C GLU D 281 -16.34 -2.98 39.21
N PHE D 282 -17.56 -2.49 39.02
CA PHE D 282 -18.08 -2.29 37.68
C PHE D 282 -17.30 -1.17 37.00
N PRO D 283 -16.87 -1.36 35.75
CA PRO D 283 -16.11 -0.31 35.07
C PRO D 283 -16.93 0.95 34.90
N THR D 284 -16.25 2.09 34.97
CA THR D 284 -16.89 3.39 34.76
C THR D 284 -17.14 3.56 33.26
N GLY D 285 -18.34 3.21 32.83
CA GLY D 285 -18.65 3.23 31.41
C GLY D 285 -19.39 1.99 30.96
N LEU D 286 -19.78 1.14 31.91
CA LEU D 286 -20.55 -0.04 31.59
C LEU D 286 -21.90 0.34 31.01
N ILE D 287 -22.34 -0.39 29.99
CA ILE D 287 -23.63 -0.19 29.37
C ILE D 287 -24.45 -1.47 29.50
N SER D 288 -25.68 -1.35 29.98
CA SER D 288 -26.56 -2.49 30.16
C SER D 288 -27.93 -2.15 29.59
N VAL D 289 -28.68 -3.19 29.26
CA VAL D 289 -30.06 -3.06 28.81
C VAL D 289 -30.96 -3.70 29.86
N SER D 290 -32.19 -3.22 29.93
CA SER D 290 -33.16 -3.74 30.88
C SER D 290 -34.54 -3.26 30.49
N TYR D 291 -35.55 -3.81 31.16
CA TYR D 291 -36.93 -3.39 30.94
C TYR D 291 -37.11 -1.94 31.38
N ASP D 292 -38.06 -1.26 30.73
CA ASP D 292 -38.35 0.15 31.04
C ASP D 292 -39.18 0.25 32.31
N GLU D 293 -38.58 -0.17 33.42
CA GLU D 293 -39.27 -0.15 34.70
C GLU D 293 -39.44 1.26 35.25
N TRP D 294 -38.59 2.21 34.82
CA TRP D 294 -38.70 3.58 35.28
C TRP D 294 -40.01 4.20 34.81
N ASP D 295 -40.38 3.98 33.55
CA ASP D 295 -41.59 4.58 32.98
C ASP D 295 -42.81 3.67 33.07
N TYR D 296 -42.64 2.42 33.51
CA TYR D 296 -43.75 1.48 33.65
C TYR D 296 -44.06 1.31 35.13
N GLY D 297 -45.24 1.77 35.54
CA GLY D 297 -45.68 1.60 36.91
C GLY D 297 -46.53 0.35 37.09
N LEU D 298 -46.75 0.02 38.36
CA LEU D 298 -47.59 -1.14 38.68
C LEU D 298 -49.01 -0.99 38.14
N PRO D 299 -49.71 0.13 38.34
CA PRO D 299 -51.01 0.29 37.65
C PRO D 299 -50.89 0.25 36.14
N ALA D 300 -49.82 0.80 35.58
CA ALA D 300 -49.62 0.75 34.14
C ALA D 300 -49.46 -0.68 33.66
N ARG D 301 -48.67 -1.48 34.37
CA ARG D 301 -48.56 -2.89 34.04
C ARG D 301 -49.85 -3.65 34.33
N VAL D 302 -50.57 -3.26 35.39
CA VAL D 302 -51.86 -3.89 35.69
C VAL D 302 -52.84 -3.63 34.55
N ARG D 303 -52.89 -2.40 34.06
CA ARG D 303 -53.78 -2.08 32.95
C ARG D 303 -53.44 -2.91 31.72
N ASP D 304 -52.14 -3.06 31.44
CA ASP D 304 -51.72 -3.97 30.37
C ASP D 304 -52.06 -5.41 30.71
N GLY D 305 -51.95 -5.77 31.99
CA GLY D 305 -52.34 -7.12 32.41
C GLY D 305 -53.82 -7.37 32.24
N ILE D 306 -54.65 -6.39 32.58
CA ILE D 306 -56.08 -6.53 32.34
C ILE D 306 -56.38 -6.57 30.85
N ALA D 307 -55.73 -5.70 30.07
CA ALA D 307 -56.04 -5.57 28.66
C ALA D 307 -55.76 -6.87 27.90
N ILE D 308 -54.63 -7.52 28.21
CA ILE D 308 -54.23 -8.68 27.44
C ILE D 308 -55.15 -9.87 27.71
N ILE D 309 -55.57 -10.04 28.96
CA ILE D 309 -56.47 -11.15 29.29
C ILE D 309 -57.87 -10.88 28.76
N THR D 310 -58.35 -9.64 28.95
CA THR D 310 -59.72 -9.32 28.55
C THR D 310 -59.89 -9.40 27.03
N THR D 311 -58.95 -8.84 26.27
CA THR D 311 -59.07 -8.82 24.83
C THR D 311 -59.07 -10.23 24.25
N ALA D 312 -58.20 -11.10 24.77
CA ALA D 312 -58.14 -12.47 24.28
C ALA D 312 -59.42 -13.24 24.58
N ALA D 313 -59.97 -13.05 25.78
CA ALA D 313 -61.15 -13.82 26.18
C ALA D 313 -62.41 -13.37 25.46
N SER D 314 -62.41 -12.15 24.90
CA SER D 314 -63.57 -11.68 24.16
C SER D 314 -63.67 -12.35 22.80
N ASP D 315 -62.54 -12.49 22.10
CA ASP D 315 -62.56 -13.04 20.75
C ASP D 315 -62.98 -14.50 20.75
N MET D 316 -62.47 -15.28 21.71
CA MET D 316 -62.81 -16.71 21.77
C MET D 316 -64.30 -16.90 22.06
N LEU D 317 -64.88 -16.09 22.94
CA LEU D 317 -66.32 -16.17 23.16
C LEU D 317 -67.10 -15.74 21.93
N SER D 318 -66.55 -14.83 21.12
CA SER D 318 -67.22 -14.44 19.89
C SER D 318 -67.17 -15.56 18.85
N GLU D 319 -66.00 -16.19 18.68
CA GLU D 319 -65.83 -17.20 17.65
C GLU D 319 -66.04 -18.62 18.19
N HIS D 320 -65.24 -19.03 19.16
CA HIS D 320 -65.37 -20.38 19.71
C HIS D 320 -66.58 -20.49 20.62
N SER D 321 -66.87 -19.44 21.38
CA SER D 321 -68.02 -19.39 22.30
C SER D 321 -67.96 -20.54 23.32
N PHE D 322 -66.92 -20.49 24.14
CA PHE D 322 -66.73 -21.51 25.18
C PHE D 322 -66.02 -20.86 26.36
N ILE D 323 -66.75 -20.68 27.46
CA ILE D 323 -66.18 -20.10 28.67
C ILE D 323 -65.33 -21.16 29.38
N PRO D 324 -64.05 -20.90 29.62
CA PRO D 324 -63.23 -21.90 30.33
C PRO D 324 -63.59 -21.99 31.80
N GLU D 325 -64.23 -23.10 32.18
CA GLU D 325 -64.67 -23.34 33.55
C GLU D 325 -64.16 -24.71 33.98
N PRO D 326 -62.90 -24.82 34.37
CA PRO D 326 -62.38 -26.11 34.84
C PRO D 326 -62.92 -26.43 36.23
N LYS D 327 -62.66 -27.66 36.66
CA LYS D 327 -63.13 -28.11 37.96
C LYS D 327 -62.52 -27.26 39.07
N SER D 328 -63.37 -26.85 40.02
CA SER D 328 -62.95 -25.89 41.04
C SER D 328 -62.04 -26.49 42.09
N SER D 329 -62.05 -27.81 42.26
CA SER D 329 -61.27 -28.46 43.31
C SER D 329 -59.93 -28.93 42.77
N CYS D 330 -58.86 -28.64 43.51
CA CYS D 330 -57.53 -29.08 43.13
C CYS D 330 -57.26 -30.53 43.51
N TYR D 331 -58.13 -31.15 44.29
CA TYR D 331 -57.94 -32.54 44.70
C TYR D 331 -58.21 -33.46 43.53
N ASN D 332 -57.28 -34.37 43.26
CA ASN D 332 -57.34 -35.29 42.12
C ASN D 332 -57.50 -34.51 40.82
N THR D 333 -56.48 -33.68 40.54
CA THR D 333 -56.51 -32.84 39.34
C THR D 333 -56.36 -33.67 38.07
N HIS D 334 -55.68 -34.80 38.15
CA HIS D 334 -55.44 -35.61 36.95
C HIS D 334 -56.74 -36.13 36.35
N GLU D 335 -57.70 -36.52 37.21
CA GLU D 335 -58.99 -36.98 36.72
C GLU D 335 -59.78 -35.87 36.04
N LYS D 336 -59.47 -34.61 36.33
CA LYS D 336 -60.19 -33.47 35.79
C LYS D 336 -59.58 -32.93 34.50
N ARG D 337 -58.57 -33.60 33.96
CA ARG D 337 -57.94 -33.20 32.71
C ARG D 337 -58.77 -33.55 31.48
N ILE D 338 -60.02 -33.98 31.68
CA ILE D 338 -60.90 -34.28 30.54
C ILE D 338 -61.15 -33.02 29.73
N TYR D 339 -61.44 -31.90 30.39
CA TYR D 339 -61.62 -30.64 29.70
C TYR D 339 -60.27 -30.08 29.26
N GLN D 340 -60.34 -29.02 28.45
CA GLN D 340 -59.14 -28.36 27.96
C GLN D 340 -59.32 -26.85 28.07
N SER D 341 -58.18 -26.15 28.05
CA SER D 341 -58.19 -24.70 28.14
C SER D 341 -57.20 -24.06 27.17
N ASN D 342 -56.82 -24.76 26.11
CA ASN D 342 -55.87 -24.24 25.14
C ASN D 342 -56.53 -23.38 24.07
N MET D 343 -57.86 -23.31 24.04
CA MET D 343 -58.53 -22.44 23.07
C MET D 343 -58.18 -20.98 23.32
N LEU D 344 -58.17 -20.57 24.59
CA LEU D 344 -57.76 -19.22 24.95
C LEU D 344 -56.25 -19.05 24.92
N ASN D 345 -55.48 -20.15 24.90
CA ASN D 345 -54.03 -20.05 24.96
C ASN D 345 -53.48 -19.31 23.75
N ARG D 346 -53.98 -19.61 22.55
CA ARG D 346 -53.44 -18.95 21.36
C ARG D 346 -54.04 -17.57 21.12
N TYR D 347 -55.08 -17.18 21.86
CA TYR D 347 -55.54 -15.80 21.77
C TYR D 347 -54.64 -14.85 22.56
N LEU D 348 -54.09 -15.33 23.68
CA LEU D 348 -53.10 -14.54 24.41
C LEU D 348 -51.82 -14.34 23.62
N ILE D 349 -51.54 -15.23 22.67
CA ILE D 349 -50.30 -15.13 21.90
C ILE D 349 -50.27 -13.85 21.09
N ASN D 350 -51.37 -13.54 20.40
CA ASN D 350 -51.48 -12.37 19.55
C ASN D 350 -52.53 -11.44 20.14
N VAL D 351 -52.08 -10.33 20.72
CA VAL D 351 -52.97 -9.33 21.31
C VAL D 351 -52.45 -7.95 20.96
N THR D 352 -53.33 -7.08 20.47
CA THR D 352 -53.01 -5.68 20.22
C THR D 352 -53.95 -4.80 21.04
N PHE D 353 -53.38 -3.75 21.64
CA PHE D 353 -54.15 -2.87 22.50
C PHE D 353 -53.63 -1.45 22.34
N GLU D 354 -54.51 -0.54 21.90
CA GLU D 354 -54.17 0.86 21.69
C GLU D 354 -52.97 1.02 20.75
N GLY D 355 -52.91 0.19 19.72
CA GLY D 355 -51.84 0.26 18.74
C GLY D 355 -50.55 -0.39 19.17
N ARG D 356 -50.49 -0.96 20.37
CA ARG D 356 -49.28 -1.62 20.87
C ARG D 356 -49.39 -3.13 20.62
N ASN D 357 -48.37 -3.68 19.97
CA ASN D 357 -48.34 -5.12 19.66
C ASN D 357 -47.93 -5.87 20.91
N LEU D 358 -48.88 -6.02 21.84
CA LEU D 358 -48.65 -6.73 23.08
C LEU D 358 -48.83 -8.24 22.88
N SER D 359 -47.98 -8.79 22.02
CA SER D 359 -48.02 -10.20 21.68
C SER D 359 -47.02 -10.99 22.53
N PHE D 360 -47.26 -12.30 22.61
CA PHE D 360 -46.44 -13.18 23.43
C PHE D 360 -46.01 -14.39 22.63
N SER D 361 -44.82 -14.90 22.95
CA SER D 361 -44.29 -16.09 22.30
C SER D 361 -44.75 -17.33 23.04
N GLU D 362 -44.23 -18.50 22.64
CA GLU D 362 -44.58 -19.74 23.32
C GLU D 362 -43.91 -19.87 24.67
N ASP D 363 -42.78 -19.19 24.88
CA ASP D 363 -42.06 -19.25 26.14
C ASP D 363 -42.46 -18.13 27.10
N GLY D 364 -43.35 -17.24 26.71
CA GLY D 364 -43.91 -16.25 27.60
C GLY D 364 -43.35 -14.86 27.49
N TYR D 365 -42.23 -14.67 26.80
CA TYR D 365 -41.67 -13.33 26.73
C TYR D 365 -42.40 -12.50 25.68
N GLN D 366 -42.21 -11.18 25.77
CA GLN D 366 -42.83 -10.25 24.83
C GLN D 366 -42.03 -10.18 23.54
N MET D 367 -42.75 -10.18 22.41
CA MET D 367 -42.09 -10.00 21.12
C MET D 367 -41.46 -8.62 21.00
N HIS D 368 -42.16 -7.59 21.45
CA HIS D 368 -41.68 -6.21 21.36
C HIS D 368 -41.80 -5.55 22.73
N PRO D 369 -40.92 -5.91 23.67
CA PRO D 369 -41.00 -5.34 25.01
C PRO D 369 -40.36 -3.97 25.09
N LYS D 370 -40.69 -3.26 26.16
CA LYS D 370 -40.13 -1.94 26.41
C LYS D 370 -38.77 -2.10 27.07
N LEU D 371 -37.70 -1.86 26.31
CA LEU D 371 -36.35 -2.00 26.82
C LEU D 371 -35.69 -0.63 26.92
N VAL D 372 -34.84 -0.48 27.93
CA VAL D 372 -34.13 0.76 28.18
C VAL D 372 -32.65 0.46 28.35
N ILE D 373 -31.80 1.36 27.87
CA ILE D 373 -30.36 1.21 27.92
C ILE D 373 -29.81 2.14 28.99
N ILE D 374 -28.99 1.61 29.89
CA ILE D 374 -28.45 2.35 31.03
C ILE D 374 -26.94 2.33 30.94
N LEU D 375 -26.32 3.49 31.16
CA LEU D 375 -24.88 3.64 31.12
C LEU D 375 -24.41 4.23 32.44
N LEU D 376 -23.31 3.71 32.97
CA LEU D 376 -22.76 4.23 34.21
C LEU D 376 -22.24 5.64 34.00
N ASN D 377 -22.62 6.54 34.90
CA ASN D 377 -22.21 7.94 34.85
C ASN D 377 -20.90 8.11 35.62
N LYS D 378 -20.55 9.36 35.92
CA LYS D 378 -19.32 9.62 36.67
C LYS D 378 -19.34 8.94 38.03
N GLU D 379 -20.46 8.97 38.72
CA GLU D 379 -20.63 8.23 39.96
C GLU D 379 -21.12 6.82 39.64
N ARG D 380 -21.46 6.06 40.67
CA ARG D 380 -21.94 4.69 40.49
C ARG D 380 -23.47 4.66 40.44
N LYS D 381 -24.01 5.32 39.43
CA LYS D 381 -25.44 5.44 39.23
C LYS D 381 -25.77 5.08 37.78
N TRP D 382 -26.93 4.44 37.60
CA TRP D 382 -27.39 4.00 36.28
C TRP D 382 -28.38 5.02 35.73
N GLU D 383 -28.06 5.58 34.58
CA GLU D 383 -28.90 6.57 33.93
C GLU D 383 -29.30 6.07 32.54
N ARG D 384 -30.58 6.22 32.20
CA ARG D 384 -31.07 5.76 30.92
C ARG D 384 -30.46 6.58 29.78
N VAL D 385 -30.25 5.91 28.65
CA VAL D 385 -29.62 6.55 27.49
C VAL D 385 -30.52 6.42 26.27
N GLY D 386 -31.36 5.40 26.24
CA GLY D 386 -32.20 5.18 25.09
C GLY D 386 -33.09 3.98 25.28
N LYS D 387 -33.91 3.72 24.27
CA LYS D 387 -34.87 2.63 24.30
C LYS D 387 -34.90 1.92 22.96
N TRP D 388 -35.34 0.66 22.99
CA TRP D 388 -35.49 -0.15 21.79
C TRP D 388 -36.90 -0.72 21.77
N LYS D 389 -37.63 -0.47 20.69
CA LYS D 389 -39.00 -0.94 20.56
C LYS D 389 -39.31 -1.22 19.10
N ASP D 390 -39.77 -2.44 18.81
CA ASP D 390 -40.20 -2.83 17.47
C ASP D 390 -39.12 -2.59 16.43
N LYS D 391 -37.88 -2.95 16.78
CA LYS D 391 -36.72 -2.76 15.91
C LYS D 391 -36.56 -1.30 15.48
N SER D 392 -36.97 -0.38 16.35
CA SER D 392 -36.87 1.06 16.11
C SER D 392 -36.14 1.72 17.26
N LEU D 393 -34.99 1.14 17.60
CA LEU D 393 -34.20 1.63 18.73
C LEU D 393 -33.81 3.09 18.54
N GLN D 394 -34.01 3.90 19.57
CA GLN D 394 -33.62 5.30 19.58
C GLN D 394 -32.98 5.62 20.92
N MET D 395 -31.92 6.41 20.89
CA MET D 395 -31.23 6.82 22.12
C MET D 395 -31.04 8.33 22.12
N LYS D 396 -31.01 8.89 23.34
CA LYS D 396 -30.88 10.33 23.51
C LYS D 396 -29.44 10.82 23.44
N TYR D 397 -28.47 9.92 23.31
CA TYR D 397 -27.06 10.28 23.22
C TYR D 397 -26.55 9.97 21.82
N TYR D 398 -25.95 10.96 21.17
CA TYR D 398 -25.31 10.79 19.87
C TYR D 398 -23.81 10.92 20.01
N VAL D 399 -23.10 10.54 18.95
CA VAL D 399 -21.64 10.67 18.84
C VAL D 399 -20.93 9.77 19.85
N TRP D 400 -21.37 9.81 21.11
CA TRP D 400 -20.84 9.04 22.24
C TRP D 400 -19.47 9.57 22.64
N PRO D 401 -19.17 9.63 23.95
CA PRO D 401 -17.89 10.14 24.43
C PRO D 401 -16.77 9.09 24.39
N ASP D 413 -8.47 20.81 15.17
CA ASP D 413 -9.40 21.91 15.26
C ASP D 413 -10.37 21.94 14.09
N HIS D 414 -11.34 22.83 14.15
CA HIS D 414 -12.39 22.94 13.15
C HIS D 414 -12.33 24.32 12.52
N LEU D 415 -12.25 24.37 11.19
CA LEU D 415 -12.18 25.63 10.48
C LEU D 415 -12.96 25.53 9.18
N SER D 416 -13.50 26.65 8.72
CA SER D 416 -14.29 26.70 7.51
C SER D 416 -13.39 26.84 6.28
N ILE D 417 -13.76 26.14 5.21
CA ILE D 417 -12.99 26.12 3.97
C ILE D 417 -13.93 26.43 2.81
N VAL D 418 -13.49 27.30 1.91
CA VAL D 418 -14.27 27.71 0.75
C VAL D 418 -13.73 26.99 -0.47
N THR D 419 -14.62 26.64 -1.40
CA THR D 419 -14.19 25.94 -2.61
C THR D 419 -15.11 26.31 -3.75
N LEU D 420 -14.52 26.55 -4.92
CA LEU D 420 -15.27 26.84 -6.13
C LEU D 420 -15.52 25.54 -6.88
N GLU D 421 -15.94 25.63 -8.14
CA GLU D 421 -16.17 24.47 -9.00
C GLU D 421 -15.26 24.59 -10.22
N GLU D 422 -14.27 23.72 -10.31
CA GLU D 422 -13.37 23.64 -11.45
C GLU D 422 -13.36 22.21 -11.96
N ALA D 423 -12.79 22.01 -13.16
CA ALA D 423 -13.02 20.76 -13.86
C ALA D 423 -12.28 19.58 -13.24
N PRO D 424 -10.95 19.58 -13.15
CA PRO D 424 -10.27 18.42 -12.53
C PRO D 424 -9.92 18.64 -11.08
N PHE D 425 -10.07 19.86 -10.59
CA PHE D 425 -9.57 20.24 -9.28
C PHE D 425 -10.59 20.02 -8.18
N VAL D 426 -11.80 20.53 -8.38
CA VAL D 426 -12.88 20.24 -7.44
C VAL D 426 -14.21 20.13 -8.21
N ILE D 427 -14.76 18.93 -8.25
CA ILE D 427 -15.97 18.64 -9.01
C ILE D 427 -17.10 18.46 -8.03
N VAL D 428 -18.11 19.30 -8.12
CA VAL D 428 -19.27 19.19 -7.25
C VAL D 428 -20.32 18.32 -7.95
N GLU D 429 -21.08 17.58 -7.14
CA GLU D 429 -22.13 16.71 -7.67
C GLU D 429 -23.21 16.56 -6.62
N SER D 430 -24.43 16.29 -7.07
CA SER D 430 -25.55 16.13 -6.17
C SER D 430 -25.42 14.81 -5.40
N VAL D 431 -26.03 14.77 -4.22
CA VAL D 431 -25.97 13.58 -3.39
C VAL D 431 -26.77 12.45 -4.04
N ASP D 432 -26.39 11.22 -3.74
CA ASP D 432 -27.07 10.06 -4.29
C ASP D 432 -28.51 10.01 -3.77
N PRO D 433 -29.51 9.98 -4.66
CA PRO D 433 -30.90 9.96 -4.19
C PRO D 433 -31.34 8.61 -3.64
N LEU D 434 -30.66 7.53 -4.00
CA LEU D 434 -31.10 6.20 -3.57
C LEU D 434 -30.75 5.91 -2.12
N SER D 435 -29.84 6.68 -1.51
CA SER D 435 -29.48 6.48 -0.11
C SER D 435 -29.44 7.75 0.71
N GLY D 436 -29.35 8.93 0.08
CA GLY D 436 -29.20 10.18 0.81
C GLY D 436 -27.78 10.58 1.11
N THR D 437 -26.83 9.67 0.94
CA THR D 437 -25.41 9.96 1.11
C THR D 437 -24.69 9.65 -0.20
N CYS D 438 -23.70 10.47 -0.55
CA CYS D 438 -23.00 10.31 -1.80
C CYS D 438 -21.96 9.21 -1.68
N MET D 439 -21.13 9.06 -2.73
CA MET D 439 -20.19 7.96 -2.79
C MET D 439 -19.07 8.13 -1.78
N ARG D 440 -18.32 7.05 -1.59
CA ARG D 440 -17.11 7.12 -0.78
C ARG D 440 -16.03 7.88 -1.53
N ASN D 441 -15.08 8.43 -0.76
CA ASN D 441 -14.02 9.28 -1.30
C ASN D 441 -14.60 10.48 -2.04
N THR D 442 -15.64 11.08 -1.44
CA THR D 442 -16.24 12.30 -1.98
C THR D 442 -16.81 13.07 -0.79
N VAL D 443 -16.05 14.04 -0.29
CA VAL D 443 -16.42 14.75 0.92
C VAL D 443 -17.58 15.70 0.65
N PRO D 444 -18.46 15.93 1.62
CA PRO D 444 -19.60 16.83 1.40
C PRO D 444 -19.16 18.29 1.34
N CYS D 445 -19.99 19.08 0.68
CA CYS D 445 -19.72 20.51 0.53
C CYS D 445 -21.05 21.24 0.41
N GLN D 446 -21.40 22.00 1.45
CA GLN D 446 -22.66 22.72 1.46
C GLN D 446 -22.68 23.82 0.41
N LYS D 447 -23.86 24.04 -0.16
CA LYS D 447 -24.08 25.11 -1.12
C LYS D 447 -25.27 25.95 -0.67
N ARG D 448 -25.12 27.27 -0.74
CA ARG D 448 -26.15 28.20 -0.30
C ARG D 448 -26.88 28.77 -1.51
N ILE D 449 -28.21 28.81 -1.43
CA ILE D 449 -29.02 29.39 -2.49
C ILE D 449 -29.92 30.46 -1.93
N GLY D 460 -30.26 29.88 1.19
CA GLY D 460 -30.56 28.46 1.23
C GLY D 460 -29.41 27.62 1.77
N TYR D 461 -29.61 26.30 1.79
CA TYR D 461 -28.60 25.39 2.31
C TYR D 461 -28.84 24.02 1.67
N ILE D 462 -28.02 23.67 0.69
CA ILE D 462 -28.14 22.41 -0.04
C ILE D 462 -26.87 21.62 0.17
N LYS D 463 -27.01 20.37 0.58
CA LYS D 463 -25.86 19.49 0.73
C LYS D 463 -25.47 18.89 -0.61
N LYS D 464 -24.21 19.00 -0.96
CA LYS D 464 -23.68 18.38 -2.18
C LYS D 464 -22.48 17.53 -1.82
N CYS D 465 -21.74 17.07 -2.81
CA CYS D 465 -20.52 16.31 -2.55
C CYS D 465 -19.45 16.71 -3.55
N CYS D 466 -18.23 16.93 -3.05
CA CYS D 466 -17.13 17.45 -3.84
C CYS D 466 -16.02 16.42 -3.94
N LYS D 467 -15.32 16.44 -5.06
CA LYS D 467 -14.14 15.60 -5.25
C LYS D 467 -13.28 16.23 -6.35
N GLY D 468 -12.02 15.87 -6.35
CA GLY D 468 -11.11 16.34 -7.37
C GLY D 468 -9.68 16.35 -6.89
N PHE D 469 -8.83 16.98 -7.70
CA PHE D 469 -7.40 17.07 -7.38
C PHE D 469 -7.18 17.86 -6.10
N CYS D 470 -7.87 19.00 -5.97
CA CYS D 470 -7.67 19.86 -4.81
C CYS D 470 -8.26 19.25 -3.54
N ILE D 471 -9.40 18.56 -3.68
CA ILE D 471 -10.03 17.95 -2.52
C ILE D 471 -9.20 16.79 -2.00
N ASP D 472 -8.61 16.00 -2.91
CA ASP D 472 -7.75 14.91 -2.49
C ASP D 472 -6.54 15.42 -1.71
N ILE D 473 -6.04 16.61 -2.07
CA ILE D 473 -4.99 17.24 -1.28
C ILE D 473 -5.51 17.63 0.09
N LEU D 474 -6.74 18.15 0.15
CA LEU D 474 -7.32 18.53 1.44
C LEU D 474 -7.45 17.32 2.36
N LYS D 475 -7.75 16.16 1.80
CA LYS D 475 -7.81 14.95 2.62
C LYS D 475 -6.44 14.61 3.19
N LYS D 476 -5.40 14.64 2.35
CA LYS D 476 -4.08 14.23 2.81
C LYS D 476 -3.47 15.25 3.75
N ILE D 477 -3.77 16.53 3.56
CA ILE D 477 -3.30 17.56 4.48
C ILE D 477 -3.95 17.40 5.84
N SER D 478 -5.27 17.17 5.87
CA SER D 478 -5.99 17.15 7.13
C SER D 478 -5.50 16.04 8.05
N LYS D 479 -5.26 14.85 7.50
CA LYS D 479 -4.74 13.77 8.32
C LYS D 479 -3.24 13.93 8.61
N SER D 480 -2.57 14.90 8.00
CA SER D 480 -1.18 15.19 8.32
C SER D 480 -1.02 16.39 9.23
N VAL D 481 -1.90 17.38 9.14
CA VAL D 481 -1.89 18.51 10.06
C VAL D 481 -2.85 18.30 11.23
N LYS D 482 -3.67 17.25 11.19
CA LYS D 482 -4.58 16.88 12.29
C LYS D 482 -5.57 18.02 12.58
N PHE D 483 -6.43 18.27 11.60
CA PHE D 483 -7.50 19.24 11.77
C PHE D 483 -8.70 18.80 10.93
N THR D 484 -9.87 19.32 11.29
CA THR D 484 -11.11 19.01 10.60
C THR D 484 -11.67 20.28 9.96
N TYR D 485 -12.56 20.08 8.99
CA TYR D 485 -13.00 21.16 8.12
C TYR D 485 -14.47 20.98 7.77
N ASP D 486 -15.06 22.05 7.24
CA ASP D 486 -16.43 22.02 6.74
C ASP D 486 -16.44 22.71 5.38
N LEU D 487 -16.34 21.91 4.32
CA LEU D 487 -16.32 22.45 2.98
C LEU D 487 -17.62 23.19 2.67
N TYR D 488 -17.51 24.30 1.96
CA TYR D 488 -18.70 25.00 1.50
C TYR D 488 -18.35 25.82 0.26
N LEU D 489 -19.27 25.85 -0.69
CA LEU D 489 -19.01 26.45 -1.99
C LEU D 489 -19.20 27.96 -1.95
N VAL D 490 -18.61 28.63 -2.95
CA VAL D 490 -18.70 30.07 -3.05
C VAL D 490 -20.09 30.46 -3.54
N THR D 491 -20.54 31.64 -3.15
CA THR D 491 -21.80 32.19 -3.64
C THR D 491 -21.72 33.64 -4.09
N ASN D 492 -20.75 34.41 -3.60
CA ASN D 492 -20.68 35.84 -3.91
C ASN D 492 -19.98 36.09 -5.25
N GLY D 493 -19.24 35.12 -5.76
CA GLY D 493 -18.50 35.32 -6.99
C GLY D 493 -17.68 34.12 -7.39
N LYS D 494 -16.40 34.33 -7.68
CA LYS D 494 -15.49 33.27 -8.10
C LYS D 494 -14.17 33.50 -7.36
N HIS D 495 -13.11 32.87 -7.84
CA HIS D 495 -11.81 32.81 -7.16
C HIS D 495 -11.43 34.09 -6.44
N GLY D 496 -11.71 35.24 -7.06
CA GLY D 496 -11.46 36.50 -6.40
C GLY D 496 -11.21 37.64 -7.34
N LYS D 497 -11.72 38.83 -7.00
CA LYS D 497 -11.42 40.05 -7.76
C LYS D 497 -11.73 41.24 -6.88
N LYS D 498 -11.03 42.34 -7.14
CA LYS D 498 -11.14 43.56 -6.35
C LYS D 498 -12.06 44.52 -7.08
N ILE D 499 -13.29 44.67 -6.58
CA ILE D 499 -14.27 45.60 -7.14
C ILE D 499 -14.56 46.64 -6.07
N ASN D 500 -14.30 47.90 -6.39
CA ASN D 500 -14.53 49.01 -5.46
C ASN D 500 -13.81 48.78 -4.13
N GLY D 501 -12.60 48.24 -4.20
CA GLY D 501 -11.80 48.05 -3.01
C GLY D 501 -12.25 46.94 -2.09
N THR D 502 -13.02 45.98 -2.59
CA THR D 502 -13.45 44.84 -1.79
C THR D 502 -13.25 43.56 -2.60
N TRP D 503 -13.11 42.45 -1.87
CA TRP D 503 -12.82 41.16 -2.47
C TRP D 503 -14.04 40.26 -2.40
N ASN D 504 -14.34 39.58 -3.50
CA ASN D 504 -15.47 38.68 -3.60
C ASN D 504 -14.98 37.28 -3.93
N GLY D 505 -15.69 36.28 -3.42
CA GLY D 505 -15.34 34.91 -3.71
C GLY D 505 -14.37 34.30 -2.71
N MET D 506 -13.62 33.29 -3.14
CA MET D 506 -12.77 32.54 -2.22
C MET D 506 -11.84 33.46 -1.44
N ILE D 507 -11.21 34.42 -2.14
CA ILE D 507 -10.40 35.41 -1.46
C ILE D 507 -11.28 36.28 -0.57
N GLY D 508 -12.45 36.69 -1.08
CA GLY D 508 -13.33 37.53 -0.28
C GLY D 508 -13.79 36.86 1.00
N GLU D 509 -14.00 35.55 0.96
CA GLU D 509 -14.42 34.84 2.16
C GLU D 509 -13.31 34.84 3.21
N VAL D 510 -12.08 34.57 2.80
CA VAL D 510 -10.98 34.55 3.77
C VAL D 510 -10.68 35.96 4.27
N VAL D 511 -10.77 36.95 3.39
CA VAL D 511 -10.53 38.33 3.80
C VAL D 511 -11.61 38.79 4.77
N MET D 512 -12.87 38.43 4.51
CA MET D 512 -13.98 38.79 5.36
C MET D 512 -14.13 37.87 6.56
N LYS D 513 -13.08 37.15 6.92
CA LYS D 513 -12.99 36.31 8.11
C LYS D 513 -13.92 35.11 8.05
N ARG D 514 -14.72 34.96 6.98
CA ARG D 514 -15.74 33.92 6.94
C ARG D 514 -15.16 32.52 6.84
N ALA D 515 -13.89 32.39 6.46
CA ALA D 515 -13.27 31.08 6.39
C ALA D 515 -11.78 31.21 6.69
N TYR D 516 -11.18 30.10 7.08
CA TYR D 516 -9.77 30.06 7.38
C TYR D 516 -8.93 29.82 6.14
N MET D 517 -9.31 28.84 5.33
CA MET D 517 -8.60 28.46 4.13
C MET D 517 -9.56 28.50 2.95
N ALA D 518 -9.00 28.51 1.75
CA ALA D 518 -9.79 28.59 0.52
C ALA D 518 -9.25 27.61 -0.51
N VAL D 519 -9.09 26.34 -0.11
CA VAL D 519 -8.52 25.35 -1.00
C VAL D 519 -9.33 25.28 -2.29
N GLY D 520 -8.63 25.08 -3.40
CA GLY D 520 -9.23 25.12 -4.73
C GLY D 520 -8.19 25.48 -5.77
N SER D 521 -8.65 26.13 -6.83
CA SER D 521 -7.81 26.51 -7.97
C SER D 521 -7.37 27.96 -7.88
N LEU D 522 -7.06 28.44 -6.68
CA LEU D 522 -6.63 29.81 -6.48
C LEU D 522 -5.18 29.98 -6.94
N THR D 523 -4.96 30.85 -7.92
CA THR D 523 -3.60 31.13 -8.36
C THR D 523 -2.98 32.20 -7.48
N ILE D 524 -1.72 32.00 -7.13
CA ILE D 524 -0.97 32.96 -6.35
C ILE D 524 -0.57 34.12 -7.26
N ASN D 525 -0.91 35.33 -6.87
CA ASN D 525 -0.40 36.51 -7.55
C ASN D 525 -0.10 37.57 -6.50
N GLU D 526 0.36 38.73 -6.97
CA GLU D 526 0.90 39.73 -6.07
C GLU D 526 -0.19 40.40 -5.25
N GLU D 527 -1.31 40.77 -5.87
CA GLU D 527 -2.32 41.56 -5.17
C GLU D 527 -3.11 40.71 -4.19
N ARG D 528 -3.38 39.45 -4.53
CA ARG D 528 -4.06 38.57 -3.58
C ARG D 528 -3.20 38.31 -2.35
N SER D 529 -1.91 38.06 -2.57
CA SER D 529 -1.01 37.73 -1.46
C SER D 529 -0.79 38.89 -0.51
N GLU D 530 -1.19 40.10 -0.89
CA GLU D 530 -1.14 41.25 -0.01
C GLU D 530 -2.39 41.41 0.83
N VAL D 531 -3.36 40.51 0.69
CA VAL D 531 -4.59 40.58 1.46
C VAL D 531 -4.90 39.19 2.03
N VAL D 532 -4.23 38.17 1.52
CA VAL D 532 -4.39 36.80 1.99
C VAL D 532 -3.02 36.15 2.04
N ASP D 533 -2.92 35.08 2.82
CA ASP D 533 -1.65 34.42 3.10
C ASP D 533 -1.68 33.06 2.42
N PHE D 534 -0.99 32.94 1.29
CA PHE D 534 -1.05 31.74 0.48
C PHE D 534 -0.18 30.65 1.11
N SER D 535 -0.02 29.54 0.39
CA SER D 535 0.89 28.50 0.81
C SER D 535 1.84 28.19 -0.34
N VAL D 536 2.61 27.12 -0.21
CA VAL D 536 3.48 26.72 -1.32
C VAL D 536 2.62 26.16 -2.45
N PRO D 537 2.87 26.53 -3.71
CA PRO D 537 2.08 25.97 -4.81
C PRO D 537 2.16 24.46 -4.83
N PHE D 538 1.01 23.82 -5.01
CA PHE D 538 0.96 22.37 -5.19
C PHE D 538 0.84 21.96 -6.65
N ILE D 539 0.76 22.92 -7.57
CA ILE D 539 0.80 22.62 -8.99
C ILE D 539 1.12 23.92 -9.73
N GLU D 540 1.95 23.81 -10.77
CA GLU D 540 2.35 24.97 -11.54
C GLU D 540 1.29 25.30 -12.59
N THR D 541 0.96 26.58 -12.70
CA THR D 541 0.02 27.07 -13.69
C THR D 541 0.57 28.37 -14.24
N GLY D 542 -0.29 29.15 -14.89
CA GLY D 542 0.11 30.42 -15.43
C GLY D 542 -0.88 30.93 -16.45
N ILE D 543 -0.40 31.34 -17.61
CA ILE D 543 -1.24 31.79 -18.70
C ILE D 543 -0.82 31.04 -19.96
N SER D 544 -1.80 30.41 -20.62
CA SER D 544 -1.54 29.64 -21.82
C SER D 544 -2.62 29.95 -22.85
N VAL D 545 -2.29 29.69 -24.11
CA VAL D 545 -3.18 29.97 -25.23
C VAL D 545 -3.61 28.65 -25.85
N MET D 546 -4.91 28.46 -25.99
CA MET D 546 -5.47 27.26 -26.59
C MET D 546 -5.96 27.58 -28.00
N VAL D 547 -5.50 26.80 -28.97
CA VAL D 547 -5.83 27.03 -30.37
C VAL D 547 -6.22 25.72 -31.03
N SER D 548 -6.95 25.83 -32.13
CA SER D 548 -7.34 24.66 -32.91
C SER D 548 -6.12 24.01 -33.57
N ARG D 549 -6.22 22.70 -33.77
CA ARG D 549 -5.13 21.95 -34.38
C ARG D 549 -4.91 22.42 -35.82
N SER D 550 -3.64 22.57 -36.19
CA SER D 550 -3.31 23.04 -37.53
C SER D 550 -3.67 21.99 -38.57
N ASN D 551 -3.99 22.48 -39.78
CA ASN D 551 -4.27 21.61 -40.92
C ASN D 551 -2.98 21.14 -41.57
N GLY D 552 -3.07 20.60 -42.78
CA GLY D 552 -1.94 20.05 -43.48
C GLY D 552 -0.70 20.93 -43.51
N THR D 553 0.37 20.49 -42.86
CA THR D 553 1.54 21.32 -42.62
C THR D 553 2.84 20.56 -42.91
N VAL D 554 2.92 19.92 -44.09
CA VAL D 554 4.20 19.43 -44.57
C VAL D 554 5.21 20.57 -44.56
N SER D 555 6.43 20.26 -44.13
CA SER D 555 7.46 21.28 -44.02
C SER D 555 7.68 21.96 -45.37
N PRO D 556 7.75 23.29 -45.41
CA PRO D 556 7.87 23.98 -46.71
C PRO D 556 9.17 23.63 -47.39
N SER D 557 9.10 23.47 -48.71
CA SER D 557 10.27 23.21 -49.55
C SER D 557 11.05 21.99 -49.04
N ALA D 558 10.34 20.88 -48.88
CA ALA D 558 10.93 19.66 -48.36
C ALA D 558 11.49 18.77 -49.46
N PHE D 559 11.44 19.21 -50.72
CA PHE D 559 11.93 18.36 -51.81
C PHE D 559 13.45 18.28 -51.83
N LEU D 560 14.13 19.31 -51.33
CA LEU D 560 15.58 19.29 -51.25
C LEU D 560 16.10 18.49 -50.08
N GLU D 561 15.22 18.01 -49.21
CA GLU D 561 15.64 17.35 -47.99
C GLU D 561 16.44 16.07 -48.20
N PRO D 562 16.09 15.16 -49.10
CA PRO D 562 17.00 14.04 -49.37
C PRO D 562 18.30 14.56 -49.97
N PHE D 563 19.28 13.67 -50.09
CA PHE D 563 20.44 13.95 -50.93
C PHE D 563 21.20 15.19 -50.49
N SER D 564 21.97 15.09 -49.42
CA SER D 564 22.84 16.18 -49.00
C SER D 564 23.53 16.85 -50.18
N ALA D 565 23.67 18.17 -50.09
CA ALA D 565 24.03 18.99 -51.24
C ALA D 565 25.36 18.58 -51.88
N ASP D 566 26.22 17.89 -51.14
CA ASP D 566 27.42 17.33 -51.76
C ASP D 566 27.06 16.27 -52.79
N VAL D 567 26.02 15.48 -52.52
CA VAL D 567 25.63 14.41 -53.42
C VAL D 567 25.10 14.99 -54.73
N TRP D 568 24.21 15.98 -54.65
CA TRP D 568 23.67 16.60 -55.86
C TRP D 568 24.78 17.09 -56.76
N VAL D 569 25.77 17.78 -56.19
CA VAL D 569 26.88 18.31 -56.96
C VAL D 569 27.70 17.17 -57.56
N MET D 570 27.98 16.14 -56.76
CA MET D 570 28.72 15.00 -57.28
C MET D 570 27.91 14.27 -58.35
N MET D 571 26.59 14.19 -58.18
CA MET D 571 25.75 13.53 -59.17
C MET D 571 25.75 14.27 -60.50
N PHE D 572 25.53 15.58 -60.46
CA PHE D 572 25.15 16.30 -61.67
C PHE D 572 26.12 17.40 -62.08
N VAL D 573 27.18 17.65 -61.33
CA VAL D 573 28.24 18.52 -61.77
C VAL D 573 29.49 17.73 -62.17
N MET D 574 29.81 16.68 -61.42
CA MET D 574 30.98 15.86 -61.72
C MET D 574 30.62 14.61 -62.50
N LEU D 575 29.68 13.81 -62.00
CA LEU D 575 29.40 12.53 -62.63
C LEU D 575 28.71 12.70 -63.98
N LEU D 576 27.86 13.72 -64.12
CA LEU D 576 27.13 13.89 -65.37
C LEU D 576 28.04 14.43 -66.46
N ILE D 577 28.93 15.36 -66.13
CA ILE D 577 29.85 15.91 -67.12
C ILE D 577 30.87 14.86 -67.55
N VAL D 578 31.46 14.17 -66.58
CA VAL D 578 32.48 13.18 -66.91
C VAL D 578 31.87 12.05 -67.73
N SER D 579 30.61 11.71 -67.47
CA SER D 579 29.93 10.71 -68.29
C SER D 579 29.64 11.25 -69.69
N ALA D 580 29.14 12.49 -69.78
CA ALA D 580 28.80 13.06 -71.08
C ALA D 580 30.03 13.21 -71.96
N VAL D 581 31.14 13.67 -71.40
CA VAL D 581 32.36 13.81 -72.19
C VAL D 581 32.93 12.44 -72.53
N ALA D 582 32.70 11.43 -71.71
CA ALA D 582 33.13 10.08 -72.06
C ALA D 582 32.24 9.49 -73.14
N VAL D 583 30.93 9.66 -73.02
CA VAL D 583 30.00 9.17 -74.03
C VAL D 583 30.28 9.83 -75.37
N PHE D 584 30.45 11.15 -75.36
CA PHE D 584 30.76 11.89 -76.57
C PHE D 584 32.13 11.51 -77.13
N VAL D 585 32.99 10.87 -76.33
CA VAL D 585 34.29 10.41 -76.81
C VAL D 585 34.25 8.92 -77.11
N PHE D 586 33.36 8.18 -76.43
CA PHE D 586 33.10 6.80 -76.83
C PHE D 586 32.49 6.74 -78.22
N GLU D 587 31.63 7.71 -78.54
CA GLU D 587 31.04 7.77 -79.88
C GLU D 587 32.06 8.24 -80.91
N TYR D 588 32.92 9.18 -80.53
CA TYR D 588 33.90 9.72 -81.45
C TYR D 588 34.76 8.62 -82.07
N PHE D 589 35.10 7.60 -81.28
CA PHE D 589 35.96 6.52 -81.74
C PHE D 589 35.19 5.32 -82.24
N SER D 590 33.87 5.36 -82.24
CA SER D 590 33.08 4.23 -82.72
C SER D 590 33.09 4.18 -84.23
N PRO D 591 33.40 3.03 -84.84
CA PRO D 591 33.37 2.96 -86.30
C PRO D 591 32.00 3.27 -86.89
N VAL D 592 30.92 2.87 -86.21
CA VAL D 592 29.59 3.13 -86.73
C VAL D 592 29.24 4.62 -86.66
N GLY D 593 29.53 5.25 -85.54
CA GLY D 593 29.21 6.66 -85.36
C GLY D 593 30.25 7.59 -85.95
N GLY D 606 20.61 11.45 -89.57
CA GLY D 606 21.01 11.54 -88.19
C GLY D 606 22.17 12.49 -87.96
N PRO D 607 21.93 13.57 -87.24
CA PRO D 607 23.00 14.53 -86.97
C PRO D 607 24.04 13.95 -86.02
N SER D 608 25.21 14.57 -86.03
CA SER D 608 26.32 14.09 -85.23
C SER D 608 26.03 14.25 -83.74
N PHE D 609 26.53 13.29 -82.97
CA PHE D 609 26.43 13.36 -81.51
C PHE D 609 27.39 14.41 -81.00
N THR D 610 26.89 15.33 -80.18
CA THR D 610 27.69 16.41 -79.62
C THR D 610 27.67 16.33 -78.09
N ILE D 611 28.35 17.28 -77.45
CA ILE D 611 28.35 17.34 -76.00
C ILE D 611 27.10 18.02 -75.47
N GLY D 612 26.39 18.77 -76.29
CA GLY D 612 25.11 19.32 -75.89
C GLY D 612 23.95 18.40 -76.12
N LYS D 613 24.20 17.28 -76.80
CA LYS D 613 23.21 16.23 -76.97
C LYS D 613 23.41 15.08 -76.01
N ALA D 614 24.65 14.84 -75.59
CA ALA D 614 24.88 13.90 -74.50
C ALA D 614 24.33 14.44 -73.19
N ILE D 615 24.48 15.73 -72.96
CA ILE D 615 23.99 16.35 -71.73
C ILE D 615 22.46 16.30 -71.69
N TRP D 616 21.81 16.71 -72.77
CA TRP D 616 20.36 16.68 -72.82
C TRP D 616 19.81 15.27 -72.73
N LEU D 617 20.61 14.27 -73.12
CA LEU D 617 20.19 12.88 -73.02
C LEU D 617 20.52 12.29 -71.66
N LEU D 618 21.76 12.48 -71.19
CA LEU D 618 22.16 11.96 -69.89
C LEU D 618 21.38 12.57 -68.75
N TRP D 619 20.76 13.72 -68.97
CA TRP D 619 20.16 14.45 -67.88
C TRP D 619 18.64 14.38 -67.90
N GLY D 620 18.03 14.11 -69.05
CA GLY D 620 16.64 13.69 -69.09
C GLY D 620 16.43 12.26 -68.66
N LEU D 621 17.46 11.43 -68.74
CA LEU D 621 17.38 10.08 -68.20
C LEU D 621 17.21 10.11 -66.69
N VAL D 622 17.87 11.05 -66.02
CA VAL D 622 17.77 11.19 -64.58
C VAL D 622 16.34 11.56 -64.19
N PHE D 623 15.66 12.33 -65.02
CA PHE D 623 14.34 12.86 -64.73
C PHE D 623 13.24 12.02 -65.35
N ASN D 624 13.41 10.70 -65.34
CA ASN D 624 12.38 9.74 -65.73
C ASN D 624 12.13 9.76 -67.23
N ASN D 625 13.14 10.11 -68.02
CA ASN D 625 13.18 9.88 -69.46
C ASN D 625 12.01 10.50 -70.21
N SER D 626 11.23 11.37 -69.57
CA SER D 626 10.00 11.87 -70.17
C SER D 626 10.25 12.74 -71.39
N VAL D 627 11.45 13.29 -71.52
CA VAL D 627 11.80 14.29 -72.53
C VAL D 627 12.24 13.58 -73.81
N PRO D 628 12.10 14.20 -74.98
CA PRO D 628 12.75 13.66 -76.18
C PRO D 628 14.26 13.70 -76.06
N VAL D 629 14.91 12.72 -76.66
CA VAL D 629 16.35 12.56 -76.60
C VAL D 629 16.86 12.13 -77.97
N GLN D 630 18.17 11.91 -78.06
CA GLN D 630 18.81 11.42 -79.28
C GLN D 630 19.91 10.45 -78.85
N ASN D 631 19.61 9.17 -78.86
CA ASN D 631 20.55 8.18 -78.36
C ASN D 631 21.72 8.03 -79.31
N PRO D 632 22.88 7.60 -78.80
CA PRO D 632 24.04 7.40 -79.67
C PRO D 632 23.90 6.18 -80.56
N LYS D 633 24.86 5.98 -81.45
CA LYS D 633 24.84 4.83 -82.34
C LYS D 633 25.94 3.81 -82.08
N GLY D 634 27.01 4.20 -81.39
CA GLY D 634 28.06 3.26 -81.07
C GLY D 634 27.61 2.26 -80.03
N THR D 635 28.24 1.09 -80.05
CA THR D 635 27.88 0.05 -79.10
C THR D 635 28.38 0.37 -77.70
N THR D 636 29.62 0.84 -77.57
CA THR D 636 30.15 1.20 -76.27
C THR D 636 29.59 2.53 -75.77
N SER D 637 28.99 3.31 -76.65
CA SER D 637 28.28 4.51 -76.22
C SER D 637 26.93 4.17 -75.63
N LYS D 638 26.28 3.12 -76.15
CA LYS D 638 25.00 2.70 -75.60
C LYS D 638 25.17 1.99 -74.26
N ILE D 639 26.31 1.33 -74.04
CA ILE D 639 26.54 0.65 -72.78
C ILE D 639 26.74 1.65 -71.66
N MET D 640 27.48 2.73 -71.93
CA MET D 640 27.67 3.77 -70.92
C MET D 640 26.36 4.47 -70.61
N VAL D 641 25.53 4.72 -71.61
CA VAL D 641 24.22 5.32 -71.38
C VAL D 641 23.34 4.39 -70.58
N SER D 642 23.46 3.08 -70.82
CA SER D 642 22.71 2.11 -70.02
C SER D 642 23.20 2.08 -68.58
N VAL D 643 24.51 2.23 -68.37
CA VAL D 643 25.04 2.30 -67.01
C VAL D 643 24.50 3.53 -66.29
N TRP D 644 24.47 4.67 -66.98
CA TRP D 644 23.90 5.88 -66.40
C TRP D 644 22.40 5.73 -66.16
N ALA D 645 21.69 5.10 -67.10
CA ALA D 645 20.26 4.88 -66.93
C ALA D 645 19.96 3.93 -65.79
N PHE D 646 20.95 3.17 -65.33
CA PHE D 646 20.80 2.41 -64.09
C PHE D 646 20.98 3.31 -62.87
N PHE D 647 21.90 4.26 -62.96
CA PHE D 647 22.05 5.26 -61.90
C PHE D 647 20.79 6.09 -61.78
N ALA D 648 20.18 6.46 -62.90
CA ALA D 648 18.96 7.26 -62.87
C ALA D 648 17.80 6.51 -62.24
N VAL D 649 17.78 5.18 -62.35
CA VAL D 649 16.76 4.39 -61.69
C VAL D 649 16.98 4.38 -60.19
N ILE D 650 18.23 4.24 -59.76
CA ILE D 650 18.55 4.20 -58.34
C ILE D 650 18.37 5.57 -57.71
N PHE D 651 18.78 6.63 -58.41
CA PHE D 651 18.65 7.99 -57.89
C PHE D 651 17.19 8.35 -57.67
N LEU D 652 16.35 8.10 -58.67
CA LEU D 652 14.94 8.47 -58.57
C LEU D 652 14.19 7.61 -57.59
N ALA D 653 14.53 6.33 -57.51
CA ALA D 653 13.92 5.46 -56.51
C ALA D 653 14.26 5.91 -55.11
N SER D 654 15.51 6.31 -54.88
CA SER D 654 15.95 6.74 -53.57
C SER D 654 15.65 8.20 -53.28
N TYR D 655 15.24 8.98 -54.27
CA TYR D 655 14.72 10.31 -54.00
C TYR D 655 13.30 10.24 -53.46
N THR D 656 12.44 9.50 -54.15
CA THR D 656 11.06 9.34 -53.69
C THR D 656 10.99 8.65 -52.35
N ALA D 657 11.80 7.60 -52.15
CA ALA D 657 11.74 6.84 -50.91
C ALA D 657 12.11 7.70 -49.71
N ASN D 658 13.17 8.49 -49.82
CA ASN D 658 13.53 9.39 -48.73
C ASN D 658 12.56 10.54 -48.61
N LEU D 659 12.01 10.99 -49.74
CA LEU D 659 10.98 12.03 -49.69
C LEU D 659 9.75 11.55 -48.96
N ALA D 660 9.31 10.32 -49.24
CA ALA D 660 8.20 9.74 -48.49
C ALA D 660 8.57 9.55 -47.03
N ALA D 661 9.80 9.12 -46.76
CA ALA D 661 10.26 9.02 -45.38
C ALA D 661 10.30 10.38 -44.72
N PHE D 662 10.70 11.42 -45.44
CA PHE D 662 10.77 12.75 -44.86
C PHE D 662 9.40 13.32 -44.56
N MET D 663 8.34 12.74 -45.09
CA MET D 663 6.99 13.23 -44.89
C MET D 663 6.13 12.28 -44.08
N ILE D 664 6.50 11.01 -44.01
CA ILE D 664 5.82 10.09 -43.10
C ILE D 664 6.14 10.45 -41.66
N GLN D 665 7.42 10.68 -41.36
CA GLN D 665 7.83 11.09 -40.02
C GLN D 665 8.14 12.58 -40.01
N GLU D 666 7.09 13.39 -40.05
CA GLU D 666 7.18 14.83 -39.91
C GLU D 666 6.54 15.22 -38.58
N GLU D 667 6.80 16.46 -38.17
CA GLU D 667 6.29 16.96 -36.90
C GLU D 667 5.44 18.21 -37.13
N TYR D 668 4.49 18.41 -36.22
CA TYR D 668 3.54 19.50 -36.33
C TYR D 668 4.22 20.84 -36.03
N VAL D 669 3.91 21.84 -36.86
CA VAL D 669 4.42 23.20 -36.69
C VAL D 669 3.24 24.08 -36.31
N ASP D 670 3.40 24.87 -35.25
CA ASP D 670 2.30 25.59 -34.63
C ASP D 670 1.92 26.80 -35.48
N GLN D 671 1.11 27.69 -34.91
CA GLN D 671 0.62 28.85 -35.63
C GLN D 671 0.89 30.14 -34.88
N VAL D 672 1.01 30.08 -33.56
CA VAL D 672 1.18 31.27 -32.73
C VAL D 672 2.40 31.09 -31.84
N SER D 673 3.25 32.12 -31.80
CA SER D 673 4.43 32.07 -30.95
C SER D 673 4.08 32.27 -29.47
N GLY D 674 3.18 33.19 -29.17
CA GLY D 674 2.80 33.44 -27.79
C GLY D 674 2.05 34.76 -27.68
N LEU D 675 2.02 35.27 -26.45
CA LEU D 675 1.36 36.55 -26.19
C LEU D 675 2.13 37.72 -26.78
N SER D 676 3.38 37.52 -27.15
CA SER D 676 4.19 38.56 -27.78
C SER D 676 4.06 38.60 -29.28
N ASP D 677 3.23 37.73 -29.86
CA ASP D 677 3.06 37.69 -31.30
C ASP D 677 2.34 38.95 -31.78
N LYS D 678 2.65 39.34 -33.02
CA LYS D 678 1.99 40.50 -33.60
C LYS D 678 0.50 40.28 -33.81
N LYS D 679 0.06 39.03 -33.86
CA LYS D 679 -1.37 38.75 -33.97
C LYS D 679 -2.12 39.27 -32.76
N PHE D 680 -1.51 39.18 -31.58
CA PHE D 680 -2.18 39.61 -30.36
C PHE D 680 -2.03 41.10 -30.14
N GLN D 681 -0.80 41.61 -30.15
CA GLN D 681 -0.56 43.01 -29.84
C GLN D 681 -1.20 43.91 -30.89
N ARG D 682 -1.07 43.55 -32.17
CA ARG D 682 -1.57 44.36 -33.28
C ARG D 682 -2.45 43.47 -34.15
N PRO D 683 -3.69 43.21 -33.71
CA PRO D 683 -4.55 42.27 -34.46
C PRO D 683 -5.22 42.91 -35.65
N ASN D 684 -5.48 44.21 -35.59
CA ASN D 684 -6.21 44.88 -36.65
C ASN D 684 -5.41 44.90 -37.95
N ASP D 685 -4.15 45.33 -37.89
CA ASP D 685 -3.32 45.47 -39.07
C ASP D 685 -2.76 44.10 -39.46
N PHE D 686 -3.68 43.22 -39.84
CA PHE D 686 -3.35 41.84 -40.19
C PHE D 686 -4.47 41.30 -41.07
N SER D 687 -4.55 39.98 -41.18
CA SER D 687 -5.63 39.26 -41.84
C SER D 687 -6.94 39.54 -41.10
N PRO D 688 -8.08 39.02 -41.57
CA PRO D 688 -9.32 39.12 -40.78
C PRO D 688 -9.05 38.95 -39.29
N PRO D 689 -9.52 39.88 -38.46
CA PRO D 689 -8.93 40.07 -37.14
C PRO D 689 -8.95 38.81 -36.29
N PHE D 690 -7.85 38.60 -35.56
CA PHE D 690 -7.78 37.50 -34.62
C PHE D 690 -8.86 37.64 -33.56
N ARG D 691 -9.48 36.53 -33.19
CA ARG D 691 -10.58 36.53 -32.23
C ARG D 691 -10.13 35.76 -31.00
N PHE D 692 -9.48 36.44 -30.07
CA PHE D 692 -9.04 35.84 -28.83
C PHE D 692 -9.72 36.52 -27.65
N GLY D 693 -10.05 35.74 -26.64
CA GLY D 693 -10.72 36.27 -25.47
C GLY D 693 -10.48 35.37 -24.29
N THR D 694 -10.91 35.84 -23.12
CA THR D 694 -10.67 35.13 -21.88
C THR D 694 -11.87 35.32 -20.96
N VAL D 695 -12.03 34.39 -20.02
CA VAL D 695 -13.06 34.48 -19.00
C VAL D 695 -12.68 35.60 -18.05
N PRO D 696 -13.51 36.63 -17.88
CA PRO D 696 -13.11 37.77 -17.05
C PRO D 696 -13.16 37.48 -15.56
N ASN D 697 -12.93 38.52 -14.76
CA ASN D 697 -13.01 38.43 -13.30
C ASN D 697 -12.04 37.41 -12.72
N GLY D 698 -10.88 37.25 -13.35
CA GLY D 698 -9.90 36.28 -12.89
C GLY D 698 -8.50 36.84 -12.84
N SER D 699 -7.51 35.98 -12.60
CA SER D 699 -6.13 36.43 -12.59
C SER D 699 -5.57 36.66 -13.98
N THR D 700 -5.98 35.84 -14.96
CA THR D 700 -5.49 36.03 -16.32
C THR D 700 -5.93 37.37 -16.88
N GLU D 701 -7.18 37.77 -16.63
CA GLU D 701 -7.63 39.07 -17.09
C GLU D 701 -6.93 40.20 -16.36
N ARG D 702 -6.53 39.98 -15.11
CA ARG D 702 -5.77 41.00 -14.39
C ARG D 702 -4.40 41.20 -15.00
N ASN D 703 -3.72 40.12 -15.37
CA ASN D 703 -2.39 40.25 -15.97
C ASN D 703 -2.45 40.97 -17.30
N ILE D 704 -3.43 40.64 -18.13
CA ILE D 704 -3.56 41.30 -19.42
C ILE D 704 -3.94 42.77 -19.22
N ARG D 705 -4.73 43.07 -18.19
CA ARG D 705 -5.09 44.46 -17.93
C ARG D 705 -3.87 45.31 -17.61
N ASN D 706 -2.94 44.78 -16.81
CA ASN D 706 -1.76 45.54 -16.42
C ASN D 706 -0.72 45.61 -17.53
N ASN D 707 -0.24 44.45 -17.97
CA ASN D 707 0.88 44.41 -18.90
C ASN D 707 0.45 44.81 -20.30
N TYR D 708 -0.45 44.05 -20.91
CA TYR D 708 -0.88 44.28 -22.28
C TYR D 708 -2.16 45.10 -22.29
N ALA D 709 -2.01 46.39 -21.98
CA ALA D 709 -3.16 47.26 -21.83
C ALA D 709 -3.92 47.40 -23.15
N GLU D 710 -3.20 47.50 -24.26
CA GLU D 710 -3.87 47.64 -25.56
C GLU D 710 -4.52 46.33 -26.00
N MET D 711 -3.97 45.19 -25.56
CA MET D 711 -4.58 43.90 -25.87
C MET D 711 -5.89 43.73 -25.13
N HIS D 712 -5.95 44.18 -23.88
CA HIS D 712 -7.11 43.91 -23.04
C HIS D 712 -8.37 44.51 -23.60
N ALA D 713 -8.30 45.74 -24.12
CA ALA D 713 -9.47 46.38 -24.68
C ALA D 713 -9.98 45.65 -25.92
N TYR D 714 -9.08 44.96 -26.63
CA TYR D 714 -9.50 44.24 -27.83
C TYR D 714 -10.26 42.96 -27.51
N MET D 715 -9.97 42.32 -26.38
CA MET D 715 -10.65 41.08 -26.03
C MET D 715 -11.98 41.30 -25.35
N GLY D 716 -12.39 42.56 -25.13
CA GLY D 716 -13.68 42.81 -24.51
C GLY D 716 -14.84 42.31 -25.34
N LYS D 717 -14.73 42.38 -26.67
CA LYS D 717 -15.80 41.92 -27.54
C LYS D 717 -15.87 40.41 -27.67
N PHE D 718 -14.84 39.69 -27.23
CA PHE D 718 -14.79 38.24 -27.33
C PHE D 718 -14.76 37.59 -25.95
N ASN D 719 -15.30 38.27 -24.95
CA ASN D 719 -15.32 37.70 -23.60
C ASN D 719 -16.26 36.51 -23.54
N GLN D 720 -15.81 35.45 -22.85
CA GLN D 720 -16.60 34.25 -22.69
C GLN D 720 -17.20 34.20 -21.29
N ARG D 721 -17.88 33.10 -21.00
CA ARG D 721 -18.51 32.89 -19.71
C ARG D 721 -17.92 31.74 -18.92
N GLY D 722 -17.19 30.85 -19.57
CA GLY D 722 -16.54 29.74 -18.88
C GLY D 722 -15.64 29.00 -19.83
N VAL D 723 -14.91 28.04 -19.27
CA VAL D 723 -14.04 27.21 -20.10
C VAL D 723 -14.86 26.38 -21.07
N ASP D 724 -15.97 25.81 -20.58
CA ASP D 724 -16.79 24.95 -21.42
C ASP D 724 -17.38 25.69 -22.61
N ASP D 725 -17.89 26.90 -22.38
CA ASP D 725 -18.40 27.71 -23.48
C ASP D 725 -17.27 28.15 -24.40
N ALA D 726 -16.11 28.50 -23.84
CA ALA D 726 -15.01 28.99 -24.66
C ALA D 726 -14.41 27.89 -25.53
N LEU D 727 -14.39 26.65 -25.04
CA LEU D 727 -13.93 25.54 -25.88
C LEU D 727 -14.87 25.30 -27.05
N LEU D 728 -16.18 25.50 -26.84
CA LEU D 728 -17.14 25.32 -27.93
C LEU D 728 -16.88 26.32 -29.06
N SER D 729 -16.66 27.58 -28.71
CA SER D 729 -16.45 28.59 -29.74
C SER D 729 -15.17 28.33 -30.53
N LEU D 730 -14.18 27.70 -29.91
CA LEU D 730 -12.97 27.33 -30.64
C LEU D 730 -13.26 26.25 -31.67
N LYS D 731 -14.13 25.30 -31.33
CA LYS D 731 -14.43 24.20 -32.26
C LYS D 731 -15.29 24.69 -33.42
N THR D 732 -16.33 25.48 -33.13
CA THR D 732 -17.18 25.97 -34.20
C THR D 732 -16.44 26.95 -35.11
N GLY D 733 -15.66 27.85 -34.53
CA GLY D 733 -14.91 28.81 -35.30
C GLY D 733 -15.15 30.25 -34.89
N LYS D 734 -15.94 30.45 -33.84
CA LYS D 734 -16.19 31.80 -33.36
C LYS D 734 -14.94 32.42 -32.75
N LEU D 735 -14.03 31.59 -32.25
CA LEU D 735 -12.76 32.02 -31.70
C LEU D 735 -11.64 31.24 -32.38
N ASP D 736 -10.41 31.70 -32.18
CA ASP D 736 -9.25 30.97 -32.66
C ASP D 736 -8.10 30.98 -31.65
N ALA D 737 -8.29 31.54 -30.46
CA ALA D 737 -7.28 31.49 -29.41
C ALA D 737 -7.96 31.80 -28.09
N PHE D 738 -7.84 30.88 -27.13
CA PHE D 738 -8.40 31.07 -25.80
C PHE D 738 -7.24 31.23 -24.81
N ILE D 739 -7.23 32.33 -24.09
CA ILE D 739 -6.18 32.65 -23.13
C ILE D 739 -6.71 32.33 -21.73
N TYR D 740 -6.02 31.46 -21.01
CA TYR D 740 -6.51 31.01 -19.71
C TYR D 740 -5.37 30.36 -18.94
N ASP D 741 -5.71 29.77 -17.80
CA ASP D 741 -4.73 29.10 -16.96
C ASP D 741 -4.18 27.87 -17.67
N ALA D 742 -2.90 27.60 -17.43
CA ALA D 742 -2.27 26.44 -18.06
C ALA D 742 -2.84 25.14 -17.55
N ALA D 743 -3.06 25.03 -16.24
CA ALA D 743 -3.49 23.76 -15.66
C ALA D 743 -4.85 23.34 -16.16
N VAL D 744 -5.78 24.29 -16.27
CA VAL D 744 -7.10 23.99 -16.81
C VAL D 744 -6.99 23.67 -18.30
N LEU D 745 -6.26 24.49 -19.05
CA LEU D 745 -6.18 24.30 -20.49
C LEU D 745 -5.46 23.01 -20.85
N ASN D 746 -4.42 22.66 -20.10
CA ASN D 746 -3.72 21.41 -20.35
C ASN D 746 -4.63 20.21 -20.16
N TYR D 747 -5.47 20.25 -19.11
CA TYR D 747 -6.40 19.17 -18.87
C TYR D 747 -7.44 19.07 -19.97
N MET D 748 -7.97 20.20 -20.42
CA MET D 748 -8.96 20.19 -21.49
C MET D 748 -8.38 19.68 -22.79
N ALA D 749 -7.14 20.04 -23.10
CA ALA D 749 -6.49 19.55 -24.32
C ALA D 749 -6.33 18.03 -24.27
N GLY D 750 -5.92 17.49 -23.13
CA GLY D 750 -5.73 16.06 -23.03
C GLY D 750 -7.03 15.29 -23.13
N ARG D 751 -8.11 15.84 -22.56
CA ARG D 751 -9.41 15.18 -22.56
C ARG D 751 -10.19 15.41 -23.84
N ASP D 752 -9.74 16.30 -24.71
CA ASP D 752 -10.50 16.68 -25.89
C ASP D 752 -10.64 15.51 -26.86
N GLU D 753 -11.80 15.44 -27.52
CA GLU D 753 -12.05 14.40 -28.49
C GLU D 753 -11.44 14.78 -29.83
N GLY D 754 -10.58 13.89 -30.36
CA GLY D 754 -9.90 14.15 -31.61
C GLY D 754 -8.56 14.83 -31.48
N CYS D 755 -8.21 15.31 -30.28
CA CYS D 755 -6.96 16.02 -30.06
C CYS D 755 -6.81 17.21 -31.00
N LYS D 756 -7.92 17.93 -31.21
CA LYS D 756 -7.94 19.06 -32.12
C LYS D 756 -7.85 20.41 -31.41
N LEU D 757 -7.72 20.41 -30.08
CA LEU D 757 -7.43 21.62 -29.32
C LEU D 757 -6.05 21.45 -28.73
N VAL D 758 -5.16 22.39 -29.03
CA VAL D 758 -3.78 22.33 -28.56
C VAL D 758 -3.42 23.65 -27.90
N THR D 759 -2.42 23.60 -27.03
CA THR D 759 -1.91 24.77 -26.35
C THR D 759 -0.57 25.15 -26.97
N ILE D 760 -0.43 26.41 -27.36
CA ILE D 760 0.76 26.83 -28.10
C ILE D 760 2.00 26.64 -27.24
N GLY D 761 3.12 26.39 -27.90
CA GLY D 761 4.37 26.15 -27.22
C GLY D 761 4.52 24.75 -26.64
N SER D 762 3.57 23.86 -26.90
CA SER D 762 3.56 22.52 -26.33
C SER D 762 3.65 22.58 -24.80
N GLY D 763 2.91 23.52 -24.23
CA GLY D 763 2.91 23.72 -22.79
C GLY D 763 3.59 24.98 -22.30
N LYS D 764 3.90 25.92 -23.19
CA LYS D 764 4.52 27.17 -22.76
C LYS D 764 3.57 27.95 -21.87
N VAL D 765 4.12 28.51 -20.79
CA VAL D 765 3.34 29.17 -19.74
C VAL D 765 3.91 30.55 -19.53
N PHE D 766 3.03 31.55 -19.52
CA PHE D 766 3.40 32.93 -19.23
C PHE D 766 2.91 33.31 -17.85
N ALA D 767 3.68 34.15 -17.17
CA ALA D 767 3.41 34.57 -15.80
C ALA D 767 3.26 33.35 -14.89
N SER D 768 4.34 32.58 -14.81
CA SER D 768 4.31 31.27 -14.18
C SER D 768 4.11 31.41 -12.68
N THR D 769 2.93 31.04 -12.21
CA THR D 769 2.63 30.95 -10.79
C THR D 769 2.06 29.58 -10.50
N GLY D 770 1.49 29.38 -9.31
CA GLY D 770 0.96 28.10 -8.93
C GLY D 770 -0.40 28.22 -8.31
N TYR D 771 -0.92 27.07 -7.84
CA TYR D 771 -2.17 27.02 -7.11
C TYR D 771 -1.85 26.87 -5.62
N GLY D 772 -2.35 27.79 -4.81
CA GLY D 772 -2.09 27.78 -3.39
C GLY D 772 -3.35 27.63 -2.56
N ILE D 773 -3.16 27.57 -1.26
CA ILE D 773 -4.25 27.53 -0.29
C ILE D 773 -4.25 28.86 0.43
N ALA D 774 -5.30 29.66 0.21
CA ALA D 774 -5.35 31.01 0.74
C ALA D 774 -5.72 30.95 2.22
N ILE D 775 -4.70 30.67 3.04
CA ILE D 775 -4.92 30.66 4.48
C ILE D 775 -5.07 32.09 4.99
N GLN D 776 -5.69 32.20 6.16
CA GLN D 776 -5.98 33.51 6.72
C GLN D 776 -4.70 34.28 7.00
N LYS D 777 -4.74 35.59 6.78
CA LYS D 777 -3.55 36.41 6.92
C LYS D 777 -3.04 36.39 8.35
N ASP D 778 -1.73 36.19 8.50
CA ASP D 778 -1.06 36.14 9.81
C ASP D 778 -1.70 35.09 10.72
N SER D 779 -1.65 33.85 10.28
CA SER D 779 -2.19 32.72 11.01
C SER D 779 -1.11 31.67 11.20
N GLY D 780 -1.27 30.87 12.25
CA GLY D 780 -0.28 29.87 12.56
C GLY D 780 -0.34 28.60 11.75
N TRP D 781 -1.34 28.47 10.87
CA TRP D 781 -1.49 27.27 10.06
C TRP D 781 -0.65 27.30 8.78
N LYS D 782 -0.13 28.47 8.40
CA LYS D 782 0.56 28.58 7.13
C LYS D 782 1.80 27.69 7.08
N ARG D 783 2.57 27.68 8.17
CA ARG D 783 3.79 26.86 8.21
C ARG D 783 3.45 25.37 8.15
N GLN D 784 2.41 24.94 8.85
CA GLN D 784 2.09 23.52 8.88
C GLN D 784 1.52 23.04 7.55
N VAL D 785 0.71 23.87 6.88
CA VAL D 785 0.19 23.51 5.57
C VAL D 785 1.32 23.47 4.55
N ASP D 786 2.24 24.43 4.62
CA ASP D 786 3.39 24.43 3.73
C ASP D 786 4.22 23.17 3.91
N LEU D 787 4.48 22.80 5.16
CA LEU D 787 5.26 21.59 5.43
C LEU D 787 4.51 20.35 4.96
N ALA D 788 3.20 20.31 5.18
CA ALA D 788 2.41 19.15 4.77
C ALA D 788 2.41 18.98 3.26
N ILE D 789 2.26 20.07 2.52
CA ILE D 789 2.26 19.99 1.06
C ILE D 789 3.60 19.47 0.55
N LEU D 790 4.70 20.03 1.09
CA LEU D 790 6.03 19.62 0.64
C LEU D 790 6.33 18.18 0.99
N GLN D 791 5.62 17.61 1.95
CA GLN D 791 5.76 16.19 2.22
C GLN D 791 5.16 15.34 1.11
N LEU D 792 4.09 15.82 0.49
CA LEU D 792 3.45 15.06 -0.59
C LEU D 792 4.38 14.95 -1.79
N PHE D 793 5.11 16.02 -2.12
CA PHE D 793 6.06 15.96 -3.22
C PHE D 793 7.14 14.92 -2.96
N GLY D 794 7.69 14.90 -1.74
CA GLY D 794 8.74 13.96 -1.43
C GLY D 794 8.27 12.51 -1.43
N ASP D 795 7.06 12.28 -0.93
CA ASP D 795 6.50 10.93 -0.88
C ASP D 795 5.97 10.46 -2.24
N GLY D 796 5.90 11.34 -3.22
CA GLY D 796 5.37 10.97 -4.52
C GLY D 796 3.86 10.99 -4.60
N GLU D 797 3.17 11.42 -3.54
CA GLU D 797 1.72 11.44 -3.58
C GLU D 797 1.21 12.39 -4.66
N MET D 798 1.88 13.52 -4.85
CA MET D 798 1.46 14.48 -5.86
C MET D 798 1.74 13.99 -7.27
N GLU D 799 2.65 13.03 -7.44
CA GLU D 799 2.87 12.44 -8.75
C GLU D 799 1.77 11.45 -9.12
N GLU D 800 1.13 10.84 -8.13
CA GLU D 800 0.02 9.94 -8.39
C GLU D 800 -1.27 10.69 -8.72
N LEU D 801 -1.49 11.84 -8.10
CA LEU D 801 -2.70 12.60 -8.36
C LEU D 801 -2.74 13.15 -9.78
N GLU D 802 -1.59 13.51 -10.34
CA GLU D 802 -1.56 14.00 -11.71
C GLU D 802 -2.03 12.95 -12.70
N ALA D 803 -1.61 11.69 -12.50
CA ALA D 803 -2.06 10.62 -13.37
C ALA D 803 -3.51 10.24 -13.11
N LEU D 804 -3.95 10.32 -11.85
CA LEU D 804 -5.31 9.94 -11.51
C LEU D 804 -6.32 10.99 -11.96
N TRP D 805 -5.99 12.27 -11.81
CA TRP D 805 -6.95 13.34 -12.01
C TRP D 805 -6.69 14.24 -13.21
N LEU D 806 -5.43 14.46 -13.58
CA LEU D 806 -5.11 15.48 -14.57
C LEU D 806 -4.68 14.95 -15.93
N THR D 807 -4.32 13.68 -16.05
CA THR D 807 -3.86 13.19 -17.34
C THR D 807 -5.02 13.06 -18.31
N GLY D 808 -4.68 12.89 -19.58
CA GLY D 808 -5.67 12.75 -20.63
C GLY D 808 -5.20 11.77 -21.69
N ILE D 809 -6.07 11.57 -22.68
CA ILE D 809 -5.76 10.62 -23.75
C ILE D 809 -4.96 11.26 -24.89
N CYS D 810 -4.98 12.58 -25.00
CA CYS D 810 -4.25 13.27 -26.07
C CYS D 810 -2.82 13.60 -25.69
N HIS D 811 -2.37 13.18 -24.51
CA HIS D 811 -0.99 13.38 -24.08
C HIS D 811 -0.06 12.28 -24.57
N ASN D 812 -0.58 11.29 -25.28
CA ASN D 812 0.25 10.22 -25.81
C ASN D 812 1.11 10.71 -26.96
N GLU D 813 2.15 9.94 -27.28
CA GLU D 813 3.06 10.28 -28.35
C GLU D 813 2.46 9.87 -29.70
N LYS D 814 3.21 10.16 -30.76
CA LYS D 814 2.83 9.87 -32.15
C LYS D 814 1.57 10.61 -32.58
N ASN D 815 1.06 11.52 -31.75
CA ASN D 815 -0.12 12.29 -32.08
C ASN D 815 0.19 13.58 -32.83
N GLU D 816 1.47 13.88 -33.07
CA GLU D 816 1.88 15.06 -33.80
C GLU D 816 2.26 14.76 -35.23
N VAL D 817 2.05 13.52 -35.69
CA VAL D 817 2.39 13.11 -37.05
C VAL D 817 1.09 12.75 -37.75
N MET D 818 0.68 13.57 -38.71
CA MET D 818 -0.56 13.37 -39.45
C MET D 818 -0.31 13.56 -40.94
N SER D 819 -1.37 13.42 -41.73
CA SER D 819 -1.29 13.66 -43.16
C SER D 819 -1.41 15.15 -43.45
N SER D 820 -1.18 15.52 -44.70
CA SER D 820 -1.17 16.92 -45.09
C SER D 820 -1.30 17.00 -46.61
N GLN D 821 -2.37 17.64 -47.08
CA GLN D 821 -2.43 17.99 -48.50
C GLN D 821 -1.31 18.96 -48.82
N LEU D 822 -0.63 18.71 -49.93
CA LEU D 822 0.41 19.64 -50.36
C LEU D 822 -0.24 20.88 -50.96
N ASP D 823 0.11 22.03 -50.45
CA ASP D 823 -0.42 23.31 -50.86
C ASP D 823 0.62 24.04 -51.69
N ILE D 824 0.25 25.23 -52.16
CA ILE D 824 1.19 26.03 -52.92
C ILE D 824 2.36 26.45 -52.04
N ASP D 825 2.08 26.75 -50.77
CA ASP D 825 3.10 27.21 -49.85
C ASP D 825 4.16 26.15 -49.60
N ASN D 826 3.73 24.90 -49.38
CA ASN D 826 4.68 23.81 -49.19
C ASN D 826 5.51 23.59 -50.45
N MET D 827 4.94 23.82 -51.62
CA MET D 827 5.60 23.57 -52.89
C MET D 827 6.01 24.84 -53.60
N ALA D 828 6.02 25.97 -52.91
CA ALA D 828 6.49 27.20 -53.53
C ALA D 828 7.97 27.17 -53.83
N GLY D 829 8.73 26.26 -53.20
CA GLY D 829 10.13 26.13 -53.51
C GLY D 829 10.38 25.52 -54.88
N VAL D 830 9.54 24.57 -55.29
CA VAL D 830 9.69 23.95 -56.60
C VAL D 830 9.19 24.85 -57.72
N PHE D 831 8.46 25.92 -57.39
CA PHE D 831 8.06 26.91 -58.37
C PHE D 831 9.08 28.03 -58.52
N TYR D 832 9.87 28.29 -57.48
CA TYR D 832 10.91 29.30 -57.58
C TYR D 832 12.04 28.84 -58.49
N MET D 833 12.40 27.55 -58.44
CA MET D 833 13.39 27.03 -59.37
C MET D 833 12.87 27.08 -60.79
N LEU D 834 11.58 26.79 -61.00
CA LEU D 834 10.97 26.99 -62.30
C LEU D 834 10.87 28.48 -62.63
N GLY D 835 10.55 29.30 -61.63
CA GLY D 835 10.54 30.74 -61.83
C GLY D 835 11.90 31.35 -62.01
N ALA D 836 12.95 30.68 -61.54
CA ALA D 836 14.31 31.13 -61.81
C ALA D 836 14.82 30.59 -63.13
N ALA D 837 14.30 29.46 -63.59
CA ALA D 837 14.62 28.97 -64.92
C ALA D 837 14.15 29.94 -66.00
N MET D 838 12.95 30.50 -65.83
CA MET D 838 12.48 31.52 -66.74
C MET D 838 13.39 32.75 -66.71
N ALA D 839 13.88 33.11 -65.52
CA ALA D 839 14.81 34.22 -65.42
C ALA D 839 16.14 33.88 -66.07
N LEU D 840 16.71 32.72 -65.74
CA LEU D 840 18.01 32.35 -66.30
C LEU D 840 17.94 32.19 -67.80
N SER D 841 16.86 31.60 -68.31
CA SER D 841 16.69 31.45 -69.75
C SER D 841 16.67 32.81 -70.43
N LEU D 842 16.01 33.80 -69.82
CA LEU D 842 15.98 35.15 -70.38
C LEU D 842 17.31 35.87 -70.23
N ILE D 843 18.13 35.49 -69.24
CA ILE D 843 19.49 36.02 -69.18
C ILE D 843 20.30 35.50 -70.36
N THR D 844 20.24 34.18 -70.59
CA THR D 844 20.94 33.60 -71.72
C THR D 844 20.36 34.10 -73.04
N PHE D 845 19.04 34.24 -73.11
CA PHE D 845 18.40 34.68 -74.35
C PHE D 845 18.85 36.08 -74.72
N ILE D 846 18.96 36.99 -73.75
CA ILE D 846 19.53 38.30 -74.01
C ILE D 846 21.02 38.18 -74.29
N SER D 847 21.70 37.29 -73.57
CA SER D 847 23.14 37.17 -73.74
C SER D 847 23.51 36.69 -75.13
N GLU D 848 22.72 35.77 -75.69
CA GLU D 848 22.99 35.30 -77.05
C GLU D 848 22.89 36.44 -78.05
N HIS D 849 21.88 37.29 -77.91
CA HIS D 849 21.77 38.46 -78.78
C HIS D 849 22.97 39.39 -78.63
N LEU D 850 23.57 39.40 -77.44
CA LEU D 850 24.79 40.17 -77.22
C LEU D 850 26.01 39.47 -77.78
N PHE D 851 25.87 38.25 -78.29
CA PHE D 851 26.95 37.59 -79.01
C PHE D 851 26.82 37.76 -80.53
N TYR D 852 25.60 37.96 -81.03
CA TYR D 852 25.42 38.32 -82.43
C TYR D 852 25.73 39.79 -82.68
N TRP D 853 25.43 40.66 -81.71
CA TRP D 853 25.72 42.09 -81.78
C TRP D 853 25.13 42.73 -83.04
N GLY E . 19.09 21.69 -7.20
CA GLY E . 19.34 20.78 -6.10
C GLY E . 19.30 21.46 -4.75
O GLY E . 19.32 20.82 -3.71
OXT GLY E . 19.27 22.68 -4.67
N POV F . 26.89 -3.35 -85.02
P POV F . 25.22 -4.38 -81.49
C1 POV F . 25.72 -6.19 -79.65
C2 POV F . 26.11 -6.07 -78.17
C3 POV F . 27.44 -6.72 -77.88
C210 POV F . 24.49 -2.24 -67.50
C310 POV F . 29.05 -2.73 -65.82
C11 POV F . 27.16 -5.11 -83.12
O11 POV F . 25.03 -5.01 -80.02
C211 POV F . 23.65 -1.52 -66.50
C311 POV F . 30.10 -1.63 -65.68
C12 POV F . 27.44 -3.72 -83.67
O12 POV F . 26.70 -5.09 -81.80
C212 POV F . 23.31 -2.41 -65.31
C312 POV F . 30.19 -1.11 -64.25
C13 POV F . 25.60 -4.03 -85.28
O13 POV F . 25.42 -2.90 -81.30
C213 POV F . 24.38 -2.38 -64.23
C313 POV F . 31.28 -1.76 -63.43
C14 POV F . 27.89 -3.79 -86.04
O14 POV F . 24.22 -4.91 -82.45
C214 POV F . 24.23 -3.54 -63.25
C314 POV F . 31.03 -1.65 -61.93
C15 POV F . 26.70 -1.88 -85.16
C215 POV F . 24.40 -3.13 -61.79
C315 POV F . 32.28 -1.78 -61.08
C216 POV F . 25.13 -4.18 -60.97
C316 POV F . 32.02 -1.47 -59.61
C217 POV F . 24.51 -4.44 -59.60
C218 POV F . 23.04 -4.78 -59.68
C21 POV F . 24.04 -6.06 -76.98
O21 POV F . 25.17 -6.69 -77.31
C22 POV F . 23.83 -6.11 -75.49
O22 POV F . 23.31 -5.53 -77.77
C23 POV F . 24.98 -5.56 -74.69
C24 POV F . 24.61 -5.35 -73.23
C25 POV F . 23.51 -4.32 -73.05
C26 POV F . 23.78 -3.38 -71.89
C27 POV F . 24.31 -4.10 -70.67
C28 POV F . 25.10 -3.17 -69.75
C29 POV F . 24.22 -2.46 -68.78
C31 POV F . 28.91 -6.84 -76.05
O31 POV F . 27.99 -6.15 -76.70
C32 POV F . 29.28 -6.18 -74.75
O32 POV F . 29.37 -7.88 -76.46
C33 POV F . 28.84 -6.97 -73.52
C34 POV F . 29.51 -6.44 -72.27
C35 POV F . 28.73 -5.33 -71.57
C36 POV F . 29.45 -4.84 -70.32
C37 POV F . 28.69 -3.77 -69.55
C38 POV F . 29.38 -3.37 -68.25
C39 POV F . 28.42 -2.81 -67.21
N POV G . 25.24 -14.88 -50.70
P POV G . 26.26 -10.03 -50.15
C1 POV G . 28.43 -9.47 -51.56
C2 POV G . 28.85 -9.19 -53.01
C3 POV G . 29.10 -7.72 -53.29
C210 POV G . 22.62 -7.15 -62.68
C310 POV G . 26.91 -5.68 -64.72
C11 POV G . 26.24 -12.50 -51.05
O11 POV G . 27.10 -9.93 -51.55
C211 POV G . 21.19 -6.80 -62.87
C311 POV G . 25.96 -6.76 -65.25
C12 POV G . 25.04 -13.40 -50.92
O12 POV G . 26.40 -11.67 -49.92
C212 POV G . 20.89 -5.36 -62.48
C312 POV G . 25.37 -6.39 -66.61
C13 POV G . 25.33 -15.62 -51.98
O13 POV G . 27.08 -9.33 -49.10
C213 POV G . 19.69 -4.78 -63.21
C313 POV G . 25.87 -7.26 -67.75
C14 POV G . 26.53 -15.06 -49.96
O14 POV G . 24.83 -9.69 -50.35
C214 POV G . 18.48 -4.62 -62.31
C314 POV G . 27.36 -7.12 -68.03
C15 POV G . 24.16 -15.47 -49.86
C215 POV G . 17.79 -3.28 -62.44
C315 POV G . 27.89 -8.18 -68.99
C216 POV G . 16.55 -3.17 -61.57
C316 POV G . 29.40 -8.29 -69.00
C217 POV G . 16.29 -1.77 -61.03
C218 POV G . 15.86 -1.78 -59.58
C21 POV G . 28.16 -10.53 -54.84
O21 POV G . 27.85 -9.61 -53.94
C22 POV G . 27.10 -10.61 -55.90
O22 POV G . 29.16 -11.20 -54.80
C23 POV G . 26.53 -9.26 -56.31
C24 POV G . 25.68 -9.37 -57.56
C25 POV G . 25.28 -8.03 -58.14
C26 POV G . 24.37 -8.14 -59.35
C27 POV G . 24.90 -9.06 -60.44
C28 POV G . 24.58 -8.55 -61.85
C29 POV G . 23.14 -8.20 -62.04
C31 POV G . 29.77 -6.84 -55.38
O31 POV G . 28.86 -7.49 -54.67
C32 POV G . 29.34 -6.69 -56.80
O32 POV G . 30.79 -6.41 -54.90
C33 POV G . 28.19 -5.72 -57.04
C34 POV G . 28.19 -5.22 -58.48
C35 POV G . 28.15 -6.34 -59.52
C36 POV G . 29.02 -6.04 -60.73
C37 POV G . 28.68 -4.73 -61.42
C38 POV G . 28.48 -4.90 -62.93
C39 POV G . 27.41 -5.91 -63.31
N POV H . 24.85 -7.50 -88.62
P POV H . 26.16 -8.87 -84.97
C1 POV H . 26.70 -9.23 -82.40
C2 POV H . 25.95 -10.52 -82.10
C3 POV H . 25.11 -10.48 -80.84
C210 POV H . 23.10 -14.39 -73.67
C310 POV H . 26.32 -13.68 -70.38
C11 POV H . 26.78 -7.20 -86.90
O11 POV H . 27.16 -9.24 -83.74
C211 POV H . 22.00 -15.40 -73.62
C311 POV H . 25.58 -13.17 -69.16
C12 POV H . 25.31 -7.06 -87.25
O12 POV H . 27.01 -7.58 -85.56
C212 POV H . 22.17 -16.39 -72.47
C312 POV H . 24.73 -14.25 -68.48
C13 POV H . 25.44 -8.81 -88.99
O13 POV H . 24.88 -8.36 -84.36
C213 POV H . 21.22 -17.58 -72.55
C313 POV H . 23.85 -13.73 -67.36
C14 POV H . 25.31 -6.47 -89.58
O14 POV H . 26.14 -9.96 -85.99
C214 POV H . 20.08 -17.50 -71.56
C314 POV H . 24.57 -12.76 -66.43
C15 POV H . 23.37 -7.59 -88.70
C215 POV H . 19.15 -18.71 -71.58
C315 POV H . 23.73 -12.35 -65.22
C216 POV H . 18.22 -18.77 -72.79
C316 POV H . 24.39 -11.25 -64.39
C217 POV H . 17.21 -19.91 -72.73
C218 POV H . 16.11 -19.79 -73.77
C21 POV H . 26.86 -12.56 -82.91
O21 POV H . 26.84 -11.63 -81.96
C22 POV H . 27.66 -13.76 -82.47
O22 POV H . 26.32 -12.44 -83.97
C23 POV H . 27.73 -13.95 -80.97
C24 POV H . 26.47 -14.57 -80.38
C25 POV H . 26.56 -14.72 -78.87
C26 POV H . 25.27 -15.13 -78.19
C27 POV H . 24.99 -14.31 -76.93
C28 POV H . 24.21 -15.07 -75.86
C29 POV H . 24.03 -14.26 -74.62
C31 POV H . 25.47 -10.74 -78.52
O31 POV H . 25.93 -10.90 -79.76
C32 POV H . 26.52 -11.12 -77.52
O32 POV H . 24.37 -10.34 -78.27
C33 POV H . 26.81 -10.08 -76.45
C34 POV H . 25.91 -10.24 -75.24
C35 POV H . 26.00 -9.09 -74.26
C36 POV H . 25.48 -9.42 -72.87
C37 POV H . 26.45 -10.25 -72.03
C38 POV H . 26.03 -11.70 -71.94
C39 POV H . 27.01 -12.59 -71.18
N GLU I . 9.91 -24.24 -12.65
CA GLU I . 9.91 -25.69 -12.67
C GLU I . 9.56 -26.23 -11.29
O GLU I . 9.37 -25.46 -10.36
CB GLU I . 11.26 -26.22 -13.11
CG GLU I . 11.81 -25.54 -14.33
CD GLU I . 11.09 -25.95 -15.58
OE1 GLU I . 10.08 -25.31 -15.92
OE2 GLU I . 11.54 -26.91 -16.24
OXT GLU I . 9.45 -27.44 -11.10
O1 A1CE1 J . -5.20 -5.69 -71.34
C4 A1CE1 J . -5.06 -7.03 -71.80
C2 A1CE1 J . -5.78 -7.16 -73.16
C1 A1CE1 J . -7.28 -7.07 -72.96
C3 A1CE1 J . -5.29 -6.11 -74.14
C10 A1CE1 J . -4.23 -7.38 -66.76
C11 A1CE1 J . -4.00 -7.26 -65.24
C12 A1CE1 J . -4.63 -8.53 -64.67
C13 A1CE1 J . -4.98 -8.59 -63.19
C14 A1CE1 J . -3.71 -8.43 -62.34
C15 A1CE1 J . -3.95 -8.78 -60.90
C16 A1CE1 J . -5.00 -9.46 -60.45
C17 A1CE1 J . -5.16 -9.74 -58.97
C18 A1CE1 J . -5.40 -11.21 -58.70
C19 A1CE1 J . -6.59 -11.70 -59.50
C20 A1CE1 J . -6.38 -11.46 -60.98
C21 A1CE1 J . -6.11 -9.99 -61.36
C22 A1CE1 J . -7.37 -9.14 -61.11
C23 A1CE1 J . -5.66 -9.92 -62.83
C24 A1CE1 J . -6.78 -10.29 -63.82
C25 A1CE1 J . -6.33 -10.22 -65.29
C26 A1CE1 J . -5.79 -8.84 -65.65
C27 A1CE1 J . -6.91 -7.78 -65.59
C5 A1CE1 J . -5.67 -7.94 -70.76
C6 A1CE1 J . -4.97 -7.97 -69.41
C7 A1CE1 J . -5.76 -8.74 -68.33
C8 A1CE1 J . -6.04 -10.17 -68.81
C9 A1CE1 J . -5.00 -8.71 -66.98
O2 A1CE1 J . -5.61 -11.44 -57.29
N POV K . -6.54 -4.51 -87.69
P POV K . -1.91 -6.41 -88.29
C1 POV K . -1.99 -6.31 -85.65
C2 POV K . -2.48 -7.15 -84.46
C3 POV K . -3.89 -6.81 -84.03
C210 POV K . -0.56 -7.64 -72.95
C310 POV K . -3.10 -11.51 -72.36
C11 POV K . -4.44 -5.76 -88.57
O11 POV K . -2.40 -6.95 -86.83
C211 POV K . -0.36 -8.63 -71.86
C311 POV K . -2.64 -11.22 -70.94
C12 POV K . -5.45 -4.63 -88.72
O12 POV K . -3.11 -5.29 -88.52
C212 POV K . 0.60 -8.10 -70.81
C312 POV K . -1.80 -12.33 -70.34
C13 POV K . -6.91 -3.08 -87.46
O13 POV K . -2.15 -7.53 -89.26
C213 POV K . 0.25 -8.47 -69.38
C313 POV K . -1.19 -11.97 -68.99
C14 POV K . -7.73 -5.22 -88.23
O14 POV K . -0.59 -5.72 -88.20
C214 POV K . 1.22 -7.85 -68.38
C314 POV K . -0.39 -13.09 -68.37
C15 POV K . -6.18 -5.14 -86.40
C215 POV K . 0.79 -7.96 -66.93
C315 POV K . 0.30 -12.68 -67.07
C216 POV K . 1.93 -7.75 -65.95
C316 POV K . 1.19 -13.78 -66.52
C217 POV K . 1.47 -7.67 -64.50
C218 POV K . 0.56 -6.49 -64.22
C21 POV K . -0.97 -8.04 -82.86
O21 POV K . -1.65 -6.99 -83.31
C22 POV K . 0.06 -7.65 -81.83
O22 POV K . -1.18 -9.17 -83.24
C23 POV K . -0.49 -7.34 -80.45
C24 POV K . 0.09 -8.29 -79.41
C25 POV K . -0.14 -7.84 -77.97
C26 POV K . 0.61 -6.56 -77.62
C27 POV K . 1.00 -6.46 -76.16
C28 POV K . -0.19 -6.54 -75.21
C29 POV K . 0.06 -7.56 -74.13
C31 POV K . -5.53 -7.76 -82.64
O31 POV K . -4.24 -7.65 -82.94
C32 POV K . -5.71 -8.30 -81.25
O32 POV K . -6.42 -7.46 -83.38
C33 POV K . -4.67 -7.85 -80.25
C34 POV K . -4.84 -8.64 -78.96
C35 POV K . -3.68 -8.52 -77.99
C36 POV K . -3.63 -9.72 -77.04
C37 POV K . -3.41 -9.36 -75.59
C38 POV K . -3.52 -10.57 -74.67
C39 POV K . -3.35 -10.26 -73.19
N POV L . -1.86 19.04 -87.36
P POV L . -2.59 20.59 -83.66
C1 POV L . -3.77 22.26 -81.98
C2 POV L . -4.29 21.66 -80.67
C3 POV L . -5.58 22.25 -80.18
C210 POV L . -4.51 15.92 -70.55
C310 POV L . -9.73 15.71 -69.85
C11 POV L . -1.63 21.25 -86.03
O11 POV L . -2.59 21.60 -82.37
C211 POV L . -4.22 15.90 -69.09
C311 POV L . -11.11 15.12 -70.14
C12 POV L . -2.52 20.24 -86.72
O12 POV L . -2.15 21.70 -84.79
C212 POV L . -5.25 15.05 -68.34
C312 POV L . -11.81 14.59 -68.89
C13 POV L . -0.74 18.52 -86.52
O13 POV L . -4.02 20.21 -83.90
C213 POV L . -6.22 15.88 -67.54
C313 POV L . -12.96 15.47 -68.43
C14 POV L . -1.31 19.49 -88.66
O14 POV L . -1.52 19.55 -83.52
C214 POV L . -5.61 16.42 -66.25
C314 POV L . -13.95 14.73 -67.53
C15 POV L . -2.83 17.94 -87.61
C215 POV L . -6.58 16.36 -65.07
C315 POV L . -13.58 14.71 -66.06
C216 POV L . -5.97 16.89 -63.79
C316 POV L . -14.53 13.87 -65.22
C217 POV L . -6.99 17.45 -62.80
C218 POV L . -6.31 18.30 -61.73
C21 POV L . -2.43 20.91 -79.41
O21 POV L . -3.35 21.84 -79.60
C22 POV L . -1.65 21.14 -78.15
O22 POV L . -2.26 19.99 -80.17
C23 POV L . -2.53 21.31 -76.92
C24 POV L . -3.29 20.04 -76.58
C25 POV L . -2.66 19.24 -75.45
C26 POV L . -3.67 18.74 -74.45
C27 POV L . -3.20 17.53 -73.67
C28 POV L . -4.31 16.82 -72.91
C29 POV L . -4.04 16.78 -71.45
C31 POV L . -7.30 21.62 -78.65
O31 POV L . -6.18 21.31 -79.29
C32 POV L . -7.62 20.59 -77.61
O32 POV L . -7.94 22.61 -78.88
C33 POV L . -7.53 21.08 -76.17
C34 POV L . -7.39 19.92 -75.20
C35 POV L . -8.72 19.31 -74.75
C36 POV L . -8.59 18.50 -73.47
C37 POV L . -9.61 17.38 -73.35
C38 POV L . -10.05 17.13 -71.91
C39 POV L . -9.07 16.32 -71.08
N GLY M . -17.24 -15.39 -15.43
CA GLY M . -17.91 -14.78 -14.29
C GLY M . -18.18 -15.76 -13.18
O GLY M . -18.62 -15.39 -12.10
OXT GLY M . -17.97 -16.96 -13.33
N POV N . -12.89 29.28 -52.74
P POV N . -10.44 25.00 -53.42
C1 POV N . -12.06 22.93 -53.71
C2 POV N . -12.61 21.99 -54.78
C3 POV N . -12.42 20.53 -54.47
C210 POV N . -5.18 20.22 -64.56
C310 POV N . -10.14 18.30 -66.78
C11 POV N . -11.27 27.28 -52.43
O11 POV N . -11.32 23.97 -54.31
C211 POV N . -3.76 19.98 -64.96
C311 POV N . -8.76 18.92 -66.60
C12 POV N . -12.45 28.07 -51.95
O12 POV N . -11.64 26.08 -53.08
C212 POV N . -3.01 19.13 -63.94
C312 POV N . -8.17 19.44 -67.90
C13 POV N . -14.21 29.77 -52.30
O13 POV N . -9.46 25.66 -54.34
C213 POV N . -2.09 18.11 -64.56
C313 POV N . -6.81 20.10 -67.74
C14 POV N . -11.86 30.34 -52.50
O14 POV N . -9.99 24.36 -52.14
C214 POV N . -0.93 17.77 -63.64
C314 POV N . -6.31 20.77 -69.01
C15 POV N . -12.92 29.00 -54.21
C215 POV N . -0.39 16.35 -63.79
C315 POV N . -6.28 19.81 -70.19
C216 POV N . 0.73 16.08 -62.79
C316 POV N . -6.22 20.52 -71.54
C217 POV N . 0.88 14.61 -62.42
C218 POV N . 1.01 14.40 -60.92
C21 POV N . -12.74 22.57 -57.09
O21 POV N . -11.99 22.22 -56.05
C22 POV N . -11.88 22.88 -58.30
O22 POV N . -13.94 22.60 -57.06
C23 POV N . -10.85 21.83 -58.65
C24 POV N . -10.13 22.20 -59.93
C25 POV N . -8.93 21.30 -60.25
C26 POV N . -8.69 21.17 -61.74
C27 POV N . -7.37 21.75 -62.22
C28 POV N . -7.16 21.55 -63.72
C29 POV N . -5.73 21.34 -64.09
C31 POV N . -12.99 18.89 -56.09
O31 POV N . -13.39 19.79 -55.20
C32 POV N . -13.55 19.21 -57.44
O32 POV N . -12.28 17.95 -55.82
C33 POV N . -13.14 18.26 -58.55
C34 POV N . -13.00 18.98 -59.88
C35 POV N . -12.57 18.08 -61.01
C36 POV N . -11.53 18.72 -61.93
C37 POV N . -10.98 17.77 -62.99
C38 POV N . -10.61 18.49 -64.28
C39 POV N . -10.66 17.60 -65.52
N POV O . 0.97 23.64 -89.89
P POV O . -1.69 24.97 -87.10
C1 POV O . -2.88 25.12 -84.75
C2 POV O . -2.39 26.51 -84.33
C3 POV O . -1.56 26.50 -83.08
C210 POV O . -2.02 29.19 -74.57
C310 POV O . -6.13 25.15 -71.77
C11 POV O . -1.55 23.50 -89.28
O11 POV O . -3.00 25.08 -86.15
C211 POV O . -1.13 29.61 -73.44
C311 POV O . -7.08 26.32 -71.59
C12 POV O . -0.15 22.98 -89.11
O12 POV O . -2.22 23.73 -88.07
C212 POV O . -1.71 30.78 -72.66
C312 POV O . -6.42 27.51 -70.88
C13 POV O . 1.05 25.10 -89.61
O13 POV O . -0.58 24.46 -86.24
C213 POV O . -0.68 31.84 -72.27
C313 POV O . -5.54 27.10 -69.70
C14 POV O . 0.67 23.44 -91.33
O14 POV O . -1.52 26.20 -87.93
C214 POV O . 0.02 31.54 -70.95
C314 POV O . -4.76 28.27 -69.14
C15 POV O . 2.30 23.02 -89.61
C215 POV O . 0.90 32.68 -70.44
C315 POV O . -4.15 29.18 -70.20
C216 POV O . 2.14 32.95 -71.29
C316 POV O . -3.76 30.54 -69.67
C217 POV O . 3.07 34.01 -70.70
C218 POV O . 4.40 34.11 -71.41
C21 POV O . -3.42 28.66 -84.43
O21 POV O . -3.48 27.39 -84.05
C22 POV O . -4.40 29.51 -83.67
O22 POV O . -2.66 29.06 -85.28
C23 POV O . -4.17 29.55 -82.17
C24 POV O . -3.12 30.58 -81.79
C25 POV O . -3.19 31.00 -80.32
C26 POV O . -3.27 29.82 -79.37
C27 POV O . -3.01 30.21 -77.91
C28 POV O . -2.69 29.01 -77.01
C29 POV O . -1.82 29.40 -75.86
C31 POV O . -2.12 26.17 -80.80
O31 POV O . -2.45 26.67 -81.98
C32 POV O . -3.31 26.14 -79.90
O32 POV O . -1.00 25.81 -80.52
C33 POV O . -3.03 25.65 -78.49
C34 POV O . -4.30 25.67 -77.67
C35 POV O . -4.63 24.35 -77.01
C36 POV O . -4.31 24.36 -75.52
C37 POV O . -4.79 23.13 -74.78
C38 POV O . -5.15 23.43 -73.33
C39 POV O . -6.15 24.56 -73.16
N GLU P . -7.67 30.42 -12.00
CA GLU P . -7.88 31.86 -11.93
C GLU P . -7.83 32.35 -10.50
O GLU P . -7.68 31.56 -9.57
CB GLU P . -9.22 32.22 -12.56
CG GLU P . -9.33 31.82 -14.01
CD GLU P . -8.46 32.67 -14.90
OE1 GLU P . -7.26 32.34 -15.03
OE2 GLU P . -8.96 33.66 -15.47
OXT GLU P . -7.91 33.55 -10.24
O1 A1CE1 Q . 24.51 19.20 -64.93
C4 A1CE1 Q . 24.44 20.59 -65.27
C2 A1CE1 Q . 25.48 20.88 -66.35
C1 A1CE1 Q . 26.88 20.75 -65.78
C3 A1CE1 Q . 25.31 19.98 -67.56
C10 A1CE1 Q . 22.20 20.34 -60.71
C11 A1CE1 Q . 21.54 20.01 -59.35
C12 A1CE1 Q . 21.96 21.19 -58.46
C13 A1CE1 Q . 21.85 21.03 -56.95
C14 A1CE1 Q . 20.41 20.78 -56.53
C15 A1CE1 Q . 20.23 20.91 -55.05
C16 A1CE1 Q . 21.08 21.48 -54.22
C17 A1CE1 Q . 20.80 21.54 -52.74
C18 A1CE1 Q . 20.93 22.96 -52.20
C19 A1CE1 Q . 22.28 23.53 -52.54
C20 A1CE1 Q . 22.51 23.52 -54.04
C21 A1CE1 Q . 22.39 22.12 -54.70
C22 A1CE1 Q . 23.56 21.22 -54.25
C23 A1CE1 Q . 22.37 22.29 -56.24
C24 A1CE1 Q . 23.72 22.77 -56.81
C25 A1CE1 Q . 23.71 22.93 -58.33
C26 A1CE1 Q . 23.33 21.60 -59.01
C27 A1CE1 Q . 24.41 20.52 -58.77
C5 A1CE1 Q . 24.71 21.39 -64.01
C6 A1CE1 Q . 23.66 21.25 -62.91
C7 A1CE1 Q . 24.08 21.87 -61.57
C8 A1CE1 Q . 24.45 23.34 -61.77
C9 A1CE1 Q . 22.97 21.66 -60.52
O2 A1CE1 Q . 20.72 22.97 -50.78
N POV R . 30.74 19.99 -80.58
P POV R . 26.69 21.26 -79.20
C1 POV R . 27.00 23.43 -77.75
C2 POV R . 26.49 23.53 -76.31
C3 POV R . 27.38 22.81 -75.32
C210 POV R . 20.03 21.92 -67.22
C310 POV R . 21.59 24.72 -63.93
C11 POV R . 28.99 21.89 -80.36
O11 POV R . 26.13 22.61 -78.49
C211 POV R . 19.37 22.93 -66.34
C311 POV R . 21.01 26.13 -64.00
C12 POV R . 29.53 20.71 -81.13
O12 POV R . 27.57 21.98 -80.40
C212 POV R . 18.40 22.31 -65.35
C312 POV R . 19.57 26.20 -63.52
C13 POV R . 30.45 19.31 -79.29
O13 POV R . 25.52 20.57 -79.81
C213 POV R . 18.53 22.87 -63.93
C313 POV R . 19.34 27.06 -62.29
C14 POV R . 31.78 21.03 -80.34
O14 POV R . 27.62 20.54 -78.28
C214 POV R . 18.11 21.91 -62.82
C314 POV R . 17.89 27.06 -61.83
C15 POV R . 31.29 18.99 -81.55
C215 POV R . 16.80 21.19 -63.06
C315 POV R . 17.33 25.67 -61.56
C216 POV R . 16.15 20.71 -61.77
C316 POV R . 17.96 24.99 -60.35
C217 POV R . 17.11 20.03 -60.82
C218 POV R . 16.43 19.45 -59.58
C21 POV R . 24.11 23.75 -76.48
O21 POV R . 25.17 23.00 -76.16
C22 POV R . 22.86 23.22 -75.85
O22 POV R . 24.19 24.72 -77.19
C23 POV R . 22.99 22.85 -74.39
C24 POV R . 21.66 22.84 -73.67
C25 POV R . 21.60 21.82 -72.54
C26 POV R . 20.35 21.95 -71.69
C27 POV R . 20.07 20.75 -70.79
C28 POV R . 20.73 20.87 -69.42
C29 POV R . 20.06 21.88 -68.55
C31 POV R . 26.34 22.84 -73.21
O31 POV R . 27.21 23.40 -74.03
C32 POV R . 25.99 23.78 -72.07
O32 POV R . 25.89 21.74 -73.36
C33 POV R . 24.93 23.26 -71.12
C34 POV R . 24.71 24.25 -69.99
C35 POV R . 23.76 23.76 -68.91
C36 POV R . 23.45 24.82 -67.86
C37 POV R . 24.38 24.82 -66.66
C38 POV R . 23.66 25.15 -65.36
C39 POV R . 22.41 24.31 -65.15
#